data_7T22
#
_entry.id   7T22
#
_cell.length_a   1.00
_cell.length_b   1.00
_cell.length_c   1.00
_cell.angle_alpha   90.00
_cell.angle_beta   90.00
_cell.angle_gamma   90.00
#
_symmetry.space_group_name_H-M   'P 1'
#
loop_
_entity.id
_entity.type
_entity.pdbx_description
1 polymer 'Replicative DNA helicase'
2 polymer 'DNA primase'
3 polymer "DNA (5'-D(*TP*TP*TP*TP*TP*TP*TP*TP*TP*TP*TP*TP*TP*TP*TP*TP*TP*TP*TP*T)-3')"
4 non-polymer "ADENOSINE-5'-DIPHOSPHATE"
5 non-polymer 'TETRAFLUOROALUMINATE ION'
6 non-polymer 'MAGNESIUM ION'
#
loop_
_entity_poly.entity_id
_entity_poly.type
_entity_poly.pdbx_seq_one_letter_code
_entity_poly.pdbx_strand_id
1 'polypeptide(L)'
;MAGNKPFNKQQAEPRERDPQVAGLKVPPHSIEAEQSVLGGLMLDNERWDDVAERVVADDFYTRPHRHIFTEMARLQESGS
PIDLITLAESLERQGQLDSVGGCAYLAELSKNTPSAANISAYADIVRERAVVREMISVANEIAEAGFDPQGRTSEDLLDL
AESRVFKIAESRANKDEGPKNIADVLDATVARIEQLFQQPHDGVTGVNTGYDDLNKKTAGLQPSDLIIVAARPSMGKTTF
AMNLVENAAMLQDKPVLIFSLEMPSEQIMMRSLASLSRVDQTKIRTGQLDDEDWARISGTMGILLEKRNIYIDDSSGLTP
TEVRSRARRIAREHGGIGLIMIDYLQLMRVPALSDNRTLEIAEISRSLKALAKELNVPVVALSQLNRSLEQRADKRPVNS
DLRESGSIEQDADLIMFIYRDEVYHENSDLKGIAEIIIGKQRNGPIGTVRLTFNGQWSRFDNYAGPQYDDE
;
A,B,C,D,E,F
2 'polypeptide(L)'
;AAESGVSRPVPQLKRTTMRILIGLLVQNPELATLVPPLENLDENKLPGLGLFRELVNTCLSQPGLTTGQLLEHYRGTNNA
ATLEKLSMWDDIADKNIAEQTFTDSLNHMFDSLLELRQEELIARERTHGLSNEECLELWTLNQELAKK
;
G,H,I
3 'polydeoxyribonucleotide' (DT)(DT)(DT)(DT)(DT)(DT)(DT)(DT)(DT)(DT)(DT)(DT)(DT)(DT)(DT)(DT)(DT)(DT)(DT)(DT) M
#
loop_
_chem_comp.id
_chem_comp.type
_chem_comp.name
_chem_comp.formula
ADP non-polymer ADENOSINE-5'-DIPHOSPHATE 'C10 H15 N5 O10 P2'
ALF non-polymer 'TETRAFLUOROALUMINATE ION' 'Al F4 -1'
DT DNA linking THYMIDINE-5'-MONOPHOSPHATE 'C10 H15 N2 O8 P'
MG non-polymer 'MAGNESIUM ION' 'Mg 2'
#
# COMPACT_ATOMS: atom_id res chain seq x y z
N LEU A 24 8.61 39.52 -27.63
CA LEU A 24 8.48 38.19 -27.06
C LEU A 24 9.83 37.67 -26.61
N LYS A 25 10.06 37.70 -25.30
CA LYS A 25 11.33 37.25 -24.72
C LYS A 25 11.35 35.73 -24.76
N VAL A 26 11.85 35.17 -25.84
CA VAL A 26 11.91 33.71 -25.99
C VAL A 26 12.92 33.17 -24.98
N PRO A 27 12.69 32.02 -24.36
CA PRO A 27 13.70 31.45 -23.47
C PRO A 27 14.99 31.16 -24.24
N PRO A 28 16.15 31.29 -23.61
CA PRO A 28 17.41 31.04 -24.33
C PRO A 28 17.51 29.59 -24.77
N HIS A 29 18.12 29.38 -25.93
CA HIS A 29 18.21 28.06 -26.52
C HIS A 29 19.33 28.04 -27.54
N SER A 30 19.71 26.83 -27.94
CA SER A 30 20.72 26.64 -28.99
C SER A 30 20.26 25.48 -29.85
N ILE A 31 19.52 25.78 -30.90
CA ILE A 31 19.01 24.73 -31.79
C ILE A 31 20.16 24.07 -32.53
N GLU A 32 21.17 24.84 -32.91
CA GLU A 32 22.31 24.28 -33.63
C GLU A 32 23.05 23.26 -32.79
N ALA A 33 23.18 23.51 -31.48
CA ALA A 33 23.81 22.52 -30.60
C ALA A 33 23.00 21.23 -30.58
N GLU A 34 21.68 21.33 -30.50
CA GLU A 34 20.84 20.14 -30.49
C GLU A 34 20.98 19.36 -31.80
N GLN A 35 20.94 20.07 -32.93
CA GLN A 35 21.08 19.39 -34.21
C GLN A 35 22.44 18.74 -34.34
N SER A 36 23.49 19.42 -33.87
CA SER A 36 24.83 18.84 -33.91
C SER A 36 24.89 17.57 -33.08
N VAL A 37 24.31 17.59 -31.88
CA VAL A 37 24.32 16.41 -31.03
C VAL A 37 23.58 15.26 -31.70
N LEU A 38 22.40 15.55 -32.25
CA LEU A 38 21.61 14.49 -32.87
C LEU A 38 22.33 13.90 -34.08
N GLY A 39 22.91 14.75 -34.91
CA GLY A 39 23.64 14.25 -36.07
C GLY A 39 24.87 13.46 -35.67
N GLY A 40 25.60 13.91 -34.66
CA GLY A 40 26.75 13.16 -34.19
C GLY A 40 26.37 11.80 -33.66
N LEU A 41 25.27 11.72 -32.91
CA LEU A 41 24.76 10.42 -32.48
C LEU A 41 24.37 9.56 -33.68
N MET A 42 23.74 10.15 -34.68
CA MET A 42 23.44 9.43 -35.91
C MET A 42 24.71 8.94 -36.60
N LEU A 43 25.84 9.62 -36.37
CA LEU A 43 27.10 9.27 -37.01
C LEU A 43 28.01 8.43 -36.13
N ASP A 44 27.73 8.33 -34.83
CA ASP A 44 28.55 7.51 -33.93
C ASP A 44 27.72 7.14 -32.71
N ASN A 45 27.46 5.85 -32.54
CA ASN A 45 26.75 5.38 -31.36
C ASN A 45 27.64 5.39 -30.13
N GLU A 46 28.95 5.19 -30.30
CA GLU A 46 29.84 5.05 -29.15
C GLU A 46 29.86 6.30 -28.29
N ARG A 47 29.74 7.48 -28.90
CA ARG A 47 29.71 8.73 -28.15
C ARG A 47 28.34 9.03 -27.55
N TRP A 48 27.42 8.05 -27.55
CA TRP A 48 26.14 8.23 -26.89
C TRP A 48 26.32 8.51 -25.40
N ASP A 49 27.19 7.73 -24.74
CA ASP A 49 27.31 7.83 -23.30
C ASP A 49 27.74 9.23 -22.88
N ASP A 50 28.69 9.83 -23.60
CA ASP A 50 29.10 11.20 -23.31
C ASP A 50 27.91 12.14 -23.36
N VAL A 51 27.04 11.98 -24.36
CA VAL A 51 25.82 12.77 -24.43
C VAL A 51 24.88 12.38 -23.29
N ALA A 52 24.82 11.08 -22.96
CA ALA A 52 23.89 10.62 -21.93
C ALA A 52 24.20 11.22 -20.57
N GLU A 53 25.48 11.26 -20.19
CA GLU A 53 25.86 11.79 -18.89
C GLU A 53 25.72 13.30 -18.81
N ARG A 54 25.53 13.99 -19.93
CA ARG A 54 25.49 15.45 -19.97
C ARG A 54 24.09 16.01 -20.15
N VAL A 55 23.22 15.37 -20.93
CA VAL A 55 21.90 15.89 -21.24
C VAL A 55 20.86 14.79 -21.15
N VAL A 56 19.60 15.20 -21.05
CA VAL A 56 18.46 14.30 -21.07
C VAL A 56 17.47 14.78 -22.12
N ALA A 57 16.43 13.98 -22.36
CA ALA A 57 15.48 14.27 -23.43
C ALA A 57 14.78 15.60 -23.22
N ASP A 58 14.34 15.87 -21.99
CA ASP A 58 13.59 17.09 -21.72
C ASP A 58 14.43 18.35 -21.91
N ASP A 59 15.77 18.24 -21.92
CA ASP A 59 16.60 19.43 -22.03
C ASP A 59 16.42 20.16 -23.37
N PHE A 60 16.07 19.43 -24.43
CA PHE A 60 15.97 20.04 -25.75
C PHE A 60 14.84 21.06 -25.78
N TYR A 61 15.13 22.22 -26.34
CA TYR A 61 14.14 23.31 -26.37
C TYR A 61 12.90 22.91 -27.15
N THR A 62 13.08 22.25 -28.29
CA THR A 62 11.97 21.89 -29.17
C THR A 62 11.49 20.48 -28.87
N ARG A 63 10.17 20.32 -28.75
CA ARG A 63 9.60 19.01 -28.46
C ARG A 63 10.00 17.94 -29.48
N PRO A 64 10.04 18.21 -30.80
CA PRO A 64 10.53 17.17 -31.72
C PRO A 64 11.90 16.64 -31.36
N HIS A 65 12.82 17.52 -30.93
CA HIS A 65 14.14 17.05 -30.51
C HIS A 65 14.04 16.19 -29.25
N ARG A 66 13.15 16.56 -28.33
CA ARG A 66 12.95 15.74 -27.14
C ARG A 66 12.48 14.34 -27.52
N HIS A 67 11.50 14.26 -28.43
CA HIS A 67 11.01 12.97 -28.87
C HIS A 67 12.10 12.17 -29.57
N ILE A 68 12.90 12.83 -30.41
CA ILE A 68 13.96 12.14 -31.13
C ILE A 68 14.99 11.59 -30.16
N PHE A 69 15.37 12.40 -29.16
CA PHE A 69 16.35 11.93 -28.17
C PHE A 69 15.79 10.76 -27.36
N THR A 70 14.51 10.84 -26.99
CA THR A 70 13.89 9.75 -26.24
C THR A 70 13.88 8.47 -27.07
N GLU A 71 13.57 8.60 -28.36
CA GLU A 71 13.56 7.43 -29.23
C GLU A 71 14.97 6.86 -29.39
N MET A 72 15.97 7.73 -29.47
CA MET A 72 17.35 7.27 -29.53
C MET A 72 17.72 6.51 -28.27
N ALA A 73 17.31 7.02 -27.10
CA ALA A 73 17.56 6.33 -25.85
C ALA A 73 16.88 4.96 -25.83
N ARG A 74 15.64 4.91 -26.33
CA ARG A 74 14.93 3.63 -26.40
C ARG A 74 15.67 2.65 -27.30
N LEU A 75 16.16 3.12 -28.45
CA LEU A 75 16.93 2.26 -29.34
C LEU A 75 18.19 1.76 -28.64
N GLN A 76 18.87 2.65 -27.91
CA GLN A 76 20.09 2.26 -27.22
C GLN A 76 19.82 1.21 -26.16
N GLU A 77 18.72 1.37 -25.42
CA GLU A 77 18.36 0.36 -24.43
C GLU A 77 18.11 -0.99 -25.08
N SER A 78 17.54 -0.99 -26.27
CA SER A 78 17.36 -2.22 -27.03
C SER A 78 18.66 -2.73 -27.64
N GLY A 79 19.71 -1.91 -27.65
CA GLY A 79 20.98 -2.29 -28.24
C GLY A 79 21.07 -2.12 -29.74
N SER A 80 19.98 -1.70 -30.38
CA SER A 80 20.00 -1.54 -31.83
C SER A 80 20.89 -0.36 -32.20
N PRO A 81 21.44 -0.34 -33.41
CA PRO A 81 22.23 0.83 -33.83
C PRO A 81 21.33 2.02 -34.11
N ILE A 82 21.77 3.18 -33.63
CA ILE A 82 21.03 4.43 -33.83
C ILE A 82 21.48 5.00 -35.17
N ASP A 83 20.52 5.17 -36.09
CA ASP A 83 20.78 5.74 -37.39
C ASP A 83 19.52 6.42 -37.91
N LEU A 84 19.63 6.99 -39.11
CA LEU A 84 18.52 7.68 -39.74
C LEU A 84 17.32 6.76 -39.89
N ILE A 85 17.53 5.59 -40.49
CA ILE A 85 16.43 4.68 -40.80
C ILE A 85 15.85 4.06 -39.54
N THR A 86 16.70 3.61 -38.61
CA THR A 86 16.19 3.01 -37.38
C THR A 86 15.40 4.02 -36.57
N LEU A 87 15.93 5.24 -36.45
CA LEU A 87 15.21 6.29 -35.73
C LEU A 87 13.88 6.61 -36.41
N ALA A 88 13.90 6.72 -37.74
CA ALA A 88 12.68 7.03 -38.47
C ALA A 88 11.62 5.95 -38.27
N GLU A 89 12.03 4.69 -38.37
CA GLU A 89 11.10 3.59 -38.15
C GLU A 89 10.57 3.58 -36.73
N SER A 90 11.44 3.80 -35.74
CA SER A 90 10.99 3.80 -34.35
C SER A 90 9.98 4.91 -34.11
N LEU A 91 10.23 6.10 -34.64
CA LEU A 91 9.27 7.20 -34.47
C LEU A 91 7.97 6.94 -35.22
N GLU A 92 8.06 6.33 -36.40
CA GLU A 92 6.86 6.06 -37.19
C GLU A 92 6.00 4.99 -36.51
N ARG A 93 6.64 4.00 -35.88
CA ARG A 93 5.88 2.98 -35.16
C ARG A 93 5.13 3.58 -33.99
N GLN A 94 5.62 4.68 -33.43
CA GLN A 94 4.92 5.42 -32.39
C GLN A 94 4.05 6.54 -32.96
N GLY A 95 3.91 6.62 -34.28
CA GLY A 95 3.16 7.69 -34.88
C GLY A 95 3.77 9.06 -34.68
N GLN A 96 5.07 9.12 -34.46
CA GLN A 96 5.76 10.37 -34.18
C GLN A 96 6.61 10.86 -35.36
N LEU A 97 6.67 10.10 -36.46
CA LEU A 97 7.55 10.46 -37.56
C LEU A 97 7.18 11.83 -38.14
N ASP A 98 5.99 11.93 -38.75
CA ASP A 98 5.59 13.19 -39.35
C ASP A 98 5.49 14.30 -38.32
N SER A 99 5.26 13.95 -37.05
CA SER A 99 5.21 14.95 -36.00
C SER A 99 6.56 15.64 -35.80
N VAL A 100 7.67 14.94 -36.05
CA VAL A 100 9.00 15.53 -35.84
C VAL A 100 9.59 16.13 -37.11
N GLY A 101 8.83 16.15 -38.21
CA GLY A 101 9.31 16.66 -39.48
C GLY A 101 9.55 15.62 -40.54
N GLY A 102 9.26 14.34 -40.26
CA GLY A 102 9.42 13.30 -41.25
C GLY A 102 10.86 12.87 -41.41
N CYS A 103 11.06 11.90 -42.32
CA CYS A 103 12.39 11.40 -42.60
C CYS A 103 13.29 12.49 -43.18
N ALA A 104 12.68 13.45 -43.89
CA ALA A 104 13.47 14.54 -44.45
C ALA A 104 14.13 15.37 -43.36
N TYR A 105 13.41 15.62 -42.27
CA TYR A 105 13.98 16.38 -41.16
C TYR A 105 15.16 15.64 -40.54
N LEU A 106 15.01 14.32 -40.34
CA LEU A 106 16.10 13.54 -39.78
C LEU A 106 17.30 13.52 -40.71
N ALA A 107 17.06 13.39 -42.03
CA ALA A 107 18.16 13.43 -42.99
C ALA A 107 18.85 14.78 -42.96
N GLU A 108 18.09 15.86 -42.84
CA GLU A 108 18.68 17.18 -42.72
C GLU A 108 19.55 17.28 -41.48
N LEU A 109 19.07 16.75 -40.35
CA LEU A 109 19.85 16.77 -39.13
C LEU A 109 21.15 16.00 -39.29
N SER A 110 21.08 14.82 -39.89
CA SER A 110 22.28 14.02 -40.09
C SER A 110 23.27 14.71 -41.02
N LYS A 111 22.75 15.35 -42.08
CA LYS A 111 23.63 16.02 -43.04
C LYS A 111 24.30 17.24 -42.42
N ASN A 112 23.56 17.99 -41.60
CA ASN A 112 24.07 19.26 -41.08
C ASN A 112 25.19 19.08 -40.07
N THR A 113 25.44 17.86 -39.61
CA THR A 113 26.47 17.62 -38.60
C THR A 113 27.74 17.06 -39.25
N PRO A 114 28.84 17.82 -39.31
CA PRO A 114 30.05 17.26 -39.92
C PRO A 114 30.64 16.08 -39.16
N SER A 115 30.86 16.23 -37.86
CA SER A 115 31.54 15.19 -37.08
C SER A 115 31.07 15.25 -35.64
N ALA A 116 31.30 14.16 -34.92
CA ALA A 116 30.92 14.01 -33.53
C ALA A 116 32.06 14.31 -32.56
N ALA A 117 33.18 14.86 -33.04
CA ALA A 117 34.30 15.13 -32.15
C ALA A 117 33.93 16.14 -31.08
N ASN A 118 33.24 17.22 -31.46
CA ASN A 118 32.86 18.28 -30.54
C ASN A 118 31.49 18.05 -29.94
N ILE A 119 31.03 16.79 -29.90
CA ILE A 119 29.68 16.51 -29.41
C ILE A 119 29.57 16.82 -27.93
N SER A 120 30.65 16.64 -27.17
CA SER A 120 30.61 16.96 -25.75
C SER A 120 30.33 18.43 -25.52
N ALA A 121 30.98 19.29 -26.30
CA ALA A 121 30.76 20.73 -26.17
C ALA A 121 29.31 21.08 -26.49
N TYR A 122 28.76 20.50 -27.55
CA TYR A 122 27.37 20.78 -27.92
C TYR A 122 26.41 20.28 -26.85
N ALA A 123 26.67 19.10 -26.29
CA ALA A 123 25.83 18.57 -25.22
C ALA A 123 25.87 19.48 -24.00
N ASP A 124 27.07 19.95 -23.64
CA ASP A 124 27.18 20.88 -22.52
C ASP A 124 26.45 22.18 -22.81
N ILE A 125 26.50 22.68 -24.05
CA ILE A 125 25.77 23.89 -24.41
C ILE A 125 24.27 23.67 -24.25
N VAL A 126 23.78 22.53 -24.72
CA VAL A 126 22.35 22.22 -24.60
C VAL A 126 21.96 22.14 -23.13
N ARG A 127 22.81 21.50 -22.32
CA ARG A 127 22.55 21.42 -20.88
C ARG A 127 22.50 22.81 -20.27
N GLU A 128 23.42 23.67 -20.67
CA GLU A 128 23.46 25.03 -20.16
C GLU A 128 22.17 25.78 -20.50
N ARG A 129 21.74 25.69 -21.75
CA ARG A 129 20.51 26.37 -22.16
C ARG A 129 19.31 25.83 -21.41
N ALA A 130 19.23 24.51 -21.24
CA ALA A 130 18.12 23.91 -20.53
C ALA A 130 18.07 24.38 -19.09
N VAL A 131 19.23 24.41 -18.42
CA VAL A 131 19.25 24.84 -17.03
C VAL A 131 18.95 26.33 -16.92
N VAL A 132 19.37 27.12 -17.89
CA VAL A 132 19.04 28.54 -17.88
C VAL A 132 17.52 28.72 -18.01
N ARG A 133 16.90 27.95 -18.91
CA ARG A 133 15.45 28.01 -19.03
C ARG A 133 14.77 27.55 -17.74
N GLU A 134 15.36 26.55 -17.08
CA GLU A 134 14.84 26.10 -15.79
C GLU A 134 14.90 27.23 -14.76
N MET A 135 16.03 27.94 -14.71
CA MET A 135 16.16 29.06 -13.79
C MET A 135 15.13 30.14 -14.09
N ILE A 136 14.94 30.43 -15.37
CA ILE A 136 13.96 31.45 -15.77
C ILE A 136 12.57 31.01 -15.34
N SER A 137 12.23 29.74 -15.55
CA SER A 137 10.91 29.24 -15.16
C SER A 137 10.72 29.33 -13.65
N VAL A 138 11.74 28.96 -12.89
CA VAL A 138 11.63 29.01 -11.43
C VAL A 138 11.45 30.44 -10.96
N ALA A 139 12.21 31.38 -11.55
CA ALA A 139 12.08 32.78 -11.18
C ALA A 139 10.67 33.29 -11.50
N ASN A 140 10.15 32.93 -12.67
CA ASN A 140 8.81 33.36 -13.04
C ASN A 140 7.77 32.78 -12.09
N GLU A 141 7.93 31.51 -11.71
CA GLU A 141 7.02 30.89 -10.77
C GLU A 141 7.05 31.61 -9.42
N ILE A 142 8.24 31.94 -8.95
CA ILE A 142 8.37 32.63 -7.68
C ILE A 142 7.72 34.00 -7.75
N ALA A 143 7.95 34.72 -8.85
CA ALA A 143 7.33 36.04 -9.01
C ALA A 143 5.82 35.94 -9.02
N GLU A 144 5.28 34.97 -9.77
CA GLU A 144 3.83 34.80 -9.84
C GLU A 144 3.26 34.45 -8.47
N ALA A 145 3.93 33.57 -7.73
CA ALA A 145 3.47 33.24 -6.38
C ALA A 145 3.49 34.46 -5.48
N GLY A 146 4.53 35.29 -5.58
CA GLY A 146 4.56 36.52 -4.82
C GLY A 146 3.40 37.43 -5.17
N PHE A 147 3.07 37.51 -6.46
CA PHE A 147 1.94 38.33 -6.88
C PHE A 147 0.63 37.83 -6.29
N ASP A 148 0.43 36.51 -6.25
CA ASP A 148 -0.82 35.91 -5.78
C ASP A 148 -0.49 34.87 -4.71
N PRO A 149 -0.30 35.28 -3.46
CA PRO A 149 -0.11 34.30 -2.39
C PRO A 149 -1.29 33.36 -2.21
N GLN A 150 -2.50 33.78 -2.61
CA GLN A 150 -3.70 32.98 -2.43
C GLN A 150 -3.94 32.65 -0.95
N GLY A 151 -3.67 33.64 -0.09
CA GLY A 151 -3.85 33.49 1.34
C GLY A 151 -2.66 32.93 2.09
N ARG A 152 -1.63 32.48 1.39
CA ARG A 152 -0.45 31.94 2.05
C ARG A 152 0.31 33.04 2.77
N THR A 153 0.95 32.67 3.88
CA THR A 153 1.82 33.60 4.57
C THR A 153 3.09 33.84 3.77
N SER A 154 3.83 34.89 4.15
CA SER A 154 5.06 35.20 3.44
C SER A 154 6.05 34.03 3.52
N GLU A 155 6.26 33.49 4.73
CA GLU A 155 7.28 32.47 4.91
C GLU A 155 7.01 31.25 4.04
N ASP A 156 5.74 30.98 3.74
CA ASP A 156 5.43 29.90 2.81
C ASP A 156 6.05 30.19 1.44
N LEU A 157 5.86 31.41 0.95
CA LEU A 157 6.43 31.77 -0.35
C LEU A 157 7.95 31.78 -0.31
N LEU A 158 8.52 32.26 0.80
CA LEU A 158 9.98 32.29 0.92
C LEU A 158 10.55 30.87 0.91
N ASP A 159 9.92 29.95 1.65
CA ASP A 159 10.37 28.56 1.65
C ASP A 159 10.19 27.93 0.28
N LEU A 160 9.10 28.28 -0.42
CA LEU A 160 8.92 27.82 -1.79
C LEU A 160 10.09 28.26 -2.66
N ALA A 161 10.46 29.53 -2.56
CA ALA A 161 11.58 30.04 -3.34
C ALA A 161 12.87 29.31 -3.00
N GLU A 162 13.12 29.11 -1.71
CA GLU A 162 14.34 28.42 -1.29
C GLU A 162 14.38 27.01 -1.84
N SER A 163 13.27 26.29 -1.74
CA SER A 163 13.22 24.91 -2.23
C SER A 163 13.40 24.87 -3.74
N ARG A 164 12.77 25.79 -4.46
CA ARG A 164 12.90 25.81 -5.91
C ARG A 164 14.34 26.07 -6.33
N VAL A 165 15.01 27.02 -5.67
CA VAL A 165 16.40 27.31 -6.01
C VAL A 165 17.28 26.13 -5.66
N PHE A 166 17.04 25.49 -4.50
CA PHE A 166 17.83 24.34 -4.11
C PHE A 166 17.64 23.20 -5.10
N LYS A 167 16.45 23.07 -5.69
CA LYS A 167 16.22 22.02 -6.67
C LYS A 167 17.12 22.23 -7.89
N ILE A 168 17.23 23.47 -8.38
CA ILE A 168 18.14 23.74 -9.49
C ILE A 168 19.58 23.47 -9.06
N ALA A 169 19.93 23.88 -7.85
CA ALA A 169 21.31 23.71 -7.39
C ALA A 169 21.70 22.24 -7.33
N GLU A 170 20.80 21.39 -6.83
CA GLU A 170 21.12 19.98 -6.65
C GLU A 170 20.95 19.20 -7.95
N SER A 171 20.08 19.67 -8.85
CA SER A 171 19.83 18.94 -10.09
C SER A 171 21.10 18.82 -10.93
N ARG A 172 21.79 19.93 -11.16
CA ARG A 172 23.06 19.89 -11.86
C ARG A 172 24.13 19.36 -10.92
N ALA A 173 24.19 18.03 -10.78
CA ALA A 173 25.09 17.38 -9.82
C ALA A 173 25.78 16.21 -10.51
N ASN A 174 26.95 16.47 -11.08
CA ASN A 174 27.84 15.41 -11.54
C ASN A 174 28.79 15.00 -10.43
N LYS A 175 28.23 14.73 -9.26
CA LYS A 175 29.01 14.48 -8.05
C LYS A 175 29.47 13.02 -8.06
N ASP A 176 30.41 12.71 -8.95
CA ASP A 176 31.02 11.40 -8.98
C ASP A 176 32.34 11.46 -9.73
N GLU A 177 33.43 11.08 -9.05
CA GLU A 177 34.73 11.11 -9.68
C GLU A 177 34.83 10.12 -10.84
N GLY A 178 33.95 9.13 -10.90
CA GLY A 178 33.89 8.22 -12.01
C GLY A 178 35.03 7.24 -12.02
N PRO A 179 35.19 6.49 -13.12
CA PRO A 179 36.31 5.54 -13.20
C PRO A 179 37.63 6.27 -13.25
N LYS A 180 38.58 5.83 -12.41
CA LYS A 180 39.88 6.47 -12.27
C LYS A 180 40.96 5.52 -12.76
N ASN A 181 41.74 5.97 -13.74
CA ASN A 181 42.87 5.18 -14.20
C ASN A 181 43.89 5.04 -13.08
N ILE A 182 44.58 3.89 -13.07
CA ILE A 182 45.48 3.57 -11.96
C ILE A 182 46.62 4.59 -11.89
N ALA A 183 46.97 5.20 -13.02
CA ALA A 183 48.09 6.14 -13.04
C ALA A 183 47.84 7.32 -12.13
N ASP A 184 46.64 7.91 -12.18
CA ASP A 184 46.33 9.05 -11.34
C ASP A 184 46.31 8.69 -9.86
N VAL A 185 45.74 7.53 -9.51
CA VAL A 185 45.74 7.09 -8.13
C VAL A 185 47.16 6.88 -7.64
N LEU A 186 48.00 6.28 -8.49
CA LEU A 186 49.40 6.06 -8.14
C LEU A 186 50.10 7.39 -7.91
N ASP A 187 49.85 8.37 -8.79
CA ASP A 187 50.48 9.68 -8.63
C ASP A 187 50.05 10.34 -7.33
N ALA A 188 48.76 10.29 -7.02
CA ALA A 188 48.28 10.88 -5.77
C ALA A 188 48.91 10.19 -4.56
N THR A 189 48.97 8.85 -4.59
CA THR A 189 49.53 8.11 -3.47
C THR A 189 51.01 8.41 -3.31
N VAL A 190 51.74 8.50 -4.42
CA VAL A 190 53.16 8.80 -4.35
C VAL A 190 53.38 10.20 -3.80
N ALA A 191 52.57 11.16 -4.26
CA ALA A 191 52.69 12.52 -3.74
C ALA A 191 52.43 12.56 -2.25
N ARG A 192 51.41 11.84 -1.78
CA ARG A 192 51.10 11.82 -0.36
C ARG A 192 52.22 11.16 0.44
N ILE A 193 52.77 10.06 -0.09
CA ILE A 193 53.85 9.37 0.61
C ILE A 193 55.08 10.27 0.70
N GLU A 194 55.41 10.97 -0.38
CA GLU A 194 56.54 11.89 -0.34
C GLU A 194 56.29 13.03 0.64
N GLN A 195 55.05 13.53 0.68
CA GLN A 195 54.71 14.57 1.64
C GLN A 195 54.91 14.08 3.06
N LEU A 196 54.46 12.86 3.35
CA LEU A 196 54.66 12.28 4.68
C LEU A 196 56.14 12.15 4.99
N PHE A 197 56.93 11.66 4.02
CA PHE A 197 58.36 11.48 4.24
C PHE A 197 59.05 12.81 4.49
N GLN A 198 58.53 13.89 3.92
CA GLN A 198 59.15 15.20 4.07
C GLN A 198 59.20 15.63 5.53
N GLN A 199 58.03 15.84 6.15
CA GLN A 199 58.02 16.36 7.51
C GLN A 199 58.22 15.22 8.50
N PRO A 200 59.25 15.24 9.35
CA PRO A 200 59.37 14.19 10.37
C PRO A 200 58.20 14.23 11.33
N HIS A 201 57.72 13.04 11.71
CA HIS A 201 56.63 12.92 12.68
C HIS A 201 56.83 11.75 13.63
N ASP A 202 58.01 11.12 13.64
CA ASP A 202 58.29 9.99 14.51
C ASP A 202 57.36 8.82 14.21
N GLY A 203 56.95 8.69 12.95
CA GLY A 203 56.10 7.59 12.54
C GLY A 203 54.63 7.76 12.82
N VAL A 204 54.23 8.84 13.50
CA VAL A 204 52.84 9.08 13.85
C VAL A 204 52.25 9.99 12.78
N THR A 205 51.62 9.38 11.77
CA THR A 205 51.03 10.14 10.69
C THR A 205 49.75 10.87 11.11
N GLY A 206 48.87 10.20 11.86
CA GLY A 206 47.66 10.80 12.35
C GLY A 206 47.91 11.64 13.60
N VAL A 207 46.82 12.09 14.20
CA VAL A 207 46.89 12.91 15.40
C VAL A 207 47.53 12.09 16.51
N ASN A 208 48.46 12.72 17.24
CA ASN A 208 49.20 12.00 18.28
C ASN A 208 48.25 11.53 19.37
N THR A 209 48.39 10.27 19.76
CA THR A 209 47.57 9.71 20.83
C THR A 209 48.17 9.94 22.21
N GLY A 210 49.46 10.24 22.30
CA GLY A 210 50.12 10.42 23.57
C GLY A 210 50.64 9.15 24.21
N TYR A 211 50.40 7.99 23.60
CA TYR A 211 50.87 6.71 24.13
C TYR A 211 51.85 6.10 23.14
N ASP A 212 53.04 5.73 23.63
CA ASP A 212 54.12 5.32 22.75
C ASP A 212 53.77 4.05 21.98
N ASP A 213 53.35 3.00 22.69
CA ASP A 213 53.08 1.74 22.03
C ASP A 213 51.88 1.82 21.10
N LEU A 214 50.84 2.54 21.51
CA LEU A 214 49.68 2.72 20.63
C LEU A 214 50.08 3.46 19.37
N ASN A 215 50.89 4.50 19.50
CA ASN A 215 51.37 5.22 18.32
C ASN A 215 52.22 4.33 17.43
N LYS A 216 53.07 3.48 18.03
CA LYS A 216 53.87 2.56 17.23
C LYS A 216 52.99 1.60 16.46
N LYS A 217 51.96 1.04 17.11
CA LYS A 217 51.15 0.03 16.48
C LYS A 217 50.14 0.64 15.49
N THR A 218 49.86 1.93 15.62
CA THR A 218 48.83 2.58 14.81
C THR A 218 49.29 3.81 14.05
N ALA A 219 50.48 4.35 14.37
CA ALA A 219 50.96 5.59 13.77
C ALA A 219 49.96 6.74 13.97
N GLY A 220 49.29 6.74 15.12
CA GLY A 220 48.28 7.72 15.41
C GLY A 220 46.95 7.40 14.74
N LEU A 221 45.91 8.08 15.21
CA LEU A 221 44.58 7.91 14.64
C LEU A 221 44.56 8.61 13.29
N GLN A 222 44.48 7.82 12.22
CA GLN A 222 44.64 8.36 10.89
C GLN A 222 43.39 9.15 10.47
N PRO A 223 43.51 10.04 9.49
CA PRO A 223 42.32 10.71 8.96
C PRO A 223 41.35 9.71 8.34
N SER A 224 40.06 10.06 8.39
CA SER A 224 38.93 9.35 7.77
C SER A 224 38.55 8.08 8.51
N ASP A 225 39.29 7.68 9.54
CA ASP A 225 39.01 6.42 10.22
C ASP A 225 37.85 6.57 11.20
N LEU A 226 37.15 5.46 11.44
CA LEU A 226 36.14 5.34 12.48
C LEU A 226 36.67 4.33 13.49
N ILE A 227 37.31 4.82 14.54
CA ILE A 227 37.95 3.97 15.54
C ILE A 227 36.92 3.60 16.59
N ILE A 228 36.94 2.34 17.00
CA ILE A 228 36.02 1.82 18.02
C ILE A 228 36.83 1.42 19.23
N VAL A 229 36.38 1.85 20.41
CA VAL A 229 36.94 1.41 21.68
C VAL A 229 35.82 0.77 22.48
N ALA A 230 36.05 -0.46 22.94
CA ALA A 230 35.04 -1.22 23.66
C ALA A 230 35.63 -1.74 24.96
N ALA A 231 34.75 -2.00 25.92
CA ALA A 231 35.14 -2.54 27.23
C ALA A 231 33.87 -2.91 27.97
N ARG A 232 34.04 -3.79 28.96
CA ARG A 232 32.93 -4.16 29.81
C ARG A 232 32.62 -3.03 30.79
N PRO A 233 31.45 -3.06 31.45
CA PRO A 233 31.14 -2.03 32.43
C PRO A 233 32.17 -1.98 33.56
N SER A 234 32.41 -0.76 34.05
CA SER A 234 33.36 -0.46 35.12
C SER A 234 34.81 -0.67 34.69
N MET A 235 35.07 -0.85 33.40
CA MET A 235 36.43 -1.05 32.91
C MET A 235 37.14 0.24 32.54
N GLY A 236 36.53 1.40 32.78
CA GLY A 236 37.12 2.65 32.37
C GLY A 236 37.01 2.92 30.89
N LYS A 237 35.92 2.47 30.26
CA LYS A 237 35.76 2.63 28.82
C LYS A 237 35.85 4.09 28.41
N THR A 238 35.15 4.97 29.14
CA THR A 238 35.19 6.39 28.80
C THR A 238 36.50 7.02 29.23
N THR A 239 37.16 6.46 30.26
CA THR A 239 38.36 7.07 30.81
C THR A 239 39.48 7.09 29.77
N PHE A 240 39.76 5.95 29.15
CA PHE A 240 40.83 5.90 28.16
C PHE A 240 40.54 6.80 26.98
N ALA A 241 39.27 6.83 26.53
CA ALA A 241 38.90 7.69 25.41
C ALA A 241 39.11 9.15 25.76
N MET A 242 38.74 9.56 26.97
CA MET A 242 38.96 10.94 27.38
C MET A 242 40.44 11.26 27.47
N ASN A 243 41.26 10.32 27.95
CA ASN A 243 42.69 10.56 27.99
C ASN A 243 43.25 10.72 26.58
N LEU A 244 42.77 9.90 25.64
CA LEU A 244 43.21 10.03 24.26
C LEU A 244 42.81 11.37 23.66
N VAL A 245 41.57 11.81 23.94
CA VAL A 245 41.12 13.09 23.43
C VAL A 245 41.95 14.22 24.02
N GLU A 246 42.29 14.12 25.31
CA GLU A 246 43.14 15.12 25.94
C GLU A 246 44.51 15.19 25.27
N ASN A 247 45.10 14.02 25.03
CA ASN A 247 46.40 13.98 24.37
C ASN A 247 46.33 14.57 22.96
N ALA A 248 45.26 14.25 22.22
CA ALA A 248 45.12 14.76 20.87
C ALA A 248 44.95 16.28 20.87
N ALA A 249 44.06 16.79 21.72
CA ALA A 249 43.81 18.23 21.76
C ALA A 249 45.05 19.00 22.21
N MET A 250 45.76 18.49 23.21
CA MET A 250 46.97 19.18 23.69
C MET A 250 48.08 19.15 22.66
N LEU A 251 48.04 18.21 21.71
CA LEU A 251 49.10 18.02 20.73
C LEU A 251 48.69 18.42 19.32
N GLN A 252 47.69 19.29 19.18
CA GLN A 252 47.27 19.76 17.86
C GLN A 252 46.62 21.13 18.01
N ASP A 253 46.53 21.82 16.88
CA ASP A 253 45.83 23.11 16.82
C ASP A 253 44.39 22.99 16.37
N LYS A 254 44.02 21.89 15.72
CA LYS A 254 42.64 21.71 15.30
C LYS A 254 41.74 21.45 16.51
N PRO A 255 40.45 21.75 16.40
CA PRO A 255 39.56 21.51 17.54
C PRO A 255 39.18 20.04 17.67
N VAL A 256 38.63 19.70 18.82
CA VAL A 256 38.09 18.37 19.08
C VAL A 256 36.65 18.53 19.56
N LEU A 257 35.83 17.53 19.23
CA LEU A 257 34.41 17.52 19.57
C LEU A 257 34.07 16.21 20.26
N ILE A 258 33.30 16.28 21.35
CA ILE A 258 33.01 15.14 22.20
C ILE A 258 31.49 15.04 22.34
N PHE A 259 30.91 13.97 21.82
CA PHE A 259 29.49 13.67 21.99
C PHE A 259 29.35 12.70 23.17
N SER A 260 29.06 13.24 24.34
CA SER A 260 28.92 12.45 25.56
C SER A 260 27.44 12.10 25.74
N LEU A 261 26.97 11.16 24.90
CA LEU A 261 25.60 10.67 25.05
C LEU A 261 25.42 9.96 26.38
N GLU A 262 26.49 9.41 26.96
CA GLU A 262 26.37 8.65 28.19
C GLU A 262 26.22 9.55 29.41
N MET A 263 27.23 10.38 29.67
CA MET A 263 27.33 11.09 30.94
C MET A 263 27.10 12.58 30.74
N PRO A 264 26.69 13.31 31.77
CA PRO A 264 26.58 14.77 31.65
C PRO A 264 27.95 15.41 31.42
N SER A 265 27.94 16.59 30.80
CA SER A 265 29.18 17.31 30.53
C SER A 265 29.95 17.58 31.82
N GLU A 266 29.24 17.80 32.92
CA GLU A 266 29.89 18.08 34.19
C GLU A 266 30.82 16.95 34.60
N GLN A 267 30.32 15.72 34.59
CA GLN A 267 31.14 14.58 34.99
C GLN A 267 32.32 14.38 34.05
N ILE A 268 32.10 14.55 32.75
CA ILE A 268 33.19 14.39 31.78
C ILE A 268 34.28 15.42 32.06
N MET A 269 33.89 16.68 32.28
CA MET A 269 34.88 17.71 32.56
C MET A 269 35.60 17.45 33.87
N MET A 270 34.87 16.97 34.89
CA MET A 270 35.51 16.65 36.16
C MET A 270 36.53 15.53 36.00
N ARG A 271 36.18 14.50 35.24
CA ARG A 271 37.13 13.42 34.97
C ARG A 271 38.34 13.93 34.21
N SER A 272 38.12 14.81 33.23
CA SER A 272 39.22 15.38 32.48
C SER A 272 40.17 16.17 33.39
N LEU A 273 39.61 16.99 34.28
CA LEU A 273 40.44 17.75 35.20
C LEU A 273 41.17 16.83 36.17
N ALA A 274 40.51 15.77 36.64
CA ALA A 274 41.18 14.82 37.53
C ALA A 274 42.35 14.16 36.83
N SER A 275 42.16 13.77 35.57
CA SER A 275 43.24 13.15 34.82
C SER A 275 44.40 14.12 34.59
N LEU A 276 44.07 15.34 34.14
CA LEU A 276 45.11 16.31 33.82
C LEU A 276 45.90 16.72 35.06
N SER A 277 45.21 17.06 36.13
CA SER A 277 45.87 17.46 37.37
C SER A 277 46.22 16.28 38.26
N ARG A 278 45.81 15.06 37.90
CA ARG A 278 46.06 13.87 38.71
C ARG A 278 45.53 14.05 40.12
N VAL A 279 44.34 14.65 40.23
CA VAL A 279 43.66 14.83 41.50
C VAL A 279 42.61 13.74 41.64
N ASP A 280 42.30 13.38 42.89
CA ASP A 280 41.32 12.34 43.14
C ASP A 280 39.97 12.73 42.54
N GLN A 281 39.36 11.80 41.80
CA GLN A 281 38.04 12.05 41.25
C GLN A 281 37.01 12.21 42.36
N THR A 282 37.17 11.46 43.46
CA THR A 282 36.26 11.59 44.59
C THR A 282 36.31 12.99 45.18
N LYS A 283 37.51 13.58 45.28
CA LYS A 283 37.62 14.93 45.81
C LYS A 283 36.91 15.94 44.93
N ILE A 284 37.12 15.87 43.62
CA ILE A 284 36.47 16.81 42.69
C ILE A 284 34.96 16.62 42.74
N ARG A 285 34.50 15.38 42.76
CA ARG A 285 33.07 15.11 42.83
C ARG A 285 32.47 15.65 44.12
N THR A 286 33.17 15.48 45.24
CA THR A 286 32.71 15.96 46.54
C THR A 286 33.16 17.39 46.84
N GLY A 287 34.03 17.98 46.01
CA GLY A 287 34.49 19.33 46.23
C GLY A 287 35.63 19.48 47.22
N GLN A 288 36.21 18.37 47.68
CA GLN A 288 37.32 18.42 48.63
C GLN A 288 38.62 18.83 47.94
N LEU A 289 38.67 20.11 47.57
CA LEU A 289 39.81 20.68 46.85
C LEU A 289 40.59 21.58 47.80
N ASP A 290 41.87 21.25 48.01
CA ASP A 290 42.75 22.06 48.84
C ASP A 290 43.48 23.08 47.97
N ASP A 291 44.42 23.81 48.59
CA ASP A 291 45.15 24.84 47.86
C ASP A 291 45.98 24.25 46.73
N GLU A 292 46.65 23.12 46.97
CA GLU A 292 47.44 22.50 45.91
C GLU A 292 46.55 22.00 44.78
N ASP A 293 45.50 21.26 45.13
CA ASP A 293 44.59 20.74 44.12
C ASP A 293 43.89 21.88 43.38
N TRP A 294 43.48 22.91 44.12
CA TRP A 294 42.84 24.05 43.49
C TRP A 294 43.80 24.77 42.54
N ALA A 295 45.08 24.88 42.92
CA ALA A 295 46.05 25.51 42.04
C ALA A 295 46.27 24.69 40.77
N ARG A 296 46.35 23.36 40.90
CA ARG A 296 46.48 22.51 39.72
C ARG A 296 45.27 22.65 38.81
N ILE A 297 44.07 22.68 39.40
CA ILE A 297 42.85 22.82 38.63
C ILE A 297 42.83 24.18 37.93
N SER A 298 43.28 25.23 38.61
CA SER A 298 43.32 26.56 38.01
C SER A 298 44.31 26.60 36.85
N GLY A 299 45.46 25.94 36.99
CA GLY A 299 46.39 25.87 35.88
C GLY A 299 45.81 25.15 34.68
N THR A 300 45.12 24.03 34.94
CA THR A 300 44.45 23.31 33.85
C THR A 300 43.39 24.19 33.20
N MET A 301 42.63 24.92 34.01
CA MET A 301 41.60 25.82 33.47
C MET A 301 42.23 26.89 32.59
N GLY A 302 43.34 27.46 33.04
CA GLY A 302 44.03 28.46 32.23
C GLY A 302 44.51 27.88 30.91
N ILE A 303 45.07 26.66 30.96
CA ILE A 303 45.54 26.01 29.74
C ILE A 303 44.38 25.83 28.77
N LEU A 304 43.24 25.34 29.27
CA LEU A 304 42.09 25.12 28.39
C LEU A 304 41.54 26.44 27.85
N LEU A 305 41.46 27.46 28.69
CA LEU A 305 40.95 28.76 28.23
C LEU A 305 41.89 29.40 27.22
N GLU A 306 43.18 29.07 27.28
CA GLU A 306 44.09 29.47 26.23
C GLU A 306 43.82 28.67 24.96
N LYS A 307 43.59 27.37 25.11
CA LYS A 307 43.32 26.52 23.95
C LYS A 307 41.97 26.83 23.33
N ARG A 308 40.88 26.59 24.06
CA ARG A 308 39.53 26.75 23.53
C ARG A 308 39.34 25.90 22.26
N ASN A 309 39.92 24.71 22.26
CA ASN A 309 39.83 23.79 21.14
C ASN A 309 39.00 22.55 21.44
N ILE A 310 38.15 22.61 22.46
CA ILE A 310 37.34 21.49 22.91
C ILE A 310 35.88 21.92 22.89
N TYR A 311 35.03 21.09 22.31
CA TYR A 311 33.59 21.32 22.25
C TYR A 311 32.89 20.07 22.75
N ILE A 312 31.82 20.25 23.51
CA ILE A 312 31.13 19.16 24.19
C ILE A 312 29.64 19.24 23.86
N ASP A 313 29.02 18.08 23.65
CA ASP A 313 27.58 17.97 23.42
C ASP A 313 27.10 16.73 24.16
N ASP A 314 26.26 16.93 25.17
CA ASP A 314 25.77 15.84 26.02
C ASP A 314 24.38 15.37 25.61
N SER A 315 23.88 15.80 24.46
CA SER A 315 22.56 15.37 24.01
C SER A 315 22.57 13.88 23.69
N SER A 316 21.52 13.19 24.14
CA SER A 316 21.39 11.75 23.97
C SER A 316 20.41 11.43 22.85
N GLY A 317 20.42 10.16 22.44
CA GLY A 317 19.53 9.71 21.39
C GLY A 317 19.78 10.34 20.05
N LEU A 318 20.98 10.87 19.82
CA LEU A 318 21.25 11.63 18.61
C LEU A 318 21.24 10.73 17.38
N THR A 319 20.63 11.23 16.31
CA THR A 319 20.72 10.56 15.04
C THR A 319 22.11 10.79 14.44
N PRO A 320 22.53 9.96 13.48
CA PRO A 320 23.77 10.26 12.76
C PRO A 320 23.72 11.60 12.06
N THR A 321 22.52 12.01 11.63
CA THR A 321 22.38 13.28 10.94
C THR A 321 22.80 14.44 11.82
N GLU A 322 22.36 14.43 13.09
CA GLU A 322 22.71 15.51 14.00
C GLU A 322 24.21 15.54 14.26
N VAL A 323 24.82 14.37 14.46
CA VAL A 323 26.26 14.30 14.69
C VAL A 323 27.00 14.85 13.48
N ARG A 324 26.57 14.47 12.28
CA ARG A 324 27.20 14.95 11.06
C ARG A 324 27.09 16.46 10.95
N SER A 325 25.89 17.00 11.20
CA SER A 325 25.71 18.44 11.08
C SER A 325 26.56 19.20 12.11
N ARG A 326 26.61 18.69 13.34
CA ARG A 326 27.36 19.38 14.38
C ARG A 326 28.86 19.31 14.13
N ALA A 327 29.34 18.19 13.57
CA ALA A 327 30.73 18.11 13.18
C ALA A 327 31.03 19.04 12.01
N ARG A 328 30.10 19.13 11.05
CA ARG A 328 30.29 20.02 9.91
C ARG A 328 30.37 21.48 10.37
N ARG A 329 29.56 21.86 11.35
CA ARG A 329 29.61 23.23 11.86
C ARG A 329 31.00 23.55 12.40
N ILE A 330 31.57 22.65 13.21
CA ILE A 330 32.89 22.88 13.77
C ILE A 330 33.93 22.93 12.65
N ALA A 331 33.83 22.02 11.68
CA ALA A 331 34.80 21.98 10.59
C ALA A 331 34.78 23.27 9.80
N ARG A 332 33.59 23.78 9.50
CA ARG A 332 33.49 25.01 8.71
C ARG A 332 33.97 26.21 9.52
N GLU A 333 33.57 26.29 10.78
CA GLU A 333 33.94 27.46 11.59
C GLU A 333 35.44 27.51 11.83
N HIS A 334 36.06 26.36 12.12
CA HIS A 334 37.44 26.32 12.58
C HIS A 334 38.39 25.71 11.55
N GLY A 335 37.98 25.59 10.30
CA GLY A 335 38.86 25.07 9.27
C GLY A 335 39.32 23.64 9.51
N GLY A 336 38.39 22.76 9.85
CA GLY A 336 38.66 21.35 10.01
C GLY A 336 38.52 20.90 11.44
N ILE A 337 38.69 19.59 11.62
CA ILE A 337 38.57 18.94 12.93
C ILE A 337 39.78 18.04 13.11
N GLY A 338 40.29 17.98 14.34
CA GLY A 338 41.40 17.11 14.66
C GLY A 338 40.95 15.73 15.12
N LEU A 339 39.85 15.69 15.87
CA LEU A 339 39.34 14.43 16.40
C LEU A 339 37.89 14.62 16.80
N ILE A 340 37.12 13.53 16.74
CA ILE A 340 35.75 13.50 17.26
C ILE A 340 35.64 12.32 18.21
N MET A 341 34.87 12.50 19.28
CA MET A 341 34.65 11.47 20.28
C MET A 341 33.15 11.29 20.51
N ILE A 342 32.71 10.04 20.59
CA ILE A 342 31.30 9.69 20.77
C ILE A 342 31.19 8.67 21.89
N ASP A 343 30.36 8.98 22.89
CA ASP A 343 30.13 8.13 24.06
C ASP A 343 28.62 8.06 24.29
N TYR A 344 27.92 7.10 23.67
CA TYR A 344 28.49 6.03 22.84
C TYR A 344 27.50 5.58 21.76
N LEU A 345 27.95 4.63 20.93
CA LEU A 345 27.22 4.27 19.72
C LEU A 345 25.82 3.75 20.03
N GLN A 346 25.71 2.90 21.05
CA GLN A 346 24.43 2.23 21.32
C GLN A 346 23.37 3.18 21.87
N LEU A 347 23.71 4.45 22.12
CA LEU A 347 22.75 5.44 22.55
C LEU A 347 22.15 6.22 21.38
N MET A 348 22.80 6.23 20.23
CA MET A 348 22.26 6.91 19.07
C MET A 348 20.98 6.22 18.60
N ARG A 349 20.06 7.03 18.06
CA ARG A 349 18.74 6.56 17.66
C ARG A 349 18.47 6.95 16.22
N VAL A 350 17.91 6.01 15.46
CA VAL A 350 17.45 6.24 14.09
C VAL A 350 15.95 6.03 14.06
N PRO A 351 15.13 7.10 14.06
CA PRO A 351 13.67 6.89 14.11
C PRO A 351 13.12 6.03 12.99
N ALA A 352 13.69 6.14 11.78
CA ALA A 352 13.16 5.38 10.65
C ALA A 352 13.31 3.88 10.87
N LEU A 353 14.46 3.44 11.38
CA LEU A 353 14.74 2.03 11.61
C LEU A 353 14.72 1.68 13.09
N SER A 354 13.92 2.39 13.88
CA SER A 354 13.88 2.16 15.32
C SER A 354 13.42 0.74 15.65
N ASP A 355 12.42 0.24 14.94
CA ASP A 355 11.86 -1.07 15.22
C ASP A 355 12.82 -2.21 14.93
N ASN A 356 13.87 -1.98 14.14
CA ASN A 356 14.90 -2.97 13.84
C ASN A 356 16.20 -2.45 14.41
N ARG A 357 16.59 -2.97 15.58
CA ARG A 357 17.80 -2.51 16.24
C ARG A 357 19.04 -2.79 15.42
N THR A 358 19.09 -3.96 14.77
CA THR A 358 20.25 -4.29 13.94
C THR A 358 20.38 -3.31 12.78
N LEU A 359 19.28 -3.01 12.10
CA LEU A 359 19.33 -2.01 11.04
C LEU A 359 19.72 -0.64 11.58
N GLU A 360 19.24 -0.30 12.78
CA GLU A 360 19.61 0.96 13.40
C GLU A 360 21.11 1.05 13.61
N ILE A 361 21.71 -0.01 14.16
CA ILE A 361 23.15 -0.03 14.41
C ILE A 361 23.91 0.03 13.10
N ALA A 362 23.44 -0.71 12.09
CA ALA A 362 24.11 -0.68 10.80
C ALA A 362 24.09 0.73 10.20
N GLU A 363 22.93 1.39 10.25
CA GLU A 363 22.83 2.73 9.70
C GLU A 363 23.73 3.69 10.46
N ILE A 364 23.74 3.60 11.80
CA ILE A 364 24.54 4.49 12.63
C ILE A 364 26.01 4.31 12.27
N SER A 365 26.46 3.07 12.24
CA SER A 365 27.87 2.79 12.00
C SER A 365 28.29 3.26 10.61
N ARG A 366 27.49 2.94 9.60
CA ARG A 366 27.83 3.33 8.23
C ARG A 366 27.82 4.84 8.08
N SER A 367 26.84 5.51 8.69
CA SER A 367 26.78 6.96 8.60
C SER A 367 27.96 7.62 9.30
N LEU A 368 28.37 7.10 10.45
CA LEU A 368 29.52 7.69 11.13
C LEU A 368 30.81 7.44 10.35
N LYS A 369 30.95 6.26 9.73
CA LYS A 369 32.12 6.03 8.90
C LYS A 369 32.15 6.99 7.72
N ALA A 370 31.00 7.20 7.08
CA ALA A 370 30.92 8.17 6.00
C ALA A 370 31.23 9.58 6.48
N LEU A 371 30.78 9.94 7.68
CA LEU A 371 31.09 11.24 8.24
C LEU A 371 32.60 11.39 8.43
N ALA A 372 33.24 10.36 8.99
CA ALA A 372 34.69 10.39 9.18
C ALA A 372 35.40 10.58 7.84
N LYS A 373 34.98 9.80 6.84
CA LYS A 373 35.63 9.91 5.52
C LYS A 373 35.42 11.29 4.91
N GLU A 374 34.20 11.83 5.00
CA GLU A 374 33.92 13.12 4.40
C GLU A 374 34.72 14.24 5.08
N LEU A 375 34.78 14.21 6.42
CA LEU A 375 35.54 15.22 7.14
C LEU A 375 37.03 14.92 7.20
N ASN A 376 37.44 13.71 6.86
CA ASN A 376 38.85 13.33 6.87
C ASN A 376 39.44 13.53 8.27
N VAL A 377 38.68 13.11 9.27
CA VAL A 377 39.08 13.27 10.67
C VAL A 377 38.76 11.97 11.42
N PRO A 378 39.59 11.53 12.37
CA PRO A 378 39.24 10.33 13.14
C PRO A 378 38.01 10.55 14.01
N VAL A 379 37.19 9.52 14.12
CA VAL A 379 35.97 9.53 14.92
C VAL A 379 36.02 8.33 15.85
N VAL A 380 36.40 8.55 17.11
CA VAL A 380 36.50 7.50 18.11
C VAL A 380 35.12 7.38 18.75
N ALA A 381 34.38 6.34 18.40
CA ALA A 381 33.05 6.08 18.94
C ALA A 381 33.08 4.81 19.79
N LEU A 382 32.54 4.91 21.01
CA LEU A 382 32.59 3.80 21.95
C LEU A 382 31.42 2.84 21.74
N SER A 383 31.59 1.62 22.23
CA SER A 383 30.58 0.57 22.13
C SER A 383 30.65 -0.32 23.36
N GLN A 384 29.62 -1.15 23.52
CA GLN A 384 29.49 -2.02 24.68
C GLN A 384 29.50 -3.49 24.24
N LEU A 385 29.95 -4.34 25.15
CA LEU A 385 30.20 -5.76 24.87
C LEU A 385 29.05 -6.63 25.40
N ASN A 386 29.12 -7.91 25.04
CA ASN A 386 28.11 -8.88 25.44
C ASN A 386 28.52 -9.62 26.70
N ARG A 387 27.51 -10.13 27.42
CA ARG A 387 27.77 -10.89 28.63
C ARG A 387 28.33 -12.27 28.34
N SER A 388 28.07 -12.82 27.15
CA SER A 388 28.56 -14.16 26.81
C SER A 388 30.08 -14.22 26.85
N LEU A 389 30.75 -13.08 26.73
CA LEU A 389 32.20 -13.04 26.87
C LEU A 389 32.64 -13.63 28.20
N GLU A 390 31.93 -13.29 29.28
CA GLU A 390 32.32 -13.74 30.61
C GLU A 390 32.23 -15.24 30.78
N GLN A 391 31.50 -15.93 29.92
CA GLN A 391 31.31 -17.38 30.04
C GLN A 391 32.46 -18.19 29.46
N ARG A 392 33.33 -17.57 28.67
CA ARG A 392 34.44 -18.30 28.05
C ARG A 392 35.62 -18.42 29.02
N ALA A 393 36.52 -19.34 28.70
CA ALA A 393 37.72 -19.52 29.52
C ALA A 393 38.59 -18.26 29.48
N ASP A 394 38.83 -17.74 28.28
CA ASP A 394 39.61 -16.52 28.11
C ASP A 394 38.66 -15.33 28.07
N LYS A 395 38.79 -14.42 29.04
CA LYS A 395 37.96 -13.24 29.10
C LYS A 395 38.47 -12.11 28.23
N ARG A 396 39.58 -12.31 27.52
CA ARG A 396 40.08 -11.28 26.63
C ARG A 396 39.05 -11.04 25.51
N PRO A 397 38.51 -9.83 25.36
CA PRO A 397 37.43 -9.65 24.38
C PRO A 397 37.92 -9.83 22.95
N VAL A 398 37.01 -10.29 22.09
CA VAL A 398 37.20 -10.33 20.65
C VAL A 398 36.05 -9.57 20.00
N ASN A 399 36.04 -9.57 18.67
CA ASN A 399 35.02 -8.83 17.95
C ASN A 399 33.62 -9.39 18.17
N SER A 400 33.47 -10.71 18.22
CA SER A 400 32.15 -11.31 18.38
C SER A 400 31.49 -10.92 19.69
N ASP A 401 32.27 -10.49 20.68
CA ASP A 401 31.74 -10.17 22.00
C ASP A 401 30.99 -8.84 22.04
N LEU A 402 31.06 -8.03 20.98
CA LEU A 402 30.36 -6.77 20.96
C LEU A 402 28.85 -6.99 21.03
N ARG A 403 28.14 -6.04 21.63
CA ARG A 403 26.69 -6.10 21.69
C ARG A 403 26.09 -5.45 20.46
N GLU A 404 25.11 -6.13 19.84
CA GLU A 404 24.57 -5.71 18.55
C GLU A 404 25.71 -5.54 17.55
N SER A 405 26.37 -6.67 17.27
CA SER A 405 27.75 -6.63 16.77
C SER A 405 27.82 -6.58 15.24
N GLY A 406 26.79 -7.07 14.56
CA GLY A 406 26.84 -7.35 13.13
C GLY A 406 27.61 -6.38 12.26
N SER A 407 27.30 -5.09 12.37
CA SER A 407 27.89 -4.10 11.47
C SER A 407 29.09 -3.40 12.10
N ILE A 408 29.22 -3.43 13.43
CA ILE A 408 30.19 -2.58 14.10
C ILE A 408 31.61 -2.94 13.66
N GLU A 409 31.95 -4.22 13.73
CA GLU A 409 33.28 -4.64 13.29
C GLU A 409 33.47 -4.41 11.80
N GLN A 410 32.49 -4.80 11.00
CA GLN A 410 32.61 -4.73 9.56
C GLN A 410 32.80 -3.30 9.06
N ASP A 411 32.28 -2.31 9.78
CA ASP A 411 32.50 -0.91 9.43
C ASP A 411 33.73 -0.32 10.13
N ALA A 412 34.13 -0.86 11.26
CA ALA A 412 35.21 -0.27 12.05
C ALA A 412 36.54 -0.45 11.35
N ASP A 413 37.46 0.49 11.62
CA ASP A 413 38.81 0.43 11.08
C ASP A 413 39.82 -0.09 12.10
N LEU A 414 39.85 0.51 13.28
CA LEU A 414 40.71 0.09 14.37
C LEU A 414 39.86 -0.14 15.61
N ILE A 415 39.89 -1.37 16.13
CA ILE A 415 39.06 -1.78 17.26
C ILE A 415 40.00 -2.06 18.42
N MET A 416 39.76 -1.41 19.55
CA MET A 416 40.59 -1.55 20.75
C MET A 416 39.69 -2.01 21.90
N PHE A 417 40.00 -3.19 22.44
CA PHE A 417 39.28 -3.71 23.59
C PHE A 417 40.09 -3.49 24.86
N ILE A 418 39.44 -2.93 25.88
CA ILE A 418 40.09 -2.67 27.16
C ILE A 418 39.79 -3.85 28.07
N TYR A 419 40.85 -4.46 28.62
CA TYR A 419 40.74 -5.62 29.48
C TYR A 419 41.47 -5.34 30.80
N ARG A 420 40.78 -5.64 31.90
CA ARG A 420 41.32 -5.45 33.25
C ARG A 420 41.11 -6.74 34.02
N ASP A 421 42.15 -7.58 34.09
CA ASP A 421 42.05 -8.82 34.85
C ASP A 421 41.82 -8.54 36.32
N GLU A 422 42.29 -7.40 36.81
CA GLU A 422 42.06 -7.02 38.20
C GLU A 422 40.58 -6.95 38.55
N VAL A 423 39.73 -6.59 37.60
CA VAL A 423 38.29 -6.58 37.86
C VAL A 423 37.77 -8.01 38.04
N TYR A 424 38.28 -8.97 37.26
CA TYR A 424 37.85 -10.35 37.36
C TYR A 424 38.65 -11.18 38.35
N HIS A 425 39.92 -10.83 38.58
CA HIS A 425 40.80 -11.60 39.44
C HIS A 425 41.51 -10.62 40.38
N GLU A 426 41.12 -10.63 41.65
CA GLU A 426 41.87 -9.88 42.67
C GLU A 426 43.20 -10.53 43.00
N ASN A 427 43.45 -11.76 42.53
CA ASN A 427 44.76 -12.39 42.60
C ASN A 427 45.55 -12.18 41.31
N SER A 428 45.19 -11.16 40.53
CA SER A 428 45.84 -10.92 39.26
C SER A 428 47.29 -10.45 39.48
N ASP A 429 48.20 -10.96 38.65
CA ASP A 429 49.58 -10.52 38.72
C ASP A 429 49.80 -9.18 38.03
N LEU A 430 48.77 -8.63 37.40
CA LEU A 430 48.86 -7.37 36.64
C LEU A 430 47.97 -6.30 37.23
N LYS A 431 47.98 -6.15 38.56
CA LYS A 431 47.18 -5.12 39.20
C LYS A 431 47.66 -3.73 38.77
N GLY A 432 46.70 -2.82 38.59
CA GLY A 432 47.03 -1.50 38.10
C GLY A 432 47.41 -1.43 36.64
N ILE A 433 47.19 -2.51 35.89
CA ILE A 433 47.56 -2.61 34.49
C ILE A 433 46.33 -2.96 33.67
N ALA A 434 46.14 -2.23 32.57
CA ALA A 434 45.05 -2.46 31.64
C ALA A 434 45.61 -2.77 30.27
N GLU A 435 45.01 -3.76 29.61
CA GLU A 435 45.48 -4.21 28.30
C GLU A 435 44.54 -3.71 27.21
N ILE A 436 45.10 -2.96 26.27
CA ILE A 436 44.40 -2.54 25.06
C ILE A 436 44.76 -3.55 23.99
N ILE A 437 43.80 -4.39 23.62
CA ILE A 437 44.00 -5.43 22.63
C ILE A 437 43.47 -4.92 21.29
N ILE A 438 44.29 -5.00 20.25
CA ILE A 438 43.91 -4.56 18.92
C ILE A 438 43.13 -5.68 18.25
N GLY A 439 41.80 -5.63 18.36
CA GLY A 439 40.97 -6.63 17.72
C GLY A 439 40.86 -6.48 16.22
N LYS A 440 41.33 -5.35 15.68
CA LYS A 440 41.28 -5.11 14.25
C LYS A 440 42.17 -3.94 13.91
N GLN A 441 42.94 -4.07 12.83
CA GLN A 441 43.71 -2.97 12.28
C GLN A 441 43.96 -3.25 10.81
N ARG A 442 43.25 -2.52 9.95
CA ARG A 442 43.33 -2.79 8.52
C ARG A 442 44.74 -2.54 7.99
N ASN A 443 45.36 -1.44 8.41
CA ASN A 443 46.65 -1.02 7.88
C ASN A 443 47.81 -1.32 8.82
N GLY A 444 47.68 -2.34 9.67
CA GLY A 444 48.75 -2.71 10.55
C GLY A 444 48.51 -4.05 11.23
N PRO A 445 49.45 -4.46 12.07
CA PRO A 445 49.31 -5.75 12.77
C PRO A 445 48.40 -5.63 13.99
N ILE A 446 48.20 -6.77 14.64
CA ILE A 446 47.40 -6.85 15.87
C ILE A 446 48.32 -7.15 17.04
N GLY A 447 47.78 -7.04 18.26
CA GLY A 447 48.57 -7.30 19.45
C GLY A 447 47.97 -6.72 20.71
N THR A 448 48.80 -6.52 21.73
CA THR A 448 48.38 -6.01 23.03
C THR A 448 49.31 -4.89 23.47
N VAL A 449 48.73 -3.88 24.12
CA VAL A 449 49.47 -2.77 24.69
C VAL A 449 49.09 -2.64 26.15
N ARG A 450 50.07 -2.76 27.04
CA ARG A 450 49.84 -2.64 28.47
C ARG A 450 50.01 -1.20 28.89
N LEU A 451 49.10 -0.71 29.74
CA LEU A 451 49.13 0.65 30.23
C LEU A 451 48.85 0.64 31.73
N THR A 452 49.35 1.68 32.40
CA THR A 452 49.10 1.87 33.82
C THR A 452 47.81 2.67 33.98
N PHE A 453 46.84 2.09 34.69
CA PHE A 453 45.52 2.68 34.86
C PHE A 453 45.42 3.23 36.28
N ASN A 454 45.21 4.54 36.39
CA ASN A 454 45.00 5.21 37.67
C ASN A 454 43.52 5.55 37.80
N GLY A 455 42.78 4.64 38.43
CA GLY A 455 41.36 4.86 38.65
C GLY A 455 41.07 6.03 39.57
N GLN A 456 41.93 6.25 40.57
CA GLN A 456 41.75 7.39 41.46
C GLN A 456 41.80 8.70 40.69
N TRP A 457 42.76 8.82 39.77
CA TRP A 457 42.87 9.98 38.89
C TRP A 457 42.14 9.78 37.57
N SER A 458 41.64 8.58 37.30
CA SER A 458 40.91 8.28 36.06
C SER A 458 41.77 8.62 34.84
N ARG A 459 42.89 7.93 34.72
CA ARG A 459 43.84 8.21 33.65
C ARG A 459 44.51 6.92 33.20
N PHE A 460 45.00 6.92 31.96
CA PHE A 460 45.83 5.85 31.43
C PHE A 460 47.19 6.43 31.04
N ASP A 461 48.25 5.68 31.36
CA ASP A 461 49.62 6.12 31.13
C ASP A 461 50.42 5.00 30.50
N ASN A 462 51.48 5.37 29.79
CA ASN A 462 52.35 4.37 29.19
C ASN A 462 52.96 3.48 30.26
N TYR A 463 52.90 2.17 30.03
CA TYR A 463 53.41 1.21 30.99
C TYR A 463 54.93 1.12 30.88
N ALA A 464 55.62 1.46 31.95
CA ALA A 464 57.08 1.47 31.98
C ALA A 464 57.66 0.27 32.71
N GLY A 465 56.84 -0.72 33.04
CA GLY A 465 57.28 -1.88 33.79
C GLY A 465 57.94 -2.92 32.90
N PRO A 466 58.10 -4.14 33.42
CA PRO A 466 58.73 -5.20 32.61
C PRO A 466 57.96 -5.47 31.33
N GLN A 467 58.71 -5.75 30.27
CA GLN A 467 58.11 -5.99 28.97
C GLN A 467 57.82 -7.47 28.78
N TYR A 468 56.58 -7.79 28.41
CA TYR A 468 56.18 -9.16 28.12
C TYR A 468 56.12 -9.34 26.60
N ASP A 469 56.95 -10.24 26.08
CA ASP A 469 56.99 -10.49 24.65
C ASP A 469 55.71 -11.17 24.20
N ASP A 470 55.14 -10.68 23.10
CA ASP A 470 53.92 -11.27 22.55
C ASP A 470 54.23 -12.64 21.96
N GLU A 471 53.36 -13.61 22.22
CA GLU A 471 53.55 -14.97 21.74
C GLU A 471 53.55 -15.02 20.22
N LEU B 24 -9.02 3.56 -47.07
CA LEU B 24 -8.67 2.20 -46.67
C LEU B 24 -7.41 2.19 -45.82
N LYS B 25 -7.46 1.45 -44.71
CA LYS B 25 -6.31 1.30 -43.83
C LYS B 25 -5.35 0.29 -44.45
N VAL B 26 -4.29 0.79 -45.07
CA VAL B 26 -3.36 -0.10 -45.78
C VAL B 26 -2.63 -0.98 -44.75
N PRO B 27 -2.33 -2.24 -45.05
CA PRO B 27 -1.55 -3.04 -44.11
C PRO B 27 -0.18 -2.42 -43.88
N PRO B 28 0.39 -2.56 -42.69
CA PRO B 28 1.66 -1.89 -42.41
C PRO B 28 2.79 -2.45 -43.25
N HIS B 29 3.72 -1.57 -43.62
CA HIS B 29 4.88 -1.96 -44.42
C HIS B 29 5.95 -0.88 -44.23
N SER B 30 7.13 -1.15 -44.78
CA SER B 30 8.25 -0.23 -44.68
C SER B 30 9.01 -0.28 -46.00
N ILE B 31 8.68 0.65 -46.91
CA ILE B 31 9.41 0.75 -48.17
C ILE B 31 10.86 1.11 -47.88
N GLU B 32 11.07 2.05 -46.96
CA GLU B 32 12.43 2.51 -46.67
C GLU B 32 13.30 1.37 -46.16
N ALA B 33 12.78 0.56 -45.25
CA ALA B 33 13.55 -0.55 -44.70
C ALA B 33 13.93 -1.55 -45.79
N GLU B 34 12.96 -1.90 -46.65
CA GLU B 34 13.24 -2.86 -47.71
C GLU B 34 14.29 -2.32 -48.68
N GLN B 35 14.14 -1.06 -49.08
CA GLN B 35 15.12 -0.45 -49.98
C GLN B 35 16.50 -0.42 -49.34
N SER B 36 16.55 -0.11 -48.04
CA SER B 36 17.82 -0.08 -47.33
C SER B 36 18.46 -1.46 -47.30
N VAL B 37 17.66 -2.51 -47.05
CA VAL B 37 18.18 -3.86 -47.05
C VAL B 37 18.75 -4.21 -48.41
N LEU B 38 18.01 -3.89 -49.47
CA LEU B 38 18.49 -4.24 -50.81
C LEU B 38 19.77 -3.50 -51.15
N GLY B 39 19.83 -2.21 -50.84
CA GLY B 39 21.05 -1.46 -51.11
C GLY B 39 22.23 -1.97 -50.31
N GLY B 40 22.01 -2.32 -49.03
CA GLY B 40 23.08 -2.85 -48.22
C GLY B 40 23.59 -4.18 -48.73
N LEU B 41 22.68 -5.06 -49.13
CA LEU B 41 23.11 -6.33 -49.72
C LEU B 41 23.87 -6.11 -51.02
N MET B 42 23.45 -5.13 -51.82
CA MET B 42 24.21 -4.80 -53.02
C MET B 42 25.61 -4.32 -52.67
N LEU B 43 25.74 -3.47 -51.66
CA LEU B 43 27.05 -2.94 -51.27
C LEU B 43 27.88 -3.98 -50.52
N ASP B 44 27.26 -4.73 -49.60
CA ASP B 44 27.98 -5.65 -48.73
C ASP B 44 27.39 -7.04 -48.90
N ASN B 45 28.18 -7.95 -49.45
CA ASN B 45 27.76 -9.34 -49.56
C ASN B 45 27.92 -10.07 -48.22
N GLU B 46 28.91 -9.66 -47.41
CA GLU B 46 29.24 -10.38 -46.20
C GLU B 46 28.06 -10.49 -45.24
N ARG B 47 27.25 -9.45 -45.13
CA ARG B 47 26.11 -9.45 -44.22
C ARG B 47 24.88 -10.13 -44.83
N TRP B 48 25.05 -10.90 -45.90
CA TRP B 48 23.90 -11.62 -46.48
C TRP B 48 23.28 -12.56 -45.47
N ASP B 49 24.11 -13.33 -44.76
CA ASP B 49 23.58 -14.33 -43.84
C ASP B 49 22.74 -13.68 -42.75
N ASP B 50 23.25 -12.58 -42.18
CA ASP B 50 22.50 -11.84 -41.17
C ASP B 50 21.14 -11.42 -41.71
N VAL B 51 21.06 -11.13 -43.00
CA VAL B 51 19.78 -10.82 -43.63
C VAL B 51 19.08 -12.08 -44.11
N ALA B 52 19.85 -13.10 -44.48
CA ALA B 52 19.25 -14.30 -45.05
C ALA B 52 18.34 -14.98 -44.04
N GLU B 53 18.80 -15.14 -42.80
CA GLU B 53 18.00 -15.79 -41.78
C GLU B 53 16.91 -14.87 -41.25
N ARG B 54 17.20 -13.58 -41.09
CA ARG B 54 16.23 -12.65 -40.50
C ARG B 54 14.99 -12.50 -41.36
N VAL B 55 15.15 -12.38 -42.68
CA VAL B 55 14.05 -12.09 -43.59
C VAL B 55 14.07 -13.09 -44.73
N VAL B 56 12.87 -13.50 -45.15
CA VAL B 56 12.69 -14.35 -46.31
C VAL B 56 12.13 -13.49 -47.45
N ALA B 57 12.09 -14.09 -48.65
CA ALA B 57 11.61 -13.35 -49.80
C ALA B 57 10.16 -12.89 -49.62
N ASP B 58 9.36 -13.66 -48.90
CA ASP B 58 7.96 -13.30 -48.70
C ASP B 58 7.79 -12.10 -47.77
N ASP B 59 8.77 -11.80 -46.92
CA ASP B 59 8.62 -10.71 -45.97
C ASP B 59 8.60 -9.34 -46.65
N PHE B 60 9.02 -9.26 -47.91
CA PHE B 60 9.00 -7.99 -48.63
C PHE B 60 7.59 -7.70 -49.12
N TYR B 61 7.00 -6.60 -48.65
CA TYR B 61 5.61 -6.30 -48.98
C TYR B 61 5.44 -6.09 -50.49
N THR B 62 6.34 -5.32 -51.10
CA THR B 62 6.23 -5.03 -52.52
C THR B 62 6.82 -6.15 -53.35
N ARG B 63 6.08 -6.55 -54.38
CA ARG B 63 6.48 -7.68 -55.21
C ARG B 63 7.85 -7.47 -55.87
N PRO B 64 8.19 -6.31 -56.43
CA PRO B 64 9.54 -6.15 -57.00
C PRO B 64 10.65 -6.42 -56.01
N HIS B 65 10.46 -6.03 -54.74
CA HIS B 65 11.46 -6.34 -53.72
C HIS B 65 11.55 -7.84 -53.50
N ARG B 66 10.42 -8.55 -53.57
CA ARG B 66 10.44 -10.00 -53.47
C ARG B 66 11.26 -10.60 -54.61
N HIS B 67 11.05 -10.10 -55.83
CA HIS B 67 11.82 -10.59 -56.98
C HIS B 67 13.31 -10.32 -56.77
N ILE B 68 13.64 -9.13 -56.30
CA ILE B 68 15.03 -8.76 -56.13
C ILE B 68 15.71 -9.66 -55.09
N PHE B 69 15.04 -9.88 -53.96
CA PHE B 69 15.61 -10.74 -52.93
C PHE B 69 15.74 -12.17 -53.42
N THR B 70 14.74 -12.65 -54.17
CA THR B 70 14.83 -14.00 -54.71
C THR B 70 16.04 -14.15 -55.62
N GLU B 71 16.26 -13.17 -56.51
CA GLU B 71 17.40 -13.23 -57.39
C GLU B 71 18.71 -13.15 -56.62
N MET B 72 18.75 -12.30 -55.58
CA MET B 72 19.95 -12.20 -54.76
C MET B 72 20.25 -13.54 -54.09
N ALA B 73 19.22 -14.20 -53.56
CA ALA B 73 19.41 -15.49 -52.91
C ALA B 73 19.91 -16.53 -53.90
N ARG B 74 19.32 -16.54 -55.10
CA ARG B 74 19.77 -17.49 -56.11
C ARG B 74 21.22 -17.25 -56.48
N LEU B 75 21.62 -15.99 -56.65
CA LEU B 75 22.99 -15.69 -57.00
C LEU B 75 23.95 -16.10 -55.87
N GLN B 76 23.60 -15.77 -54.63
CA GLN B 76 24.49 -16.06 -53.51
C GLN B 76 24.64 -17.57 -53.32
N GLU B 77 23.54 -18.31 -53.46
CA GLU B 77 23.64 -19.76 -53.38
C GLU B 77 24.50 -20.31 -54.51
N SER B 78 24.60 -19.57 -55.62
CA SER B 78 25.53 -19.93 -56.69
C SER B 78 26.93 -19.36 -56.48
N GLY B 79 27.16 -18.60 -55.41
CA GLY B 79 28.46 -18.06 -55.11
C GLY B 79 28.79 -16.76 -55.80
N SER B 80 27.87 -16.21 -56.59
CA SER B 80 28.16 -14.96 -57.29
C SER B 80 28.04 -13.77 -56.34
N PRO B 81 28.81 -12.70 -56.56
CA PRO B 81 28.69 -11.52 -55.70
C PRO B 81 27.36 -10.81 -55.91
N ILE B 82 26.87 -10.18 -54.86
CA ILE B 82 25.62 -9.41 -54.89
C ILE B 82 26.02 -7.96 -55.13
N ASP B 83 25.90 -7.52 -56.38
CA ASP B 83 26.21 -6.15 -56.77
C ASP B 83 25.21 -5.68 -57.81
N LEU B 84 25.29 -4.40 -58.17
CA LEU B 84 24.34 -3.84 -59.11
C LEU B 84 24.42 -4.50 -60.48
N ILE B 85 25.62 -4.66 -61.01
CA ILE B 85 25.77 -5.16 -62.38
C ILE B 85 25.35 -6.62 -62.47
N THR B 86 25.83 -7.45 -61.55
CA THR B 86 25.52 -8.87 -61.59
C THR B 86 24.02 -9.10 -61.43
N LEU B 87 23.41 -8.42 -60.46
CA LEU B 87 21.97 -8.57 -60.23
C LEU B 87 21.17 -8.06 -61.43
N ALA B 88 21.57 -6.93 -61.99
CA ALA B 88 20.87 -6.39 -63.14
C ALA B 88 20.93 -7.37 -64.31
N GLU B 89 22.11 -7.92 -64.58
CA GLU B 89 22.24 -8.88 -65.67
C GLU B 89 21.43 -10.14 -65.39
N SER B 90 21.44 -10.61 -64.14
CA SER B 90 20.70 -11.82 -63.79
C SER B 90 19.20 -11.62 -64.00
N LEU B 91 18.67 -10.47 -63.58
CA LEU B 91 17.26 -10.20 -63.79
C LEU B 91 16.95 -9.99 -65.26
N GLU B 92 17.89 -9.41 -66.00
CA GLU B 92 17.72 -9.25 -67.44
C GLU B 92 17.59 -10.58 -68.14
N ARG B 93 18.44 -11.55 -67.77
CA ARG B 93 18.37 -12.87 -68.37
C ARG B 93 17.03 -13.55 -68.08
N GLN B 94 16.54 -13.45 -66.85
CA GLN B 94 15.25 -13.99 -66.49
C GLN B 94 14.09 -13.15 -66.98
N GLY B 95 14.35 -11.94 -67.48
CA GLY B 95 13.28 -11.06 -67.91
C GLY B 95 12.58 -10.34 -66.78
N GLN B 96 13.07 -10.48 -65.54
CA GLN B 96 12.51 -9.77 -64.40
C GLN B 96 13.07 -8.37 -64.24
N LEU B 97 14.00 -7.95 -65.10
CA LEU B 97 14.58 -6.63 -65.01
C LEU B 97 13.52 -5.55 -65.21
N ASP B 98 12.62 -5.74 -66.19
CA ASP B 98 11.56 -4.78 -66.42
C ASP B 98 10.60 -4.71 -65.25
N SER B 99 10.31 -5.87 -64.64
CA SER B 99 9.36 -5.91 -63.54
C SER B 99 9.83 -5.11 -62.32
N VAL B 100 11.15 -4.88 -62.19
CA VAL B 100 11.69 -4.17 -61.04
C VAL B 100 11.97 -2.70 -61.33
N GLY B 101 12.41 -2.36 -62.54
CA GLY B 101 12.67 -0.99 -62.92
C GLY B 101 13.98 -0.74 -63.64
N GLY B 102 14.76 -1.77 -63.93
CA GLY B 102 15.98 -1.60 -64.69
C GLY B 102 17.14 -1.09 -63.87
N CYS B 103 18.22 -0.73 -64.59
CA CYS B 103 19.40 -0.21 -63.93
C CYS B 103 19.09 1.06 -63.15
N ALA B 104 18.10 1.82 -63.61
CA ALA B 104 17.77 3.08 -62.93
C ALA B 104 17.26 2.83 -61.52
N TYR B 105 16.27 1.96 -61.36
CA TYR B 105 15.68 1.73 -60.05
C TYR B 105 16.67 1.04 -59.11
N LEU B 106 17.43 0.06 -59.64
CA LEU B 106 18.42 -0.61 -58.80
C LEU B 106 19.51 0.36 -58.36
N ALA B 107 19.94 1.24 -59.27
CA ALA B 107 20.90 2.27 -58.91
C ALA B 107 20.32 3.20 -57.85
N GLU B 108 19.04 3.52 -57.96
CA GLU B 108 18.38 4.33 -56.94
C GLU B 108 18.42 3.63 -55.59
N LEU B 109 18.12 2.33 -55.58
CA LEU B 109 18.16 1.56 -54.33
C LEU B 109 19.55 1.58 -53.72
N SER B 110 20.57 1.37 -54.56
CA SER B 110 21.95 1.38 -54.06
C SER B 110 22.34 2.76 -53.55
N LYS B 111 21.88 3.81 -54.22
CA LYS B 111 22.28 5.17 -53.87
C LYS B 111 21.62 5.65 -52.59
N ASN B 112 20.33 5.36 -52.40
CA ASN B 112 19.57 5.94 -51.30
C ASN B 112 19.79 5.23 -49.97
N THR B 113 20.52 4.11 -49.95
CA THR B 113 20.79 3.42 -48.69
C THR B 113 21.94 4.11 -47.98
N PRO B 114 21.74 4.65 -46.76
CA PRO B 114 22.86 5.30 -46.07
C PRO B 114 24.06 4.41 -45.84
N SER B 115 23.87 3.14 -45.49
CA SER B 115 24.99 2.25 -45.23
C SER B 115 24.46 0.84 -44.95
N ALA B 116 25.36 -0.13 -45.10
CA ALA B 116 25.07 -1.52 -44.76
C ALA B 116 25.46 -1.89 -43.34
N ALA B 117 26.06 -0.96 -42.58
CA ALA B 117 26.48 -1.26 -41.21
C ALA B 117 25.31 -1.64 -40.32
N ASN B 118 24.09 -1.20 -40.65
CA ASN B 118 22.90 -1.48 -39.87
C ASN B 118 21.91 -2.34 -40.63
N ILE B 119 22.39 -3.18 -41.55
CA ILE B 119 21.49 -3.96 -42.38
C ILE B 119 20.73 -4.98 -41.54
N SER B 120 21.33 -5.44 -40.44
CA SER B 120 20.64 -6.36 -39.54
C SER B 120 19.40 -5.71 -38.95
N ALA B 121 19.50 -4.45 -38.54
CA ALA B 121 18.36 -3.75 -38.00
C ALA B 121 17.27 -3.59 -39.05
N TYR B 122 17.66 -3.27 -40.29
CA TYR B 122 16.66 -3.13 -41.35
C TYR B 122 15.96 -4.46 -41.62
N ALA B 123 16.72 -5.55 -41.60
CA ALA B 123 16.13 -6.87 -41.76
C ALA B 123 15.15 -7.16 -40.63
N ASP B 124 15.51 -6.79 -39.40
CA ASP B 124 14.60 -6.98 -38.28
C ASP B 124 13.33 -6.14 -38.44
N ILE B 125 13.46 -4.93 -38.98
CA ILE B 125 12.30 -4.09 -39.24
C ILE B 125 11.39 -4.75 -40.26
N VAL B 126 11.98 -5.27 -41.35
CA VAL B 126 11.17 -5.93 -42.36
C VAL B 126 10.49 -7.17 -41.78
N ARG B 127 11.20 -7.89 -40.91
CA ARG B 127 10.62 -9.04 -40.23
C ARG B 127 9.42 -8.61 -39.38
N GLU B 128 9.57 -7.52 -38.64
CA GLU B 128 8.48 -6.97 -37.86
C GLU B 128 7.26 -6.69 -38.74
N ARG B 129 7.48 -5.99 -39.85
CA ARG B 129 6.36 -5.62 -40.72
C ARG B 129 5.71 -6.85 -41.33
N ALA B 130 6.51 -7.83 -41.76
CA ALA B 130 5.95 -9.05 -42.34
C ALA B 130 5.12 -9.81 -41.30
N VAL B 131 5.62 -9.89 -40.07
CA VAL B 131 4.88 -10.58 -39.02
C VAL B 131 3.57 -9.87 -38.75
N VAL B 132 3.59 -8.53 -38.71
CA VAL B 132 2.35 -7.79 -38.45
C VAL B 132 1.36 -8.00 -39.59
N ARG B 133 1.83 -7.99 -40.83
CA ARG B 133 0.93 -8.21 -41.96
C ARG B 133 0.32 -9.61 -41.91
N GLU B 134 1.13 -10.62 -41.58
CA GLU B 134 0.60 -11.97 -41.46
C GLU B 134 -0.41 -12.06 -40.33
N MET B 135 -0.15 -11.35 -39.24
CA MET B 135 -1.10 -11.32 -38.12
C MET B 135 -2.43 -10.72 -38.55
N ILE B 136 -2.38 -9.63 -39.30
CA ILE B 136 -3.61 -9.00 -39.78
C ILE B 136 -4.34 -9.94 -40.72
N SER B 137 -3.59 -10.66 -41.56
CA SER B 137 -4.22 -11.63 -42.46
C SER B 137 -4.92 -12.73 -41.66
N VAL B 138 -4.27 -13.21 -40.60
CA VAL B 138 -4.87 -14.23 -39.74
C VAL B 138 -6.14 -13.70 -39.10
N ALA B 139 -6.09 -12.44 -38.64
CA ALA B 139 -7.28 -11.84 -38.05
C ALA B 139 -8.41 -11.76 -39.07
N ASN B 140 -8.08 -11.41 -40.32
CA ASN B 140 -9.09 -11.38 -41.37
C ASN B 140 -9.68 -12.77 -41.60
N GLU B 141 -8.82 -13.79 -41.62
CA GLU B 141 -9.31 -15.16 -41.79
C GLU B 141 -10.26 -15.55 -40.66
N ILE B 142 -9.89 -15.21 -39.42
CA ILE B 142 -10.71 -15.59 -38.29
C ILE B 142 -12.04 -14.86 -38.32
N ALA B 143 -12.03 -13.57 -38.70
CA ALA B 143 -13.28 -12.82 -38.83
C ALA B 143 -14.15 -13.42 -39.93
N GLU B 144 -13.54 -13.80 -41.06
CA GLU B 144 -14.29 -14.41 -42.14
C GLU B 144 -14.94 -15.71 -41.70
N ALA B 145 -14.19 -16.52 -40.95
CA ALA B 145 -14.76 -17.77 -40.42
C ALA B 145 -15.88 -17.49 -39.43
N GLY B 146 -15.72 -16.47 -38.59
CA GLY B 146 -16.75 -16.17 -37.61
C GLY B 146 -18.04 -15.70 -38.24
N PHE B 147 -17.95 -14.81 -39.22
CA PHE B 147 -19.15 -14.33 -39.89
C PHE B 147 -19.79 -15.39 -40.77
N ASP B 148 -19.02 -16.40 -41.20
CA ASP B 148 -19.52 -17.50 -42.01
C ASP B 148 -19.02 -18.80 -41.39
N PRO B 149 -19.64 -19.26 -40.30
CA PRO B 149 -19.21 -20.53 -39.71
C PRO B 149 -19.32 -21.72 -40.65
N GLN B 150 -20.24 -21.67 -41.62
CA GLN B 150 -20.43 -22.76 -42.57
C GLN B 150 -20.73 -24.07 -41.85
N GLY B 151 -21.50 -24.00 -40.76
CA GLY B 151 -21.81 -25.17 -39.99
C GLY B 151 -20.73 -25.62 -39.04
N ARG B 152 -19.59 -24.93 -39.01
CA ARG B 152 -18.54 -25.27 -38.07
C ARG B 152 -18.95 -24.86 -36.66
N THR B 153 -18.72 -25.76 -35.70
CA THR B 153 -19.06 -25.47 -34.33
C THR B 153 -18.13 -24.39 -33.77
N SER B 154 -18.60 -23.73 -32.72
CA SER B 154 -17.77 -22.71 -32.07
C SER B 154 -16.45 -23.32 -31.59
N GLU B 155 -16.48 -24.59 -31.18
CA GLU B 155 -15.23 -25.26 -30.83
C GLU B 155 -14.31 -25.33 -32.04
N ASP B 156 -14.85 -25.66 -33.20
CA ASP B 156 -14.03 -25.73 -34.41
C ASP B 156 -13.41 -24.37 -34.73
N LEU B 157 -14.22 -23.31 -34.66
CA LEU B 157 -13.70 -21.97 -34.96
C LEU B 157 -12.65 -21.55 -33.94
N LEU B 158 -12.88 -21.85 -32.66
CA LEU B 158 -11.91 -21.49 -31.64
C LEU B 158 -10.60 -22.23 -31.82
N ASP B 159 -10.68 -23.53 -32.12
CA ASP B 159 -9.47 -24.30 -32.37
C ASP B 159 -8.73 -23.78 -33.61
N LEU B 160 -9.48 -23.42 -34.66
CA LEU B 160 -8.85 -22.86 -35.84
C LEU B 160 -8.13 -21.55 -35.53
N ALA B 161 -8.79 -20.66 -34.78
CA ALA B 161 -8.16 -19.40 -34.41
C ALA B 161 -6.94 -19.63 -33.55
N GLU B 162 -7.03 -20.57 -32.60
CA GLU B 162 -5.88 -20.89 -31.76
C GLU B 162 -4.71 -21.38 -32.59
N SER B 163 -4.98 -22.28 -33.54
CA SER B 163 -3.92 -22.77 -34.41
C SER B 163 -3.33 -21.65 -35.26
N ARG B 164 -4.18 -20.78 -35.79
CA ARG B 164 -3.71 -19.68 -36.61
C ARG B 164 -2.78 -18.77 -35.83
N VAL B 165 -3.17 -18.44 -34.59
CA VAL B 165 -2.31 -17.60 -33.75
C VAL B 165 -1.04 -18.36 -33.38
N PHE B 166 -1.15 -19.68 -33.18
CA PHE B 166 0.02 -20.49 -32.91
C PHE B 166 1.04 -20.45 -34.04
N LYS B 167 0.57 -20.45 -35.29
CA LYS B 167 1.47 -20.32 -36.42
C LYS B 167 2.28 -19.03 -36.39
N ILE B 168 1.80 -18.00 -35.70
CA ILE B 168 2.49 -16.72 -35.61
C ILE B 168 3.44 -16.68 -34.43
N ALA B 169 2.88 -16.72 -33.21
CA ALA B 169 3.58 -16.21 -32.04
C ALA B 169 4.78 -17.07 -31.64
N GLU B 170 4.54 -18.34 -31.30
CA GLU B 170 5.66 -19.19 -30.89
C GLU B 170 6.53 -19.56 -32.08
N SER B 171 5.95 -19.67 -33.27
CA SER B 171 6.72 -19.96 -34.47
C SER B 171 7.78 -18.89 -34.69
N ARG B 172 7.41 -17.62 -34.54
CA ARG B 172 8.37 -16.55 -34.70
C ARG B 172 9.29 -16.43 -33.49
N ALA B 173 8.77 -16.66 -32.28
CA ALA B 173 9.57 -16.49 -31.07
C ALA B 173 10.71 -17.51 -30.99
N ASN B 174 10.47 -18.77 -31.36
CA ASN B 174 11.49 -19.81 -31.22
C ASN B 174 12.66 -19.64 -32.17
N LYS B 175 12.44 -19.04 -33.33
CA LYS B 175 13.52 -18.83 -34.29
C LYS B 175 14.59 -17.92 -33.69
N ASP B 176 14.22 -16.67 -33.42
CA ASP B 176 15.19 -15.69 -32.95
C ASP B 176 15.58 -15.94 -31.50
N GLU B 177 14.64 -16.43 -30.69
CA GLU B 177 14.86 -16.57 -29.25
C GLU B 177 14.10 -17.79 -28.74
N GLY B 178 13.83 -17.83 -27.43
CA GLY B 178 13.00 -18.87 -26.86
C GLY B 178 13.73 -20.19 -26.76
N PRO B 179 12.99 -21.29 -26.68
CA PRO B 179 13.63 -22.62 -26.58
C PRO B 179 14.51 -22.92 -27.77
N LYS B 180 15.81 -23.07 -27.51
CA LYS B 180 16.77 -23.38 -28.56
C LYS B 180 16.80 -24.89 -28.78
N ASN B 181 16.62 -25.31 -30.02
CA ASN B 181 16.61 -26.73 -30.33
C ASN B 181 18.01 -27.32 -30.10
N ILE B 182 18.05 -28.62 -29.79
CA ILE B 182 19.29 -29.24 -29.32
C ILE B 182 20.37 -29.15 -30.39
N ALA B 183 19.99 -29.08 -31.66
CA ALA B 183 20.98 -29.03 -32.72
C ALA B 183 21.88 -27.81 -32.59
N ASP B 184 21.29 -26.63 -32.40
CA ASP B 184 22.09 -25.41 -32.27
C ASP B 184 22.94 -25.43 -31.02
N VAL B 185 22.40 -25.94 -29.90
CA VAL B 185 23.17 -26.00 -28.67
C VAL B 185 24.37 -26.93 -28.85
N LEU B 186 24.16 -28.09 -29.47
CA LEU B 186 25.26 -29.00 -29.72
C LEU B 186 26.28 -28.38 -30.67
N ASP B 187 25.81 -27.65 -31.68
CA ASP B 187 26.73 -26.99 -32.59
C ASP B 187 27.60 -25.98 -31.85
N ALA B 188 26.98 -25.18 -30.98
CA ALA B 188 27.76 -24.21 -30.20
C ALA B 188 28.75 -24.91 -29.28
N THR B 189 28.32 -26.00 -28.63
CA THR B 189 29.21 -26.73 -27.74
C THR B 189 30.39 -27.31 -28.51
N VAL B 190 30.13 -27.86 -29.69
CA VAL B 190 31.21 -28.42 -30.51
C VAL B 190 32.14 -27.31 -30.97
N ALA B 191 31.57 -26.15 -31.30
CA ALA B 191 32.39 -25.02 -31.70
C ALA B 191 33.33 -24.60 -30.58
N ARG B 192 32.79 -24.51 -29.35
CA ARG B 192 33.63 -24.14 -28.22
C ARG B 192 34.70 -25.20 -27.94
N ILE B 193 34.32 -26.48 -28.05
CA ILE B 193 35.28 -27.54 -27.80
C ILE B 193 36.40 -27.52 -28.84
N GLU B 194 36.05 -27.31 -30.10
CA GLU B 194 37.07 -27.22 -31.14
C GLU B 194 37.91 -25.96 -30.99
N GLN B 195 37.31 -24.90 -30.44
CA GLN B 195 38.09 -23.70 -30.14
C GLN B 195 39.14 -23.99 -29.08
N LEU B 196 38.76 -24.72 -28.04
CA LEU B 196 39.75 -25.17 -27.05
C LEU B 196 40.78 -26.08 -27.69
N PHE B 197 40.34 -26.96 -28.59
CA PHE B 197 41.23 -27.88 -29.27
C PHE B 197 42.29 -27.14 -30.07
N GLN B 198 41.88 -26.08 -30.78
CA GLN B 198 42.78 -25.35 -31.66
C GLN B 198 43.82 -24.55 -30.90
N GLN B 199 43.54 -24.20 -29.64
CA GLN B 199 44.42 -23.34 -28.85
C GLN B 199 45.09 -24.16 -27.75
N PRO B 200 46.38 -24.50 -27.87
CA PRO B 200 47.07 -25.16 -26.75
C PRO B 200 47.27 -24.22 -25.57
N HIS B 201 46.88 -24.67 -24.39
CA HIS B 201 46.98 -23.89 -23.15
C HIS B 201 47.57 -24.75 -22.04
N ASP B 202 47.79 -24.12 -20.89
CA ASP B 202 48.32 -24.78 -19.72
C ASP B 202 47.24 -25.43 -18.86
N GLY B 203 45.97 -25.35 -19.26
CA GLY B 203 44.85 -25.83 -18.47
C GLY B 203 44.10 -24.72 -17.76
N VAL B 204 44.71 -23.56 -17.61
CA VAL B 204 44.08 -22.42 -16.95
C VAL B 204 43.33 -21.65 -18.04
N THR B 205 42.11 -22.10 -18.32
CA THR B 205 41.29 -21.48 -19.35
C THR B 205 40.93 -20.04 -19.03
N GLY B 206 40.53 -19.76 -17.79
CA GLY B 206 40.15 -18.42 -17.39
C GLY B 206 41.37 -17.56 -17.11
N VAL B 207 41.10 -16.35 -16.64
CA VAL B 207 42.18 -15.43 -16.30
C VAL B 207 43.02 -16.06 -15.19
N ASN B 208 44.33 -16.13 -15.42
CA ASN B 208 45.21 -16.81 -14.48
C ASN B 208 45.16 -16.14 -13.12
N THR B 209 45.00 -16.95 -12.08
CA THR B 209 44.97 -16.41 -10.72
C THR B 209 46.36 -16.13 -10.19
N GLY B 210 47.40 -16.69 -10.82
CA GLY B 210 48.76 -16.50 -10.37
C GLY B 210 49.17 -17.39 -9.22
N TYR B 211 48.39 -18.43 -8.91
CA TYR B 211 48.70 -19.34 -7.82
C TYR B 211 48.54 -20.77 -8.30
N ASP B 212 49.42 -21.66 -7.83
CA ASP B 212 49.46 -23.02 -8.36
C ASP B 212 48.19 -23.78 -8.03
N ASP B 213 47.96 -24.07 -6.74
CA ASP B 213 46.85 -24.92 -6.36
C ASP B 213 45.51 -24.29 -6.72
N LEU B 214 45.37 -22.98 -6.56
CA LEU B 214 44.11 -22.34 -6.92
C LEU B 214 43.83 -22.48 -8.41
N ASN B 215 44.85 -22.28 -9.25
CA ASN B 215 44.67 -22.48 -10.67
C ASN B 215 44.33 -23.92 -10.99
N LYS B 216 44.97 -24.88 -10.30
CA LYS B 216 44.66 -26.28 -10.53
C LYS B 216 43.21 -26.60 -10.20
N LYS B 217 42.72 -26.11 -9.06
CA LYS B 217 41.37 -26.44 -8.62
C LYS B 217 40.29 -25.64 -9.35
N THR B 218 40.65 -24.49 -9.93
CA THR B 218 39.68 -23.63 -10.61
C THR B 218 39.95 -23.45 -12.09
N ALA B 219 41.14 -23.79 -12.57
CA ALA B 219 41.49 -23.64 -13.99
C ALA B 219 41.37 -22.19 -14.43
N GLY B 220 41.58 -21.25 -13.51
CA GLY B 220 41.47 -19.84 -13.81
C GLY B 220 40.05 -19.34 -13.66
N LEU B 221 39.94 -18.01 -13.53
CA LEU B 221 38.66 -17.37 -13.33
C LEU B 221 37.86 -17.42 -14.63
N GLN B 222 36.82 -18.23 -14.66
CA GLN B 222 36.11 -18.47 -15.90
C GLN B 222 35.21 -17.28 -16.23
N PRO B 223 34.93 -17.05 -17.52
CA PRO B 223 34.01 -15.96 -17.88
C PRO B 223 32.59 -16.24 -17.40
N SER B 224 31.84 -15.16 -17.18
CA SER B 224 30.41 -15.15 -16.90
C SER B 224 30.06 -15.72 -15.53
N ASP B 225 31.03 -16.09 -14.71
CA ASP B 225 30.77 -16.73 -13.44
C ASP B 225 30.95 -15.75 -12.29
N LEU B 226 30.18 -15.95 -11.23
CA LEU B 226 30.26 -15.11 -10.03
C LEU B 226 31.16 -15.80 -9.01
N ILE B 227 32.12 -15.05 -8.48
CA ILE B 227 33.06 -15.53 -7.49
C ILE B 227 32.88 -14.71 -6.23
N ILE B 228 32.67 -15.38 -5.10
CA ILE B 228 32.41 -14.75 -3.82
C ILE B 228 33.54 -15.14 -2.88
N VAL B 229 34.37 -14.16 -2.52
CA VAL B 229 35.43 -14.35 -1.54
C VAL B 229 34.94 -13.78 -0.22
N ALA B 230 34.77 -14.65 0.76
CA ALA B 230 34.20 -14.29 2.05
C ALA B 230 35.17 -14.65 3.16
N ALA B 231 35.03 -13.93 4.28
CA ALA B 231 35.86 -14.12 5.46
C ALA B 231 35.36 -13.18 6.54
N ARG B 232 35.80 -13.44 7.76
CA ARG B 232 35.56 -12.48 8.83
C ARG B 232 36.40 -11.24 8.59
N PRO B 233 36.02 -10.08 9.13
CA PRO B 233 36.87 -8.90 8.99
C PRO B 233 38.25 -9.14 9.57
N SER B 234 39.26 -8.50 8.98
CA SER B 234 40.67 -8.60 9.33
C SER B 234 41.31 -9.89 8.82
N MET B 235 40.58 -10.71 8.06
CA MET B 235 41.13 -11.97 7.57
C MET B 235 41.85 -11.82 6.23
N GLY B 236 41.98 -10.60 5.71
CA GLY B 236 42.65 -10.38 4.45
C GLY B 236 41.80 -10.61 3.23
N LYS B 237 40.47 -10.71 3.38
CA LYS B 237 39.57 -10.77 2.25
C LYS B 237 39.95 -9.76 1.16
N THR B 238 39.98 -8.49 1.53
CA THR B 238 40.38 -7.46 0.57
C THR B 238 41.83 -7.67 0.12
N THR B 239 42.69 -8.12 1.03
CA THR B 239 44.08 -8.38 0.66
C THR B 239 44.17 -9.43 -0.43
N PHE B 240 43.52 -10.58 -0.21
CA PHE B 240 43.54 -11.65 -1.20
C PHE B 240 42.91 -11.21 -2.51
N ALA B 241 41.81 -10.46 -2.42
CA ALA B 241 41.15 -9.98 -3.62
C ALA B 241 42.06 -9.08 -4.44
N MET B 242 42.77 -8.16 -3.77
CA MET B 242 43.67 -7.27 -4.49
C MET B 242 44.86 -8.03 -5.06
N ASN B 243 45.33 -9.05 -4.34
CA ASN B 243 46.40 -9.89 -4.89
C ASN B 243 45.92 -10.55 -6.18
N LEU B 244 44.71 -11.09 -6.18
CA LEU B 244 44.16 -11.71 -7.38
C LEU B 244 44.03 -10.71 -8.50
N VAL B 245 43.56 -9.49 -8.19
CA VAL B 245 43.40 -8.47 -9.22
C VAL B 245 44.75 -8.12 -9.82
N GLU B 246 45.77 -7.97 -8.98
CA GLU B 246 47.10 -7.64 -9.47
C GLU B 246 47.65 -8.75 -10.36
N ASN B 247 47.48 -10.00 -9.93
CA ASN B 247 47.96 -11.11 -10.74
C ASN B 247 47.24 -11.17 -12.07
N ALA B 248 45.92 -10.97 -12.07
CA ALA B 248 45.17 -10.98 -13.32
C ALA B 248 45.62 -9.85 -14.24
N ALA B 249 45.84 -8.66 -13.68
CA ALA B 249 46.28 -7.53 -14.49
C ALA B 249 47.66 -7.80 -15.08
N MET B 250 48.57 -8.38 -14.30
CA MET B 250 49.92 -8.61 -14.79
C MET B 250 50.00 -9.77 -15.77
N LEU B 251 49.05 -10.71 -15.69
CA LEU B 251 49.05 -11.90 -16.53
C LEU B 251 48.10 -11.79 -17.72
N GLN B 252 47.59 -10.59 -18.01
CA GLN B 252 46.71 -10.42 -19.15
C GLN B 252 46.80 -8.97 -19.62
N ASP B 253 46.28 -8.73 -20.83
CA ASP B 253 46.31 -7.41 -21.43
C ASP B 253 45.02 -6.64 -21.27
N LYS B 254 43.90 -7.33 -21.02
CA LYS B 254 42.64 -6.64 -20.86
C LYS B 254 42.64 -5.85 -19.54
N PRO B 255 41.89 -4.74 -19.47
CA PRO B 255 41.87 -3.96 -18.23
C PRO B 255 41.02 -4.63 -17.16
N VAL B 256 41.21 -4.21 -15.92
CA VAL B 256 40.40 -4.65 -14.79
C VAL B 256 39.82 -3.43 -14.10
N LEU B 257 38.68 -3.62 -13.45
CA LEU B 257 37.93 -2.54 -12.80
C LEU B 257 37.67 -2.93 -11.35
N ILE B 258 37.88 -1.98 -10.44
CA ILE B 258 37.75 -2.21 -9.00
C ILE B 258 36.73 -1.23 -8.45
N PHE B 259 35.82 -1.72 -7.61
CA PHE B 259 34.85 -0.90 -6.89
C PHE B 259 35.18 -1.01 -5.41
N SER B 260 35.96 -0.07 -4.90
CA SER B 260 36.41 -0.07 -3.51
C SER B 260 35.47 0.82 -2.70
N LEU B 261 34.27 0.30 -2.43
CA LEU B 261 33.35 1.01 -1.54
C LEU B 261 33.82 0.94 -0.11
N GLU B 262 34.52 -0.14 0.27
CA GLU B 262 34.95 -0.33 1.64
C GLU B 262 35.95 0.73 2.08
N MET B 263 36.94 1.02 1.23
CA MET B 263 38.07 1.86 1.58
C MET B 263 38.34 2.88 0.48
N PRO B 264 39.05 3.97 0.80
CA PRO B 264 39.45 4.90 -0.26
C PRO B 264 40.48 4.29 -1.18
N SER B 265 40.62 4.90 -2.37
CA SER B 265 41.59 4.43 -3.35
C SER B 265 43.00 4.48 -2.79
N GLU B 266 43.28 5.43 -1.91
CA GLU B 266 44.63 5.61 -1.40
C GLU B 266 45.09 4.38 -0.62
N GLN B 267 44.27 3.92 0.32
CA GLN B 267 44.66 2.77 1.14
C GLN B 267 44.81 1.50 0.30
N ILE B 268 43.90 1.29 -0.65
CA ILE B 268 43.99 0.12 -1.51
C ILE B 268 45.26 0.17 -2.35
N MET B 269 45.57 1.36 -2.89
CA MET B 269 46.77 1.49 -3.71
C MET B 269 48.03 1.26 -2.88
N MET B 270 48.04 1.77 -1.64
CA MET B 270 49.18 1.52 -0.76
C MET B 270 49.32 0.03 -0.47
N ARG B 271 48.21 -0.66 -0.22
CA ARG B 271 48.27 -2.10 -0.02
C ARG B 271 48.82 -2.81 -1.25
N SER B 272 48.37 -2.40 -2.43
CA SER B 272 48.83 -3.03 -3.67
C SER B 272 50.32 -2.81 -3.86
N LEU B 273 50.80 -1.60 -3.59
CA LEU B 273 52.22 -1.32 -3.72
C LEU B 273 53.02 -2.15 -2.71
N ALA B 274 52.52 -2.26 -1.48
CA ALA B 274 53.21 -3.07 -0.48
C ALA B 274 53.30 -4.52 -0.93
N SER B 275 52.22 -5.05 -1.50
CA SER B 275 52.23 -6.42 -1.96
C SER B 275 53.21 -6.59 -3.11
N LEU B 276 53.12 -5.73 -4.13
CA LEU B 276 53.94 -5.91 -5.34
C LEU B 276 55.42 -5.73 -5.03
N SER B 277 55.78 -4.64 -4.34
CA SER B 277 57.17 -4.37 -4.03
C SER B 277 57.69 -5.23 -2.89
N ARG B 278 56.83 -6.00 -2.22
CA ARG B 278 57.23 -6.79 -1.06
C ARG B 278 57.84 -5.89 0.02
N VAL B 279 57.21 -4.74 0.24
CA VAL B 279 57.66 -3.76 1.23
C VAL B 279 56.64 -3.69 2.36
N ASP B 280 57.14 -3.40 3.56
CA ASP B 280 56.27 -3.36 4.73
C ASP B 280 55.20 -2.28 4.57
N GLN B 281 53.97 -2.62 4.94
CA GLN B 281 52.89 -1.65 4.89
C GLN B 281 53.13 -0.50 5.86
N THR B 282 53.69 -0.81 7.03
CA THR B 282 53.92 0.22 8.04
C THR B 282 54.87 1.29 7.54
N LYS B 283 55.95 0.89 6.87
CA LYS B 283 56.90 1.86 6.36
C LYS B 283 56.27 2.75 5.29
N ILE B 284 55.49 2.15 4.39
CA ILE B 284 54.84 2.93 3.34
C ILE B 284 53.85 3.92 3.95
N ARG B 285 53.08 3.47 4.94
CA ARG B 285 52.14 4.36 5.59
C ARG B 285 52.86 5.50 6.31
N THR B 286 53.94 5.19 7.01
CA THR B 286 54.66 6.18 7.81
C THR B 286 55.70 6.95 7.01
N GLY B 287 55.97 6.56 5.78
CA GLY B 287 56.99 7.23 5.00
C GLY B 287 58.41 6.96 5.44
N GLN B 288 58.61 5.93 6.26
CA GLN B 288 59.95 5.54 6.70
C GLN B 288 60.57 4.57 5.70
N LEU B 289 60.81 5.09 4.49
CA LEU B 289 61.30 4.31 3.37
C LEU B 289 62.78 4.58 3.13
N ASP B 290 63.55 3.51 2.99
CA ASP B 290 64.97 3.64 2.65
C ASP B 290 65.12 3.74 1.12
N ASP B 291 66.38 3.79 0.68
CA ASP B 291 66.66 3.91 -0.74
C ASP B 291 66.21 2.67 -1.50
N GLU B 292 66.46 1.47 -0.96
CA GLU B 292 66.08 0.25 -1.66
C GLU B 292 64.56 0.15 -1.78
N ASP B 293 63.84 0.49 -0.72
CA ASP B 293 62.38 0.46 -0.77
C ASP B 293 61.86 1.46 -1.79
N TRP B 294 62.46 2.65 -1.83
CA TRP B 294 62.06 3.65 -2.81
C TRP B 294 62.31 3.16 -4.22
N ALA B 295 63.44 2.49 -4.45
CA ALA B 295 63.73 1.95 -5.77
C ALA B 295 62.72 0.88 -6.16
N ARG B 296 62.38 -0.02 -5.23
CA ARG B 296 61.38 -1.04 -5.52
C ARG B 296 60.04 -0.40 -5.87
N ILE B 297 59.64 0.61 -5.09
CA ILE B 297 58.37 1.27 -5.33
C ILE B 297 58.39 1.98 -6.68
N SER B 298 59.51 2.59 -7.02
CA SER B 298 59.63 3.26 -8.33
C SER B 298 59.53 2.25 -9.46
N GLY B 299 60.15 1.08 -9.30
CA GLY B 299 60.04 0.05 -10.32
C GLY B 299 58.61 -0.43 -10.49
N THR B 300 57.91 -0.65 -9.37
CA THR B 300 56.51 -1.04 -9.44
C THR B 300 55.67 0.04 -10.11
N MET B 301 55.94 1.31 -9.78
CA MET B 301 55.22 2.41 -10.41
C MET B 301 55.47 2.43 -11.91
N GLY B 302 56.71 2.21 -12.34
CA GLY B 302 57.00 2.17 -13.76
C GLY B 302 56.27 1.03 -14.45
N ILE B 303 56.24 -0.15 -13.81
CA ILE B 303 55.54 -1.29 -14.40
C ILE B 303 54.06 -0.97 -14.55
N LEU B 304 53.45 -0.41 -13.51
CA LEU B 304 52.02 -0.09 -13.55
C LEU B 304 51.73 0.97 -14.60
N LEU B 305 52.56 2.02 -14.66
CA LEU B 305 52.35 3.07 -15.65
C LEU B 305 52.58 2.57 -17.06
N GLU B 306 53.39 1.52 -17.21
CA GLU B 306 53.51 0.85 -18.50
C GLU B 306 52.24 0.08 -18.84
N LYS B 307 51.72 -0.67 -17.87
CA LYS B 307 50.56 -1.52 -18.15
C LYS B 307 49.33 -0.68 -18.51
N ARG B 308 48.97 0.28 -17.67
CA ARG B 308 47.79 1.11 -17.88
C ARG B 308 46.56 0.26 -18.16
N ASN B 309 46.36 -0.77 -17.32
CA ASN B 309 45.25 -1.71 -17.48
C ASN B 309 44.49 -1.93 -16.18
N ILE B 310 44.44 -0.95 -15.30
CA ILE B 310 43.73 -1.05 -14.03
C ILE B 310 42.96 0.25 -13.80
N TYR B 311 41.72 0.13 -13.35
CA TYR B 311 40.87 1.28 -13.04
C TYR B 311 40.19 1.06 -11.70
N ILE B 312 40.00 2.14 -10.94
CA ILE B 312 39.47 2.07 -9.60
C ILE B 312 38.36 3.11 -9.45
N ASP B 313 37.39 2.79 -8.60
CA ASP B 313 36.32 3.71 -8.23
C ASP B 313 35.98 3.48 -6.76
N ASP B 314 36.13 4.52 -5.94
CA ASP B 314 35.84 4.44 -4.52
C ASP B 314 34.49 5.06 -4.16
N SER B 315 33.64 5.33 -5.16
CA SER B 315 32.36 5.97 -4.91
C SER B 315 31.50 5.12 -3.99
N SER B 316 30.86 5.78 -3.02
CA SER B 316 30.02 5.10 -2.05
C SER B 316 28.57 5.06 -2.51
N GLY B 317 27.82 4.12 -1.96
CA GLY B 317 26.42 3.98 -2.29
C GLY B 317 26.15 3.63 -3.74
N LEU B 318 27.03 2.83 -4.35
CA LEU B 318 26.83 2.45 -5.74
C LEU B 318 25.73 1.41 -5.87
N THR B 319 24.78 1.68 -6.76
CA THR B 319 23.73 0.71 -7.04
C THR B 319 24.20 -0.26 -8.12
N PRO B 320 23.59 -1.45 -8.22
CA PRO B 320 23.95 -2.36 -9.31
C PRO B 320 23.79 -1.74 -10.69
N THR B 321 22.77 -0.90 -10.89
CA THR B 321 22.58 -0.28 -12.20
C THR B 321 23.77 0.62 -12.55
N GLU B 322 24.23 1.41 -11.58
CA GLU B 322 25.39 2.27 -11.82
C GLU B 322 26.63 1.45 -12.13
N VAL B 323 26.82 0.36 -11.39
CA VAL B 323 27.97 -0.52 -11.63
C VAL B 323 27.90 -1.08 -13.04
N ARG B 324 26.71 -1.51 -13.45
CA ARG B 324 26.53 -2.04 -14.80
C ARG B 324 26.86 -0.99 -15.85
N SER B 325 26.36 0.23 -15.64
CA SER B 325 26.62 1.30 -16.60
C SER B 325 28.11 1.58 -16.73
N ARG B 326 28.80 1.67 -15.59
CA ARG B 326 30.24 1.96 -15.62
C ARG B 326 31.02 0.82 -16.25
N ALA B 327 30.61 -0.44 -15.96
CA ALA B 327 31.27 -1.58 -16.56
C ALA B 327 31.10 -1.57 -18.08
N ARG B 328 29.89 -1.28 -18.55
CA ARG B 328 29.66 -1.18 -19.98
C ARG B 328 30.50 -0.06 -20.59
N ARG B 329 30.60 1.07 -19.88
CA ARG B 329 31.42 2.17 -20.37
C ARG B 329 32.88 1.74 -20.54
N ILE B 330 33.43 1.09 -19.52
CA ILE B 330 34.82 0.66 -19.58
C ILE B 330 35.00 -0.37 -20.69
N ALA B 331 34.06 -1.31 -20.82
CA ALA B 331 34.17 -2.33 -21.85
C ALA B 331 34.17 -1.71 -23.24
N ARG B 332 33.29 -0.74 -23.47
CA ARG B 332 33.28 -0.06 -24.76
C ARG B 332 34.58 0.72 -24.98
N GLU B 333 35.09 1.37 -23.93
CA GLU B 333 36.34 2.12 -24.08
C GLU B 333 37.50 1.22 -24.46
N HIS B 334 37.59 0.03 -23.85
CA HIS B 334 38.71 -0.87 -24.07
C HIS B 334 38.30 -2.19 -24.70
N GLY B 335 37.15 -2.24 -25.35
CA GLY B 335 36.74 -3.45 -26.04
C GLY B 335 36.47 -4.64 -25.13
N GLY B 336 36.10 -4.38 -23.88
CA GLY B 336 35.81 -5.41 -22.92
C GLY B 336 36.61 -5.24 -21.65
N ILE B 337 36.38 -6.16 -20.72
CA ILE B 337 37.04 -6.16 -19.42
C ILE B 337 37.53 -7.57 -19.12
N GLY B 338 38.72 -7.66 -18.52
CA GLY B 338 39.28 -8.95 -18.14
C GLY B 338 38.75 -9.46 -16.82
N LEU B 339 38.40 -8.54 -15.91
CA LEU B 339 37.94 -8.91 -14.58
C LEU B 339 37.30 -7.70 -13.93
N ILE B 340 36.32 -7.94 -13.06
CA ILE B 340 35.70 -6.87 -12.26
C ILE B 340 35.81 -7.26 -10.79
N MET B 341 36.06 -6.27 -9.94
CA MET B 341 36.24 -6.47 -8.51
C MET B 341 35.30 -5.53 -7.76
N ILE B 342 34.57 -6.07 -6.78
CA ILE B 342 33.58 -5.31 -6.01
C ILE B 342 33.90 -5.50 -4.54
N ASP B 343 34.07 -4.39 -3.83
CA ASP B 343 34.44 -4.36 -2.40
C ASP B 343 33.54 -3.31 -1.71
N TYR B 344 32.35 -3.70 -1.25
CA TYR B 344 31.83 -5.08 -1.29
C TYR B 344 30.30 -5.09 -1.34
N LEU B 345 29.73 -6.30 -1.38
CA LEU B 345 28.33 -6.49 -1.74
C LEU B 345 27.38 -5.69 -0.87
N GLN B 346 27.51 -5.81 0.45
CA GLN B 346 26.54 -5.22 1.36
C GLN B 346 26.55 -3.70 1.33
N LEU B 347 27.58 -3.08 0.75
CA LEU B 347 27.63 -1.63 0.63
C LEU B 347 26.86 -1.11 -0.59
N MET B 348 26.39 -1.98 -1.46
CA MET B 348 25.58 -1.56 -2.59
C MET B 348 24.17 -1.21 -2.12
N ARG B 349 23.53 -0.32 -2.85
CA ARG B 349 22.24 0.24 -2.46
C ARG B 349 21.19 -0.03 -3.53
N VAL B 350 20.00 -0.43 -3.08
CA VAL B 350 18.83 -0.55 -3.94
C VAL B 350 17.68 0.18 -3.26
N PRO B 351 17.43 1.46 -3.57
CA PRO B 351 16.37 2.19 -2.87
C PRO B 351 15.00 1.54 -2.99
N ALA B 352 14.72 0.83 -4.09
CA ALA B 352 13.41 0.22 -4.25
C ALA B 352 13.14 -0.85 -3.20
N LEU B 353 14.14 -1.69 -2.91
CA LEU B 353 13.99 -2.76 -1.94
C LEU B 353 14.61 -2.42 -0.60
N SER B 354 14.81 -1.12 -0.32
CA SER B 354 15.47 -0.72 0.91
C SER B 354 14.70 -1.15 2.15
N ASP B 355 13.37 -1.31 2.03
CA ASP B 355 12.58 -1.69 3.20
C ASP B 355 12.99 -3.08 3.71
N ASN B 356 13.17 -4.03 2.81
CA ASN B 356 13.56 -5.39 3.17
C ASN B 356 15.01 -5.58 2.76
N ARG B 357 15.89 -5.72 3.75
CA ARG B 357 17.31 -5.86 3.48
C ARG B 357 17.60 -7.12 2.68
N THR B 358 16.94 -8.24 3.02
CA THR B 358 17.21 -9.49 2.33
C THR B 358 16.84 -9.39 0.85
N LEU B 359 15.70 -8.76 0.54
CA LEU B 359 15.32 -8.57 -0.86
C LEU B 359 16.32 -7.69 -1.59
N GLU B 360 16.82 -6.65 -0.91
CA GLU B 360 17.84 -5.80 -1.51
C GLU B 360 19.08 -6.60 -1.86
N ILE B 361 19.55 -7.42 -0.93
CA ILE B 361 20.76 -8.20 -1.17
C ILE B 361 20.53 -9.20 -2.28
N ALA B 362 19.36 -9.84 -2.31
CA ALA B 362 19.06 -10.81 -3.35
C ALA B 362 19.03 -10.14 -4.73
N GLU B 363 18.42 -8.96 -4.81
CA GLU B 363 18.39 -8.23 -6.08
C GLU B 363 19.79 -7.83 -6.51
N ILE B 364 20.62 -7.39 -5.55
CA ILE B 364 22.00 -7.02 -5.88
C ILE B 364 22.74 -8.21 -6.44
N SER B 365 22.61 -9.37 -5.79
CA SER B 365 23.30 -10.57 -6.24
C SER B 365 22.82 -10.98 -7.63
N ARG B 366 21.51 -10.95 -7.85
CA ARG B 366 20.98 -11.32 -9.15
C ARG B 366 21.46 -10.36 -10.24
N SER B 367 21.46 -9.07 -9.95
CA SER B 367 21.91 -8.09 -10.92
C SER B 367 23.38 -8.27 -11.25
N LEU B 368 24.22 -8.54 -10.24
CA LEU B 368 25.63 -8.76 -10.52
C LEU B 368 25.85 -10.03 -11.34
N LYS B 369 25.11 -11.09 -11.04
CA LYS B 369 25.25 -12.31 -11.85
C LYS B 369 24.83 -12.05 -13.29
N ALA B 370 23.73 -11.31 -13.49
CA ALA B 370 23.31 -10.97 -14.84
C ALA B 370 24.36 -10.13 -15.54
N LEU B 371 24.97 -9.19 -14.82
CA LEU B 371 26.03 -8.37 -15.39
C LEU B 371 27.21 -9.24 -15.83
N ALA B 372 27.60 -10.19 -14.98
CA ALA B 372 28.70 -11.08 -15.31
C ALA B 372 28.39 -11.89 -16.56
N LYS B 373 27.17 -12.42 -16.64
CA LYS B 373 26.78 -13.18 -17.82
C LYS B 373 26.78 -12.29 -19.07
N GLU B 374 26.31 -11.05 -18.93
CA GLU B 374 26.24 -10.16 -20.08
C GLU B 374 27.63 -9.82 -20.61
N LEU B 375 28.54 -9.40 -19.72
CA LEU B 375 29.85 -8.95 -20.13
C LEU B 375 30.82 -10.10 -20.41
N ASN B 376 30.45 -11.33 -20.08
CA ASN B 376 31.31 -12.49 -20.31
C ASN B 376 32.67 -12.30 -19.65
N VAL B 377 32.64 -11.80 -18.42
CA VAL B 377 33.85 -11.49 -17.67
C VAL B 377 33.66 -11.98 -16.24
N PRO B 378 34.69 -12.49 -15.57
CA PRO B 378 34.55 -12.80 -14.14
C PRO B 378 34.31 -11.55 -13.31
N VAL B 379 33.47 -11.68 -12.29
CA VAL B 379 33.14 -10.61 -11.36
C VAL B 379 33.32 -11.17 -9.97
N VAL B 380 34.37 -10.73 -9.28
CA VAL B 380 34.66 -11.15 -7.92
C VAL B 380 34.10 -10.09 -6.98
N ALA B 381 33.05 -10.43 -6.25
CA ALA B 381 32.45 -9.54 -5.27
C ALA B 381 32.68 -10.08 -3.87
N LEU B 382 33.01 -9.18 -2.95
CA LEU B 382 33.32 -9.57 -1.58
C LEU B 382 32.09 -9.47 -0.69
N SER B 383 32.12 -10.16 0.44
CA SER B 383 31.04 -10.14 1.41
C SER B 383 31.62 -10.42 2.80
N GLN B 384 30.73 -10.40 3.79
CA GLN B 384 31.11 -10.59 5.18
C GLN B 384 30.19 -11.61 5.84
N LEU B 385 30.73 -12.31 6.83
CA LEU B 385 30.09 -13.45 7.45
C LEU B 385 29.30 -13.05 8.69
N ASN B 386 28.64 -14.04 9.28
CA ASN B 386 27.91 -13.87 10.53
C ASN B 386 28.75 -14.35 11.71
N ARG B 387 28.43 -13.82 12.90
CA ARG B 387 29.20 -14.12 14.09
C ARG B 387 28.86 -15.49 14.69
N SER B 388 27.75 -16.09 14.27
CA SER B 388 27.42 -17.43 14.74
C SER B 388 28.53 -18.42 14.40
N LEU B 389 29.27 -18.15 13.32
CA LEU B 389 30.43 -18.96 13.00
C LEU B 389 31.35 -19.10 14.20
N GLU B 390 31.61 -18.00 14.88
CA GLU B 390 32.53 -18.03 16.01
C GLU B 390 31.95 -18.73 17.23
N GLN B 391 30.65 -19.02 17.23
CA GLN B 391 30.03 -19.76 18.33
C GLN B 391 30.17 -21.27 18.19
N ARG B 392 30.55 -21.75 17.01
CA ARG B 392 30.79 -23.18 16.83
C ARG B 392 32.17 -23.55 17.35
N ALA B 393 32.35 -24.84 17.63
CA ALA B 393 33.66 -25.34 18.06
C ALA B 393 34.69 -25.12 16.96
N ASP B 394 34.36 -25.52 15.74
CA ASP B 394 35.21 -25.28 14.58
C ASP B 394 34.82 -23.94 13.95
N LYS B 395 35.79 -23.05 13.81
CA LYS B 395 35.57 -21.72 13.28
C LYS B 395 35.82 -21.64 11.77
N ARG B 396 36.11 -22.76 11.12
CA ARG B 396 36.28 -22.76 9.68
C ARG B 396 34.98 -22.35 9.02
N PRO B 397 34.93 -21.30 8.19
CA PRO B 397 33.65 -20.84 7.66
C PRO B 397 33.03 -21.86 6.72
N VAL B 398 31.70 -21.80 6.62
CA VAL B 398 30.93 -22.59 5.67
C VAL B 398 29.94 -21.66 4.98
N ASN B 399 29.10 -22.25 4.12
CA ASN B 399 28.18 -21.45 3.33
C ASN B 399 27.19 -20.69 4.20
N SER B 400 26.70 -21.32 5.26
CA SER B 400 25.66 -20.69 6.09
C SER B 400 26.15 -19.42 6.78
N ASP B 401 27.46 -19.23 6.88
CA ASP B 401 27.99 -18.14 7.70
C ASP B 401 27.91 -16.78 7.03
N LEU B 402 27.52 -16.71 5.76
CA LEU B 402 27.38 -15.43 5.08
C LEU B 402 26.33 -14.58 5.78
N ARG B 403 26.55 -13.27 5.82
CA ARG B 403 25.53 -12.34 6.30
C ARG B 403 24.61 -11.95 5.16
N GLU B 404 23.31 -11.90 5.44
CA GLU B 404 22.31 -11.87 4.37
C GLU B 404 22.58 -13.00 3.39
N SER B 405 22.49 -14.24 3.90
CA SER B 405 23.15 -15.36 3.25
C SER B 405 22.36 -15.88 2.06
N GLY B 406 21.05 -16.06 2.25
CA GLY B 406 20.22 -16.87 1.38
C GLY B 406 20.49 -16.79 -0.11
N SER B 407 20.39 -15.59 -0.68
CA SER B 407 20.52 -15.44 -2.12
C SER B 407 21.96 -15.70 -2.57
N ILE B 408 22.94 -15.25 -1.78
CA ILE B 408 24.31 -15.13 -2.26
C ILE B 408 24.82 -16.47 -2.78
N GLU B 409 24.87 -17.49 -1.91
CA GLU B 409 25.34 -18.80 -2.34
C GLU B 409 24.55 -19.31 -3.54
N GLN B 410 23.25 -19.04 -3.55
CA GLN B 410 22.41 -19.56 -4.62
C GLN B 410 22.76 -18.93 -5.96
N ASP B 411 23.33 -17.72 -5.93
CA ASP B 411 23.75 -17.07 -7.17
C ASP B 411 25.21 -17.32 -7.48
N ALA B 412 26.03 -17.58 -6.47
CA ALA B 412 27.47 -17.70 -6.66
C ALA B 412 27.82 -18.94 -7.46
N ASP B 413 28.86 -18.82 -8.30
CA ASP B 413 29.44 -19.95 -9.01
C ASP B 413 30.62 -20.55 -8.24
N LEU B 414 31.47 -19.68 -7.69
CA LEU B 414 32.62 -20.09 -6.88
C LEU B 414 32.53 -19.36 -5.56
N ILE B 415 32.82 -20.06 -4.46
CA ILE B 415 32.82 -19.47 -3.13
C ILE B 415 34.11 -19.88 -2.44
N MET B 416 34.88 -18.88 -1.98
CA MET B 416 36.14 -19.10 -1.30
C MET B 416 36.10 -18.44 0.07
N PHE B 417 36.18 -19.26 1.12
CA PHE B 417 36.22 -18.77 2.49
C PHE B 417 37.65 -18.73 2.99
N ILE B 418 38.03 -17.58 3.58
CA ILE B 418 39.39 -17.40 4.09
C ILE B 418 39.37 -17.70 5.59
N TYR B 419 40.25 -18.61 6.01
CA TYR B 419 40.34 -19.04 7.39
C TYR B 419 41.79 -18.87 7.86
N ARG B 420 41.95 -18.43 9.11
CA ARG B 420 43.27 -18.23 9.70
C ARG B 420 43.23 -18.76 11.13
N ASP B 421 43.77 -19.96 11.33
CA ASP B 421 43.80 -20.54 12.67
C ASP B 421 44.65 -19.69 13.61
N GLU B 422 45.66 -19.00 13.06
CA GLU B 422 46.49 -18.13 13.89
C GLU B 422 45.67 -17.01 14.52
N VAL B 423 44.64 -16.51 13.81
CA VAL B 423 43.85 -15.41 14.35
C VAL B 423 43.11 -15.83 15.61
N TYR B 424 42.52 -17.03 15.62
CA TYR B 424 41.76 -17.51 16.75
C TYR B 424 42.59 -18.33 17.73
N HIS B 425 43.75 -18.81 17.33
CA HIS B 425 44.62 -19.62 18.19
C HIS B 425 46.01 -18.99 18.17
N GLU B 426 46.36 -18.30 19.26
CA GLU B 426 47.63 -17.62 19.34
C GLU B 426 48.80 -18.60 19.27
N ASN B 427 48.60 -19.81 19.79
CA ASN B 427 49.61 -20.86 19.75
C ASN B 427 49.40 -21.79 18.57
N SER B 428 48.84 -21.25 17.48
CA SER B 428 48.59 -22.05 16.29
C SER B 428 49.90 -22.57 15.70
N ASP B 429 49.87 -23.82 15.26
CA ASP B 429 51.01 -24.38 14.53
C ASP B 429 51.00 -24.01 13.05
N LEU B 430 49.93 -23.36 12.57
CA LEU B 430 49.81 -22.92 11.20
C LEU B 430 50.00 -21.40 11.06
N LYS B 431 50.87 -20.83 11.88
CA LYS B 431 51.12 -19.39 11.81
C LYS B 431 51.64 -19.01 10.44
N GLY B 432 51.09 -17.92 9.89
CA GLY B 432 51.43 -17.49 8.55
C GLY B 432 50.76 -18.26 7.44
N ILE B 433 49.91 -19.22 7.77
CA ILE B 433 49.22 -20.06 6.79
C ILE B 433 47.75 -19.67 6.78
N ALA B 434 47.22 -19.39 5.60
CA ALA B 434 45.82 -19.06 5.40
C ALA B 434 45.18 -20.14 4.54
N GLU B 435 44.01 -20.59 4.96
CA GLU B 435 43.28 -21.64 4.26
C GLU B 435 42.19 -21.01 3.42
N ILE B 436 42.32 -21.11 2.09
CA ILE B 436 41.26 -20.73 1.17
C ILE B 436 40.46 -22.00 0.91
N ILE B 437 39.25 -22.04 1.47
CA ILE B 437 38.35 -23.18 1.32
C ILE B 437 37.40 -22.88 0.18
N ILE B 438 37.60 -23.56 -0.95
CA ILE B 438 36.65 -23.51 -2.05
C ILE B 438 35.46 -24.37 -1.63
N GLY B 439 34.42 -23.73 -1.11
CA GLY B 439 33.25 -24.45 -0.63
C GLY B 439 32.18 -24.67 -1.67
N LYS B 440 32.23 -23.93 -2.77
CA LYS B 440 31.28 -24.10 -3.86
C LYS B 440 32.04 -23.97 -5.18
N GLN B 441 31.78 -24.89 -6.10
CA GLN B 441 32.34 -24.82 -7.45
C GLN B 441 31.42 -25.58 -8.37
N ARG B 442 30.75 -24.86 -9.28
CA ARG B 442 29.77 -25.48 -10.15
C ARG B 442 30.41 -26.57 -11.02
N ASN B 443 31.56 -26.28 -11.61
CA ASN B 443 32.20 -27.16 -12.57
C ASN B 443 33.53 -27.72 -12.06
N GLY B 444 33.64 -27.97 -10.76
CA GLY B 444 34.85 -28.54 -10.21
C GLY B 444 34.68 -28.94 -8.76
N PRO B 445 35.72 -29.54 -8.19
CA PRO B 445 35.63 -30.04 -6.81
C PRO B 445 35.91 -28.96 -5.77
N ILE B 446 35.27 -29.13 -4.62
CA ILE B 446 35.51 -28.27 -3.46
C ILE B 446 36.76 -28.76 -2.75
N GLY B 447 37.31 -27.96 -1.84
CA GLY B 447 38.44 -28.40 -1.05
C GLY B 447 39.23 -27.22 -0.53
N THR B 448 40.25 -27.52 0.27
CA THR B 448 41.05 -26.51 0.94
C THR B 448 42.38 -26.31 0.22
N VAL B 449 42.86 -25.07 0.23
CA VAL B 449 44.16 -24.72 -0.34
C VAL B 449 44.90 -23.89 0.70
N ARG B 450 46.21 -24.09 0.80
CA ARG B 450 47.03 -23.38 1.75
C ARG B 450 47.84 -22.30 1.03
N LEU B 451 47.93 -21.12 1.65
CA LEU B 451 48.73 -20.02 1.13
C LEU B 451 49.51 -19.38 2.27
N THR B 452 50.60 -18.71 1.92
CA THR B 452 51.41 -17.96 2.87
C THR B 452 50.98 -16.50 2.85
N PHE B 453 50.55 -15.99 4.00
CA PHE B 453 50.08 -14.61 4.13
C PHE B 453 51.15 -13.78 4.81
N ASN B 454 51.74 -12.86 4.08
CA ASN B 454 52.70 -11.90 4.63
C ASN B 454 51.94 -10.62 4.92
N GLY B 455 51.45 -10.51 6.15
CA GLY B 455 50.72 -9.32 6.55
C GLY B 455 51.59 -8.09 6.57
N GLN B 456 52.89 -8.27 6.81
CA GLN B 456 53.82 -7.14 6.76
C GLN B 456 53.81 -6.50 5.37
N TRP B 457 53.88 -7.32 4.33
CA TRP B 457 53.75 -6.84 2.96
C TRP B 457 52.31 -6.82 2.47
N SER B 458 51.38 -7.41 3.23
CA SER B 458 49.98 -7.50 2.85
C SER B 458 49.85 -8.27 1.53
N ARG B 459 50.34 -9.51 1.53
CA ARG B 459 50.45 -10.30 0.32
C ARG B 459 50.06 -11.74 0.60
N PHE B 460 49.53 -12.40 -0.44
CA PHE B 460 49.29 -13.84 -0.42
C PHE B 460 50.16 -14.50 -1.47
N ASP B 461 50.87 -15.57 -1.08
CA ASP B 461 51.78 -16.28 -1.95
C ASP B 461 51.49 -17.78 -1.87
N ASN B 462 51.95 -18.51 -2.89
CA ASN B 462 51.76 -19.95 -2.90
C ASN B 462 52.45 -20.59 -1.71
N TYR B 463 51.75 -21.50 -1.05
CA TYR B 463 52.30 -22.19 0.11
C TYR B 463 53.29 -23.24 -0.34
N ALA B 464 54.55 -23.07 0.05
CA ALA B 464 55.64 -23.96 -0.36
C ALA B 464 56.00 -24.98 0.70
N GLY B 465 55.21 -25.08 1.77
CA GLY B 465 55.49 -26.03 2.82
C GLY B 465 54.93 -27.40 2.50
N PRO B 466 55.09 -28.34 3.43
CA PRO B 466 54.57 -29.70 3.20
C PRO B 466 53.07 -29.70 2.98
N GLN B 467 52.62 -30.57 2.08
CA GLN B 467 51.20 -30.68 1.76
C GLN B 467 50.53 -31.65 2.73
N TYR B 468 49.44 -31.21 3.34
CA TYR B 468 48.69 -32.04 4.27
C TYR B 468 47.56 -32.76 3.54
N ASP B 469 47.43 -34.06 3.79
CA ASP B 469 46.40 -34.85 3.12
C ASP B 469 45.02 -34.35 3.51
N ASP B 470 44.15 -34.20 2.51
CA ASP B 470 42.80 -33.69 2.74
C ASP B 470 41.89 -34.81 3.26
N GLU B 471 41.55 -34.76 4.54
CA GLU B 471 40.69 -35.76 5.15
C GLU B 471 39.22 -35.45 4.91
N LEU C 24 -23.78 -4.51 -44.29
CA LEU C 24 -23.60 -4.61 -42.85
C LEU C 24 -23.32 -6.04 -42.42
N LYS C 25 -22.05 -6.33 -42.16
CA LYS C 25 -21.64 -7.63 -41.63
C LYS C 25 -22.00 -7.64 -40.15
N VAL C 26 -23.24 -7.99 -39.85
CA VAL C 26 -23.74 -7.96 -38.47
C VAL C 26 -23.07 -9.07 -37.68
N PRO C 27 -22.72 -8.86 -36.41
CA PRO C 27 -22.23 -9.99 -35.60
C PRO C 27 -23.31 -11.05 -35.46
N PRO C 28 -22.93 -12.33 -35.40
CA PRO C 28 -23.95 -13.38 -35.29
C PRO C 28 -24.76 -13.23 -34.01
N HIS C 29 -26.06 -13.50 -34.11
CA HIS C 29 -26.96 -13.36 -32.99
C HIS C 29 -28.20 -14.20 -33.26
N SER C 30 -28.99 -14.40 -32.20
CA SER C 30 -30.25 -15.14 -32.33
C SER C 30 -31.24 -14.52 -31.35
N ILE C 31 -32.03 -13.57 -31.83
CA ILE C 31 -33.04 -12.94 -30.99
C ILE C 31 -34.09 -13.96 -30.57
N GLU C 32 -34.41 -14.90 -31.47
CA GLU C 32 -35.42 -15.90 -31.17
C GLU C 32 -35.01 -16.74 -29.96
N ALA C 33 -33.76 -17.18 -29.92
CA ALA C 33 -33.28 -17.98 -28.79
C ALA C 33 -33.34 -17.18 -27.50
N GLU C 34 -32.92 -15.92 -27.54
CA GLU C 34 -32.95 -15.09 -26.34
C GLU C 34 -34.37 -14.93 -25.81
N GLN C 35 -35.30 -14.60 -26.70
CA GLN C 35 -36.69 -14.44 -26.28
C GLN C 35 -37.26 -15.75 -25.77
N SER C 36 -36.91 -16.86 -26.40
CA SER C 36 -37.39 -18.17 -25.93
C SER C 36 -36.88 -18.45 -24.53
N VAL C 37 -35.60 -18.19 -24.27
CA VAL C 37 -35.05 -18.42 -22.94
C VAL C 37 -35.75 -17.54 -21.92
N LEU C 38 -35.90 -16.25 -22.24
CA LEU C 38 -36.51 -15.32 -21.29
C LEU C 38 -37.95 -15.73 -20.97
N GLY C 39 -38.72 -16.11 -22.00
CA GLY C 39 -40.08 -16.55 -21.74
C GLY C 39 -40.14 -17.85 -20.96
N GLY C 40 -39.30 -18.81 -21.32
CA GLY C 40 -39.30 -20.09 -20.62
C GLY C 40 -38.94 -19.95 -19.15
N LEU C 41 -38.03 -19.03 -18.84
CA LEU C 41 -37.72 -18.78 -17.44
C LEU C 41 -38.96 -18.32 -16.67
N MET C 42 -39.80 -17.49 -17.30
CA MET C 42 -41.05 -17.10 -16.68
C MET C 42 -42.00 -18.28 -16.51
N LEU C 43 -42.06 -19.19 -17.49
CA LEU C 43 -42.94 -20.34 -17.43
C LEU C 43 -42.42 -21.44 -16.50
N ASP C 44 -41.14 -21.38 -16.13
CA ASP C 44 -40.58 -22.36 -15.19
C ASP C 44 -39.33 -21.75 -14.57
N ASN C 45 -39.38 -21.51 -13.26
CA ASN C 45 -38.20 -21.02 -12.55
C ASN C 45 -37.22 -22.15 -12.30
N GLU C 46 -37.69 -23.40 -12.22
CA GLU C 46 -36.83 -24.51 -11.85
C GLU C 46 -35.70 -24.70 -12.85
N ARG C 47 -35.99 -24.54 -14.15
CA ARG C 47 -34.97 -24.69 -15.17
C ARG C 47 -33.97 -23.55 -15.20
N TRP C 48 -34.11 -22.57 -14.30
CA TRP C 48 -33.18 -21.45 -14.25
C TRP C 48 -31.73 -21.93 -14.20
N ASP C 49 -31.46 -22.95 -13.37
CA ASP C 49 -30.10 -23.45 -13.24
C ASP C 49 -29.57 -23.93 -14.57
N ASP C 50 -30.41 -24.63 -15.35
CA ASP C 50 -30.00 -25.05 -16.68
C ASP C 50 -29.61 -23.85 -17.53
N VAL C 51 -30.39 -22.77 -17.42
CA VAL C 51 -30.02 -21.53 -18.10
C VAL C 51 -28.78 -20.93 -17.45
N ALA C 52 -28.68 -21.02 -16.12
CA ALA C 52 -27.56 -20.41 -15.42
C ALA C 52 -26.23 -21.03 -15.82
N GLU C 53 -26.16 -22.36 -15.90
CA GLU C 53 -24.91 -23.02 -16.27
C GLU C 53 -24.58 -22.86 -17.75
N ARG C 54 -25.56 -22.53 -18.58
CA ARG C 54 -25.35 -22.49 -20.02
C ARG C 54 -25.10 -21.09 -20.56
N VAL C 55 -25.48 -20.04 -19.83
CA VAL C 55 -25.30 -18.67 -20.30
C VAL C 55 -25.11 -17.74 -19.11
N VAL C 56 -24.64 -16.53 -19.41
CA VAL C 56 -24.53 -15.47 -18.43
C VAL C 56 -25.18 -14.21 -18.99
N ALA C 57 -25.22 -13.16 -18.17
CA ALA C 57 -25.92 -11.93 -18.56
C ALA C 57 -25.30 -11.30 -19.79
N ASP C 58 -23.97 -11.27 -19.87
CA ASP C 58 -23.29 -10.67 -21.01
C ASP C 58 -23.59 -11.39 -22.31
N ASP C 59 -24.01 -12.65 -22.27
CA ASP C 59 -24.19 -13.41 -23.50
C ASP C 59 -25.32 -12.87 -24.37
N PHE C 60 -26.23 -12.09 -23.80
CA PHE C 60 -27.35 -11.58 -24.57
C PHE C 60 -26.89 -10.43 -25.47
N TYR C 61 -27.16 -10.55 -26.77
CA TYR C 61 -26.73 -9.54 -27.72
C TYR C 61 -27.36 -8.19 -27.44
N THR C 62 -28.66 -8.18 -27.15
CA THR C 62 -29.39 -6.93 -26.95
C THR C 62 -29.34 -6.53 -25.48
N ARG C 63 -29.03 -5.26 -25.23
CA ARG C 63 -28.97 -4.77 -23.86
C ARG C 63 -30.25 -4.97 -23.08
N PRO C 64 -31.46 -4.78 -23.66
CA PRO C 64 -32.68 -5.10 -22.90
C PRO C 64 -32.69 -6.50 -22.35
N HIS C 65 -32.26 -7.48 -23.13
CA HIS C 65 -32.23 -8.86 -22.63
C HIS C 65 -31.18 -9.03 -21.54
N ARG C 66 -30.06 -8.32 -21.65
CA ARG C 66 -29.06 -8.35 -20.59
C ARG C 66 -29.65 -7.84 -19.28
N HIS C 67 -30.36 -6.72 -19.34
CA HIS C 67 -30.98 -6.16 -18.14
C HIS C 67 -32.04 -7.12 -17.58
N ILE C 68 -32.82 -7.72 -18.48
CA ILE C 68 -33.86 -8.65 -18.04
C ILE C 68 -33.25 -9.85 -17.33
N PHE C 69 -32.19 -10.40 -17.90
CA PHE C 69 -31.52 -11.55 -17.27
C PHE C 69 -30.90 -11.15 -15.94
N THR C 70 -30.31 -9.95 -15.87
CA THR C 70 -29.74 -9.49 -14.61
C THR C 70 -30.80 -9.39 -13.54
N GLU C 71 -31.96 -8.82 -13.89
CA GLU C 71 -33.04 -8.70 -12.92
C GLU C 71 -33.56 -10.07 -12.51
N MET C 72 -33.66 -11.00 -13.46
CA MET C 72 -34.08 -12.36 -13.15
C MET C 72 -33.11 -13.02 -12.18
N ALA C 73 -31.82 -12.85 -12.41
CA ALA C 73 -30.81 -13.42 -11.52
C ALA C 73 -30.92 -12.81 -10.13
N ARG C 74 -31.11 -11.50 -10.05
CA ARG C 74 -31.25 -10.86 -8.75
C ARG C 74 -32.47 -11.40 -8.01
N LEU C 75 -33.58 -11.56 -8.71
CA LEU C 75 -34.77 -12.10 -8.08
C LEU C 75 -34.56 -13.53 -7.61
N GLN C 76 -33.98 -14.38 -8.47
CA GLN C 76 -33.84 -15.78 -8.13
C GLN C 76 -32.86 -15.98 -6.97
N GLU C 77 -31.75 -15.24 -6.98
CA GLU C 77 -30.82 -15.32 -5.86
C GLU C 77 -31.48 -14.88 -4.56
N SER C 78 -32.38 -13.90 -4.65
CA SER C 78 -33.15 -13.49 -3.48
C SER C 78 -34.23 -14.51 -3.11
N GLY C 79 -34.47 -15.50 -3.96
CA GLY C 79 -35.52 -16.47 -3.72
C GLY C 79 -36.87 -16.12 -4.30
N SER C 80 -37.03 -14.93 -4.87
CA SER C 80 -38.31 -14.53 -5.43
C SER C 80 -38.59 -15.33 -6.71
N PRO C 81 -39.85 -15.55 -7.05
CA PRO C 81 -40.15 -16.26 -8.30
C PRO C 81 -40.03 -15.34 -9.50
N ILE C 82 -39.44 -15.87 -10.57
CA ILE C 82 -39.25 -15.12 -11.80
C ILE C 82 -40.56 -15.21 -12.58
N ASP C 83 -41.18 -14.06 -12.82
CA ASP C 83 -42.44 -14.00 -13.55
C ASP C 83 -42.60 -12.61 -14.15
N LEU C 84 -43.66 -12.45 -14.95
CA LEU C 84 -43.92 -11.18 -15.60
C LEU C 84 -44.07 -10.05 -14.58
N ILE C 85 -44.94 -10.23 -13.59
CA ILE C 85 -45.25 -9.18 -12.64
C ILE C 85 -44.04 -8.82 -11.79
N THR C 86 -43.37 -9.83 -11.21
CA THR C 86 -42.21 -9.55 -10.38
C THR C 86 -41.08 -8.93 -11.19
N LEU C 87 -40.87 -9.44 -12.40
CA LEU C 87 -39.81 -8.88 -13.26
C LEU C 87 -40.10 -7.43 -13.59
N ALA C 88 -41.35 -7.12 -13.97
CA ALA C 88 -41.70 -5.75 -14.30
C ALA C 88 -41.52 -4.83 -13.10
N GLU C 89 -41.97 -5.30 -11.92
CA GLU C 89 -41.82 -4.49 -10.71
C GLU C 89 -40.35 -4.25 -10.38
N SER C 90 -39.52 -5.28 -10.48
CA SER C 90 -38.11 -5.13 -10.17
C SER C 90 -37.43 -4.16 -11.13
N LEU C 91 -37.75 -4.28 -12.43
CA LEU C 91 -37.15 -3.37 -13.40
C LEU C 91 -37.62 -1.94 -13.18
N GLU C 92 -38.89 -1.75 -12.83
CA GLU C 92 -39.38 -0.41 -12.54
C GLU C 92 -38.69 0.18 -11.32
N ARG C 93 -38.45 -0.65 -10.29
CA ARG C 93 -37.79 -0.16 -9.09
C ARG C 93 -36.41 0.38 -9.39
N GLN C 94 -35.73 -0.18 -10.39
CA GLN C 94 -34.43 0.31 -10.84
C GLN C 94 -34.54 1.31 -11.97
N GLY C 95 -35.74 1.73 -12.33
CA GLY C 95 -35.91 2.60 -13.49
C GLY C 95 -35.50 1.94 -14.79
N GLN C 96 -35.77 0.65 -14.94
CA GLN C 96 -35.34 -0.13 -16.09
C GLN C 96 -36.50 -0.74 -16.88
N LEU C 97 -37.74 -0.60 -16.40
CA LEU C 97 -38.88 -1.17 -17.11
C LEU C 97 -39.03 -0.54 -18.49
N ASP C 98 -38.90 0.78 -18.57
CA ASP C 98 -39.03 1.46 -19.86
C ASP C 98 -37.84 1.17 -20.76
N SER C 99 -36.64 1.06 -20.18
CA SER C 99 -35.45 0.85 -20.98
C SER C 99 -35.45 -0.48 -21.72
N VAL C 100 -36.22 -1.46 -21.25
CA VAL C 100 -36.23 -2.79 -21.86
C VAL C 100 -37.34 -2.97 -22.87
N GLY C 101 -38.38 -2.14 -22.84
CA GLY C 101 -39.52 -2.28 -23.72
C GLY C 101 -40.88 -2.19 -23.03
N GLY C 102 -40.93 -2.23 -21.70
CA GLY C 102 -42.16 -2.02 -20.99
C GLY C 102 -42.98 -3.28 -20.75
N CYS C 103 -44.13 -3.06 -20.10
CA CYS C 103 -45.01 -4.17 -19.75
C CYS C 103 -45.50 -4.89 -21.00
N ALA C 104 -45.78 -4.14 -22.06
CA ALA C 104 -46.19 -4.78 -23.31
C ALA C 104 -45.10 -5.68 -23.85
N TYR C 105 -43.84 -5.22 -23.80
CA TYR C 105 -42.73 -6.03 -24.27
C TYR C 105 -42.60 -7.30 -23.44
N LEU C 106 -42.67 -7.17 -22.11
CA LEU C 106 -42.55 -8.35 -21.25
C LEU C 106 -43.69 -9.34 -21.51
N ALA C 107 -44.92 -8.83 -21.67
CA ALA C 107 -46.05 -9.70 -21.93
C ALA C 107 -45.91 -10.41 -23.26
N GLU C 108 -45.41 -9.69 -24.28
CA GLU C 108 -45.18 -10.32 -25.58
C GLU C 108 -44.15 -11.43 -25.46
N LEU C 109 -43.06 -11.17 -24.73
CA LEU C 109 -42.04 -12.20 -24.55
C LEU C 109 -42.60 -13.41 -23.83
N SER C 110 -43.40 -13.19 -22.79
CA SER C 110 -44.00 -14.31 -22.07
C SER C 110 -44.95 -15.10 -22.96
N LYS C 111 -45.77 -14.40 -23.75
CA LYS C 111 -46.76 -15.08 -24.57
C LYS C 111 -46.11 -15.89 -25.68
N ASN C 112 -45.10 -15.33 -26.35
CA ASN C 112 -44.57 -15.93 -27.56
C ASN C 112 -43.80 -17.22 -27.30
N THR C 113 -43.47 -17.54 -26.05
CA THR C 113 -42.73 -18.75 -25.73
C THR C 113 -43.70 -19.88 -25.42
N PRO C 114 -43.78 -20.94 -26.23
CA PRO C 114 -44.74 -22.02 -25.91
C PRO C 114 -44.37 -22.79 -24.64
N SER C 115 -43.13 -23.26 -24.53
CA SER C 115 -42.75 -24.10 -23.41
C SER C 115 -41.26 -23.97 -23.16
N ALA C 116 -40.85 -24.39 -21.96
CA ALA C 116 -39.45 -24.31 -21.54
C ALA C 116 -38.71 -25.64 -21.67
N ALA C 117 -39.30 -26.64 -22.35
CA ALA C 117 -38.64 -27.92 -22.48
C ALA C 117 -37.33 -27.80 -23.25
N ASN C 118 -37.34 -27.05 -24.35
CA ASN C 118 -36.16 -26.88 -25.19
C ASN C 118 -35.33 -25.66 -24.79
N ILE C 119 -35.46 -25.21 -23.55
CA ILE C 119 -34.76 -24.00 -23.13
C ILE C 119 -33.25 -24.23 -23.09
N SER C 120 -32.82 -25.46 -22.82
CA SER C 120 -31.40 -25.77 -22.80
C SER C 120 -30.78 -25.53 -24.17
N ALA C 121 -31.46 -25.97 -25.23
CA ALA C 121 -30.97 -25.76 -26.58
C ALA C 121 -30.88 -24.27 -26.91
N TYR C 122 -31.90 -23.52 -26.52
CA TYR C 122 -31.88 -22.07 -26.78
C TYR C 122 -30.75 -21.39 -26.02
N ALA C 123 -30.51 -21.79 -24.77
CA ALA C 123 -29.41 -21.23 -24.01
C ALA C 123 -28.07 -21.58 -24.65
N ASP C 124 -27.93 -22.81 -25.14
CA ASP C 124 -26.70 -23.19 -25.82
C ASP C 124 -26.49 -22.39 -27.09
N ILE C 125 -27.56 -22.14 -27.84
CA ILE C 125 -27.44 -21.32 -29.05
C ILE C 125 -27.05 -19.90 -28.69
N VAL C 126 -27.62 -19.36 -27.61
CA VAL C 126 -27.27 -18.02 -27.15
C VAL C 126 -25.79 -17.97 -26.79
N ARG C 127 -25.32 -19.00 -26.08
CA ARG C 127 -23.90 -19.09 -25.74
C ARG C 127 -23.05 -19.14 -27.00
N GLU C 128 -23.49 -19.90 -28.00
CA GLU C 128 -22.78 -19.99 -29.27
C GLU C 128 -22.63 -18.61 -29.90
N ARG C 129 -23.75 -17.88 -30.00
CA ARG C 129 -23.71 -16.57 -30.61
C ARG C 129 -22.83 -15.61 -29.82
N ALA C 130 -22.93 -15.64 -28.50
CA ALA C 130 -22.11 -14.76 -27.67
C ALA C 130 -20.63 -15.07 -27.85
N VAL C 131 -20.29 -16.35 -27.89
CA VAL C 131 -18.89 -16.73 -28.02
C VAL C 131 -18.36 -16.34 -29.39
N VAL C 132 -19.16 -16.48 -30.43
CA VAL C 132 -18.69 -16.11 -31.76
C VAL C 132 -18.51 -14.60 -31.86
N ARG C 133 -19.43 -13.84 -31.27
CA ARG C 133 -19.25 -12.38 -31.23
C ARG C 133 -18.01 -12.01 -30.44
N GLU C 134 -17.74 -12.74 -29.35
CA GLU C 134 -16.53 -12.52 -28.57
C GLU C 134 -15.29 -12.77 -29.43
N MET C 135 -15.30 -13.86 -30.20
CA MET C 135 -14.18 -14.16 -31.08
C MET C 135 -13.99 -13.05 -32.11
N ILE C 136 -15.09 -12.58 -32.70
CA ILE C 136 -15.00 -11.51 -33.69
C ILE C 136 -14.43 -10.25 -33.06
N SER C 137 -14.87 -9.92 -31.83
CA SER C 137 -14.37 -8.74 -31.15
C SER C 137 -12.88 -8.86 -30.89
N VAL C 138 -12.43 -10.03 -30.45
CA VAL C 138 -11.01 -10.24 -30.18
C VAL C 138 -10.21 -10.10 -31.47
N ALA C 139 -10.76 -10.65 -32.57
CA ALA C 139 -10.10 -10.51 -33.86
C ALA C 139 -9.98 -9.04 -34.26
N ASN C 140 -11.05 -8.28 -34.05
CA ASN C 140 -11.00 -6.86 -34.37
C ASN C 140 -9.97 -6.15 -33.52
N GLU C 141 -9.90 -6.48 -32.22
CA GLU C 141 -8.91 -5.87 -31.34
C GLU C 141 -7.49 -6.15 -31.82
N ILE C 142 -7.22 -7.41 -32.17
CA ILE C 142 -5.88 -7.77 -32.60
C ILE C 142 -5.53 -7.10 -33.92
N ALA C 143 -6.49 -7.03 -34.84
CA ALA C 143 -6.25 -6.36 -36.11
C ALA C 143 -5.96 -4.88 -35.91
N GLU C 144 -6.73 -4.23 -35.04
CA GLU C 144 -6.51 -2.82 -34.75
C GLU C 144 -5.13 -2.61 -34.12
N ALA C 145 -4.76 -3.48 -33.20
CA ALA C 145 -3.43 -3.38 -32.60
C ALA C 145 -2.34 -3.56 -33.64
N GLY C 146 -2.51 -4.51 -34.56
CA GLY C 146 -1.55 -4.67 -35.63
C GLY C 146 -1.46 -3.43 -36.50
N PHE C 147 -2.59 -2.78 -36.75
CA PHE C 147 -2.57 -1.54 -37.53
C PHE C 147 -1.81 -0.43 -36.81
N ASP C 148 -1.97 -0.33 -35.49
CA ASP C 148 -1.37 0.74 -34.70
C ASP C 148 -0.61 0.12 -33.52
N PRO C 149 0.64 -0.31 -33.74
CA PRO C 149 1.43 -0.84 -32.60
C PRO C 149 1.65 0.18 -31.50
N GLN C 150 1.69 1.47 -31.82
CA GLN C 150 1.99 2.52 -30.85
C GLN C 150 3.34 2.27 -30.19
N GLY C 151 4.32 1.85 -31.00
CA GLY C 151 5.65 1.56 -30.50
C GLY C 151 5.85 0.15 -29.98
N ARG C 152 4.79 -0.64 -29.91
CA ARG C 152 4.91 -2.00 -29.39
C ARG C 152 5.63 -2.88 -30.40
N THR C 153 6.52 -3.73 -29.89
CA THR C 153 7.22 -4.67 -30.74
C THR C 153 6.27 -5.77 -31.22
N SER C 154 6.73 -6.55 -32.20
CA SER C 154 5.92 -7.66 -32.67
C SER C 154 5.57 -8.60 -31.53
N GLU C 155 6.58 -9.03 -30.75
CA GLU C 155 6.36 -10.02 -29.70
C GLU C 155 5.28 -9.58 -28.73
N ASP C 156 5.20 -8.27 -28.48
CA ASP C 156 4.13 -7.75 -27.64
C ASP C 156 2.77 -8.08 -28.23
N LEU C 157 2.59 -7.82 -29.53
CA LEU C 157 1.30 -8.09 -30.16
C LEU C 157 1.03 -9.59 -30.23
N LEU C 158 2.06 -10.39 -30.48
CA LEU C 158 1.88 -11.83 -30.53
C LEU C 158 1.41 -12.37 -29.18
N ASP C 159 2.05 -11.91 -28.09
CA ASP C 159 1.62 -12.31 -26.76
C ASP C 159 0.21 -11.82 -26.47
N LEU C 160 -0.11 -10.60 -26.91
CA LEU C 160 -1.45 -10.07 -26.72
C LEU C 160 -2.48 -10.97 -27.40
N ALA C 161 -2.23 -11.34 -28.65
CA ALA C 161 -3.16 -12.19 -29.38
C ALA C 161 -3.28 -13.55 -28.70
N GLU C 162 -2.16 -14.12 -28.27
CA GLU C 162 -2.20 -15.40 -27.58
C GLU C 162 -3.07 -15.32 -26.32
N SER C 163 -2.86 -14.27 -25.52
CA SER C 163 -3.63 -14.11 -24.29
C SER C 163 -5.11 -13.94 -24.59
N ARG C 164 -5.43 -13.12 -25.59
CA ARG C 164 -6.83 -12.87 -25.92
C ARG C 164 -7.52 -14.16 -26.38
N VAL C 165 -6.84 -14.94 -27.21
CA VAL C 165 -7.43 -16.19 -27.69
C VAL C 165 -7.57 -17.19 -26.54
N PHE C 166 -6.56 -17.27 -25.69
CA PHE C 166 -6.62 -18.21 -24.56
C PHE C 166 -7.73 -17.82 -23.60
N LYS C 167 -8.01 -16.52 -23.47
CA LYS C 167 -9.13 -16.11 -22.63
C LYS C 167 -10.44 -16.68 -23.15
N ILE C 168 -10.66 -16.60 -24.47
CA ILE C 168 -11.89 -17.15 -25.03
C ILE C 168 -11.90 -18.65 -24.87
N ALA C 169 -10.76 -19.31 -25.10
CA ALA C 169 -10.70 -20.76 -25.00
C ALA C 169 -11.03 -21.22 -23.59
N GLU C 170 -10.49 -20.53 -22.58
CA GLU C 170 -10.79 -20.89 -21.19
C GLU C 170 -12.21 -20.46 -20.81
N SER C 171 -12.78 -19.53 -21.57
CA SER C 171 -14.16 -19.11 -21.30
C SER C 171 -15.13 -20.27 -21.45
N ARG C 172 -14.87 -21.19 -22.38
CA ARG C 172 -15.73 -22.35 -22.59
C ARG C 172 -15.44 -23.49 -21.63
N ALA C 173 -14.48 -23.32 -20.72
CA ALA C 173 -14.20 -24.34 -19.71
C ALA C 173 -15.19 -24.22 -18.55
N ASN C 174 -16.47 -24.40 -18.90
CA ASN C 174 -17.56 -24.29 -17.94
C ASN C 174 -18.46 -25.52 -17.89
N LYS C 175 -18.69 -26.19 -19.01
CA LYS C 175 -19.51 -27.40 -19.00
C LYS C 175 -18.90 -28.47 -18.10
N ASP C 176 -17.58 -28.63 -18.17
CA ASP C 176 -16.90 -29.54 -17.26
C ASP C 176 -16.92 -29.06 -15.82
N GLU C 177 -17.13 -27.76 -15.59
CA GLU C 177 -17.14 -27.21 -14.23
C GLU C 177 -18.55 -27.29 -13.68
N GLY C 178 -18.84 -28.45 -13.06
CA GLY C 178 -20.10 -28.65 -12.40
C GLY C 178 -20.09 -29.93 -11.57
N PRO C 179 -21.16 -30.17 -10.82
CA PRO C 179 -21.26 -31.42 -10.05
C PRO C 179 -21.32 -32.63 -10.97
N LYS C 180 -20.44 -33.60 -10.72
CA LYS C 180 -20.40 -34.83 -11.51
C LYS C 180 -20.93 -35.99 -10.68
N ASN C 181 -21.86 -36.76 -11.25
CA ASN C 181 -22.41 -37.92 -10.55
C ASN C 181 -21.35 -39.00 -10.39
N ILE C 182 -21.42 -39.72 -9.27
CA ILE C 182 -20.37 -40.68 -8.94
C ILE C 182 -20.30 -41.81 -9.94
N ALA C 183 -21.44 -42.20 -10.52
CA ALA C 183 -21.46 -43.37 -11.39
C ALA C 183 -20.60 -43.18 -12.63
N ASP C 184 -20.75 -42.06 -13.31
CA ASP C 184 -19.97 -41.82 -14.52
C ASP C 184 -18.47 -41.70 -14.22
N VAL C 185 -18.12 -41.00 -13.13
CA VAL C 185 -16.72 -40.88 -12.76
C VAL C 185 -16.16 -42.25 -12.42
N LEU C 186 -16.94 -43.08 -11.74
CA LEU C 186 -16.49 -44.44 -11.42
C LEU C 186 -16.29 -45.25 -12.70
N ASP C 187 -17.19 -45.11 -13.66
CA ASP C 187 -17.04 -45.82 -14.93
C ASP C 187 -15.76 -45.40 -15.64
N ALA C 188 -15.51 -44.09 -15.69
CA ALA C 188 -14.28 -43.61 -16.33
C ALA C 188 -13.05 -44.10 -15.59
N THR C 189 -13.07 -44.07 -14.26
CA THR C 189 -11.93 -44.54 -13.48
C THR C 189 -11.69 -46.02 -13.70
N VAL C 190 -12.75 -46.81 -13.76
CA VAL C 190 -12.62 -48.24 -13.98
C VAL C 190 -12.05 -48.52 -15.37
N ALA C 191 -12.53 -47.77 -16.37
CA ALA C 191 -11.99 -47.93 -17.71
C ALA C 191 -10.51 -47.60 -17.74
N ARG C 192 -10.11 -46.51 -17.08
CA ARG C 192 -8.71 -46.12 -17.04
C ARG C 192 -7.88 -47.18 -16.33
N ILE C 193 -8.40 -47.73 -15.23
CA ILE C 193 -7.66 -48.75 -14.48
C ILE C 193 -7.49 -50.01 -15.33
N GLU C 194 -8.55 -50.42 -16.03
CA GLU C 194 -8.44 -51.57 -16.93
C GLU C 194 -7.41 -51.32 -18.02
N GLN C 195 -7.43 -50.12 -18.59
CA GLN C 195 -6.47 -49.77 -19.63
C GLN C 195 -5.05 -49.86 -19.11
N LEU C 196 -4.80 -49.31 -17.92
CA LEU C 196 -3.46 -49.35 -17.34
C LEU C 196 -3.05 -50.79 -17.03
N PHE C 197 -3.98 -51.58 -16.48
CA PHE C 197 -3.67 -52.96 -16.12
C PHE C 197 -3.39 -53.81 -17.35
N GLN C 198 -4.02 -53.48 -18.49
CA GLN C 198 -3.86 -54.28 -19.70
C GLN C 198 -2.40 -54.35 -20.16
N GLN C 199 -1.76 -53.19 -20.27
CA GLN C 199 -0.37 -53.16 -20.71
C GLN C 199 0.57 -53.41 -19.53
N PRO C 200 1.43 -54.43 -19.57
CA PRO C 200 2.48 -54.55 -18.54
C PRO C 200 3.60 -53.55 -18.81
N HIS C 201 4.05 -52.86 -17.76
CA HIS C 201 5.11 -51.87 -17.89
C HIS C 201 6.09 -51.95 -16.72
N ASP C 202 6.22 -53.12 -16.11
CA ASP C 202 7.19 -53.36 -15.04
C ASP C 202 6.96 -52.45 -13.84
N GLY C 203 5.72 -52.01 -13.62
CA GLY C 203 5.38 -51.18 -12.50
C GLY C 203 5.70 -49.71 -12.67
N VAL C 204 6.26 -49.31 -13.81
CA VAL C 204 6.60 -47.92 -14.07
C VAL C 204 5.55 -47.37 -15.03
N THR C 205 4.61 -46.59 -14.49
CA THR C 205 3.56 -45.98 -15.31
C THR C 205 3.99 -44.67 -15.93
N GLY C 206 4.73 -43.85 -15.18
CA GLY C 206 5.23 -42.59 -15.69
C GLY C 206 6.56 -42.76 -16.41
N VAL C 207 7.19 -41.62 -16.69
CA VAL C 207 8.47 -41.64 -17.38
C VAL C 207 9.50 -42.29 -16.47
N ASN C 208 10.23 -43.26 -17.02
CA ASN C 208 11.22 -43.99 -16.25
C ASN C 208 12.28 -43.03 -15.70
N THR C 209 12.57 -43.15 -14.41
CA THR C 209 13.58 -42.31 -13.78
C THR C 209 14.99 -42.80 -14.10
N GLY C 210 15.13 -44.04 -14.57
CA GLY C 210 16.43 -44.60 -14.83
C GLY C 210 17.14 -45.12 -13.61
N TYR C 211 16.48 -45.16 -12.45
CA TYR C 211 17.07 -45.65 -11.21
C TYR C 211 16.08 -46.60 -10.55
N ASP C 212 16.56 -47.78 -10.17
CA ASP C 212 15.67 -48.87 -9.79
C ASP C 212 14.85 -48.52 -8.54
N ASP C 213 15.53 -48.10 -7.47
CA ASP C 213 14.81 -47.83 -6.22
C ASP C 213 13.84 -46.67 -6.36
N LEU C 214 14.25 -45.61 -7.08
CA LEU C 214 13.35 -44.49 -7.29
C LEU C 214 12.13 -44.92 -8.09
N ASN C 215 12.33 -45.77 -9.11
CA ASN C 215 11.20 -46.30 -9.85
C ASN C 215 10.28 -47.12 -8.96
N LYS C 216 10.85 -47.95 -8.09
CA LYS C 216 10.03 -48.75 -7.20
C LYS C 216 9.21 -47.89 -6.26
N LYS C 217 9.82 -46.85 -5.68
CA LYS C 217 9.13 -46.01 -4.72
C LYS C 217 8.20 -45.00 -5.37
N THR C 218 8.37 -44.73 -6.67
CA THR C 218 7.60 -43.70 -7.36
C THR C 218 6.87 -44.20 -8.59
N ALA C 219 7.21 -45.38 -9.10
CA ALA C 219 6.61 -45.92 -10.32
C ALA C 219 6.77 -44.94 -11.49
N GLY C 220 7.91 -44.24 -11.52
CA GLY C 220 8.18 -43.28 -12.56
C GLY C 220 7.56 -41.92 -12.30
N LEU C 221 7.95 -40.97 -13.14
CA LEU C 221 7.45 -39.60 -13.05
C LEU C 221 6.05 -39.56 -13.66
N GLN C 222 5.03 -39.53 -12.83
CA GLN C 222 3.67 -39.66 -13.32
C GLN C 222 3.25 -38.38 -14.06
N PRO C 223 2.36 -38.50 -15.04
CA PRO C 223 1.81 -37.28 -15.66
C PRO C 223 0.99 -36.47 -14.68
N SER C 224 0.98 -35.15 -14.90
CA SER C 224 0.18 -34.19 -14.15
C SER C 224 0.63 -34.03 -12.70
N ASP C 225 1.70 -34.70 -12.29
CA ASP C 225 2.20 -34.58 -10.92
C ASP C 225 3.32 -33.55 -10.88
N LEU C 226 3.25 -32.68 -9.87
CA LEU C 226 4.30 -31.68 -9.66
C LEU C 226 5.42 -32.31 -8.84
N ILE C 227 6.60 -32.41 -9.45
CA ILE C 227 7.78 -32.99 -8.82
C ILE C 227 8.73 -31.86 -8.48
N ILE C 228 9.10 -31.77 -7.21
CA ILE C 228 10.00 -30.73 -6.72
C ILE C 228 11.26 -31.41 -6.19
N VAL C 229 12.37 -31.18 -6.86
CA VAL C 229 13.67 -31.69 -6.44
C VAL C 229 14.41 -30.53 -5.78
N ALA C 230 14.69 -30.66 -4.48
CA ALA C 230 15.29 -29.61 -3.69
C ALA C 230 16.58 -30.10 -3.06
N ALA C 231 17.46 -29.14 -2.76
CA ALA C 231 18.74 -29.40 -2.12
C ALA C 231 19.40 -28.05 -1.85
N ARG C 232 20.40 -28.07 -0.98
CA ARG C 232 21.22 -26.88 -0.80
C ARG C 232 22.06 -26.65 -2.06
N PRO C 233 22.51 -25.42 -2.31
CA PRO C 233 23.38 -25.19 -3.46
C PRO C 233 24.64 -26.02 -3.34
N SER C 234 25.17 -26.44 -4.51
CA SER C 234 26.38 -27.24 -4.64
C SER C 234 26.11 -28.72 -4.35
N MET C 235 24.86 -29.11 -4.12
CA MET C 235 24.54 -30.50 -3.82
C MET C 235 24.27 -31.34 -5.05
N GLY C 236 24.45 -30.79 -6.25
CA GLY C 236 24.18 -31.52 -7.47
C GLY C 236 22.72 -31.61 -7.83
N LYS C 237 21.88 -30.73 -7.27
CA LYS C 237 20.46 -30.71 -7.59
C LYS C 237 20.26 -30.60 -9.10
N THR C 238 20.89 -29.60 -9.72
CA THR C 238 20.80 -29.47 -11.17
C THR C 238 21.44 -30.68 -11.86
N THR C 239 22.51 -31.22 -11.28
CA THR C 239 23.13 -32.42 -11.83
C THR C 239 22.15 -33.59 -11.84
N PHE C 240 21.48 -33.80 -10.70
CA PHE C 240 20.49 -34.87 -10.61
C PHE C 240 19.35 -34.66 -11.60
N ALA C 241 18.91 -33.41 -11.72
CA ALA C 241 17.83 -33.11 -12.66
C ALA C 241 18.24 -33.44 -14.09
N MET C 242 19.46 -33.06 -14.46
CA MET C 242 19.94 -33.35 -15.81
C MET C 242 20.11 -34.85 -16.02
N ASN C 243 20.55 -35.58 -15.00
CA ASN C 243 20.62 -37.03 -15.12
C ASN C 243 19.26 -37.63 -15.38
N LEU C 244 18.25 -37.16 -14.64
CA LEU C 244 16.89 -37.66 -14.85
C LEU C 244 16.39 -37.32 -16.24
N VAL C 245 16.68 -36.11 -16.71
CA VAL C 245 16.26 -35.71 -18.05
C VAL C 245 16.92 -36.59 -19.10
N GLU C 246 18.20 -36.87 -18.93
CA GLU C 246 18.91 -37.74 -19.86
C GLU C 246 18.28 -39.14 -19.87
N ASN C 247 17.99 -39.67 -18.68
CA ASN C 247 17.37 -40.99 -18.61
C ASN C 247 16.02 -41.00 -19.29
N ALA C 248 15.22 -39.96 -19.07
CA ALA C 248 13.92 -39.88 -19.73
C ALA C 248 14.08 -39.82 -21.24
N ALA C 249 15.05 -39.03 -21.72
CA ALA C 249 15.27 -38.93 -23.16
C ALA C 249 15.68 -40.27 -23.75
N MET C 250 16.51 -41.03 -23.03
CA MET C 250 16.94 -42.32 -23.54
C MET C 250 15.85 -43.38 -23.43
N LEU C 251 14.90 -43.22 -22.52
CA LEU C 251 13.87 -44.22 -22.27
C LEU C 251 12.48 -43.79 -22.75
N GLN C 252 12.38 -42.78 -23.62
CA GLN C 252 11.11 -42.44 -24.22
C GLN C 252 11.37 -41.66 -25.51
N ASP C 253 10.34 -41.59 -26.35
CA ASP C 253 10.44 -40.92 -27.65
C ASP C 253 9.85 -39.52 -27.66
N LYS C 254 8.96 -39.21 -26.72
CA LYS C 254 8.39 -37.87 -26.67
C LYS C 254 9.49 -36.87 -26.30
N PRO C 255 9.43 -35.64 -26.81
CA PRO C 255 10.49 -34.68 -26.48
C PRO C 255 10.46 -34.27 -25.02
N VAL C 256 11.59 -33.79 -24.52
CA VAL C 256 11.69 -33.19 -23.20
C VAL C 256 12.18 -31.76 -23.35
N LEU C 257 11.86 -30.92 -22.38
CA LEU C 257 12.15 -29.49 -22.43
C LEU C 257 12.82 -29.07 -21.13
N ILE C 258 13.76 -28.13 -21.25
CA ILE C 258 14.57 -27.65 -20.13
C ILE C 258 14.48 -26.14 -20.10
N PHE C 259 14.37 -25.57 -18.90
CA PHE C 259 14.42 -24.12 -18.69
C PHE C 259 15.57 -23.84 -17.73
N SER C 260 16.76 -23.66 -18.30
CA SER C 260 17.97 -23.44 -17.52
C SER C 260 18.09 -21.94 -17.24
N LEU C 261 17.26 -21.46 -16.31
CA LEU C 261 17.40 -20.08 -15.87
C LEU C 261 18.67 -19.89 -15.04
N GLU C 262 19.10 -20.94 -14.34
CA GLU C 262 20.27 -20.83 -13.48
C GLU C 262 21.55 -20.78 -14.28
N MET C 263 21.66 -21.59 -15.34
CA MET C 263 22.88 -21.74 -16.10
C MET C 263 22.62 -21.62 -17.59
N PRO C 264 23.63 -21.26 -18.39
CA PRO C 264 23.43 -21.23 -19.84
C PRO C 264 23.38 -22.64 -20.42
N SER C 265 22.99 -22.72 -21.69
CA SER C 265 22.91 -24.01 -22.37
C SER C 265 24.27 -24.69 -22.44
N GLU C 266 25.35 -23.89 -22.55
CA GLU C 266 26.68 -24.45 -22.75
C GLU C 266 27.11 -25.32 -21.57
N GLN C 267 27.03 -24.77 -20.36
CA GLN C 267 27.48 -25.52 -19.19
C GLN C 267 26.60 -26.73 -18.94
N ILE C 268 25.29 -26.59 -19.15
CA ILE C 268 24.38 -27.71 -18.95
C ILE C 268 24.71 -28.83 -19.94
N MET C 269 24.95 -28.47 -21.20
CA MET C 269 25.30 -29.47 -22.20
C MET C 269 26.61 -30.14 -21.84
N MET C 270 27.58 -29.37 -21.35
CA MET C 270 28.86 -29.96 -20.95
C MET C 270 28.67 -30.94 -19.81
N ARG C 271 27.86 -30.58 -18.82
CA ARG C 271 27.58 -31.50 -17.72
C ARG C 271 26.91 -32.77 -18.23
N SER C 272 25.95 -32.62 -19.13
CA SER C 272 25.24 -33.77 -19.66
C SER C 272 26.19 -34.69 -20.43
N LEU C 273 27.06 -34.11 -21.25
CA LEU C 273 28.03 -34.93 -21.99
C LEU C 273 28.99 -35.62 -21.03
N ALA C 274 29.43 -34.91 -19.99
CA ALA C 274 30.32 -35.53 -19.01
C ALA C 274 29.64 -36.72 -18.34
N SER C 275 28.37 -36.57 -18.00
CA SER C 275 27.64 -37.68 -17.38
C SER C 275 27.49 -38.84 -18.34
N LEU C 276 27.01 -38.57 -19.56
CA LEU C 276 26.72 -39.64 -20.50
C LEU C 276 27.99 -40.39 -20.88
N SER C 277 29.08 -39.67 -21.16
CA SER C 277 30.32 -40.29 -21.58
C SER C 277 31.15 -40.81 -20.42
N ARG C 278 30.78 -40.49 -19.18
CA ARG C 278 31.56 -40.88 -18.01
C ARG C 278 33.00 -40.38 -18.13
N VAL C 279 33.14 -39.13 -18.57
CA VAL C 279 34.43 -38.48 -18.76
C VAL C 279 34.54 -37.34 -17.76
N ASP C 280 35.77 -37.03 -17.37
CA ASP C 280 36.01 -35.98 -16.38
C ASP C 280 35.43 -34.66 -16.86
N GLN C 281 34.68 -34.00 -15.98
CA GLN C 281 34.14 -32.68 -16.30
C GLN C 281 35.26 -31.67 -16.51
N THR C 282 36.33 -31.77 -15.71
CA THR C 282 37.42 -30.81 -15.81
C THR C 282 38.09 -30.87 -17.18
N LYS C 283 38.34 -32.09 -17.68
CA LYS C 283 38.96 -32.22 -18.99
C LYS C 283 38.07 -31.65 -20.09
N ILE C 284 36.77 -31.92 -20.01
CA ILE C 284 35.85 -31.40 -21.02
C ILE C 284 35.83 -29.89 -20.99
N ARG C 285 35.77 -29.31 -19.79
CA ARG C 285 35.77 -27.86 -19.66
C ARG C 285 37.06 -27.27 -20.20
N THR C 286 38.19 -27.88 -19.89
CA THR C 286 39.49 -27.39 -20.34
C THR C 286 39.81 -27.79 -21.77
N GLY C 287 39.05 -28.71 -22.36
CA GLY C 287 39.38 -29.20 -23.68
C GLY C 287 40.53 -30.18 -23.70
N GLN C 288 40.97 -30.63 -22.52
CA GLN C 288 42.04 -31.63 -22.43
C GLN C 288 41.48 -33.03 -22.68
N LEU C 289 41.09 -33.25 -23.93
CA LEU C 289 40.42 -34.48 -24.33
C LEU C 289 41.37 -35.36 -25.12
N ASP C 290 41.45 -36.63 -24.73
CA ASP C 290 42.26 -37.60 -25.46
C ASP C 290 41.40 -38.29 -26.53
N ASP C 291 42.06 -39.17 -27.29
CA ASP C 291 41.37 -39.85 -28.39
C ASP C 291 40.22 -40.71 -27.89
N GLU C 292 40.42 -41.44 -26.79
CA GLU C 292 39.35 -42.27 -26.26
C GLU C 292 38.19 -41.42 -25.75
N ASP C 293 38.50 -40.38 -24.99
CA ASP C 293 37.46 -39.47 -24.52
C ASP C 293 36.79 -38.76 -25.68
N TRP C 294 37.58 -38.40 -26.70
CA TRP C 294 37.02 -37.78 -27.89
C TRP C 294 36.03 -38.72 -28.58
N ALA C 295 36.39 -40.01 -28.66
CA ALA C 295 35.48 -40.99 -29.27
C ALA C 295 34.21 -41.15 -28.46
N ARG C 296 34.34 -41.18 -27.13
CA ARG C 296 33.15 -41.27 -26.28
C ARG C 296 32.24 -40.07 -26.49
N ILE C 297 32.83 -38.87 -26.56
CA ILE C 297 32.05 -37.67 -26.77
C ILE C 297 31.39 -37.69 -28.14
N SER C 298 32.11 -38.19 -29.15
CA SER C 298 31.53 -38.30 -30.48
C SER C 298 30.35 -39.26 -30.49
N GLY C 299 30.47 -40.38 -29.78
CA GLY C 299 29.36 -41.30 -29.69
C GLY C 299 28.15 -40.69 -28.99
N THR C 300 28.40 -39.95 -27.90
CA THR C 300 27.32 -39.27 -27.20
C THR C 300 26.64 -38.26 -28.12
N MET C 301 27.43 -37.49 -28.86
CA MET C 301 26.87 -36.51 -29.78
C MET C 301 26.05 -37.20 -30.87
N GLY C 302 26.55 -38.33 -31.38
CA GLY C 302 25.80 -39.06 -32.39
C GLY C 302 24.46 -39.55 -31.85
N ILE C 303 24.46 -40.07 -30.63
CA ILE C 303 23.22 -40.54 -30.03
C ILE C 303 22.24 -39.38 -29.86
N LEU C 304 22.74 -38.23 -29.37
CA LEU C 304 21.88 -37.08 -29.16
C LEU C 304 21.31 -36.57 -30.48
N LEU C 305 22.13 -36.48 -31.52
CA LEU C 305 21.65 -36.02 -32.81
C LEU C 305 20.73 -37.05 -33.45
N GLU C 306 20.85 -38.32 -33.07
CA GLU C 306 19.94 -39.34 -33.56
C GLU C 306 18.57 -39.21 -32.89
N LYS C 307 18.56 -38.91 -31.59
CA LYS C 307 17.29 -38.78 -30.87
C LYS C 307 16.53 -37.53 -31.30
N ARG C 308 17.12 -36.36 -31.14
CA ARG C 308 16.46 -35.09 -31.43
C ARG C 308 15.14 -34.98 -30.66
N ASN C 309 15.18 -35.35 -29.39
CA ASN C 309 14.01 -35.28 -28.51
C ASN C 309 14.30 -34.46 -27.25
N ILE C 310 15.17 -33.47 -27.33
CA ILE C 310 15.50 -32.60 -26.21
C ILE C 310 15.52 -31.16 -26.71
N TYR C 311 14.99 -30.25 -25.90
CA TYR C 311 15.00 -28.83 -26.20
C TYR C 311 15.34 -28.05 -24.94
N ILE C 312 16.04 -26.92 -25.11
CA ILE C 312 16.55 -26.14 -23.99
C ILE C 312 16.23 -24.68 -24.23
N ASP C 313 15.95 -23.97 -23.13
CA ASP C 313 15.77 -22.52 -23.14
C ASP C 313 16.55 -21.96 -21.95
N ASP C 314 17.52 -21.11 -22.21
CA ASP C 314 18.36 -20.53 -21.17
C ASP C 314 17.89 -19.14 -20.74
N SER C 315 16.76 -18.67 -21.25
CA SER C 315 16.28 -17.34 -20.91
C SER C 315 15.94 -17.26 -19.43
N SER C 316 16.35 -16.16 -18.80
CA SER C 316 16.15 -15.94 -17.38
C SER C 316 15.00 -14.97 -17.14
N GLY C 317 14.49 -14.98 -15.92
CA GLY C 317 13.39 -14.09 -15.57
C GLY C 317 12.09 -14.38 -16.28
N LEU C 318 11.90 -15.60 -16.75
CA LEU C 318 10.70 -15.95 -17.50
C LEU C 318 9.47 -15.93 -16.60
N THR C 319 8.33 -15.48 -17.17
CA THR C 319 7.06 -15.57 -16.47
C THR C 319 6.40 -16.91 -16.74
N PRO C 320 5.46 -17.34 -15.90
CA PRO C 320 4.77 -18.61 -16.17
C PRO C 320 4.06 -18.63 -17.50
N THR C 321 3.58 -17.49 -17.98
CA THR C 321 2.86 -17.44 -19.25
C THR C 321 3.77 -17.84 -20.40
N GLU C 322 5.01 -17.34 -20.41
CA GLU C 322 5.95 -17.70 -21.46
C GLU C 322 6.24 -19.19 -21.45
N VAL C 323 6.45 -19.75 -20.25
CA VAL C 323 6.70 -21.18 -20.13
C VAL C 323 5.52 -21.96 -20.69
N ARG C 324 4.31 -21.53 -20.32
CA ARG C 324 3.11 -22.21 -20.78
C ARG C 324 3.00 -22.18 -22.29
N SER C 325 3.21 -21.02 -22.89
CA SER C 325 3.11 -20.90 -24.34
C SER C 325 4.15 -21.76 -25.04
N ARG C 326 5.40 -21.72 -24.55
CA ARG C 326 6.45 -22.50 -25.18
C ARG C 326 6.17 -23.99 -25.07
N ALA C 327 5.72 -24.44 -23.90
CA ALA C 327 5.39 -25.84 -23.73
C ALA C 327 4.25 -26.25 -24.65
N ARG C 328 3.24 -25.39 -24.78
CA ARG C 328 2.13 -25.70 -25.66
C ARG C 328 2.61 -25.83 -27.10
N ARG C 329 3.48 -24.93 -27.55
CA ARG C 329 4.00 -25.02 -28.91
C ARG C 329 4.76 -26.30 -29.13
N ILE C 330 5.64 -26.66 -28.18
CA ILE C 330 6.43 -27.87 -28.35
C ILE C 330 5.53 -29.10 -28.39
N ALA C 331 4.55 -29.16 -27.48
CA ALA C 331 3.64 -30.31 -27.45
C ALA C 331 2.84 -30.39 -28.75
N ARG C 332 2.36 -29.24 -29.24
CA ARG C 332 1.59 -29.24 -30.48
C ARG C 332 2.44 -29.71 -31.66
N GLU C 333 3.67 -29.20 -31.75
CA GLU C 333 4.54 -29.60 -32.85
C GLU C 333 4.83 -31.10 -32.80
N HIS C 334 5.13 -31.61 -31.60
CA HIS C 334 5.51 -33.01 -31.43
C HIS C 334 4.39 -33.83 -30.80
N GLY C 335 3.15 -33.35 -30.85
CA GLY C 335 2.02 -34.12 -30.38
C GLY C 335 2.06 -34.44 -28.90
N GLY C 336 2.78 -33.64 -28.12
CA GLY C 336 2.90 -33.87 -26.70
C GLY C 336 4.34 -33.79 -26.24
N ILE C 337 4.50 -33.78 -24.92
CA ILE C 337 5.80 -33.68 -24.26
C ILE C 337 5.87 -34.78 -23.21
N GLY C 338 7.03 -35.43 -23.12
CA GLY C 338 7.23 -36.48 -22.14
C GLY C 338 7.59 -35.94 -20.77
N LEU C 339 8.28 -34.80 -20.73
CA LEU C 339 8.74 -34.24 -19.47
C LEU C 339 9.11 -32.78 -19.69
N ILE C 340 8.97 -31.97 -18.63
CA ILE C 340 9.42 -30.58 -18.63
C ILE C 340 10.29 -30.37 -17.41
N MET C 341 11.35 -29.57 -17.56
CA MET C 341 12.33 -29.33 -16.51
C MET C 341 12.49 -27.83 -16.32
N ILE C 342 12.43 -27.40 -15.05
CA ILE C 342 12.50 -25.98 -14.69
C ILE C 342 13.65 -25.82 -13.70
N ASP C 343 14.62 -24.98 -14.05
CA ASP C 343 15.81 -24.70 -13.24
C ASP C 343 15.97 -23.18 -13.20
N TYR C 344 15.29 -22.50 -12.26
CA TYR C 344 14.46 -23.10 -11.22
C TYR C 344 13.38 -22.11 -10.76
N LEU C 345 12.63 -22.49 -9.73
CA LEU C 345 11.39 -21.81 -9.38
C LEU C 345 11.57 -20.33 -9.07
N GLN C 346 12.48 -20.01 -8.15
CA GLN C 346 12.56 -18.66 -7.63
C GLN C 346 12.99 -17.64 -8.68
N LEU C 347 13.62 -18.07 -9.77
CA LEU C 347 14.05 -17.17 -10.82
C LEU C 347 12.91 -16.71 -11.71
N MET C 348 11.75 -17.37 -11.63
CA MET C 348 10.61 -16.95 -12.42
C MET C 348 10.11 -15.59 -11.94
N ARG C 349 9.56 -14.82 -12.88
CA ARG C 349 9.17 -13.44 -12.64
C ARG C 349 7.66 -13.28 -12.74
N VAL C 350 7.07 -12.65 -11.73
CA VAL C 350 5.66 -12.29 -11.72
C VAL C 350 5.57 -10.82 -11.33
N PRO C 351 5.66 -9.87 -12.27
CA PRO C 351 5.68 -8.46 -11.88
C PRO C 351 4.46 -8.02 -11.09
N ALA C 352 3.29 -8.63 -11.34
CA ALA C 352 2.08 -8.22 -10.63
C ALA C 352 2.21 -8.46 -9.13
N LEU C 353 2.75 -9.60 -8.72
CA LEU C 353 2.96 -9.92 -7.32
C LEU C 353 4.38 -9.62 -6.87
N SER C 354 5.13 -8.83 -7.64
CA SER C 354 6.51 -8.54 -7.28
C SER C 354 6.62 -7.83 -5.93
N ASP C 355 5.58 -7.14 -5.49
CA ASP C 355 5.66 -6.42 -4.22
C ASP C 355 5.84 -7.37 -3.05
N ASN C 356 5.14 -8.50 -3.04
CA ASN C 356 5.24 -9.51 -1.98
C ASN C 356 5.79 -10.79 -2.62
N ARG C 357 6.99 -11.20 -2.19
CA ARG C 357 7.64 -12.36 -2.79
C ARG C 357 6.84 -13.63 -2.55
N THR C 358 6.27 -13.79 -1.35
CA THR C 358 5.56 -15.03 -1.02
C THR C 358 4.38 -15.25 -1.95
N LEU C 359 3.61 -14.19 -2.23
CA LEU C 359 2.48 -14.32 -3.14
C LEU C 359 2.95 -14.68 -4.55
N GLU C 360 4.04 -14.07 -5.00
CA GLU C 360 4.58 -14.41 -6.31
C GLU C 360 4.97 -15.88 -6.38
N ILE C 361 5.64 -16.38 -5.34
CA ILE C 361 6.06 -17.78 -5.35
C ILE C 361 4.85 -18.70 -5.34
N ALA C 362 3.83 -18.36 -4.53
CA ALA C 362 2.64 -19.20 -4.49
C ALA C 362 1.93 -19.22 -5.84
N GLU C 363 1.82 -18.06 -6.48
CA GLU C 363 1.18 -18.00 -7.78
C GLU C 363 1.97 -18.80 -8.81
N ILE C 364 3.31 -18.72 -8.73
CA ILE C 364 4.15 -19.50 -9.64
C ILE C 364 3.89 -20.98 -9.45
N SER C 365 3.81 -21.43 -8.20
CA SER C 365 3.54 -22.82 -7.89
C SER C 365 2.20 -23.25 -8.47
N ARG C 366 1.18 -22.43 -8.26
CA ARG C 366 -0.15 -22.76 -8.77
C ARG C 366 -0.15 -22.83 -10.29
N SER C 367 0.51 -21.88 -10.94
CA SER C 367 0.56 -21.87 -12.39
C SER C 367 1.27 -23.09 -12.95
N LEU C 368 2.39 -23.49 -12.33
CA LEU C 368 3.10 -24.67 -12.80
C LEU C 368 2.25 -25.93 -12.60
N LYS C 369 1.57 -26.03 -11.46
CA LYS C 369 0.70 -27.19 -11.26
C LYS C 369 -0.42 -27.22 -12.29
N ALA C 370 -1.00 -26.05 -12.59
CA ALA C 370 -2.05 -25.98 -13.60
C ALA C 370 -1.51 -26.40 -14.97
N LEU C 371 -0.30 -25.95 -15.31
CA LEU C 371 0.31 -26.36 -16.57
C LEU C 371 0.51 -27.86 -16.62
N ALA C 372 0.99 -28.44 -15.52
CA ALA C 372 1.21 -29.88 -15.48
C ALA C 372 -0.09 -30.63 -15.68
N LYS C 373 -1.16 -30.18 -15.03
CA LYS C 373 -2.46 -30.82 -15.21
C LYS C 373 -2.96 -30.67 -16.64
N GLU C 374 -2.81 -29.49 -17.23
CA GLU C 374 -3.33 -29.26 -18.57
C GLU C 374 -2.61 -30.14 -19.59
N LEU C 375 -1.28 -30.08 -19.60
CA LEU C 375 -0.50 -30.84 -20.57
C LEU C 375 -0.43 -32.32 -20.24
N ASN C 376 -0.79 -32.71 -19.02
CA ASN C 376 -0.68 -34.08 -18.57
C ASN C 376 0.74 -34.60 -18.79
N VAL C 377 1.71 -33.81 -18.35
CA VAL C 377 3.13 -34.10 -18.53
C VAL C 377 3.83 -33.86 -17.21
N PRO C 378 4.77 -34.71 -16.78
CA PRO C 378 5.51 -34.38 -15.55
C PRO C 378 6.31 -33.11 -15.71
N VAL C 379 6.37 -32.33 -14.63
CA VAL C 379 7.09 -31.06 -14.58
C VAL C 379 7.99 -31.09 -13.35
N VAL C 380 9.29 -31.27 -13.58
CA VAL C 380 10.27 -31.30 -12.51
C VAL C 380 10.86 -29.90 -12.38
N ALA C 381 10.46 -29.18 -11.33
CA ALA C 381 10.97 -27.85 -11.06
C ALA C 381 11.85 -27.90 -9.81
N LEU C 382 13.01 -27.27 -9.88
CA LEU C 382 13.95 -27.34 -8.77
C LEU C 382 13.67 -26.26 -7.74
N SER C 383 14.10 -26.51 -6.50
CA SER C 383 13.88 -25.60 -5.38
C SER C 383 15.12 -25.54 -4.52
N GLN C 384 15.18 -24.53 -3.66
CA GLN C 384 16.29 -24.32 -2.74
C GLN C 384 15.76 -24.13 -1.32
N LEU C 385 16.62 -24.40 -0.36
CA LEU C 385 16.25 -24.50 1.05
C LEU C 385 16.69 -23.28 1.83
N ASN C 386 16.11 -23.12 3.02
CA ASN C 386 16.53 -22.07 3.93
C ASN C 386 17.71 -22.53 4.79
N ARG C 387 18.57 -21.57 5.13
CA ARG C 387 19.80 -21.91 5.83
C ARG C 387 19.56 -22.39 7.26
N SER C 388 18.35 -22.19 7.80
CA SER C 388 18.05 -22.68 9.14
C SER C 388 18.26 -24.18 9.23
N LEU C 389 18.08 -24.89 8.12
CA LEU C 389 18.36 -26.32 8.08
C LEU C 389 19.76 -26.62 8.61
N GLU C 390 20.73 -25.83 8.17
CA GLU C 390 22.12 -26.07 8.58
C GLU C 390 22.37 -25.72 10.03
N GLN C 391 21.44 -25.02 10.69
CA GLN C 391 21.57 -24.68 12.10
C GLN C 391 21.07 -25.80 13.01
N ARG C 392 20.54 -26.88 12.46
CA ARG C 392 20.02 -27.98 13.26
C ARG C 392 21.09 -29.03 13.48
N ALA C 393 20.89 -29.84 14.52
CA ALA C 393 21.83 -30.93 14.80
C ALA C 393 21.91 -31.89 13.62
N ASP C 394 20.76 -32.27 13.08
CA ASP C 394 20.69 -33.11 11.88
C ASP C 394 20.42 -32.20 10.68
N LYS C 395 21.27 -32.30 9.66
CA LYS C 395 21.17 -31.47 8.47
C LYS C 395 20.37 -32.15 7.35
N ARG C 396 19.79 -33.31 7.60
CA ARG C 396 18.98 -33.97 6.59
C ARG C 396 17.75 -33.11 6.30
N PRO C 397 17.50 -32.70 5.05
CA PRO C 397 16.37 -31.80 4.81
C PRO C 397 15.03 -32.44 5.13
N VAL C 398 14.09 -31.61 5.55
CA VAL C 398 12.72 -32.01 5.82
C VAL C 398 11.78 -31.06 5.10
N ASN C 399 10.48 -31.24 5.33
CA ASN C 399 9.47 -30.48 4.62
C ASN C 399 9.62 -28.97 4.83
N SER C 400 9.81 -28.55 6.09
CA SER C 400 9.84 -27.12 6.39
C SER C 400 11.06 -26.40 5.84
N ASP C 401 12.06 -27.11 5.35
CA ASP C 401 13.33 -26.48 5.01
C ASP C 401 13.31 -25.77 3.66
N LEU C 402 12.26 -25.93 2.86
CA LEU C 402 12.18 -25.27 1.57
C LEU C 402 12.21 -23.76 1.74
N ARG C 403 12.84 -23.07 0.78
CA ARG C 403 12.84 -21.62 0.78
C ARG C 403 11.59 -21.11 0.07
N GLU C 404 11.04 -20.00 0.57
CA GLU C 404 9.72 -19.54 0.16
C GLU C 404 8.74 -20.71 0.16
N SER C 405 8.53 -21.26 1.37
CA SER C 405 8.07 -22.64 1.48
C SER C 405 6.56 -22.74 1.46
N GLY C 406 5.86 -21.75 2.02
CA GLY C 406 4.45 -21.83 2.34
C GLY C 406 3.56 -22.50 1.32
N SER C 407 3.86 -22.30 0.04
CA SER C 407 3.02 -22.83 -1.03
C SER C 407 3.59 -24.11 -1.61
N ILE C 408 4.92 -24.20 -1.71
CA ILE C 408 5.56 -25.22 -2.55
C ILE C 408 5.09 -26.61 -2.15
N GLU C 409 5.34 -27.00 -0.89
CA GLU C 409 4.98 -28.34 -0.45
C GLU C 409 3.50 -28.61 -0.65
N GLN C 410 2.67 -27.58 -0.56
CA GLN C 410 1.23 -27.78 -0.72
C GLN C 410 0.90 -28.24 -2.14
N ASP C 411 1.58 -27.70 -3.15
CA ASP C 411 1.25 -28.03 -4.53
C ASP C 411 2.01 -29.24 -5.05
N ALA C 412 3.20 -29.49 -4.52
CA ALA C 412 4.02 -30.58 -5.03
C ALA C 412 3.35 -31.93 -4.78
N ASP C 413 3.29 -32.75 -5.82
CA ASP C 413 2.84 -34.12 -5.68
C ASP C 413 3.95 -35.05 -5.23
N LEU C 414 5.17 -34.78 -5.66
CA LEU C 414 6.36 -35.52 -5.23
C LEU C 414 7.40 -34.50 -4.80
N ILE C 415 8.09 -34.77 -3.69
CA ILE C 415 9.14 -33.91 -3.18
C ILE C 415 10.34 -34.80 -2.88
N MET C 416 11.47 -34.48 -3.50
CA MET C 416 12.71 -35.22 -3.31
C MET C 416 13.80 -34.27 -2.83
N PHE C 417 14.26 -34.47 -1.60
CA PHE C 417 15.38 -33.72 -1.06
C PHE C 417 16.67 -34.49 -1.29
N ILE C 418 17.73 -33.76 -1.63
CA ILE C 418 19.05 -34.35 -1.84
C ILE C 418 19.93 -33.98 -0.66
N TYR C 419 20.54 -35.00 -0.05
CA TYR C 419 21.38 -34.81 1.13
C TYR C 419 22.72 -35.48 0.92
N ARG C 420 23.78 -34.84 1.38
CA ARG C 420 25.14 -35.34 1.27
C ARG C 420 25.87 -35.08 2.58
N ASP C 421 25.94 -36.11 3.43
CA ASP C 421 26.66 -35.95 4.69
C ASP C 421 28.13 -35.68 4.46
N GLU C 422 28.67 -36.18 3.35
CA GLU C 422 30.06 -35.89 3.00
C GLU C 422 30.32 -34.40 2.91
N VAL C 423 29.35 -33.63 2.42
CA VAL C 423 29.53 -32.19 2.30
C VAL C 423 29.69 -31.55 3.68
N TYR C 424 28.87 -31.95 4.64
CA TYR C 424 28.90 -31.38 5.98
C TYR C 424 29.82 -32.12 6.93
N HIS C 425 30.39 -33.26 6.51
CA HIS C 425 31.27 -34.05 7.36
C HIS C 425 32.38 -34.63 6.48
N GLU C 426 33.62 -34.22 6.74
CA GLU C 426 34.75 -34.76 5.99
C GLU C 426 35.00 -36.23 6.29
N ASN C 427 34.80 -36.65 7.54
CA ASN C 427 35.10 -38.01 7.98
C ASN C 427 33.88 -38.91 7.90
N SER C 428 32.95 -38.58 7.01
CA SER C 428 31.76 -39.41 6.84
C SER C 428 32.11 -40.70 6.12
N ASP C 429 31.45 -41.78 6.51
CA ASP C 429 31.59 -43.06 5.83
C ASP C 429 30.72 -43.15 4.58
N LEU C 430 29.87 -42.18 4.32
CA LEU C 430 28.95 -42.18 3.17
C LEU C 430 29.49 -41.36 2.02
N LYS C 431 30.81 -41.32 1.84
CA LYS C 431 31.40 -40.56 0.76
C LYS C 431 30.95 -41.14 -0.58
N GLY C 432 30.62 -40.25 -1.51
CA GLY C 432 30.13 -40.66 -2.82
C GLY C 432 28.69 -41.12 -2.82
N ILE C 433 28.00 -41.03 -1.69
CA ILE C 433 26.62 -41.48 -1.56
C ILE C 433 25.74 -40.27 -1.33
N ALA C 434 24.67 -40.17 -2.11
CA ALA C 434 23.69 -39.09 -2.00
C ALA C 434 22.35 -39.69 -1.62
N GLU C 435 21.71 -39.10 -0.61
CA GLU C 435 20.42 -39.56 -0.12
C GLU C 435 19.31 -38.76 -0.78
N ILE C 436 18.46 -39.45 -1.54
CA ILE C 436 17.25 -38.86 -2.11
C ILE C 436 16.12 -39.23 -1.16
N ILE C 437 15.70 -38.26 -0.36
CA ILE C 437 14.61 -38.45 0.59
C ILE C 437 13.33 -38.01 -0.09
N ILE C 438 12.49 -38.98 -0.45
CA ILE C 438 11.13 -38.71 -0.92
C ILE C 438 10.34 -38.32 0.31
N GLY C 439 10.15 -37.02 0.52
CA GLY C 439 9.47 -36.53 1.70
C GLY C 439 7.98 -36.32 1.52
N LYS C 440 7.50 -36.35 0.28
CA LYS C 440 6.07 -36.23 0.01
C LYS C 440 5.71 -37.09 -1.18
N GLN C 441 4.57 -37.77 -1.09
CA GLN C 441 4.04 -38.55 -2.20
C GLN C 441 2.58 -38.80 -1.92
N ARG C 442 1.70 -38.21 -2.75
CA ARG C 442 0.27 -38.32 -2.50
C ARG C 442 -0.19 -39.77 -2.53
N ASN C 443 0.28 -40.55 -3.50
CA ASN C 443 -0.21 -41.88 -3.76
C ASN C 443 0.81 -42.97 -3.39
N GLY C 444 1.78 -42.66 -2.54
CA GLY C 444 2.76 -43.63 -2.15
C GLY C 444 3.52 -43.22 -0.90
N PRO C 445 4.43 -44.07 -0.45
CA PRO C 445 5.12 -43.82 0.82
C PRO C 445 6.31 -42.89 0.67
N ILE C 446 6.65 -42.26 1.79
CA ILE C 446 7.86 -41.45 1.90
C ILE C 446 9.00 -42.38 2.30
N GLY C 447 10.24 -41.92 2.15
CA GLY C 447 11.38 -42.71 2.57
C GLY C 447 12.64 -42.28 1.84
N THR C 448 13.76 -42.88 2.24
CA THR C 448 15.07 -42.50 1.73
C THR C 448 15.58 -43.53 0.74
N VAL C 449 16.29 -43.05 -0.28
CA VAL C 449 16.95 -43.89 -1.27
C VAL C 449 18.40 -43.42 -1.35
N ARG C 450 19.29 -44.31 -1.76
CA ARG C 450 20.71 -43.98 -1.89
C ARG C 450 21.17 -44.12 -3.33
N LEU C 451 21.98 -43.17 -3.77
CA LEU C 451 22.56 -43.19 -5.11
C LEU C 451 24.05 -42.91 -5.03
N THR C 452 24.79 -43.43 -6.00
CA THR C 452 26.22 -43.19 -6.09
C THR C 452 26.44 -41.92 -6.91
N PHE C 453 27.24 -40.99 -6.36
CA PHE C 453 27.47 -39.69 -6.97
C PHE C 453 28.89 -39.62 -7.51
N ASN C 454 29.02 -39.30 -8.79
CA ASN C 454 30.33 -39.10 -9.43
C ASN C 454 30.42 -37.63 -9.84
N GLY C 455 30.93 -36.81 -8.91
CA GLY C 455 31.12 -35.40 -9.20
C GLY C 455 32.11 -35.16 -10.32
N GLN C 456 33.10 -36.06 -10.46
CA GLN C 456 34.03 -35.96 -11.57
C GLN C 456 33.31 -36.08 -12.90
N TRP C 457 32.38 -37.02 -13.01
CA TRP C 457 31.52 -37.14 -14.18
C TRP C 457 30.23 -36.37 -14.05
N SER C 458 29.95 -35.80 -12.87
CA SER C 458 28.72 -35.07 -12.62
C SER C 458 27.50 -35.96 -12.92
N ARG C 459 27.47 -37.12 -12.29
CA ARG C 459 26.51 -38.16 -12.61
C ARG C 459 25.95 -38.79 -11.34
N PHE C 460 24.74 -39.31 -11.43
CA PHE C 460 24.14 -40.12 -10.38
C PHE C 460 23.81 -41.49 -10.93
N ASP C 461 24.11 -42.53 -10.15
CA ASP C 461 23.94 -43.91 -10.57
C ASP C 461 23.30 -44.71 -9.45
N ASN C 462 22.73 -45.86 -9.83
CA ASN C 462 22.12 -46.73 -8.85
C ASN C 462 23.16 -47.18 -7.81
N TYR C 463 22.77 -47.09 -6.54
CA TYR C 463 23.66 -47.46 -5.46
C TYR C 463 23.73 -48.98 -5.33
N ALA C 464 24.94 -49.53 -5.44
CA ALA C 464 25.16 -50.97 -5.40
C ALA C 464 25.84 -51.43 -4.12
N GLY C 465 25.94 -50.57 -3.11
CA GLY C 465 26.55 -50.94 -1.86
C GLY C 465 25.58 -51.66 -0.95
N PRO C 466 26.00 -51.92 0.29
CA PRO C 466 25.13 -52.63 1.23
C PRO C 466 23.82 -51.88 1.47
N GLN C 467 22.74 -52.64 1.65
CA GLN C 467 21.43 -52.04 1.92
C GLN C 467 21.32 -51.67 3.39
N TYR C 468 20.92 -50.43 3.66
CA TYR C 468 20.70 -49.98 5.02
C TYR C 468 19.21 -50.03 5.35
N ASP C 469 18.89 -50.64 6.49
CA ASP C 469 17.49 -50.74 6.93
C ASP C 469 16.90 -49.36 7.16
N ASP C 470 15.68 -49.16 6.70
CA ASP C 470 15.01 -47.87 6.84
C ASP C 470 14.43 -47.72 8.25
N GLU C 471 15.19 -47.09 9.14
CA GLU C 471 14.72 -46.86 10.50
C GLU C 471 13.53 -45.90 10.51
N LEU D 24 -46.34 15.72 -13.56
CA LEU D 24 -46.84 15.42 -12.21
C LEU D 24 -46.17 14.17 -11.66
N LYS D 25 -45.54 14.30 -10.49
CA LYS D 25 -44.90 13.16 -9.84
C LYS D 25 -45.96 12.33 -9.13
N VAL D 26 -46.41 11.28 -9.77
CA VAL D 26 -47.46 10.43 -9.18
C VAL D 26 -46.86 9.67 -8.00
N PRO D 27 -47.59 9.46 -6.90
CA PRO D 27 -47.06 8.64 -5.81
C PRO D 27 -46.79 7.21 -6.29
N PRO D 28 -45.82 6.53 -5.71
CA PRO D 28 -45.53 5.16 -6.15
C PRO D 28 -46.73 4.24 -5.93
N HIS D 29 -46.91 3.31 -6.87
CA HIS D 29 -48.02 2.39 -6.81
C HIS D 29 -47.69 1.17 -7.67
N SER D 30 -48.51 0.13 -7.53
CA SER D 30 -48.36 -1.09 -8.33
C SER D 30 -49.76 -1.64 -8.57
N ILE D 31 -50.37 -1.26 -9.69
CA ILE D 31 -51.67 -1.82 -10.06
C ILE D 31 -51.55 -3.32 -10.26
N GLU D 32 -50.46 -3.76 -10.90
CA GLU D 32 -50.29 -5.18 -11.20
C GLU D 32 -50.24 -6.00 -9.92
N ALA D 33 -49.51 -5.53 -8.91
CA ALA D 33 -49.41 -6.28 -7.67
C ALA D 33 -50.75 -6.40 -6.98
N GLU D 34 -51.51 -5.30 -6.91
CA GLU D 34 -52.81 -5.34 -6.24
C GLU D 34 -53.76 -6.27 -6.98
N GLN D 35 -53.82 -6.16 -8.31
CA GLN D 35 -54.68 -7.04 -9.09
C GLN D 35 -54.27 -8.50 -8.90
N SER D 36 -52.96 -8.76 -8.87
CA SER D 36 -52.49 -10.12 -8.66
C SER D 36 -52.91 -10.65 -7.30
N VAL D 37 -52.79 -9.83 -6.25
CA VAL D 37 -53.19 -10.25 -4.92
C VAL D 37 -54.68 -10.57 -4.88
N LEU D 38 -55.50 -9.70 -5.47
CA LEU D 38 -56.94 -9.91 -5.44
C LEU D 38 -57.32 -11.17 -6.20
N GLY D 39 -56.73 -11.37 -7.39
CA GLY D 39 -57.02 -12.58 -8.14
C GLY D 39 -56.56 -13.84 -7.42
N GLY D 40 -55.40 -13.78 -6.77
CA GLY D 40 -54.92 -14.93 -6.03
C GLY D 40 -55.82 -15.27 -4.86
N LEU D 41 -56.27 -14.25 -4.14
CA LEU D 41 -57.21 -14.49 -3.05
C LEU D 41 -58.52 -15.09 -3.57
N MET D 42 -59.03 -14.59 -4.70
CA MET D 42 -60.22 -15.18 -5.28
C MET D 42 -59.98 -16.64 -5.65
N LEU D 43 -58.84 -16.94 -6.25
CA LEU D 43 -58.54 -18.31 -6.65
C LEU D 43 -58.13 -19.17 -5.46
N ASP D 44 -57.37 -18.60 -4.52
CA ASP D 44 -56.81 -19.36 -3.39
C ASP D 44 -57.16 -18.61 -2.11
N ASN D 45 -58.11 -19.16 -1.36
CA ASN D 45 -58.46 -18.57 -0.07
C ASN D 45 -57.45 -18.93 1.01
N GLU D 46 -56.82 -20.12 0.89
CA GLU D 46 -55.94 -20.61 1.95
C GLU D 46 -54.80 -19.65 2.25
N ARG D 47 -54.30 -18.94 1.25
CA ARG D 47 -53.19 -18.02 1.44
C ARG D 47 -53.63 -16.64 1.93
N TRP D 48 -54.86 -16.53 2.42
CA TRP D 48 -55.31 -15.23 2.97
C TRP D 48 -54.44 -14.82 4.15
N ASP D 49 -54.19 -15.75 5.08
CA ASP D 49 -53.50 -15.40 6.31
C ASP D 49 -52.12 -14.82 6.02
N ASP D 50 -51.37 -15.46 5.12
CA ASP D 50 -50.08 -14.94 4.72
C ASP D 50 -50.22 -13.54 4.14
N VAL D 51 -51.25 -13.33 3.33
CA VAL D 51 -51.52 -11.98 2.84
C VAL D 51 -51.97 -11.08 3.98
N ALA D 52 -52.75 -11.62 4.93
CA ALA D 52 -53.23 -10.82 6.04
C ALA D 52 -52.09 -10.30 6.90
N GLU D 53 -51.11 -11.16 7.20
CA GLU D 53 -49.97 -10.73 8.00
C GLU D 53 -49.11 -9.72 7.26
N ARG D 54 -49.14 -9.73 5.93
CA ARG D 54 -48.26 -8.88 5.14
C ARG D 54 -48.83 -7.50 4.87
N VAL D 55 -50.09 -7.42 4.43
CA VAL D 55 -50.67 -6.15 3.98
C VAL D 55 -52.04 -5.95 4.62
N VAL D 56 -52.50 -4.71 4.59
CA VAL D 56 -53.82 -4.35 5.06
C VAL D 56 -54.56 -3.67 3.91
N ALA D 57 -55.81 -3.29 4.17
CA ALA D 57 -56.63 -2.66 3.15
C ALA D 57 -56.03 -1.34 2.68
N ASP D 58 -55.52 -0.53 3.60
CA ASP D 58 -54.97 0.78 3.26
C ASP D 58 -53.74 0.69 2.36
N ASP D 59 -53.03 -0.43 2.37
CA ASP D 59 -51.84 -0.54 1.54
C ASP D 59 -52.16 -0.47 0.06
N PHE D 60 -53.39 -0.81 -0.34
CA PHE D 60 -53.77 -0.77 -1.73
C PHE D 60 -53.94 0.68 -2.16
N TYR D 61 -53.14 1.11 -3.13
CA TYR D 61 -53.14 2.50 -3.54
C TYR D 61 -54.49 2.92 -4.09
N THR D 62 -55.09 2.08 -4.94
CA THR D 62 -56.38 2.41 -5.54
C THR D 62 -57.50 2.07 -4.58
N ARG D 63 -58.38 3.05 -4.34
CA ARG D 63 -59.48 2.93 -3.40
C ARG D 63 -60.40 1.74 -3.71
N PRO D 64 -60.74 1.47 -4.98
CA PRO D 64 -61.53 0.26 -5.25
C PRO D 64 -60.89 -1.02 -4.75
N HIS D 65 -59.56 -1.13 -4.88
CA HIS D 65 -58.88 -2.31 -4.35
C HIS D 65 -58.93 -2.33 -2.83
N ARG D 66 -58.88 -1.16 -2.19
CA ARG D 66 -59.05 -1.10 -0.75
C ARG D 66 -60.42 -1.65 -0.36
N HIS D 67 -61.46 -1.23 -1.07
CA HIS D 67 -62.81 -1.71 -0.79
C HIS D 67 -62.90 -3.21 -1.00
N ILE D 68 -62.28 -3.71 -2.07
CA ILE D 68 -62.35 -5.13 -2.37
C ILE D 68 -61.66 -5.93 -1.28
N PHE D 69 -60.48 -5.49 -0.84
CA PHE D 69 -59.78 -6.19 0.23
C PHE D 69 -60.58 -6.14 1.53
N THR D 70 -61.21 -5.00 1.81
CA THR D 70 -62.02 -4.90 3.03
C THR D 70 -63.19 -5.87 2.98
N GLU D 71 -63.86 -5.97 1.84
CA GLU D 71 -64.98 -6.91 1.71
C GLU D 71 -64.49 -8.34 1.83
N MET D 72 -63.33 -8.65 1.23
CA MET D 72 -62.77 -9.98 1.37
C MET D 72 -62.47 -10.32 2.82
N ALA D 73 -61.91 -9.36 3.55
CA ALA D 73 -61.64 -9.57 4.97
C ALA D 73 -62.92 -9.80 5.75
N ARG D 74 -63.96 -9.02 5.44
CA ARG D 74 -65.23 -9.19 6.13
C ARG D 74 -65.81 -10.58 5.86
N LEU D 75 -65.75 -11.03 4.61
CA LEU D 75 -66.26 -12.36 4.28
C LEU D 75 -65.45 -13.45 4.97
N GLN D 76 -64.11 -13.30 4.99
CA GLN D 76 -63.27 -14.31 5.61
C GLN D 76 -63.52 -14.39 7.11
N GLU D 77 -63.64 -13.23 7.77
CA GLU D 77 -63.95 -13.22 9.19
C GLU D 77 -65.30 -13.89 9.47
N SER D 78 -66.22 -13.82 8.51
CA SER D 78 -67.48 -14.54 8.62
C SER D 78 -67.33 -16.02 8.28
N GLY D 79 -66.16 -16.45 7.82
CA GLY D 79 -65.94 -17.82 7.43
C GLY D 79 -66.34 -18.17 6.01
N SER D 80 -66.90 -17.21 5.27
CA SER D 80 -67.31 -17.49 3.90
C SER D 80 -66.08 -17.61 3.00
N PRO D 81 -66.08 -18.51 2.02
CA PRO D 81 -64.98 -18.55 1.06
C PRO D 81 -64.99 -17.32 0.17
N ILE D 82 -63.80 -16.95 -0.31
CA ILE D 82 -63.63 -15.77 -1.15
C ILE D 82 -63.60 -16.26 -2.60
N ASP D 83 -64.55 -15.79 -3.40
CA ASP D 83 -64.62 -16.10 -4.81
C ASP D 83 -65.25 -14.92 -5.54
N LEU D 84 -65.33 -15.04 -6.87
CA LEU D 84 -65.95 -13.98 -7.66
C LEU D 84 -67.42 -13.82 -7.31
N ILE D 85 -68.15 -14.93 -7.24
CA ILE D 85 -69.60 -14.86 -7.10
C ILE D 85 -69.97 -14.28 -5.74
N THR D 86 -69.39 -14.82 -4.67
CA THR D 86 -69.74 -14.37 -3.32
C THR D 86 -69.34 -12.91 -3.12
N LEU D 87 -68.15 -12.53 -3.57
CA LEU D 87 -67.69 -11.15 -3.41
C LEU D 87 -68.58 -10.20 -4.21
N ALA D 88 -68.92 -10.57 -5.44
CA ALA D 88 -69.79 -9.72 -6.25
C ALA D 88 -71.15 -9.55 -5.59
N GLU D 89 -71.71 -10.66 -5.08
CA GLU D 89 -73.01 -10.58 -4.40
C GLU D 89 -72.91 -9.68 -3.16
N SER D 90 -71.84 -9.83 -2.38
CA SER D 90 -71.69 -9.05 -1.16
C SER D 90 -71.57 -7.56 -1.48
N LEU D 91 -70.78 -7.22 -2.50
CA LEU D 91 -70.64 -5.81 -2.88
C LEU D 91 -71.94 -5.27 -3.45
N GLU D 92 -72.68 -6.09 -4.20
CA GLU D 92 -73.97 -5.66 -4.73
C GLU D 92 -74.95 -5.37 -3.60
N ARG D 93 -74.96 -6.22 -2.57
CA ARG D 93 -75.83 -5.99 -1.42
C ARG D 93 -75.50 -4.67 -0.74
N GLN D 94 -74.22 -4.36 -0.57
CA GLN D 94 -73.80 -3.10 0.02
C GLN D 94 -73.88 -1.95 -0.96
N GLY D 95 -74.17 -2.21 -2.23
CA GLY D 95 -74.20 -1.16 -3.22
C GLY D 95 -72.83 -0.69 -3.66
N GLN D 96 -71.77 -1.38 -3.23
CA GLN D 96 -70.41 -1.02 -3.58
C GLN D 96 -69.91 -1.71 -4.84
N LEU D 97 -70.75 -2.55 -5.47
CA LEU D 97 -70.35 -3.22 -6.70
C LEU D 97 -70.06 -2.21 -7.80
N ASP D 98 -70.89 -1.18 -7.90
CA ASP D 98 -70.67 -0.17 -8.93
C ASP D 98 -69.36 0.58 -8.70
N SER D 99 -69.02 0.84 -7.44
CA SER D 99 -67.83 1.62 -7.13
C SER D 99 -66.54 0.89 -7.45
N VAL D 100 -66.58 -0.41 -7.75
CA VAL D 100 -65.38 -1.19 -8.02
C VAL D 100 -65.23 -1.61 -9.47
N GLY D 101 -66.33 -1.78 -10.21
CA GLY D 101 -66.28 -2.14 -11.61
C GLY D 101 -67.20 -3.28 -12.03
N GLY D 102 -68.00 -3.83 -11.12
CA GLY D 102 -68.96 -4.85 -11.50
C GLY D 102 -68.34 -6.23 -11.63
N CYS D 103 -69.17 -7.18 -12.08
CA CYS D 103 -68.71 -8.54 -12.29
C CYS D 103 -67.58 -8.60 -13.31
N ALA D 104 -67.57 -7.68 -14.28
CA ALA D 104 -66.53 -7.67 -15.30
C ALA D 104 -65.16 -7.40 -14.69
N TYR D 105 -65.03 -6.34 -13.88
CA TYR D 105 -63.72 -6.00 -13.34
C TYR D 105 -63.20 -7.06 -12.39
N LEU D 106 -64.06 -7.59 -11.52
CA LEU D 106 -63.62 -8.63 -10.60
C LEU D 106 -63.27 -9.92 -11.33
N ALA D 107 -64.04 -10.23 -12.39
CA ALA D 107 -63.67 -11.36 -13.24
C ALA D 107 -62.31 -11.15 -13.86
N GLU D 108 -62.03 -9.92 -14.31
CA GLU D 108 -60.71 -9.62 -14.84
C GLU D 108 -59.62 -9.78 -13.79
N LEU D 109 -59.91 -9.35 -12.55
CA LEU D 109 -58.95 -9.52 -11.47
C LEU D 109 -58.64 -10.99 -11.23
N SER D 110 -59.66 -11.84 -11.23
CA SER D 110 -59.43 -13.27 -11.09
C SER D 110 -58.69 -13.82 -12.29
N LYS D 111 -58.96 -13.29 -13.48
CA LYS D 111 -58.44 -13.83 -14.73
C LYS D 111 -56.95 -13.54 -14.92
N ASN D 112 -56.52 -12.31 -14.64
CA ASN D 112 -55.20 -11.85 -15.03
C ASN D 112 -54.09 -12.29 -14.08
N THR D 113 -54.42 -12.96 -12.98
CA THR D 113 -53.39 -13.41 -12.05
C THR D 113 -52.67 -14.62 -12.63
N PRO D 114 -51.35 -14.58 -12.83
CA PRO D 114 -50.67 -15.79 -13.31
C PRO D 114 -50.80 -16.98 -12.37
N SER D 115 -50.77 -16.76 -11.06
CA SER D 115 -50.85 -17.87 -10.11
C SER D 115 -50.92 -17.31 -8.70
N ALA D 116 -51.56 -18.08 -7.81
CA ALA D 116 -51.63 -17.73 -6.40
C ALA D 116 -50.43 -18.24 -5.60
N ALA D 117 -49.56 -19.05 -6.21
CA ALA D 117 -48.40 -19.56 -5.49
C ALA D 117 -47.46 -18.43 -5.06
N ASN D 118 -47.46 -17.32 -5.81
CA ASN D 118 -46.59 -16.19 -5.52
C ASN D 118 -47.36 -15.02 -4.91
N ILE D 119 -48.50 -15.29 -4.27
CA ILE D 119 -49.30 -14.22 -3.69
C ILE D 119 -48.54 -13.55 -2.56
N SER D 120 -47.69 -14.29 -1.86
CA SER D 120 -46.87 -13.71 -0.81
C SER D 120 -45.94 -12.64 -1.36
N ALA D 121 -45.33 -12.91 -2.52
CA ALA D 121 -44.46 -11.93 -3.14
C ALA D 121 -45.23 -10.68 -3.55
N TYR D 122 -46.44 -10.86 -4.09
CA TYR D 122 -47.26 -9.71 -4.47
C TYR D 122 -47.63 -8.89 -3.23
N ALA D 123 -47.96 -9.56 -2.13
CA ALA D 123 -48.25 -8.86 -0.89
C ALA D 123 -47.04 -8.08 -0.40
N ASP D 124 -45.85 -8.68 -0.51
CA ASP D 124 -44.64 -7.96 -0.15
C ASP D 124 -44.41 -6.75 -1.03
N ILE D 125 -44.72 -6.87 -2.33
CA ILE D 125 -44.59 -5.73 -3.24
C ILE D 125 -45.55 -4.61 -2.82
N VAL D 126 -46.79 -4.96 -2.50
CA VAL D 126 -47.76 -3.95 -2.09
C VAL D 126 -47.33 -3.30 -0.79
N ARG D 127 -46.79 -4.09 0.14
CA ARG D 127 -46.27 -3.52 1.38
C ARG D 127 -45.12 -2.57 1.11
N GLU D 128 -44.24 -2.94 0.17
CA GLU D 128 -43.14 -2.07 -0.22
C GLU D 128 -43.66 -0.73 -0.71
N ARG D 129 -44.62 -0.77 -1.63
CA ARG D 129 -45.16 0.47 -2.20
C ARG D 129 -45.86 1.29 -1.12
N ALA D 130 -46.59 0.62 -0.23
CA ALA D 130 -47.28 1.33 0.84
C ALA D 130 -46.29 2.02 1.76
N VAL D 131 -45.19 1.35 2.10
CA VAL D 131 -44.18 1.96 2.97
C VAL D 131 -43.50 3.11 2.26
N VAL D 132 -43.26 2.99 0.95
CA VAL D 132 -42.66 4.09 0.22
C VAL D 132 -43.60 5.29 0.21
N ARG D 133 -44.90 5.05 0.01
CA ARG D 133 -45.86 6.15 0.07
C ARG D 133 -45.90 6.77 1.45
N GLU D 134 -45.82 5.95 2.50
CA GLU D 134 -45.76 6.47 3.87
C GLU D 134 -44.57 7.39 4.04
N MET D 135 -43.40 6.96 3.56
CA MET D 135 -42.19 7.76 3.68
C MET D 135 -42.33 9.07 2.92
N ILE D 136 -42.91 9.01 1.72
CA ILE D 136 -43.06 10.23 0.91
C ILE D 136 -44.02 11.19 1.60
N SER D 137 -45.10 10.67 2.17
CA SER D 137 -46.05 11.53 2.87
C SER D 137 -45.39 12.16 4.09
N VAL D 138 -44.59 11.39 4.82
CA VAL D 138 -43.88 11.92 5.98
C VAL D 138 -42.94 13.04 5.55
N ALA D 139 -42.22 12.82 4.44
CA ALA D 139 -41.31 13.85 3.94
C ALA D 139 -42.06 15.10 3.55
N ASN D 140 -43.20 14.94 2.88
CA ASN D 140 -44.00 16.10 2.49
C ASN D 140 -44.50 16.87 3.72
N GLU D 141 -44.96 16.15 4.74
CA GLU D 141 -45.42 16.81 5.95
C GLU D 141 -44.28 17.56 6.64
N ILE D 142 -43.10 16.95 6.71
CA ILE D 142 -41.97 17.61 7.36
C ILE D 142 -41.54 18.83 6.57
N ALA D 143 -41.55 18.73 5.24
CA ALA D 143 -41.22 19.89 4.41
C ALA D 143 -42.23 21.02 4.61
N GLU D 144 -43.51 20.68 4.67
CA GLU D 144 -44.54 21.69 4.91
C GLU D 144 -44.33 22.35 6.27
N ALA D 145 -44.02 21.56 7.28
CA ALA D 145 -43.73 22.12 8.60
C ALA D 145 -42.52 23.03 8.58
N GLY D 146 -41.48 22.66 7.84
CA GLY D 146 -40.31 23.52 7.74
C GLY D 146 -40.61 24.83 7.05
N PHE D 147 -41.40 24.78 5.97
CA PHE D 147 -41.76 26.01 5.26
C PHE D 147 -42.69 26.89 6.09
N ASP D 148 -43.52 26.28 6.93
CA ASP D 148 -44.45 27.02 7.80
C ASP D 148 -44.26 26.48 9.21
N PRO D 149 -43.23 26.95 9.92
CA PRO D 149 -43.01 26.45 11.30
C PRO D 149 -44.16 26.73 12.23
N GLN D 150 -44.99 27.74 11.95
CA GLN D 150 -46.09 28.13 12.84
C GLN D 150 -45.57 28.47 14.23
N GLY D 151 -44.38 29.04 14.32
CA GLY D 151 -43.77 29.35 15.59
C GLY D 151 -43.11 28.19 16.28
N ARG D 152 -43.13 27.00 15.67
CA ARG D 152 -42.45 25.86 16.26
C ARG D 152 -40.94 26.08 16.24
N THR D 153 -40.29 25.78 17.36
CA THR D 153 -38.85 25.90 17.41
C THR D 153 -38.20 24.83 16.53
N SER D 154 -36.93 25.05 16.21
CA SER D 154 -36.19 24.04 15.47
C SER D 154 -36.18 22.72 16.23
N GLU D 155 -36.07 22.77 17.56
CA GLU D 155 -36.15 21.57 18.36
C GLU D 155 -37.49 20.88 18.16
N ASP D 156 -38.58 21.65 18.14
CA ASP D 156 -39.90 21.08 17.93
C ASP D 156 -40.00 20.39 16.57
N LEU D 157 -39.51 21.04 15.51
CA LEU D 157 -39.58 20.46 14.19
C LEU D 157 -38.74 19.19 14.09
N LEU D 158 -37.53 19.22 14.66
CA LEU D 158 -36.68 18.03 14.63
C LEU D 158 -37.30 16.89 15.41
N ASP D 159 -37.90 17.18 16.57
CA ASP D 159 -38.55 16.14 17.35
C ASP D 159 -39.75 15.58 16.61
N LEU D 160 -40.51 16.43 15.93
CA LEU D 160 -41.63 15.94 15.14
C LEU D 160 -41.15 15.04 14.02
N ALA D 161 -40.07 15.42 13.33
CA ALA D 161 -39.52 14.59 12.27
C ALA D 161 -39.04 13.25 12.84
N GLU D 162 -38.38 13.28 13.98
CA GLU D 162 -37.92 12.04 14.62
C GLU D 162 -39.11 11.14 14.96
N SER D 163 -40.18 11.72 15.50
CA SER D 163 -41.36 10.94 15.85
C SER D 163 -41.98 10.32 14.59
N ARG D 164 -42.06 11.11 13.52
CA ARG D 164 -42.61 10.59 12.27
C ARG D 164 -41.77 9.43 11.76
N VAL D 165 -40.45 9.56 11.85
CA VAL D 165 -39.57 8.48 11.43
C VAL D 165 -39.73 7.25 12.31
N PHE D 166 -39.97 7.44 13.61
CA PHE D 166 -40.20 6.30 14.50
C PHE D 166 -41.42 5.51 14.06
N LYS D 167 -42.47 6.21 13.62
CA LYS D 167 -43.63 5.52 13.04
C LYS D 167 -43.24 4.74 11.80
N ILE D 168 -42.35 5.31 10.98
CA ILE D 168 -41.85 4.65 9.79
C ILE D 168 -41.13 3.37 10.19
N ALA D 169 -40.28 3.47 11.22
CA ALA D 169 -39.51 2.31 11.66
C ALA D 169 -40.39 1.22 12.24
N GLU D 170 -41.37 1.56 13.06
CA GLU D 170 -42.19 0.56 13.73
C GLU D 170 -43.30 0.00 12.84
N SER D 171 -43.72 0.74 11.81
CA SER D 171 -44.81 0.27 10.97
C SER D 171 -44.42 -0.98 10.20
N ARG D 172 -43.22 -1.00 9.63
CA ARG D 172 -42.75 -2.14 8.85
C ARG D 172 -41.93 -3.12 9.68
N ALA D 173 -41.82 -2.89 10.99
CA ALA D 173 -41.07 -3.77 11.87
C ALA D 173 -41.82 -5.04 12.26
N ASN D 174 -43.09 -5.15 11.89
CA ASN D 174 -43.88 -6.34 12.22
C ASN D 174 -43.30 -7.60 11.57
N LYS D 175 -42.58 -7.46 10.46
CA LYS D 175 -41.93 -8.58 9.80
C LYS D 175 -40.49 -8.80 10.25
N ASP D 176 -39.84 -7.75 10.75
CA ASP D 176 -38.44 -7.82 11.17
C ASP D 176 -38.40 -7.88 12.69
N GLU D 177 -38.43 -9.10 13.21
CA GLU D 177 -38.34 -9.35 14.66
C GLU D 177 -36.88 -9.51 15.09
N GLY D 178 -36.13 -8.40 15.07
CA GLY D 178 -34.77 -8.41 15.53
C GLY D 178 -34.67 -8.86 16.96
N PRO D 179 -35.22 -8.08 17.90
CA PRO D 179 -35.23 -8.50 19.30
C PRO D 179 -36.28 -9.58 19.55
N LYS D 180 -35.83 -10.81 19.79
CA LYS D 180 -36.73 -11.93 19.98
C LYS D 180 -37.08 -12.07 21.45
N ASN D 181 -38.38 -12.07 21.75
CA ASN D 181 -38.83 -12.24 23.13
C ASN D 181 -38.44 -13.62 23.63
N ILE D 182 -38.11 -13.69 24.93
CA ILE D 182 -37.51 -14.92 25.48
C ILE D 182 -38.49 -16.09 25.40
N ALA D 183 -39.79 -15.81 25.42
CA ALA D 183 -40.77 -16.89 25.41
C ALA D 183 -40.67 -17.74 24.15
N ASP D 184 -40.52 -17.09 22.99
CA ASP D 184 -40.37 -17.83 21.74
C ASP D 184 -39.12 -18.68 21.74
N VAL D 185 -38.00 -18.12 22.21
CA VAL D 185 -36.74 -18.86 22.25
C VAL D 185 -36.89 -20.07 23.18
N LEU D 186 -37.51 -19.87 24.33
CA LEU D 186 -37.69 -20.97 25.27
C LEU D 186 -38.58 -22.05 24.69
N ASP D 187 -39.66 -21.67 24.01
CA ASP D 187 -40.53 -22.66 23.39
C ASP D 187 -39.78 -23.45 22.32
N ALA D 188 -39.00 -22.76 21.49
CA ALA D 188 -38.23 -23.45 20.47
C ALA D 188 -37.22 -24.40 21.09
N THR D 189 -36.55 -23.96 22.16
CA THR D 189 -35.56 -24.80 22.83
C THR D 189 -36.21 -26.03 23.45
N VAL D 190 -37.37 -25.84 24.09
CA VAL D 190 -38.06 -26.98 24.70
C VAL D 190 -38.50 -27.95 23.63
N ALA D 191 -39.01 -27.43 22.50
CA ALA D 191 -39.39 -28.30 21.39
C ALA D 191 -38.19 -29.08 20.88
N ARG D 192 -37.04 -28.42 20.74
CA ARG D 192 -35.83 -29.10 20.29
C ARG D 192 -35.41 -30.19 21.27
N ILE D 193 -35.46 -29.88 22.56
CA ILE D 193 -35.04 -30.85 23.57
C ILE D 193 -35.96 -32.06 23.57
N GLU D 194 -37.27 -31.81 23.51
CA GLU D 194 -38.24 -32.90 23.49
C GLU D 194 -38.09 -33.73 22.23
N GLN D 195 -37.84 -33.08 21.10
CA GLN D 195 -37.62 -33.79 19.85
C GLN D 195 -36.40 -34.69 19.93
N LEU D 196 -35.31 -34.17 20.48
CA LEU D 196 -34.11 -34.98 20.66
C LEU D 196 -34.35 -36.15 21.60
N PHE D 197 -35.00 -35.90 22.74
CA PHE D 197 -35.22 -36.97 23.71
C PHE D 197 -36.14 -38.05 23.16
N GLN D 198 -37.24 -37.66 22.53
CA GLN D 198 -38.18 -38.62 21.97
C GLN D 198 -37.52 -39.43 20.87
N GLN D 199 -36.73 -38.78 20.04
CA GLN D 199 -36.09 -39.42 18.91
C GLN D 199 -35.16 -40.52 19.41
N PRO D 200 -35.35 -41.78 19.03
CA PRO D 200 -34.38 -42.81 19.40
C PRO D 200 -33.05 -42.58 18.68
N HIS D 201 -31.98 -42.49 19.45
CA HIS D 201 -30.64 -42.26 18.90
C HIS D 201 -29.62 -42.99 19.77
N ASP D 202 -28.45 -43.24 19.18
CA ASP D 202 -27.33 -43.87 19.84
C ASP D 202 -26.30 -42.83 20.27
N GLY D 203 -26.77 -41.66 20.65
CA GLY D 203 -25.89 -40.54 20.99
C GLY D 203 -25.49 -39.69 19.82
N VAL D 204 -25.26 -40.31 18.66
CA VAL D 204 -24.88 -39.58 17.46
C VAL D 204 -26.15 -38.97 16.86
N THR D 205 -26.25 -37.64 16.89
CA THR D 205 -27.38 -36.93 16.31
C THR D 205 -27.09 -36.41 14.91
N GLY D 206 -25.85 -36.03 14.63
CA GLY D 206 -25.45 -35.56 13.32
C GLY D 206 -24.94 -36.69 12.46
N VAL D 207 -24.16 -36.33 11.45
CA VAL D 207 -23.60 -37.30 10.51
C VAL D 207 -22.55 -38.11 11.26
N ASN D 208 -22.74 -39.42 11.31
CA ASN D 208 -21.80 -40.29 12.00
C ASN D 208 -20.43 -40.22 11.34
N THR D 209 -19.39 -40.10 12.17
CA THR D 209 -18.02 -40.08 11.66
C THR D 209 -17.52 -41.48 11.32
N GLY D 210 -18.19 -42.52 11.81
CA GLY D 210 -17.77 -43.88 11.59
C GLY D 210 -16.70 -44.37 12.54
N TYR D 211 -16.31 -43.56 13.52
CA TYR D 211 -15.28 -43.92 14.48
C TYR D 211 -15.84 -43.71 15.88
N ASP D 212 -15.65 -44.70 16.75
CA ASP D 212 -16.32 -44.70 18.05
C ASP D 212 -15.90 -43.51 18.89
N ASP D 213 -14.59 -43.31 19.06
CA ASP D 213 -14.12 -42.25 19.95
C ASP D 213 -14.47 -40.87 19.41
N LEU D 214 -14.30 -40.66 18.10
CA LEU D 214 -14.64 -39.37 17.51
C LEU D 214 -16.13 -39.07 17.66
N ASN D 215 -16.98 -40.08 17.45
CA ASN D 215 -18.41 -39.90 17.66
C ASN D 215 -18.72 -39.61 19.12
N LYS D 216 -18.04 -40.29 20.05
CA LYS D 216 -18.27 -40.03 21.46
C LYS D 216 -17.93 -38.60 21.83
N LYS D 217 -16.78 -38.10 21.36
CA LYS D 217 -16.36 -36.75 21.71
C LYS D 217 -17.13 -35.68 20.94
N THR D 218 -17.68 -36.02 19.77
CA THR D 218 -18.32 -35.05 18.89
C THR D 218 -19.80 -35.32 18.65
N ALA D 219 -20.29 -36.50 18.99
CA ALA D 219 -21.68 -36.88 18.72
C ALA D 219 -21.99 -36.77 17.23
N GLY D 220 -20.97 -37.00 16.40
CA GLY D 220 -21.12 -36.87 14.96
C GLY D 220 -20.97 -35.43 14.50
N LEU D 221 -20.88 -35.28 13.19
CA LEU D 221 -20.73 -33.96 12.58
C LEU D 221 -22.07 -33.24 12.63
N GLN D 222 -22.14 -32.19 13.43
CA GLN D 222 -23.43 -31.56 13.66
C GLN D 222 -23.84 -30.72 12.44
N PRO D 223 -25.14 -30.59 12.17
CA PRO D 223 -25.55 -29.70 11.07
C PRO D 223 -25.24 -28.25 11.37
N SER D 224 -25.02 -27.48 10.31
CA SER D 224 -24.83 -26.03 10.33
C SER D 224 -23.48 -25.62 10.91
N ASP D 225 -22.66 -26.55 11.38
CA ASP D 225 -21.40 -26.22 12.01
C ASP D 225 -20.28 -26.22 10.97
N LEU D 226 -19.29 -25.36 11.18
CA LEU D 226 -18.10 -25.32 10.33
C LEU D 226 -17.04 -26.21 10.94
N ILE D 227 -16.62 -27.22 10.19
CA ILE D 227 -15.63 -28.20 10.62
C ILE D 227 -14.36 -27.96 9.82
N ILE D 228 -13.25 -27.78 10.52
CA ILE D 228 -11.95 -27.52 9.90
C ILE D 228 -11.02 -28.65 10.32
N VAL D 229 -10.70 -29.53 9.37
CA VAL D 229 -9.71 -30.58 9.57
C VAL D 229 -8.41 -30.08 8.98
N ALA D 230 -7.36 -30.01 9.80
CA ALA D 230 -6.09 -29.42 9.42
C ALA D 230 -4.95 -30.39 9.71
N ALA D 231 -3.88 -30.24 8.92
CA ALA D 231 -2.66 -31.01 9.09
C ALA D 231 -1.57 -30.45 8.19
N ARG D 232 -0.32 -30.78 8.50
CA ARG D 232 0.76 -30.45 7.58
C ARG D 232 0.59 -31.28 6.30
N PRO D 233 1.18 -30.84 5.19
CA PRO D 233 1.08 -31.64 3.97
C PRO D 233 1.71 -33.01 4.16
N SER D 234 1.15 -34.00 3.46
CA SER D 234 1.54 -35.40 3.50
C SER D 234 1.00 -36.11 4.73
N MET D 235 0.26 -35.43 5.61
CA MET D 235 -0.26 -36.07 6.80
C MET D 235 -1.51 -36.89 6.52
N GLY D 236 -2.03 -36.84 5.30
CA GLY D 236 -3.25 -37.55 4.96
C GLY D 236 -4.51 -36.81 5.31
N LYS D 237 -4.45 -35.49 5.46
CA LYS D 237 -5.65 -34.69 5.72
C LYS D 237 -6.75 -35.00 4.72
N THR D 238 -6.41 -34.97 3.42
CA THR D 238 -7.39 -35.31 2.40
C THR D 238 -7.84 -36.76 2.54
N THR D 239 -6.92 -37.65 2.91
CA THR D 239 -7.29 -39.05 3.12
C THR D 239 -8.30 -39.18 4.24
N PHE D 240 -8.07 -38.49 5.36
CA PHE D 240 -9.01 -38.54 6.47
C PHE D 240 -10.36 -37.96 6.08
N ALA D 241 -10.35 -36.87 5.33
CA ALA D 241 -11.59 -36.27 4.88
C ALA D 241 -12.37 -37.25 4.01
N MET D 242 -11.68 -37.92 3.09
CA MET D 242 -12.36 -38.89 2.23
C MET D 242 -12.89 -40.07 3.03
N ASN D 243 -12.15 -40.52 4.04
CA ASN D 243 -12.66 -41.59 4.88
C ASN D 243 -13.93 -41.16 5.60
N LEU D 244 -13.95 -39.94 6.13
CA LEU D 244 -15.15 -39.43 6.77
C LEU D 244 -16.31 -39.36 5.79
N VAL D 245 -16.04 -38.88 4.58
CA VAL D 245 -17.10 -38.76 3.58
C VAL D 245 -17.66 -40.14 3.23
N GLU D 246 -16.77 -41.12 3.07
CA GLU D 246 -17.22 -42.48 2.75
C GLU D 246 -18.07 -43.04 3.89
N ASN D 247 -17.63 -42.85 5.13
CA ASN D 247 -18.40 -43.34 6.26
C ASN D 247 -19.77 -42.67 6.32
N ALA D 248 -19.81 -41.37 6.08
CA ALA D 248 -21.09 -40.65 6.06
C ALA D 248 -22.01 -41.20 4.98
N ALA D 249 -21.46 -41.40 3.77
CA ALA D 249 -22.28 -41.91 2.68
C ALA D 249 -22.80 -43.31 2.96
N MET D 250 -21.98 -44.16 3.58
CA MET D 250 -22.43 -45.51 3.89
C MET D 250 -23.42 -45.54 5.06
N LEU D 251 -23.34 -44.56 5.97
CA LEU D 251 -24.19 -44.54 7.15
C LEU D 251 -25.38 -43.60 7.03
N GLN D 252 -25.65 -43.05 5.85
CA GLN D 252 -26.83 -42.23 5.65
C GLN D 252 -27.16 -42.17 4.16
N ASP D 253 -28.40 -41.81 3.87
CA ASP D 253 -28.91 -41.79 2.50
C ASP D 253 -28.80 -40.43 1.83
N LYS D 254 -28.63 -39.37 2.60
CA LYS D 254 -28.55 -38.04 2.00
C LYS D 254 -27.30 -37.93 1.14
N PRO D 255 -27.30 -37.10 0.09
CA PRO D 255 -26.12 -37.00 -0.76
C PRO D 255 -24.97 -36.31 -0.06
N VAL D 256 -23.76 -36.60 -0.54
CA VAL D 256 -22.55 -35.95 -0.06
C VAL D 256 -21.80 -35.37 -1.24
N LEU D 257 -21.32 -34.15 -1.08
CA LEU D 257 -20.67 -33.38 -2.14
C LEU D 257 -19.23 -33.12 -1.76
N ILE D 258 -18.32 -33.37 -2.71
CA ILE D 258 -16.89 -33.23 -2.50
C ILE D 258 -16.37 -32.19 -3.49
N PHE D 259 -15.58 -31.24 -2.98
CA PHE D 259 -14.91 -30.24 -3.80
C PHE D 259 -13.41 -30.48 -3.71
N SER D 260 -12.87 -31.19 -4.69
CA SER D 260 -11.45 -31.53 -4.73
C SER D 260 -10.75 -30.51 -5.63
N LEU D 261 -10.57 -29.30 -5.12
CA LEU D 261 -9.80 -28.30 -5.84
C LEU D 261 -8.32 -28.69 -5.90
N GLU D 262 -7.84 -29.43 -4.91
CA GLU D 262 -6.43 -29.80 -4.86
C GLU D 262 -6.09 -30.83 -5.93
N MET D 263 -6.93 -31.84 -6.09
CA MET D 263 -6.61 -33.03 -6.88
C MET D 263 -7.70 -33.31 -7.92
N PRO D 264 -7.39 -34.05 -8.98
CA PRO D 264 -8.44 -34.47 -9.90
C PRO D 264 -9.35 -35.51 -9.26
N SER D 265 -10.55 -35.66 -9.83
CA SER D 265 -11.52 -36.62 -9.33
C SER D 265 -10.98 -38.05 -9.40
N GLU D 266 -10.14 -38.33 -10.40
CA GLU D 266 -9.64 -39.68 -10.62
C GLU D 266 -8.80 -40.16 -9.43
N GLN D 267 -7.85 -39.34 -8.99
CA GLN D 267 -6.99 -39.75 -7.89
C GLN D 267 -7.77 -39.90 -6.59
N ILE D 268 -8.73 -38.99 -6.36
CA ILE D 268 -9.58 -39.11 -5.18
C ILE D 268 -10.37 -40.41 -5.22
N MET D 269 -10.91 -40.74 -6.39
CA MET D 269 -11.67 -41.98 -6.53
C MET D 269 -10.77 -43.19 -6.30
N MET D 270 -9.53 -43.14 -6.78
CA MET D 270 -8.60 -44.23 -6.53
C MET D 270 -8.34 -44.39 -5.03
N ARG D 271 -8.14 -43.28 -4.34
CA ARG D 271 -7.95 -43.34 -2.88
C ARG D 271 -9.18 -43.96 -2.22
N SER D 272 -10.36 -43.53 -2.64
CA SER D 272 -11.60 -44.02 -2.02
C SER D 272 -11.75 -45.53 -2.25
N LEU D 273 -11.50 -45.99 -3.47
CA LEU D 273 -11.61 -47.42 -3.75
C LEU D 273 -10.57 -48.21 -2.97
N ALA D 274 -9.35 -47.68 -2.87
CA ALA D 274 -8.31 -48.36 -2.09
C ALA D 274 -8.72 -48.50 -0.65
N SER D 275 -9.30 -47.44 -0.07
CA SER D 275 -9.73 -47.51 1.32
C SER D 275 -10.90 -48.48 1.49
N LEU D 276 -11.92 -48.34 0.66
CA LEU D 276 -13.12 -49.17 0.81
C LEU D 276 -12.79 -50.64 0.62
N SER D 277 -12.02 -50.97 -0.41
CA SER D 277 -11.62 -52.34 -0.66
C SER D 277 -10.45 -52.78 0.22
N ARG D 278 -9.81 -51.85 0.93
CA ARG D 278 -8.63 -52.15 1.73
C ARG D 278 -7.56 -52.82 0.86
N VAL D 279 -7.38 -52.29 -0.34
CA VAL D 279 -6.41 -52.80 -1.31
C VAL D 279 -5.29 -51.78 -1.43
N ASP D 280 -4.10 -52.27 -1.77
CA ASP D 280 -2.93 -51.41 -1.90
C ASP D 280 -3.19 -50.33 -2.94
N GLN D 281 -2.95 -49.07 -2.56
CA GLN D 281 -3.13 -47.97 -3.49
C GLN D 281 -2.13 -48.06 -4.64
N THR D 282 -0.92 -48.54 -4.35
CA THR D 282 0.09 -48.67 -5.39
C THR D 282 -0.36 -49.63 -6.48
N LYS D 283 -0.93 -50.77 -6.09
CA LYS D 283 -1.40 -51.73 -7.08
C LYS D 283 -2.51 -51.14 -7.92
N ILE D 284 -3.42 -50.41 -7.29
CA ILE D 284 -4.52 -49.79 -8.02
C ILE D 284 -3.99 -48.77 -9.02
N ARG D 285 -3.03 -47.95 -8.59
CA ARG D 285 -2.45 -46.96 -9.48
C ARG D 285 -1.73 -47.62 -10.65
N THR D 286 -0.98 -48.68 -10.37
CA THR D 286 -0.20 -49.36 -11.40
C THR D 286 -1.00 -50.41 -12.16
N GLY D 287 -2.22 -50.71 -11.73
CA GLY D 287 -2.98 -51.77 -12.37
C GLY D 287 -2.50 -53.16 -12.05
N GLN D 288 -1.63 -53.31 -11.05
CA GLN D 288 -1.11 -54.62 -10.64
C GLN D 288 -2.12 -55.31 -9.73
N LEU D 289 -3.25 -55.67 -10.33
CA LEU D 289 -4.40 -56.20 -9.62
C LEU D 289 -4.57 -57.68 -9.91
N ASP D 290 -4.82 -58.46 -8.86
CA ASP D 290 -5.16 -59.86 -9.01
C ASP D 290 -6.68 -60.04 -9.03
N ASP D 291 -7.11 -61.30 -9.16
CA ASP D 291 -8.53 -61.58 -9.27
C ASP D 291 -9.29 -61.20 -8.00
N GLU D 292 -8.74 -61.50 -6.82
CA GLU D 292 -9.41 -61.14 -5.58
C GLU D 292 -9.53 -59.62 -5.44
N ASP D 293 -8.45 -58.90 -5.76
CA ASP D 293 -8.49 -57.45 -5.69
C ASP D 293 -9.50 -56.89 -6.67
N TRP D 294 -9.53 -57.45 -7.88
CA TRP D 294 -10.51 -57.01 -8.87
C TRP D 294 -11.92 -57.28 -8.39
N ALA D 295 -12.14 -58.41 -7.71
CA ALA D 295 -13.46 -58.72 -7.19
C ALA D 295 -13.87 -57.74 -6.10
N ARG D 296 -12.95 -57.39 -5.21
CA ARG D 296 -13.25 -56.39 -4.19
C ARG D 296 -13.57 -55.05 -4.84
N ILE D 297 -12.81 -54.69 -5.88
CA ILE D 297 -13.08 -53.46 -6.61
C ILE D 297 -14.47 -53.49 -7.21
N SER D 298 -14.84 -54.62 -7.80
CA SER D 298 -16.15 -54.75 -8.42
C SER D 298 -17.27 -54.62 -7.37
N GLY D 299 -17.07 -55.23 -6.20
CA GLY D 299 -18.06 -55.11 -5.14
C GLY D 299 -18.21 -53.68 -4.67
N THR D 300 -17.08 -52.98 -4.51
CA THR D 300 -17.13 -51.57 -4.13
C THR D 300 -17.86 -50.76 -5.20
N MET D 301 -17.57 -51.04 -6.46
CA MET D 301 -18.25 -50.34 -7.55
C MET D 301 -19.75 -50.59 -7.50
N GLY D 302 -20.16 -51.83 -7.26
CA GLY D 302 -21.57 -52.13 -7.17
C GLY D 302 -22.24 -51.39 -6.03
N ILE D 303 -21.60 -51.38 -4.87
CA ILE D 303 -22.17 -50.68 -3.72
C ILE D 303 -22.32 -49.20 -4.02
N LEU D 304 -21.28 -48.58 -4.59
CA LEU D 304 -21.34 -47.15 -4.89
C LEU D 304 -22.40 -46.85 -5.94
N LEU D 305 -22.46 -47.66 -7.00
CA LEU D 305 -23.44 -47.43 -8.05
C LEU D 305 -24.85 -47.69 -7.56
N GLU D 306 -25.01 -48.50 -6.51
CA GLU D 306 -26.31 -48.63 -5.88
C GLU D 306 -26.66 -47.40 -5.06
N LYS D 307 -25.70 -46.88 -4.29
CA LYS D 307 -25.99 -45.73 -3.44
C LYS D 307 -26.31 -44.48 -4.26
N ARG D 308 -25.42 -44.11 -5.18
CA ARG D 308 -25.60 -42.93 -6.02
C ARG D 308 -25.90 -41.68 -5.20
N ASN D 309 -25.22 -41.57 -4.06
CA ASN D 309 -25.40 -40.44 -3.15
C ASN D 309 -24.12 -39.62 -2.98
N ILE D 310 -23.26 -39.58 -4.00
CA ILE D 310 -21.99 -38.87 -3.93
C ILE D 310 -21.83 -38.08 -5.22
N TYR D 311 -21.41 -36.83 -5.10
CA TYR D 311 -21.09 -35.98 -6.23
C TYR D 311 -19.75 -35.29 -5.98
N ILE D 312 -18.99 -35.07 -7.07
CA ILE D 312 -17.64 -34.55 -6.98
C ILE D 312 -17.48 -33.40 -7.96
N ASP D 313 -16.68 -32.41 -7.57
CA ASP D 313 -16.35 -31.28 -8.43
C ASP D 313 -14.89 -30.93 -8.19
N ASP D 314 -14.10 -30.89 -9.27
CA ASP D 314 -12.66 -30.67 -9.18
C ASP D 314 -12.23 -29.33 -9.79
N SER D 315 -13.17 -28.43 -10.07
CA SER D 315 -12.83 -27.18 -10.71
C SER D 315 -11.91 -26.34 -9.83
N SER D 316 -10.90 -25.74 -10.43
CA SER D 316 -9.96 -24.91 -9.70
C SER D 316 -10.46 -23.48 -9.60
N GLY D 317 -9.94 -22.75 -8.62
CA GLY D 317 -10.31 -21.36 -8.44
C GLY D 317 -11.78 -21.14 -8.16
N LEU D 318 -12.45 -22.12 -7.55
CA LEU D 318 -13.87 -21.99 -7.27
C LEU D 318 -14.11 -20.94 -6.20
N THR D 319 -15.05 -20.04 -6.45
CA THR D 319 -15.38 -19.00 -5.51
C THR D 319 -16.49 -19.46 -4.56
N PRO D 320 -16.66 -18.78 -3.41
CA PRO D 320 -17.74 -19.17 -2.51
C PRO D 320 -19.11 -19.11 -3.14
N THR D 321 -19.37 -18.13 -4.02
CA THR D 321 -20.69 -18.00 -4.62
C THR D 321 -21.00 -19.20 -5.51
N GLU D 322 -20.02 -19.64 -6.29
CA GLU D 322 -20.23 -20.81 -7.15
C GLU D 322 -20.53 -22.04 -6.31
N VAL D 323 -19.79 -22.23 -5.23
CA VAL D 323 -20.02 -23.37 -4.34
C VAL D 323 -21.43 -23.30 -3.76
N ARG D 324 -21.83 -22.10 -3.32
CA ARG D 324 -23.16 -21.93 -2.76
C ARG D 324 -24.24 -22.28 -3.77
N SER D 325 -24.09 -21.78 -5.00
CA SER D 325 -25.09 -22.04 -6.02
C SER D 325 -25.19 -23.53 -6.34
N ARG D 326 -24.04 -24.19 -6.48
CA ARG D 326 -24.06 -25.62 -6.79
C ARG D 326 -24.62 -26.42 -5.64
N ALA D 327 -24.31 -26.03 -4.40
CA ALA D 327 -24.86 -26.72 -3.24
C ALA D 327 -26.38 -26.57 -3.19
N ARG D 328 -26.88 -25.36 -3.47
CA ARG D 328 -28.33 -25.17 -3.51
C ARG D 328 -28.96 -26.02 -4.62
N ARG D 329 -28.30 -26.08 -5.78
CA ARG D 329 -28.82 -26.89 -6.88
C ARG D 329 -28.91 -28.35 -6.48
N ILE D 330 -27.85 -28.88 -5.88
CA ILE D 330 -27.86 -30.29 -5.48
C ILE D 330 -28.89 -30.54 -4.40
N ALA D 331 -29.01 -29.61 -3.44
CA ALA D 331 -29.99 -29.77 -2.38
C ALA D 331 -31.41 -29.81 -2.93
N ARG D 332 -31.71 -28.92 -3.87
CA ARG D 332 -33.03 -28.95 -4.50
C ARG D 332 -33.24 -30.24 -5.28
N GLU D 333 -32.21 -30.70 -5.98
CA GLU D 333 -32.33 -31.92 -6.77
C GLU D 333 -32.53 -33.15 -5.88
N HIS D 334 -32.03 -33.10 -4.64
CA HIS D 334 -32.06 -34.26 -3.75
C HIS D 334 -32.55 -33.90 -2.35
N GLY D 335 -33.29 -32.81 -2.20
CA GLY D 335 -33.90 -32.49 -0.92
C GLY D 335 -32.92 -32.29 0.21
N GLY D 336 -31.82 -31.62 -0.04
CA GLY D 336 -30.82 -31.35 0.97
C GLY D 336 -29.55 -32.15 0.75
N ILE D 337 -28.55 -31.84 1.57
CA ILE D 337 -27.24 -32.46 1.51
C ILE D 337 -26.89 -32.98 2.90
N GLY D 338 -26.42 -34.23 2.96
CA GLY D 338 -25.98 -34.80 4.20
C GLY D 338 -24.69 -34.17 4.73
N LEU D 339 -23.76 -33.88 3.82
CA LEU D 339 -22.46 -33.35 4.20
C LEU D 339 -21.82 -32.70 2.98
N ILE D 340 -20.97 -31.71 3.21
CA ILE D 340 -20.21 -31.06 2.15
C ILE D 340 -18.74 -31.03 2.55
N MET D 341 -17.86 -31.20 1.56
CA MET D 341 -16.43 -31.30 1.78
C MET D 341 -15.71 -30.33 0.84
N ILE D 342 -14.78 -29.55 1.39
CA ILE D 342 -14.02 -28.55 0.64
C ILE D 342 -12.55 -28.91 0.77
N ASP D 343 -11.89 -29.14 -0.35
CA ASP D 343 -10.48 -29.50 -0.45
C ASP D 343 -9.84 -28.56 -1.48
N TYR D 344 -9.42 -27.36 -1.07
CA TYR D 344 -9.46 -26.88 0.32
C TYR D 344 -9.57 -25.35 0.36
N LEU D 345 -9.58 -24.80 1.58
CA LEU D 345 -9.94 -23.41 1.79
C LEU D 345 -9.09 -22.44 0.99
N GLN D 346 -7.76 -22.56 1.10
CA GLN D 346 -6.88 -21.57 0.50
C GLN D 346 -7.01 -21.51 -1.01
N LEU D 347 -7.45 -22.58 -1.66
CA LEU D 347 -7.65 -22.58 -3.09
C LEU D 347 -8.88 -21.80 -3.52
N MET D 348 -9.78 -21.50 -2.59
CA MET D 348 -10.97 -20.72 -2.94
C MET D 348 -10.57 -19.31 -3.34
N ARG D 349 -11.30 -18.77 -4.32
CA ARG D 349 -10.97 -17.50 -4.94
C ARG D 349 -12.07 -16.48 -4.66
N VAL D 350 -11.66 -15.30 -4.21
CA VAL D 350 -12.54 -14.15 -4.06
C VAL D 350 -11.86 -12.96 -4.73
N PRO D 351 -12.05 -12.76 -6.04
CA PRO D 351 -11.38 -11.64 -6.71
C PRO D 351 -11.69 -10.28 -6.09
N ALA D 352 -12.83 -10.16 -5.39
CA ALA D 352 -13.14 -8.92 -4.71
C ALA D 352 -12.11 -8.59 -3.63
N LEU D 353 -11.46 -9.60 -3.05
CA LEU D 353 -10.45 -9.40 -2.01
C LEU D 353 -9.12 -10.05 -2.37
N SER D 354 -8.85 -10.29 -3.65
CA SER D 354 -7.59 -10.90 -4.05
C SER D 354 -6.40 -10.04 -3.66
N ASP D 355 -6.61 -8.73 -3.52
CA ASP D 355 -5.50 -7.84 -3.16
C ASP D 355 -4.93 -8.19 -1.80
N ASN D 356 -5.79 -8.45 -0.82
CA ASN D 356 -5.38 -8.80 0.54
C ASN D 356 -5.77 -10.25 0.78
N ARG D 357 -4.77 -11.12 0.97
CA ARG D 357 -5.04 -12.53 1.19
C ARG D 357 -5.84 -12.76 2.47
N THR D 358 -5.48 -12.08 3.56
CA THR D 358 -6.13 -12.32 4.84
C THR D 358 -7.61 -11.95 4.79
N LEU D 359 -7.93 -10.80 4.20
CA LEU D 359 -9.32 -10.39 4.09
C LEU D 359 -10.12 -11.36 3.21
N GLU D 360 -9.51 -11.82 2.11
CA GLU D 360 -10.18 -12.82 1.28
C GLU D 360 -10.46 -14.07 2.07
N ILE D 361 -9.49 -14.52 2.87
CA ILE D 361 -9.67 -15.75 3.64
C ILE D 361 -10.77 -15.57 4.67
N ALA D 362 -10.82 -14.42 5.33
CA ALA D 362 -11.89 -14.17 6.30
C ALA D 362 -13.24 -14.15 5.61
N GLU D 363 -13.33 -13.50 4.45
CA GLU D 363 -14.58 -13.49 3.69
C GLU D 363 -15.00 -14.91 3.31
N ILE D 364 -14.04 -15.72 2.85
CA ILE D 364 -14.34 -17.10 2.47
C ILE D 364 -14.88 -17.87 3.66
N SER D 365 -14.22 -17.74 4.80
CA SER D 365 -14.64 -18.48 5.99
C SER D 365 -16.04 -18.06 6.41
N ARG D 366 -16.30 -16.76 6.42
CA ARG D 366 -17.63 -16.27 6.81
C ARG D 366 -18.69 -16.74 5.83
N SER D 367 -18.38 -16.71 4.53
CA SER D 367 -19.35 -17.17 3.54
C SER D 367 -19.64 -18.66 3.69
N LEU D 368 -18.62 -19.46 3.97
CA LEU D 368 -18.84 -20.88 4.21
C LEU D 368 -19.69 -21.10 5.45
N LYS D 369 -19.44 -20.33 6.52
CA LYS D 369 -20.28 -20.44 7.70
C LYS D 369 -21.73 -20.09 7.38
N ALA D 370 -21.93 -19.03 6.60
CA ALA D 370 -23.27 -18.63 6.21
C ALA D 370 -23.95 -19.72 5.38
N LEU D 371 -23.19 -20.33 4.47
CA LEU D 371 -23.73 -21.42 3.66
C LEU D 371 -24.15 -22.59 4.54
N ALA D 372 -23.30 -22.94 5.51
CA ALA D 372 -23.63 -24.04 6.41
C ALA D 372 -24.90 -23.74 7.20
N LYS D 373 -25.03 -22.50 7.70
CA LYS D 373 -26.22 -22.14 8.43
C LYS D 373 -27.46 -22.20 7.54
N GLU D 374 -27.35 -21.69 6.31
CA GLU D 374 -28.49 -21.64 5.41
C GLU D 374 -28.95 -23.05 5.04
N LEU D 375 -28.02 -23.90 4.61
CA LEU D 375 -28.34 -25.26 4.20
C LEU D 375 -28.44 -26.22 5.37
N ASN D 376 -27.99 -25.82 6.56
CA ASN D 376 -28.09 -26.65 7.76
C ASN D 376 -27.42 -28.01 7.53
N VAL D 377 -26.20 -27.96 7.01
CA VAL D 377 -25.46 -29.16 6.63
C VAL D 377 -24.04 -29.03 7.18
N PRO D 378 -23.41 -30.11 7.66
CA PRO D 378 -22.00 -30.00 8.03
C PRO D 378 -21.14 -29.68 6.81
N VAL D 379 -20.12 -28.87 7.02
CA VAL D 379 -19.20 -28.45 5.97
C VAL D 379 -17.79 -28.65 6.50
N VAL D 380 -17.12 -29.70 6.03
CA VAL D 380 -15.75 -30.00 6.41
C VAL D 380 -14.84 -29.36 5.37
N ALA D 381 -14.22 -28.24 5.73
CA ALA D 381 -13.32 -27.52 4.85
C ALA D 381 -11.89 -27.66 5.38
N LEU D 382 -10.99 -28.13 4.53
CA LEU D 382 -9.64 -28.44 4.98
C LEU D 382 -8.77 -27.18 5.03
N SER D 383 -7.79 -27.20 5.92
CA SER D 383 -6.87 -26.10 6.11
C SER D 383 -5.46 -26.65 6.29
N GLN D 384 -4.48 -25.76 6.14
CA GLN D 384 -3.07 -26.11 6.30
C GLN D 384 -2.40 -25.14 7.26
N LEU D 385 -1.42 -25.66 7.98
CA LEU D 385 -0.77 -24.95 9.07
C LEU D 385 0.50 -24.26 8.60
N ASN D 386 0.93 -23.26 9.36
CA ASN D 386 2.17 -22.55 9.06
C ASN D 386 3.37 -23.39 9.46
N ARG D 387 4.48 -23.20 8.74
CA ARG D 387 5.68 -23.98 9.01
C ARG D 387 6.34 -23.58 10.33
N SER D 388 5.91 -22.46 10.92
CA SER D 388 6.41 -22.10 12.25
C SER D 388 6.17 -23.20 13.26
N LEU D 389 5.11 -23.99 13.06
CA LEU D 389 4.85 -25.14 13.91
C LEU D 389 6.07 -26.05 13.98
N GLU D 390 6.68 -26.32 12.83
CA GLU D 390 7.85 -27.20 12.81
C GLU D 390 9.09 -26.56 13.43
N GLN D 391 9.04 -25.26 13.72
CA GLN D 391 10.11 -24.60 14.46
C GLN D 391 9.96 -24.77 15.96
N ARG D 392 8.89 -25.40 16.42
CA ARG D 392 8.67 -25.61 17.84
C ARG D 392 9.21 -26.96 18.29
N ALA D 393 9.63 -27.02 19.55
CA ALA D 393 10.07 -28.29 20.12
C ALA D 393 8.95 -29.32 20.10
N ASP D 394 7.76 -28.92 20.53
CA ASP D 394 6.58 -29.77 20.45
C ASP D 394 5.90 -29.56 19.10
N LYS D 395 5.77 -30.63 18.33
CA LYS D 395 5.15 -30.57 17.02
C LYS D 395 3.67 -30.92 17.03
N ARG D 396 3.08 -31.14 18.20
CA ARG D 396 1.65 -31.35 18.26
C ARG D 396 0.95 -30.05 17.90
N PRO D 397 0.14 -30.01 16.83
CA PRO D 397 -0.43 -28.71 16.42
C PRO D 397 -1.36 -28.13 17.47
N VAL D 398 -1.44 -26.80 17.49
CA VAL D 398 -2.38 -26.05 18.31
C VAL D 398 -3.07 -25.04 17.41
N ASN D 399 -3.97 -24.25 18.02
CA ASN D 399 -4.81 -23.35 17.24
C ASN D 399 -4.00 -22.30 16.51
N SER D 400 -2.89 -21.85 17.11
CA SER D 400 -2.12 -20.75 16.52
C SER D 400 -1.46 -21.13 15.20
N ASP D 401 -1.41 -22.43 14.87
CA ASP D 401 -0.60 -22.88 13.75
C ASP D 401 -1.29 -22.73 12.39
N LEU D 402 -2.57 -22.37 12.36
CA LEU D 402 -3.29 -22.27 11.09
C LEU D 402 -2.72 -21.16 10.23
N ARG D 403 -2.85 -21.33 8.91
CA ARG D 403 -2.37 -20.34 7.94
C ARG D 403 -3.53 -19.43 7.51
N GLU D 404 -3.24 -18.13 7.37
CA GLU D 404 -4.29 -17.12 7.23
C GLU D 404 -5.35 -17.33 8.31
N SER D 405 -4.92 -17.14 9.55
CA SER D 405 -5.41 -17.98 10.64
C SER D 405 -6.56 -17.34 11.40
N GLY D 406 -6.41 -16.06 11.76
CA GLY D 406 -7.34 -15.38 12.64
C GLY D 406 -8.82 -15.67 12.39
N SER D 407 -9.23 -15.56 11.13
CA SER D 407 -10.64 -15.76 10.80
C SER D 407 -11.02 -17.23 10.81
N ILE D 408 -10.10 -18.10 10.40
CA ILE D 408 -10.43 -19.52 10.22
C ILE D 408 -10.88 -20.12 11.55
N GLU D 409 -10.09 -19.92 12.59
CA GLU D 409 -10.46 -20.46 13.90
C GLU D 409 -11.75 -19.83 14.41
N GLN D 410 -11.89 -18.52 14.25
CA GLN D 410 -13.06 -17.82 14.80
C GLN D 410 -14.35 -18.31 14.16
N ASP D 411 -14.37 -18.47 12.84
CA ASP D 411 -15.57 -18.98 12.18
C ASP D 411 -15.73 -20.48 12.40
N ALA D 412 -14.63 -21.20 12.61
CA ALA D 412 -14.73 -22.64 12.78
C ALA D 412 -15.48 -22.99 14.05
N ASP D 413 -16.34 -24.00 13.97
CA ASP D 413 -17.04 -24.53 15.13
C ASP D 413 -16.33 -25.75 15.70
N LEU D 414 -15.84 -26.63 14.83
CA LEU D 414 -15.03 -27.78 15.22
C LEU D 414 -13.70 -27.68 14.49
N ILE D 415 -12.61 -27.95 15.21
CA ILE D 415 -11.27 -27.93 14.64
C ILE D 415 -10.58 -29.23 15.05
N MET D 416 -10.10 -29.98 14.06
CA MET D 416 -9.45 -31.26 14.27
C MET D 416 -8.09 -31.25 13.61
N PHE D 417 -7.03 -31.26 14.42
CA PHE D 417 -5.67 -31.36 13.93
C PHE D 417 -5.26 -32.82 13.80
N ILE D 418 -4.46 -33.10 12.79
CA ILE D 418 -3.93 -34.44 12.55
C ILE D 418 -2.42 -34.40 12.79
N TYR D 419 -1.94 -35.30 13.64
CA TYR D 419 -0.52 -35.38 13.97
C TYR D 419 -0.05 -36.81 13.84
N ARG D 420 1.20 -36.99 13.39
CA ARG D 420 1.80 -38.31 13.24
C ARG D 420 3.25 -38.22 13.67
N ASP D 421 3.55 -38.71 14.87
CA ASP D 421 4.90 -38.55 15.41
C ASP D 421 5.92 -39.29 14.57
N GLU D 422 5.51 -40.41 13.95
CA GLU D 422 6.42 -41.16 13.09
C GLU D 422 6.94 -40.30 11.94
N VAL D 423 6.17 -39.31 11.50
CA VAL D 423 6.64 -38.43 10.43
C VAL D 423 7.88 -37.66 10.86
N TYR D 424 7.87 -37.13 12.09
CA TYR D 424 8.98 -36.33 12.59
C TYR D 424 9.93 -37.09 13.49
N HIS D 425 9.66 -38.36 13.78
CA HIS D 425 10.55 -39.18 14.61
C HIS D 425 10.52 -40.60 14.05
N GLU D 426 11.60 -41.00 13.37
CA GLU D 426 11.66 -42.33 12.80
C GLU D 426 11.65 -43.41 13.87
N ASN D 427 12.15 -43.11 15.07
CA ASN D 427 12.17 -44.06 16.19
C ASN D 427 10.94 -43.86 17.07
N SER D 428 9.85 -43.40 16.48
CA SER D 428 8.64 -43.13 17.24
C SER D 428 8.00 -44.44 17.72
N ASP D 429 7.51 -44.42 18.95
CA ASP D 429 6.75 -45.56 19.46
C ASP D 429 5.33 -45.60 18.92
N LEU D 430 4.87 -44.53 18.27
CA LEU D 430 3.51 -44.41 17.77
C LEU D 430 3.41 -44.71 16.28
N LYS D 431 4.21 -45.65 15.78
CA LYS D 431 4.17 -45.98 14.37
C LYS D 431 2.80 -46.52 13.99
N GLY D 432 2.23 -46.00 12.91
CA GLY D 432 0.90 -46.39 12.47
C GLY D 432 -0.22 -45.70 13.22
N ILE D 433 0.09 -44.85 14.19
CA ILE D 433 -0.90 -44.19 15.02
C ILE D 433 -0.96 -42.72 14.63
N ALA D 434 -2.18 -42.23 14.40
CA ALA D 434 -2.43 -40.84 14.09
C ALA D 434 -3.26 -40.22 15.19
N GLU D 435 -2.83 -39.06 15.68
CA GLU D 435 -3.51 -38.33 16.74
C GLU D 435 -4.45 -37.32 16.10
N ILE D 436 -5.76 -37.53 16.28
CA ILE D 436 -6.78 -36.56 15.90
C ILE D 436 -7.06 -35.76 17.17
N ILE D 437 -6.54 -34.54 17.20
CA ILE D 437 -6.71 -33.66 18.35
C ILE D 437 -7.84 -32.70 18.05
N ILE D 438 -8.97 -32.87 18.74
CA ILE D 438 -10.06 -31.92 18.69
C ILE D 438 -9.64 -30.72 19.51
N GLY D 439 -9.17 -29.67 18.84
CA GLY D 439 -8.70 -28.48 19.53
C GLY D 439 -9.76 -27.44 19.77
N LYS D 440 -10.88 -27.52 19.06
CA LYS D 440 -11.98 -26.59 19.24
C LYS D 440 -13.28 -27.35 19.18
N GLN D 441 -14.12 -27.19 20.20
CA GLN D 441 -15.45 -27.76 20.23
C GLN D 441 -16.35 -26.80 21.00
N ARG D 442 -17.27 -26.15 20.28
CA ARG D 442 -18.09 -25.12 20.90
C ARG D 442 -18.89 -25.67 22.07
N ASN D 443 -19.43 -26.88 21.93
CA ASN D 443 -20.34 -27.46 22.89
C ASN D 443 -19.88 -28.82 23.42
N GLY D 444 -18.57 -29.01 23.57
CA GLY D 444 -18.06 -30.25 24.10
C GLY D 444 -16.59 -30.17 24.46
N PRO D 445 -16.03 -31.26 24.97
CA PRO D 445 -14.65 -31.22 25.46
C PRO D 445 -13.63 -31.45 24.35
N ILE D 446 -12.58 -30.64 24.37
CA ILE D 446 -11.44 -30.80 23.48
C ILE D 446 -10.61 -31.97 23.99
N GLY D 447 -9.68 -32.46 23.17
CA GLY D 447 -8.79 -33.52 23.61
C GLY D 447 -8.28 -34.35 22.46
N THR D 448 -7.52 -35.39 22.80
CA THR D 448 -6.81 -36.21 21.83
C THR D 448 -7.57 -37.52 21.59
N VAL D 449 -7.50 -38.00 20.36
CA VAL D 449 -8.03 -39.31 19.98
C VAL D 449 -6.98 -39.98 19.12
N ARG D 450 -7.00 -41.32 19.07
CA ARG D 450 -6.02 -42.09 18.33
C ARG D 450 -6.70 -42.95 17.28
N LEU D 451 -6.06 -43.07 16.12
CA LEU D 451 -6.54 -43.92 15.04
C LEU D 451 -5.37 -44.65 14.40
N THR D 452 -5.68 -45.77 13.75
CA THR D 452 -4.67 -46.52 13.00
C THR D 452 -4.70 -46.07 11.55
N PHE D 453 -3.54 -45.69 11.03
CA PHE D 453 -3.40 -45.16 9.67
C PHE D 453 -2.81 -46.22 8.77
N ASN D 454 -3.57 -46.65 7.76
CA ASN D 454 -3.09 -47.58 6.75
C ASN D 454 -2.90 -46.80 5.45
N GLY D 455 -1.70 -46.27 5.27
CA GLY D 455 -1.38 -45.57 4.03
C GLY D 455 -1.38 -46.51 2.84
N GLN D 456 -1.18 -47.80 3.09
CA GLN D 456 -1.30 -48.80 2.02
C GLN D 456 -2.67 -48.72 1.36
N TRP D 457 -3.71 -48.54 2.15
CA TRP D 457 -5.07 -48.40 1.66
C TRP D 457 -5.57 -46.97 1.69
N SER D 458 -4.74 -46.04 2.18
CA SER D 458 -5.17 -44.65 2.37
C SER D 458 -6.42 -44.60 3.23
N ARG D 459 -6.31 -45.15 4.44
CA ARG D 459 -7.47 -45.35 5.30
C ARG D 459 -7.13 -45.04 6.75
N PHE D 460 -8.14 -44.64 7.51
CA PHE D 460 -8.06 -44.50 8.95
C PHE D 460 -9.07 -45.43 9.60
N ASP D 461 -8.64 -46.11 10.67
CA ASP D 461 -9.46 -47.05 11.39
C ASP D 461 -9.43 -46.73 12.87
N ASN D 462 -10.45 -47.19 13.59
CA ASN D 462 -10.49 -46.99 15.02
C ASN D 462 -9.29 -47.66 15.68
N TYR D 463 -8.63 -46.93 16.57
CA TYR D 463 -7.44 -47.44 17.24
C TYR D 463 -7.86 -48.50 18.25
N ALA D 464 -7.41 -49.73 18.03
CA ALA D 464 -7.79 -50.87 18.86
C ALA D 464 -6.70 -51.24 19.86
N GLY D 465 -5.64 -50.45 19.96
CA GLY D 465 -4.58 -50.74 20.90
C GLY D 465 -4.95 -50.31 22.30
N PRO D 466 -4.01 -50.51 23.23
CA PRO D 466 -4.25 -50.11 24.62
C PRO D 466 -4.54 -48.61 24.72
N GLN D 467 -5.49 -48.27 25.59
CA GLN D 467 -5.88 -46.88 25.77
C GLN D 467 -4.88 -46.17 26.67
N TYR D 468 -4.45 -44.97 26.26
CA TYR D 468 -3.54 -44.16 27.05
C TYR D 468 -4.34 -43.08 27.80
N ASP D 469 -4.06 -42.95 29.08
CA ASP D 469 -4.72 -41.92 29.89
C ASP D 469 -4.34 -40.54 29.37
N ASP D 470 -5.34 -39.68 29.23
CA ASP D 470 -5.12 -38.33 28.69
C ASP D 470 -4.73 -37.36 29.79
N GLU D 471 -3.46 -36.96 29.82
CA GLU D 471 -2.96 -36.02 30.82
C GLU D 471 -3.10 -34.59 30.35
N LEU E 24 -42.04 28.49 -7.03
CA LEU E 24 -40.74 28.12 -6.50
C LEU E 24 -40.63 28.48 -5.02
N LYS E 25 -40.71 27.46 -4.17
CA LYS E 25 -40.62 27.67 -2.72
C LYS E 25 -39.19 28.06 -2.36
N VAL E 26 -38.97 29.33 -2.08
CA VAL E 26 -37.63 29.81 -1.75
C VAL E 26 -37.23 29.23 -0.39
N PRO E 27 -35.98 28.83 -0.18
CA PRO E 27 -35.57 28.39 1.16
C PRO E 27 -35.72 29.50 2.17
N PRO E 28 -36.13 29.20 3.40
CA PRO E 28 -36.22 30.26 4.41
C PRO E 28 -34.85 30.84 4.71
N HIS E 29 -34.81 32.16 4.92
CA HIS E 29 -33.56 32.84 5.22
C HIS E 29 -33.88 34.21 5.80
N SER E 30 -32.85 34.83 6.38
CA SER E 30 -32.99 36.17 6.96
C SER E 30 -31.71 36.94 6.63
N ILE E 31 -31.76 37.71 5.54
CA ILE E 31 -30.59 38.48 5.13
C ILE E 31 -30.26 39.54 6.16
N GLU E 32 -31.28 40.11 6.80
CA GLU E 32 -31.06 41.17 7.78
C GLU E 32 -30.22 40.67 8.95
N ALA E 33 -30.51 39.47 9.45
CA ALA E 33 -29.76 38.93 10.57
C ALA E 33 -28.30 38.71 10.20
N GLU E 34 -28.06 38.16 9.01
CA GLU E 34 -26.69 37.92 8.56
C GLU E 34 -25.93 39.24 8.43
N GLN E 35 -26.56 40.24 7.82
CA GLN E 35 -25.92 41.55 7.68
C GLN E 35 -25.64 42.17 9.04
N SER E 36 -26.58 42.04 9.97
CA SER E 36 -26.37 42.60 11.30
C SER E 36 -25.19 41.93 12.00
N VAL E 37 -25.09 40.59 11.89
CA VAL E 37 -23.96 39.90 12.50
C VAL E 37 -22.65 40.35 11.87
N LEU E 38 -22.62 40.44 10.53
CA LEU E 38 -21.39 40.82 9.85
C LEU E 38 -20.95 42.23 10.26
N GLY E 39 -21.90 43.16 10.33
CA GLY E 39 -21.56 44.51 10.76
C GLY E 39 -21.12 44.57 12.21
N GLY E 40 -21.82 43.87 13.09
CA GLY E 40 -21.46 43.90 14.50
C GLY E 40 -20.10 43.32 14.78
N LEU E 41 -19.71 42.27 14.03
CA LEU E 41 -18.38 41.72 14.19
C LEU E 41 -17.31 42.75 13.87
N MET E 42 -17.50 43.53 12.81
CA MET E 42 -16.60 44.64 12.51
C MET E 42 -16.60 45.68 13.62
N LEU E 43 -17.72 45.87 14.30
CA LEU E 43 -17.84 46.88 15.33
C LEU E 43 -17.39 46.38 16.70
N ASP E 44 -17.40 45.07 16.92
CA ASP E 44 -16.99 44.51 18.21
C ASP E 44 -16.41 43.12 17.96
N ASN E 45 -15.10 43.01 18.06
CA ASN E 45 -14.46 41.71 17.94
C ASN E 45 -14.66 40.86 19.18
N GLU E 46 -14.85 41.50 20.34
CA GLU E 46 -15.00 40.75 21.58
C GLU E 46 -16.19 39.80 21.54
N ARG E 47 -17.30 40.24 20.97
CA ARG E 47 -18.49 39.41 20.85
C ARG E 47 -18.37 38.36 19.75
N TRP E 48 -17.23 38.29 19.08
CA TRP E 48 -16.99 37.24 18.10
C TRP E 48 -17.28 35.86 18.70
N ASP E 49 -16.85 35.67 19.95
CA ASP E 49 -17.10 34.40 20.63
C ASP E 49 -18.60 34.09 20.65
N ASP E 50 -19.42 35.09 20.99
CA ASP E 50 -20.86 34.88 20.97
C ASP E 50 -21.33 34.50 19.57
N VAL E 51 -20.77 35.14 18.55
CA VAL E 51 -21.07 34.73 17.19
C VAL E 51 -20.44 33.38 16.87
N ALA E 52 -19.27 33.12 17.44
CA ALA E 52 -18.52 31.91 17.07
C ALA E 52 -19.26 30.64 17.48
N GLU E 53 -19.78 30.58 18.71
CA GLU E 53 -20.42 29.37 19.18
C GLU E 53 -21.86 29.24 18.71
N ARG E 54 -22.41 30.27 18.07
CA ARG E 54 -23.79 30.25 17.59
C ARG E 54 -23.91 29.95 16.10
N VAL E 55 -22.99 30.44 15.28
CA VAL E 55 -23.09 30.34 13.82
C VAL E 55 -21.74 29.95 13.24
N VAL E 56 -21.77 29.13 12.19
CA VAL E 56 -20.59 28.78 11.42
C VAL E 56 -20.72 29.38 10.02
N ALA E 57 -19.66 29.24 9.23
CA ALA E 57 -19.64 29.84 7.90
C ALA E 57 -20.72 29.25 7.00
N ASP E 58 -20.91 27.93 7.06
CA ASP E 58 -21.85 27.26 6.19
C ASP E 58 -23.30 27.65 6.46
N ASP E 59 -23.58 28.28 7.59
CA ASP E 59 -24.97 28.61 7.93
C ASP E 59 -25.55 29.71 7.06
N PHE E 60 -24.73 30.62 6.57
CA PHE E 60 -25.24 31.79 5.85
C PHE E 60 -25.86 31.37 4.52
N TYR E 61 -27.09 31.82 4.30
CA TYR E 61 -27.80 31.46 3.07
C TYR E 61 -27.07 31.98 1.85
N THR E 62 -26.60 33.22 1.91
CA THR E 62 -25.92 33.84 0.77
C THR E 62 -24.44 33.51 0.80
N ARG E 63 -23.92 33.01 -0.32
CA ARG E 63 -22.52 32.64 -0.40
C ARG E 63 -21.57 33.78 -0.06
N PRO E 64 -21.80 35.02 -0.50
CA PRO E 64 -20.90 36.11 -0.06
C PRO E 64 -20.76 36.22 1.45
N HIS E 65 -21.86 36.05 2.18
CA HIS E 65 -21.77 36.10 3.64
C HIS E 65 -20.97 34.92 4.16
N ARG E 66 -21.09 33.75 3.53
CA ARG E 66 -20.29 32.61 3.92
C ARG E 66 -18.80 32.93 3.77
N HIS E 67 -18.43 33.50 2.62
CA HIS E 67 -17.03 33.85 2.39
C HIS E 67 -16.55 34.90 3.39
N ILE E 68 -17.40 35.88 3.68
CA ILE E 68 -17.03 36.93 4.63
C ILE E 68 -16.79 36.33 6.01
N PHE E 69 -17.69 35.43 6.44
CA PHE E 69 -17.52 34.80 7.74
C PHE E 69 -16.26 33.94 7.78
N THR E 70 -15.97 33.24 6.68
CA THR E 70 -14.76 32.44 6.62
C THR E 70 -13.52 33.32 6.77
N GLU E 71 -13.51 34.45 6.06
CA GLU E 71 -12.36 35.36 6.15
C GLU E 71 -12.24 35.95 7.55
N MET E 72 -13.37 36.32 8.16
CA MET E 72 -13.33 36.83 9.53
C MET E 72 -12.78 35.79 10.49
N ALA E 73 -13.22 34.54 10.34
CA ALA E 73 -12.72 33.47 11.20
C ALA E 73 -11.21 33.28 11.00
N ARG E 74 -10.76 33.32 9.74
CA ARG E 74 -9.34 33.17 9.47
C ARG E 74 -8.54 34.29 10.11
N LEU E 75 -9.02 35.53 9.99
CA LEU E 75 -8.30 36.67 10.57
C LEU E 75 -8.26 36.57 12.10
N GLN E 76 -9.42 36.28 12.71
CA GLN E 76 -9.48 36.23 14.17
C GLN E 76 -8.63 35.08 14.71
N GLU E 77 -8.62 33.95 14.00
CA GLU E 77 -7.76 32.84 14.39
C GLU E 77 -6.30 33.26 14.40
N SER E 78 -5.90 34.08 13.43
CA SER E 78 -4.55 34.64 13.40
C SER E 78 -4.34 35.69 14.47
N GLY E 79 -5.39 36.12 15.17
CA GLY E 79 -5.30 37.21 16.11
C GLY E 79 -5.52 38.58 15.52
N SER E 80 -5.74 38.68 14.21
CA SER E 80 -5.94 39.98 13.58
C SER E 80 -7.31 40.55 13.98
N PRO E 81 -7.47 41.86 13.96
CA PRO E 81 -8.79 42.44 14.25
C PRO E 81 -9.69 42.38 13.03
N ILE E 82 -10.95 42.04 13.27
CA ILE E 82 -11.95 41.97 12.20
C ILE E 82 -12.49 43.38 12.01
N ASP E 83 -12.10 44.01 10.91
CA ASP E 83 -12.55 45.34 10.55
C ASP E 83 -12.72 45.43 9.04
N LEU E 84 -13.29 46.55 8.59
CA LEU E 84 -13.55 46.78 7.18
C LEU E 84 -12.28 46.65 6.35
N ILE E 85 -11.23 47.38 6.74
CA ILE E 85 -10.02 47.45 5.94
C ILE E 85 -9.27 46.12 5.94
N THR E 86 -9.04 45.55 7.12
CA THR E 86 -8.31 44.28 7.19
C THR E 86 -9.06 43.17 6.49
N LEU E 87 -10.38 43.11 6.70
CA LEU E 87 -11.19 42.09 6.03
C LEU E 87 -11.16 42.27 4.52
N ALA E 88 -11.30 43.51 4.05
CA ALA E 88 -11.28 43.76 2.62
C ALA E 88 -9.95 43.34 2.01
N GLU E 89 -8.84 43.69 2.66
CA GLU E 89 -7.55 43.30 2.13
C GLU E 89 -7.34 41.79 2.20
N SER E 90 -7.83 41.15 3.26
CA SER E 90 -7.71 39.70 3.36
C SER E 90 -8.46 39.00 2.23
N LEU E 91 -9.67 39.47 1.93
CA LEU E 91 -10.41 38.91 0.79
C LEU E 91 -9.68 39.19 -0.51
N GLU E 92 -9.14 40.40 -0.67
CA GLU E 92 -8.42 40.73 -1.90
C GLU E 92 -7.18 39.87 -2.06
N ARG E 93 -6.58 39.44 -0.95
CA ARG E 93 -5.42 38.56 -1.03
C ARG E 93 -5.79 37.22 -1.64
N GLN E 94 -7.03 36.78 -1.47
CA GLN E 94 -7.55 35.58 -2.12
C GLN E 94 -8.40 35.93 -3.34
N GLY E 95 -8.41 37.19 -3.77
CA GLY E 95 -9.21 37.59 -4.90
C GLY E 95 -10.71 37.48 -4.66
N GLN E 96 -11.14 37.48 -3.41
CA GLN E 96 -12.53 37.26 -3.06
C GLN E 96 -13.28 38.55 -2.73
N LEU E 97 -12.61 39.71 -2.76
CA LEU E 97 -13.28 40.96 -2.42
C LEU E 97 -14.39 41.28 -3.41
N ASP E 98 -14.07 41.28 -4.70
CA ASP E 98 -15.08 41.58 -5.70
C ASP E 98 -16.19 40.54 -5.74
N SER E 99 -15.91 39.32 -5.25
CA SER E 99 -16.93 38.30 -5.17
C SER E 99 -17.97 38.60 -4.08
N VAL E 100 -17.61 39.41 -3.08
CA VAL E 100 -18.53 39.71 -1.98
C VAL E 100 -19.17 41.09 -2.12
N GLY E 101 -19.17 41.68 -3.30
CA GLY E 101 -19.70 43.01 -3.51
C GLY E 101 -18.69 44.13 -3.39
N GLY E 102 -17.48 43.84 -2.92
CA GLY E 102 -16.43 44.84 -2.87
C GLY E 102 -16.48 45.71 -1.63
N CYS E 103 -15.57 46.69 -1.63
CA CYS E 103 -15.47 47.60 -0.50
C CYS E 103 -16.76 48.37 -0.27
N ALA E 104 -17.50 48.68 -1.34
CA ALA E 104 -18.78 49.34 -1.18
C ALA E 104 -19.76 48.48 -0.40
N TYR E 105 -19.83 47.19 -0.74
CA TYR E 105 -20.72 46.28 -0.03
C TYR E 105 -20.28 46.12 1.42
N LEU E 106 -18.96 46.03 1.65
CA LEU E 106 -18.47 45.92 3.02
C LEU E 106 -18.81 47.17 3.83
N ALA E 107 -18.67 48.35 3.23
CA ALA E 107 -19.02 49.58 3.91
C ALA E 107 -20.52 49.63 4.20
N GLU E 108 -21.34 49.15 3.27
CA GLU E 108 -22.78 49.08 3.52
C GLU E 108 -23.07 48.17 4.71
N LEU E 109 -22.41 47.01 4.76
CA LEU E 109 -22.60 46.10 5.88
C LEU E 109 -22.20 46.75 7.20
N SER E 110 -21.05 47.44 7.20
CA SER E 110 -20.60 48.10 8.42
C SER E 110 -21.57 49.19 8.85
N LYS E 111 -22.12 49.94 7.89
CA LYS E 111 -22.99 51.06 8.22
C LYS E 111 -24.35 50.58 8.73
N ASN E 112 -24.93 49.58 8.06
CA ASN E 112 -26.30 49.18 8.34
C ASN E 112 -26.49 48.66 9.77
N THR E 113 -25.43 48.19 10.41
CA THR E 113 -25.53 47.67 11.77
C THR E 113 -25.37 48.81 12.78
N PRO E 114 -26.39 49.12 13.59
CA PRO E 114 -26.17 50.16 14.61
C PRO E 114 -25.21 49.74 15.70
N SER E 115 -25.39 48.55 16.26
CA SER E 115 -24.54 48.08 17.34
C SER E 115 -24.63 46.57 17.42
N ALA E 116 -23.70 45.98 18.18
CA ALA E 116 -23.59 44.54 18.32
C ALA E 116 -24.28 44.00 19.57
N ALA E 117 -25.12 44.80 20.24
CA ALA E 117 -25.77 44.32 21.46
C ALA E 117 -26.63 43.10 21.18
N ASN E 118 -27.45 43.15 20.13
CA ASN E 118 -28.37 42.07 19.78
C ASN E 118 -27.74 41.07 18.82
N ILE E 119 -26.40 40.98 18.81
CA ILE E 119 -25.74 40.12 17.84
C ILE E 119 -26.04 38.65 18.12
N SER E 120 -26.17 38.29 19.40
CA SER E 120 -26.47 36.92 19.76
C SER E 120 -27.81 36.48 19.19
N ALA E 121 -28.82 37.35 19.28
CA ALA E 121 -30.13 37.02 18.73
C ALA E 121 -30.06 36.84 17.22
N TYR E 122 -29.29 37.70 16.55
CA TYR E 122 -29.15 37.58 15.10
C TYR E 122 -28.46 36.28 14.73
N ALA E 123 -27.42 35.90 15.47
CA ALA E 123 -26.74 34.64 15.22
C ALA E 123 -27.67 33.46 15.43
N ASP E 124 -28.48 33.52 16.50
CA ASP E 124 -29.45 32.45 16.74
C ASP E 124 -30.48 32.37 15.62
N ILE E 125 -30.94 33.51 15.12
CA ILE E 125 -31.88 33.51 14.00
C ILE E 125 -31.24 32.87 12.77
N VAL E 126 -29.99 33.25 12.48
CA VAL E 126 -29.31 32.68 11.33
C VAL E 126 -29.16 31.18 11.48
N ARG E 127 -28.83 30.72 12.69
CA ARG E 127 -28.74 29.29 12.97
C ARG E 127 -30.08 28.62 12.72
N GLU E 128 -31.17 29.26 13.16
CA GLU E 128 -32.50 28.71 12.95
C GLU E 128 -32.79 28.54 11.46
N ARG E 129 -32.52 29.59 10.68
CA ARG E 129 -32.78 29.52 9.24
C ARG E 129 -31.93 28.44 8.58
N ALA E 130 -30.66 28.36 8.96
CA ALA E 130 -29.77 27.36 8.37
C ALA E 130 -30.26 25.95 8.69
N VAL E 131 -30.66 25.71 9.94
CA VAL E 131 -31.15 24.39 10.32
C VAL E 131 -32.44 24.08 9.59
N VAL E 132 -33.31 25.08 9.40
CA VAL E 132 -34.55 24.82 8.68
C VAL E 132 -34.25 24.46 7.23
N ARG E 133 -33.31 25.16 6.60
CA ARG E 133 -32.92 24.82 5.24
C ARG E 133 -32.34 23.43 5.18
N GLU E 134 -31.55 23.05 6.20
CA GLU E 134 -30.98 21.70 6.25
C GLU E 134 -32.08 20.66 6.34
N MET E 135 -33.08 20.91 7.18
CA MET E 135 -34.21 19.99 7.32
C MET E 135 -34.94 19.86 5.99
N ILE E 136 -35.17 20.99 5.32
CA ILE E 136 -35.86 20.97 4.03
C ILE E 136 -35.06 20.17 3.02
N SER E 137 -33.74 20.36 3.00
CA SER E 137 -32.89 19.62 2.07
C SER E 137 -32.95 18.13 2.34
N VAL E 138 -32.89 17.74 3.61
CA VAL E 138 -32.94 16.32 3.95
C VAL E 138 -34.28 15.73 3.53
N ALA E 139 -35.37 16.48 3.78
CA ALA E 139 -36.69 15.99 3.37
C ALA E 139 -36.76 15.82 1.86
N ASN E 140 -36.21 16.79 1.12
CA ASN E 140 -36.25 16.70 -0.34
C ASN E 140 -35.44 15.51 -0.83
N GLU E 141 -34.27 15.28 -0.23
CA GLU E 141 -33.45 14.13 -0.61
C GLU E 141 -34.16 12.82 -0.32
N ILE E 142 -34.83 12.74 0.83
CA ILE E 142 -35.57 11.53 1.18
C ILE E 142 -36.70 11.31 0.18
N ALA E 143 -37.42 12.38 -0.17
CA ALA E 143 -38.50 12.26 -1.14
C ALA E 143 -37.97 11.80 -2.49
N GLU E 144 -36.84 12.37 -2.93
CA GLU E 144 -36.26 11.99 -4.21
C GLU E 144 -35.85 10.52 -4.20
N ALA E 145 -35.25 10.07 -3.10
CA ALA E 145 -34.88 8.67 -2.99
C ALA E 145 -36.11 7.77 -3.00
N GLY E 146 -37.19 8.20 -2.35
CA GLY E 146 -38.43 7.42 -2.41
C GLY E 146 -38.97 7.33 -3.82
N PHE E 147 -38.94 8.43 -4.56
CA PHE E 147 -39.40 8.41 -5.94
C PHE E 147 -38.51 7.52 -6.80
N ASP E 148 -37.20 7.57 -6.59
CA ASP E 148 -36.22 6.80 -7.37
C ASP E 148 -35.33 6.04 -6.40
N PRO E 149 -35.78 4.90 -5.88
CA PRO E 149 -34.90 4.08 -5.03
C PRO E 149 -33.64 3.59 -5.74
N GLN E 150 -33.65 3.52 -7.06
CA GLN E 150 -32.51 3.02 -7.82
C GLN E 150 -32.20 1.58 -7.44
N GLY E 151 -33.25 0.82 -7.15
CA GLY E 151 -33.12 -0.58 -6.76
C GLY E 151 -32.99 -0.81 -5.28
N ARG E 152 -32.78 0.23 -4.48
CA ARG E 152 -32.67 0.06 -3.04
C ARG E 152 -34.01 -0.35 -2.45
N THR E 153 -33.96 -1.28 -1.49
CA THR E 153 -35.17 -1.71 -0.81
C THR E 153 -35.69 -0.59 0.08
N SER E 154 -36.93 -0.78 0.55
CA SER E 154 -37.50 0.21 1.46
C SER E 154 -36.67 0.35 2.72
N GLU E 155 -36.19 -0.77 3.26
CA GLU E 155 -35.42 -0.73 4.50
C GLU E 155 -34.20 0.17 4.36
N ASP E 156 -33.52 0.10 3.21
CA ASP E 156 -32.36 0.95 2.98
C ASP E 156 -32.75 2.43 3.01
N LEU E 157 -33.86 2.78 2.35
CA LEU E 157 -34.28 4.17 2.32
C LEU E 157 -34.67 4.65 3.71
N LEU E 158 -35.39 3.81 4.46
CA LEU E 158 -35.80 4.21 5.81
C LEU E 158 -34.59 4.38 6.71
N ASP E 159 -33.59 3.49 6.60
CA ASP E 159 -32.38 3.65 7.39
C ASP E 159 -31.63 4.92 6.99
N LEU E 160 -31.60 5.22 5.69
CA LEU E 160 -30.96 6.45 5.24
C LEU E 160 -31.65 7.66 5.85
N ALA E 161 -32.99 7.67 5.83
CA ALA E 161 -33.73 8.77 6.43
C ALA E 161 -33.46 8.86 7.93
N GLU E 162 -33.40 7.70 8.59
CA GLU E 162 -33.05 7.66 10.01
C GLU E 162 -31.72 8.35 10.26
N SER E 163 -30.70 7.97 9.49
CA SER E 163 -29.37 8.54 9.67
C SER E 163 -29.39 10.05 9.40
N ARG E 164 -30.08 10.46 8.35
CA ARG E 164 -30.11 11.88 8.00
C ARG E 164 -30.77 12.70 9.11
N VAL E 165 -31.89 12.22 9.64
CA VAL E 165 -32.57 12.93 10.71
C VAL E 165 -31.73 12.94 11.98
N PHE E 166 -31.10 11.81 12.29
CA PHE E 166 -30.27 11.73 13.49
C PHE E 166 -29.08 12.68 13.40
N LYS E 167 -28.52 12.84 12.20
CA LYS E 167 -27.41 13.77 12.04
C LYS E 167 -27.83 15.18 12.38
N ILE E 168 -28.98 15.62 11.87
CA ILE E 168 -29.46 16.97 12.18
C ILE E 168 -29.74 17.10 13.66
N ALA E 169 -30.35 16.06 14.26
CA ALA E 169 -30.67 16.12 15.68
C ALA E 169 -29.41 16.25 16.52
N GLU E 170 -28.35 15.52 16.15
CA GLU E 170 -27.11 15.58 16.92
C GLU E 170 -26.35 16.87 16.66
N SER E 171 -26.52 17.47 15.48
CA SER E 171 -25.78 18.67 15.12
C SER E 171 -26.16 19.88 15.96
N ARG E 172 -27.28 19.84 16.68
CA ARG E 172 -27.73 20.96 17.49
C ARG E 172 -27.24 20.90 18.93
N ALA E 173 -26.49 19.87 19.30
CA ALA E 173 -25.98 19.74 20.67
C ALA E 173 -24.74 20.63 20.84
N ASN E 174 -24.97 21.94 20.76
CA ASN E 174 -23.90 22.92 20.87
C ASN E 174 -24.12 23.93 22.00
N LYS E 175 -25.33 24.03 22.54
CA LYS E 175 -25.62 24.94 23.64
C LYS E 175 -25.22 24.36 24.99
N ASP E 176 -25.39 23.06 25.18
CA ASP E 176 -25.03 22.39 26.42
C ASP E 176 -23.60 21.88 26.33
N GLU E 177 -23.21 21.02 27.27
CA GLU E 177 -21.89 20.39 27.34
C GLU E 177 -20.77 21.40 27.08
N GLY E 178 -20.65 22.39 27.96
CA GLY E 178 -19.56 23.33 27.93
C GLY E 178 -19.06 23.66 29.32
N PRO E 179 -17.82 24.19 29.44
CA PRO E 179 -17.24 24.49 30.76
C PRO E 179 -17.71 25.82 31.34
N LYS E 180 -19.03 25.96 31.49
CA LYS E 180 -19.60 27.12 32.16
C LYS E 180 -19.11 27.16 33.60
N ASN E 181 -19.44 28.25 34.30
CA ASN E 181 -18.91 28.53 35.63
C ASN E 181 -18.87 27.27 36.50
N ILE E 182 -17.65 26.94 36.95
CA ILE E 182 -17.40 25.60 37.48
C ILE E 182 -18.20 25.36 38.76
N ALA E 183 -18.40 26.42 39.55
CA ALA E 183 -18.97 26.30 40.90
C ALA E 183 -20.19 25.39 40.93
N ASP E 184 -21.12 25.61 40.00
CA ASP E 184 -22.29 24.74 39.92
C ASP E 184 -21.92 23.29 39.61
N VAL E 185 -20.97 23.09 38.70
CA VAL E 185 -20.58 21.73 38.32
C VAL E 185 -19.95 21.01 39.51
N LEU E 186 -19.04 21.70 40.22
CA LEU E 186 -18.41 21.12 41.39
C LEU E 186 -19.42 20.81 42.47
N ASP E 187 -20.36 21.72 42.70
CA ASP E 187 -21.39 21.48 43.72
C ASP E 187 -22.23 20.27 43.34
N ALA E 188 -22.64 20.17 42.07
CA ALA E 188 -23.44 19.04 41.62
C ALA E 188 -22.67 17.74 41.75
N THR E 189 -21.40 17.73 41.36
CA THR E 189 -20.60 16.51 41.45
C THR E 189 -20.41 16.08 42.89
N VAL E 190 -20.13 17.04 43.78
CA VAL E 190 -19.95 16.70 45.19
C VAL E 190 -21.26 16.20 45.79
N ALA E 191 -22.39 16.81 45.39
CA ALA E 191 -23.69 16.35 45.87
C ALA E 191 -23.97 14.94 45.39
N ARG E 192 -23.61 14.64 44.14
CA ARG E 192 -23.78 13.28 43.63
C ARG E 192 -22.91 12.30 44.39
N ILE E 193 -21.68 12.69 44.70
CA ILE E 193 -20.80 11.83 45.48
C ILE E 193 -21.39 11.56 46.86
N GLU E 194 -21.92 12.61 47.50
CA GLU E 194 -22.56 12.44 48.80
C GLU E 194 -23.77 11.52 48.71
N GLN E 195 -24.55 11.66 47.64
CA GLN E 195 -25.69 10.79 47.42
C GLN E 195 -25.25 9.34 47.27
N LEU E 196 -24.18 9.10 46.51
CA LEU E 196 -23.65 7.75 46.39
C LEU E 196 -23.19 7.21 47.74
N PHE E 197 -22.53 8.05 48.55
CA PHE E 197 -22.08 7.62 49.86
C PHE E 197 -23.27 7.23 50.75
N GLN E 198 -24.32 8.05 50.73
CA GLN E 198 -25.45 7.85 51.63
C GLN E 198 -26.12 6.50 51.35
N GLN E 199 -26.32 6.18 50.08
CA GLN E 199 -26.87 4.90 49.69
C GLN E 199 -25.95 3.78 50.20
N PRO E 200 -26.32 3.05 51.27
CA PRO E 200 -25.38 2.06 51.82
C PRO E 200 -25.39 0.76 51.04
N HIS E 201 -24.66 0.72 49.94
CA HIS E 201 -24.56 -0.48 49.15
C HIS E 201 -23.64 -1.49 49.83
N ASP E 202 -23.72 -2.73 49.37
CA ASP E 202 -22.92 -3.81 49.94
C ASP E 202 -21.58 -3.94 49.24
N GLY E 203 -21.10 -2.84 48.63
CA GLY E 203 -19.83 -2.84 47.93
C GLY E 203 -20.01 -2.78 46.43
N VAL E 204 -21.12 -3.33 45.94
CA VAL E 204 -21.41 -3.38 44.51
C VAL E 204 -22.43 -2.29 44.21
N THR E 205 -21.97 -1.21 43.56
CA THR E 205 -22.84 -0.10 43.18
C THR E 205 -23.45 -0.26 41.80
N GLY E 206 -23.04 -1.29 41.04
CA GLY E 206 -23.54 -1.52 39.71
C GLY E 206 -24.10 -2.90 39.52
N VAL E 207 -24.22 -3.34 38.26
CA VAL E 207 -24.74 -4.66 37.94
C VAL E 207 -23.79 -5.70 38.54
N ASN E 208 -24.29 -6.49 39.48
CA ASN E 208 -23.48 -7.51 40.13
C ASN E 208 -22.98 -8.52 39.11
N THR E 209 -21.70 -8.83 39.16
CA THR E 209 -21.12 -9.80 38.24
C THR E 209 -21.38 -11.23 38.71
N GLY E 210 -21.84 -11.41 39.94
CA GLY E 210 -22.08 -12.72 40.48
C GLY E 210 -20.86 -13.41 41.06
N TYR E 211 -19.71 -12.74 41.08
CA TYR E 211 -18.48 -13.30 41.61
C TYR E 211 -17.91 -12.35 42.64
N ASP E 212 -17.56 -12.88 43.81
CA ASP E 212 -17.19 -12.03 44.94
C ASP E 212 -15.94 -11.21 44.63
N ASP E 213 -14.87 -11.87 44.18
CA ASP E 213 -13.63 -11.16 43.93
C ASP E 213 -13.77 -10.18 42.77
N LEU E 214 -14.45 -10.58 41.70
CA LEU E 214 -14.63 -9.68 40.57
C LEU E 214 -15.47 -8.47 40.95
N ASN E 215 -16.53 -8.68 41.73
CA ASN E 215 -17.31 -7.56 42.21
C ASN E 215 -16.49 -6.65 43.11
N LYS E 216 -15.65 -7.23 43.98
CA LYS E 216 -14.81 -6.41 44.84
C LYS E 216 -13.86 -5.55 44.03
N LYS E 217 -13.22 -6.13 43.01
CA LYS E 217 -12.26 -5.36 42.22
C LYS E 217 -12.93 -4.38 41.27
N THR E 218 -14.17 -4.66 40.85
CA THR E 218 -14.86 -3.85 39.86
C THR E 218 -16.06 -3.10 40.41
N ALA E 219 -16.56 -3.48 41.59
CA ALA E 219 -17.80 -2.92 42.13
C ALA E 219 -18.95 -3.10 41.15
N GLY E 220 -18.94 -4.20 40.41
CA GLY E 220 -19.95 -4.46 39.41
C GLY E 220 -19.70 -3.72 38.12
N LEU E 221 -20.53 -4.05 37.12
CA LEU E 221 -20.45 -3.40 35.81
C LEU E 221 -21.13 -2.04 35.90
N GLN E 222 -20.35 -0.99 35.82
CA GLN E 222 -20.88 0.33 36.12
C GLN E 222 -21.78 0.81 34.96
N PRO E 223 -22.75 1.68 35.24
CA PRO E 223 -23.53 2.26 34.14
C PRO E 223 -22.65 3.09 33.22
N SER E 224 -23.02 3.11 31.94
CA SER E 224 -22.39 3.92 30.90
C SER E 224 -21.01 3.42 30.50
N ASP E 225 -20.49 2.40 31.14
CA ASP E 225 -19.11 1.96 30.92
C ASP E 225 -19.06 0.83 29.91
N LEU E 226 -18.08 0.91 29.00
CA LEU E 226 -17.88 -0.11 27.98
C LEU E 226 -16.89 -1.14 28.53
N ILE E 227 -17.32 -2.41 28.55
CA ILE E 227 -16.52 -3.51 29.07
C ILE E 227 -16.21 -4.45 27.93
N ILE E 228 -14.94 -4.78 27.77
CA ILE E 228 -14.49 -5.68 26.72
C ILE E 228 -13.88 -6.92 27.39
N VAL E 229 -14.50 -8.07 27.17
CA VAL E 229 -13.96 -9.35 27.60
C VAL E 229 -13.35 -10.04 26.39
N ALA E 230 -12.08 -10.44 26.51
CA ALA E 230 -11.34 -10.99 25.38
C ALA E 230 -10.55 -12.21 25.82
N ALA E 231 -10.25 -13.05 24.84
CA ALA E 231 -9.37 -14.20 25.01
C ALA E 231 -9.24 -14.93 23.69
N ARG E 232 -8.35 -15.90 23.60
CA ARG E 232 -8.25 -16.70 22.39
C ARG E 232 -9.55 -17.50 22.21
N PRO E 233 -9.89 -17.86 20.98
CA PRO E 233 -11.10 -18.66 20.78
C PRO E 233 -10.99 -20.00 21.49
N SER E 234 -12.14 -20.54 21.90
CA SER E 234 -12.31 -21.77 22.66
C SER E 234 -12.00 -21.56 24.14
N MET E 235 -11.66 -20.36 24.57
CA MET E 235 -11.34 -20.11 25.98
C MET E 235 -12.57 -19.97 26.84
N GLY E 236 -13.77 -20.00 26.25
CA GLY E 236 -14.99 -19.79 27.00
C GLY E 236 -15.38 -18.33 27.16
N LYS E 237 -14.85 -17.45 26.30
CA LYS E 237 -15.24 -16.04 26.33
C LYS E 237 -16.75 -15.88 26.32
N THR E 238 -17.41 -16.55 25.37
CA THR E 238 -18.86 -16.55 25.36
C THR E 238 -19.42 -17.19 26.62
N THR E 239 -18.73 -18.20 27.15
CA THR E 239 -19.19 -18.82 28.39
C THR E 239 -19.21 -17.81 29.54
N PHE E 240 -18.10 -17.09 29.71
CA PHE E 240 -18.03 -16.08 30.77
C PHE E 240 -19.06 -14.99 30.55
N ALA E 241 -19.23 -14.57 29.30
CA ALA E 241 -20.21 -13.53 29.00
C ALA E 241 -21.61 -13.98 29.38
N MET E 242 -21.99 -15.21 29.01
CA MET E 242 -23.32 -15.70 29.34
C MET E 242 -23.48 -15.90 30.83
N ASN E 243 -22.42 -16.30 31.54
CA ASN E 243 -22.51 -16.43 32.99
C ASN E 243 -22.77 -15.08 33.63
N LEU E 244 -22.08 -14.03 33.17
CA LEU E 244 -22.35 -12.69 33.68
C LEU E 244 -23.78 -12.28 33.36
N VAL E 245 -24.25 -12.59 32.15
CA VAL E 245 -25.62 -12.23 31.78
C VAL E 245 -26.62 -12.91 32.70
N GLU E 246 -26.42 -14.19 32.97
CA GLU E 246 -27.33 -14.92 33.85
C GLU E 246 -27.30 -14.34 35.26
N ASN E 247 -26.10 -14.02 35.75
CA ASN E 247 -26.01 -13.41 37.08
C ASN E 247 -26.76 -12.10 37.14
N ALA E 248 -26.60 -11.25 36.12
CA ALA E 248 -27.30 -9.97 36.10
C ALA E 248 -28.80 -10.19 36.05
N ALA E 249 -29.26 -11.12 35.20
CA ALA E 249 -30.69 -11.35 35.07
C ALA E 249 -31.30 -11.88 36.37
N MET E 250 -30.59 -12.77 37.06
CA MET E 250 -31.11 -13.32 38.31
C MET E 250 -31.05 -12.31 39.45
N LEU E 251 -30.07 -11.39 39.41
CA LEU E 251 -29.88 -10.42 40.48
C LEU E 251 -30.53 -9.07 40.20
N GLN E 252 -31.28 -8.93 39.11
CA GLN E 252 -31.98 -7.69 38.84
C GLN E 252 -33.22 -8.01 38.00
N ASP E 253 -34.13 -7.04 37.94
CA ASP E 253 -35.35 -7.17 37.15
C ASP E 253 -35.28 -6.42 35.82
N LYS E 254 -34.34 -5.50 35.67
CA LYS E 254 -34.21 -4.79 34.40
C LYS E 254 -33.83 -5.79 33.30
N PRO E 255 -34.27 -5.56 32.06
CA PRO E 255 -33.98 -6.53 31.00
C PRO E 255 -32.51 -6.55 30.66
N VAL E 256 -32.05 -7.67 30.11
CA VAL E 256 -30.70 -7.80 29.60
C VAL E 256 -30.77 -8.29 28.16
N LEU E 257 -30.00 -7.64 27.29
CA LEU E 257 -30.09 -7.82 25.85
C LEU E 257 -28.81 -8.45 25.34
N ILE E 258 -28.95 -9.41 24.44
CA ILE E 258 -27.83 -10.17 23.89
C ILE E 258 -27.88 -10.08 22.37
N PHE E 259 -26.73 -9.89 21.76
CA PHE E 259 -26.58 -9.94 20.31
C PHE E 259 -25.60 -11.07 20.00
N SER E 260 -26.14 -12.24 19.67
CA SER E 260 -25.35 -13.44 19.40
C SER E 260 -25.10 -13.53 17.91
N LEU E 261 -24.25 -12.64 17.39
CA LEU E 261 -23.88 -12.71 15.99
C LEU E 261 -23.09 -13.96 15.69
N GLU E 262 -22.29 -14.42 16.66
CA GLU E 262 -21.42 -15.57 16.43
C GLU E 262 -22.21 -16.87 16.32
N MET E 263 -23.23 -17.04 17.17
CA MET E 263 -23.94 -18.30 17.30
C MET E 263 -25.45 -18.08 17.27
N PRO E 264 -26.21 -19.11 16.89
CA PRO E 264 -27.68 -18.99 16.98
C PRO E 264 -28.15 -18.98 18.43
N SER E 265 -29.37 -18.47 18.62
CA SER E 265 -29.95 -18.40 19.96
C SER E 265 -30.09 -19.78 20.58
N GLU E 266 -30.26 -20.81 19.75
CA GLU E 266 -30.47 -22.16 20.27
C GLU E 266 -29.29 -22.62 21.12
N GLN E 267 -28.07 -22.53 20.58
CA GLN E 267 -26.91 -22.98 21.32
C GLN E 267 -26.68 -22.13 22.57
N ILE E 268 -26.92 -20.82 22.46
CA ILE E 268 -26.73 -19.95 23.61
C ILE E 268 -27.68 -20.34 24.73
N MET E 269 -28.95 -20.57 24.38
CA MET E 269 -29.92 -20.96 25.40
C MET E 269 -29.59 -22.33 25.98
N MET E 270 -29.08 -23.24 25.15
CA MET E 270 -28.68 -24.54 25.67
C MET E 270 -27.54 -24.39 26.68
N ARG E 271 -26.56 -23.54 26.35
CA ARG E 271 -25.49 -23.27 27.30
C ARG E 271 -26.03 -22.67 28.59
N SER E 272 -26.98 -21.73 28.46
CA SER E 272 -27.55 -21.09 29.64
C SER E 272 -28.24 -22.12 30.52
N LEU E 273 -29.03 -23.01 29.92
CA LEU E 273 -29.72 -24.03 30.69
C LEU E 273 -28.74 -24.99 31.35
N ALA E 274 -27.69 -25.38 30.61
CA ALA E 274 -26.69 -26.27 31.19
C ALA E 274 -26.01 -25.63 32.39
N SER E 275 -25.68 -24.35 32.29
CA SER E 275 -25.03 -23.67 33.40
C SER E 275 -25.98 -23.52 34.59
N LEU E 276 -27.19 -23.03 34.34
CA LEU E 276 -28.13 -22.79 35.43
C LEU E 276 -28.49 -24.09 36.14
N SER E 277 -28.77 -25.14 35.39
CA SER E 277 -29.13 -26.43 35.98
C SER E 277 -27.93 -27.20 36.50
N ARG E 278 -26.72 -26.77 36.15
CA ARG E 278 -25.50 -27.50 36.51
C ARG E 278 -25.58 -28.95 36.02
N VAL E 279 -26.06 -29.12 34.79
CA VAL E 279 -26.15 -30.42 34.13
C VAL E 279 -25.25 -30.39 32.91
N ASP E 280 -24.76 -31.57 32.53
CA ASP E 280 -23.80 -31.67 31.45
C ASP E 280 -24.37 -31.09 30.17
N GLN E 281 -23.59 -30.23 29.50
CA GLN E 281 -24.01 -29.66 28.23
C GLN E 281 -24.13 -30.75 27.18
N THR E 282 -23.28 -31.79 27.25
CA THR E 282 -23.33 -32.87 26.28
C THR E 282 -24.67 -33.59 26.35
N LYS E 283 -25.14 -33.89 27.56
CA LYS E 283 -26.42 -34.58 27.70
C LYS E 283 -27.56 -33.73 27.16
N ILE E 284 -27.54 -32.43 27.47
CA ILE E 284 -28.59 -31.55 27.00
C ILE E 284 -28.58 -31.48 25.47
N ARG E 285 -27.39 -31.38 24.88
CA ARG E 285 -27.27 -31.34 23.44
C ARG E 285 -27.75 -32.64 22.82
N THR E 286 -27.47 -33.77 23.47
CA THR E 286 -27.82 -35.08 22.93
C THR E 286 -29.20 -35.56 23.38
N GLY E 287 -29.82 -34.90 24.36
CA GLY E 287 -31.11 -35.34 24.83
C GLY E 287 -31.06 -36.59 25.69
N GLN E 288 -29.88 -36.99 26.15
CA GLN E 288 -29.75 -38.14 27.05
C GLN E 288 -29.93 -37.68 28.50
N LEU E 289 -31.12 -37.17 28.78
CA LEU E 289 -31.45 -36.56 30.06
C LEU E 289 -32.31 -37.50 30.89
N ASP E 290 -31.92 -37.69 32.14
CA ASP E 290 -32.69 -38.49 33.07
C ASP E 290 -33.81 -37.67 33.70
N ASP E 291 -34.57 -38.33 34.59
CA ASP E 291 -35.70 -37.65 35.22
C ASP E 291 -35.26 -36.48 36.07
N GLU E 292 -34.19 -36.64 36.86
CA GLU E 292 -33.70 -35.54 37.69
C GLU E 292 -33.18 -34.40 36.83
N ASP E 293 -32.45 -34.74 35.77
CA ASP E 293 -31.95 -33.70 34.86
C ASP E 293 -33.11 -32.94 34.23
N TRP E 294 -34.14 -33.65 33.78
CA TRP E 294 -35.28 -32.98 33.17
C TRP E 294 -36.03 -32.14 34.19
N ALA E 295 -36.08 -32.60 35.44
CA ALA E 295 -36.73 -31.81 36.48
C ALA E 295 -35.97 -30.50 36.72
N ARG E 296 -34.63 -30.58 36.78
CA ARG E 296 -33.84 -29.36 36.93
C ARG E 296 -34.04 -28.45 35.73
N ILE E 297 -34.11 -29.02 34.53
CA ILE E 297 -34.33 -28.23 33.32
C ILE E 297 -35.69 -27.53 33.39
N SER E 298 -36.70 -28.25 33.85
CA SER E 298 -38.04 -27.65 33.97
C SER E 298 -38.04 -26.53 35.00
N GLY E 299 -37.34 -26.73 36.12
CA GLY E 299 -37.24 -25.65 37.10
C GLY E 299 -36.55 -24.43 36.55
N THR E 300 -35.47 -24.64 35.79
CA THR E 300 -34.78 -23.52 35.15
C THR E 300 -35.71 -22.80 34.18
N MET E 301 -36.45 -23.58 33.38
CA MET E 301 -37.39 -22.99 32.44
C MET E 301 -38.44 -22.15 33.16
N GLY E 302 -38.96 -22.68 34.27
CA GLY E 302 -39.95 -21.93 35.03
C GLY E 302 -39.39 -20.64 35.59
N ILE E 303 -38.15 -20.70 36.09
CA ILE E 303 -37.52 -19.50 36.63
C ILE E 303 -37.36 -18.46 35.51
N LEU E 304 -36.89 -18.89 34.34
CA LEU E 304 -36.72 -17.97 33.24
C LEU E 304 -38.05 -17.37 32.80
N LEU E 305 -39.09 -18.20 32.70
CA LEU E 305 -40.39 -17.71 32.29
C LEU E 305 -41.00 -16.79 33.33
N GLU E 306 -40.61 -16.94 34.59
CA GLU E 306 -41.05 -16.01 35.63
C GLU E 306 -40.30 -14.69 35.54
N LYS E 307 -39.02 -14.75 35.15
CA LYS E 307 -38.25 -13.52 35.04
C LYS E 307 -38.66 -12.69 33.83
N ARG E 308 -38.51 -13.22 32.62
CA ARG E 308 -38.81 -12.50 31.39
C ARG E 308 -38.07 -11.17 31.33
N ASN E 309 -36.80 -11.18 31.74
CA ASN E 309 -35.94 -10.01 31.66
C ASN E 309 -34.75 -10.26 30.73
N ILE E 310 -34.93 -11.08 29.70
CA ILE E 310 -33.86 -11.44 28.77
C ILE E 310 -34.41 -11.29 27.36
N TYR E 311 -33.61 -10.72 26.47
CA TYR E 311 -33.94 -10.60 25.06
C TYR E 311 -32.72 -10.94 24.23
N ILE E 312 -32.92 -11.69 23.15
CA ILE E 312 -31.83 -12.21 22.33
C ILE E 312 -32.08 -11.83 20.88
N ASP E 313 -30.99 -11.51 20.19
CA ASP E 313 -31.02 -11.26 18.75
C ASP E 313 -29.89 -12.06 18.13
N ASP E 314 -30.25 -13.05 17.30
CA ASP E 314 -29.26 -13.88 16.61
C ASP E 314 -29.01 -13.42 15.19
N SER E 315 -29.55 -12.26 14.79
CA SER E 315 -29.29 -11.75 13.45
C SER E 315 -27.82 -11.41 13.29
N SER E 316 -27.24 -11.85 12.18
CA SER E 316 -25.83 -11.61 11.92
C SER E 316 -25.65 -10.36 11.07
N GLY E 317 -24.43 -9.83 11.09
CA GLY E 317 -24.14 -8.63 10.33
C GLY E 317 -24.88 -7.40 10.83
N LEU E 318 -25.09 -7.30 12.14
CA LEU E 318 -25.81 -6.15 12.69
C LEU E 318 -24.88 -4.95 12.81
N THR E 319 -25.31 -3.82 12.25
CA THR E 319 -24.54 -2.60 12.34
C THR E 319 -24.84 -1.88 13.65
N PRO E 320 -24.01 -0.92 14.04
CA PRO E 320 -24.30 -0.15 15.26
C PRO E 320 -25.64 0.56 15.21
N THR E 321 -26.08 0.98 14.03
CA THR E 321 -27.35 1.70 13.93
C THR E 321 -28.52 0.83 14.36
N GLU E 322 -28.60 -0.39 13.83
CA GLU E 322 -29.68 -1.29 14.22
C GLU E 322 -29.59 -1.64 15.69
N VAL E 323 -28.38 -1.87 16.19
CA VAL E 323 -28.22 -2.19 17.61
C VAL E 323 -28.74 -1.05 18.47
N ARG E 324 -28.37 0.18 18.12
CA ARG E 324 -28.83 1.34 18.86
C ARG E 324 -30.36 1.46 18.81
N SER E 325 -30.93 1.28 17.62
CA SER E 325 -32.38 1.42 17.49
C SER E 325 -33.11 0.37 18.31
N ARG E 326 -32.65 -0.87 18.25
CA ARG E 326 -33.30 -1.94 19.00
C ARG E 326 -33.11 -1.75 20.51
N ALA E 327 -31.94 -1.26 20.91
CA ALA E 327 -31.71 -0.98 22.32
C ALA E 327 -32.65 0.11 22.82
N ARG E 328 -32.82 1.17 22.02
CA ARG E 328 -33.77 2.21 22.39
C ARG E 328 -35.19 1.67 22.47
N ARG E 329 -35.56 0.83 21.51
CA ARG E 329 -36.89 0.21 21.54
C ARG E 329 -37.10 -0.56 22.83
N ILE E 330 -36.15 -1.42 23.17
CA ILE E 330 -36.31 -2.25 24.36
C ILE E 330 -36.32 -1.40 25.62
N ALA E 331 -35.46 -0.38 25.69
CA ALA E 331 -35.43 0.49 26.86
C ALA E 331 -36.76 1.23 27.02
N ARG E 332 -37.31 1.74 25.92
CA ARG E 332 -38.60 2.42 25.98
C ARG E 332 -39.69 1.46 26.42
N GLU E 333 -39.70 0.25 25.88
CA GLU E 333 -40.76 -0.70 26.21
C GLU E 333 -40.62 -1.21 27.63
N HIS E 334 -39.41 -1.18 28.20
CA HIS E 334 -39.14 -1.75 29.51
C HIS E 334 -38.44 -0.76 30.45
N GLY E 335 -38.51 0.53 30.15
CA GLY E 335 -37.97 1.53 31.06
C GLY E 335 -36.49 1.39 31.32
N GLY E 336 -35.70 1.07 30.31
CA GLY E 336 -34.27 0.94 30.43
C GLY E 336 -33.80 -0.50 30.35
N ILE E 337 -32.49 -0.64 30.28
CA ILE E 337 -31.83 -1.94 30.18
C ILE E 337 -30.78 -2.03 31.28
N GLY E 338 -30.77 -3.16 31.98
CA GLY E 338 -29.79 -3.37 33.04
C GLY E 338 -28.40 -3.64 32.48
N LEU E 339 -28.32 -4.34 31.36
CA LEU E 339 -27.06 -4.74 30.77
C LEU E 339 -27.29 -5.08 29.31
N ILE E 340 -26.29 -4.81 28.48
CA ILE E 340 -26.32 -5.18 27.06
C ILE E 340 -25.11 -6.07 26.78
N MET E 341 -25.31 -7.06 25.91
CA MET E 341 -24.27 -8.03 25.58
C MET E 341 -24.17 -8.16 24.06
N ILE E 342 -22.93 -8.16 23.56
CA ILE E 342 -22.66 -8.24 22.13
C ILE E 342 -21.61 -9.33 21.91
N ASP E 343 -21.94 -10.29 21.06
CA ASP E 343 -21.09 -11.44 20.75
C ASP E 343 -21.03 -11.55 19.21
N TYR E 344 -20.10 -10.83 18.57
CA TYR E 344 -19.05 -10.02 19.20
C TYR E 344 -18.61 -8.88 18.26
N LEU E 345 -17.59 -8.14 18.68
CA LEU E 345 -17.25 -6.87 18.04
C LEU E 345 -16.90 -7.02 16.56
N GLN E 346 -15.97 -7.92 16.23
CA GLN E 346 -15.44 -7.99 14.88
C GLN E 346 -16.49 -8.40 13.85
N LEU E 347 -17.57 -9.04 14.27
CA LEU E 347 -18.60 -9.46 13.34
C LEU E 347 -19.45 -8.31 12.82
N MET E 348 -19.52 -7.21 13.56
CA MET E 348 -20.36 -6.10 13.17
C MET E 348 -19.87 -5.49 11.86
N ARG E 349 -20.82 -4.93 11.11
CA ARG E 349 -20.57 -4.44 9.75
C ARG E 349 -20.78 -2.94 9.70
N VAL E 350 -19.86 -2.25 9.03
CA VAL E 350 -20.00 -0.84 8.71
C VAL E 350 -19.63 -0.66 7.24
N PRO E 351 -20.58 -0.81 6.30
CA PRO E 351 -20.23 -0.70 4.88
C PRO E 351 -19.56 0.60 4.49
N ALA E 352 -19.87 1.69 5.20
CA ALA E 352 -19.23 2.98 4.88
C ALA E 352 -17.73 2.93 5.10
N LEU E 353 -17.27 2.09 6.02
CA LEU E 353 -15.84 1.93 6.30
C LEU E 353 -15.34 0.52 6.00
N SER E 354 -16.03 -0.22 5.13
CA SER E 354 -15.62 -1.57 4.81
C SER E 354 -14.24 -1.62 4.17
N ASP E 355 -13.83 -0.53 3.52
CA ASP E 355 -12.52 -0.51 2.86
C ASP E 355 -11.38 -0.67 3.86
N ASN E 356 -11.47 0.00 5.00
CA ASN E 356 -10.45 -0.05 6.05
C ASN E 356 -11.07 -0.78 7.24
N ARG E 357 -10.57 -1.99 7.51
CA ARG E 357 -11.07 -2.77 8.63
C ARG E 357 -10.82 -2.07 9.95
N THR E 358 -9.63 -1.48 10.11
CA THR E 358 -9.31 -0.82 11.37
C THR E 358 -10.24 0.36 11.64
N LEU E 359 -10.51 1.16 10.61
CA LEU E 359 -11.43 2.27 10.79
C LEU E 359 -12.84 1.78 11.10
N GLU E 360 -13.26 0.69 10.45
CA GLU E 360 -14.56 0.11 10.74
C GLU E 360 -14.66 -0.32 12.20
N ILE E 361 -13.62 -0.98 12.70
CA ILE E 361 -13.64 -1.44 14.09
C ILE E 361 -13.64 -0.25 15.04
N ALA E 362 -12.86 0.79 14.73
CA ALA E 362 -12.86 1.97 15.58
C ALA E 362 -14.23 2.63 15.62
N GLU E 363 -14.88 2.75 14.46
CA GLU E 363 -16.21 3.33 14.42
C GLU E 363 -17.20 2.50 15.22
N ILE E 364 -17.12 1.17 15.08
CA ILE E 364 -18.03 0.31 15.82
C ILE E 364 -17.83 0.49 17.32
N SER E 365 -16.57 0.48 17.77
CA SER E 365 -16.28 0.59 19.19
C SER E 365 -16.77 1.94 19.73
N ARG E 366 -16.50 3.01 18.98
CA ARG E 366 -16.91 4.33 19.43
C ARG E 366 -18.44 4.45 19.47
N SER E 367 -19.11 3.89 18.48
CA SER E 367 -20.57 3.91 18.49
C SER E 367 -21.13 3.13 19.65
N LEU E 368 -20.55 1.97 19.97
CA LEU E 368 -21.02 1.22 21.13
C LEU E 368 -20.78 1.98 22.42
N LYS E 369 -19.62 2.65 22.54
CA LYS E 369 -19.37 3.47 23.71
C LYS E 369 -20.40 4.60 23.83
N ALA E 370 -20.71 5.25 22.71
CA ALA E 370 -21.69 6.31 22.71
C ALA E 370 -23.07 5.79 23.11
N LEU E 371 -23.43 4.61 22.59
CA LEU E 371 -24.72 4.01 22.94
C LEU E 371 -24.78 3.70 24.43
N ALA E 372 -23.68 3.17 24.98
CA ALA E 372 -23.64 2.86 26.40
C ALA E 372 -23.81 4.13 27.23
N LYS E 373 -23.11 5.21 26.85
CA LYS E 373 -23.26 6.47 27.56
C LYS E 373 -24.67 7.01 27.45
N GLU E 374 -25.26 6.91 26.26
CA GLU E 374 -26.62 7.42 26.07
C GLU E 374 -27.61 6.66 26.94
N LEU E 375 -27.61 5.34 26.86
CA LEU E 375 -28.49 4.52 27.66
C LEU E 375 -28.02 4.37 29.11
N ASN E 376 -26.77 4.75 29.40
CA ASN E 376 -26.24 4.69 30.75
C ASN E 376 -26.35 3.27 31.32
N VAL E 377 -25.85 2.31 30.55
CA VAL E 377 -25.95 0.90 30.90
C VAL E 377 -24.60 0.25 30.62
N PRO E 378 -24.17 -0.75 31.39
CA PRO E 378 -22.99 -1.52 30.97
C PRO E 378 -23.26 -2.27 29.66
N VAL E 379 -22.25 -2.30 28.80
CA VAL E 379 -22.33 -2.97 27.51
C VAL E 379 -21.09 -3.85 27.38
N VAL E 380 -21.28 -5.15 27.54
CA VAL E 380 -20.20 -6.12 27.41
C VAL E 380 -20.14 -6.55 25.95
N ALA E 381 -19.19 -6.00 25.21
CA ALA E 381 -18.93 -6.39 23.84
C ALA E 381 -17.67 -7.23 23.80
N LEU E 382 -17.80 -8.46 23.30
CA LEU E 382 -16.69 -9.40 23.35
C LEU E 382 -15.69 -9.14 22.23
N SER E 383 -14.45 -9.58 22.42
CA SER E 383 -13.38 -9.35 21.48
C SER E 383 -12.46 -10.56 21.42
N GLN E 384 -11.62 -10.60 20.39
CA GLN E 384 -10.69 -11.70 20.16
C GLN E 384 -9.29 -11.16 19.89
N LEU E 385 -8.29 -11.97 20.23
CA LEU E 385 -6.90 -11.54 20.28
C LEU E 385 -6.13 -11.95 19.02
N ASN E 386 -4.98 -11.32 18.83
CA ASN E 386 -4.08 -11.67 17.74
C ASN E 386 -3.31 -12.95 18.08
N ARG E 387 -2.75 -13.56 17.04
CA ARG E 387 -1.99 -14.79 17.22
C ARG E 387 -0.64 -14.57 17.86
N SER E 388 -0.13 -13.32 17.83
CA SER E 388 1.20 -13.05 18.38
C SER E 388 1.28 -13.46 19.85
N LEU E 389 0.16 -13.34 20.57
CA LEU E 389 0.12 -13.77 21.97
C LEU E 389 0.64 -15.19 22.11
N GLU E 390 0.15 -16.10 21.26
CA GLU E 390 0.54 -17.50 21.38
C GLU E 390 1.96 -17.77 20.88
N GLN E 391 2.61 -16.79 20.26
CA GLN E 391 4.00 -16.90 19.87
C GLN E 391 4.96 -16.44 20.96
N ARG E 392 4.45 -15.85 22.04
CA ARG E 392 5.31 -15.40 23.13
C ARG E 392 5.46 -16.51 24.17
N ALA E 393 6.55 -16.42 24.95
CA ALA E 393 6.78 -17.40 25.99
C ALA E 393 5.65 -17.39 27.01
N ASP E 394 5.25 -16.21 27.46
CA ASP E 394 4.11 -16.04 28.35
C ASP E 394 2.86 -15.84 27.51
N LYS E 395 1.89 -16.74 27.66
CA LYS E 395 0.64 -16.67 26.91
C LYS E 395 -0.47 -15.95 27.66
N ARG E 396 -0.17 -15.41 28.83
CA ARG E 396 -1.18 -14.64 29.56
C ARG E 396 -1.50 -13.38 28.76
N PRO E 397 -2.75 -13.15 28.35
CA PRO E 397 -3.02 -12.01 27.49
C PRO E 397 -2.75 -10.69 28.19
N VAL E 398 -2.36 -9.70 27.38
CA VAL E 398 -2.17 -8.33 27.84
C VAL E 398 -2.91 -7.42 26.87
N ASN E 399 -2.84 -6.11 27.15
CA ASN E 399 -3.60 -5.15 26.36
C ASN E 399 -3.20 -5.18 24.89
N SER E 400 -1.94 -5.48 24.61
CA SER E 400 -1.45 -5.46 23.23
C SER E 400 -2.13 -6.51 22.36
N ASP E 401 -2.71 -7.55 22.95
CA ASP E 401 -3.07 -8.74 22.20
C ASP E 401 -4.40 -8.63 21.46
N LEU E 402 -5.16 -7.57 21.67
CA LEU E 402 -6.47 -7.45 21.01
C LEU E 402 -6.29 -7.37 19.50
N ARG E 403 -7.26 -7.89 18.76
CA ARG E 403 -7.24 -7.84 17.31
C ARG E 403 -7.98 -6.61 16.80
N GLU E 404 -7.45 -5.97 15.76
CA GLU E 404 -7.86 -4.62 15.38
C GLU E 404 -7.88 -3.73 16.62
N SER E 405 -6.69 -3.52 17.20
CA SER E 405 -6.60 -3.35 18.64
C SER E 405 -6.71 -1.88 19.04
N GLY E 406 -5.99 -0.99 18.36
CA GLY E 406 -5.81 0.38 18.79
C GLY E 406 -7.04 1.08 19.33
N SER E 407 -8.14 1.04 18.57
CA SER E 407 -9.34 1.75 18.97
C SER E 407 -10.09 1.04 20.08
N ILE E 408 -10.03 -0.30 20.09
CA ILE E 408 -10.83 -1.07 21.04
C ILE E 408 -10.44 -0.72 22.47
N GLU E 409 -9.15 -0.74 22.77
CA GLU E 409 -8.70 -0.42 24.12
C GLU E 409 -9.01 1.03 24.47
N GLN E 410 -8.85 1.94 23.51
CA GLN E 410 -9.12 3.35 23.76
C GLN E 410 -10.57 3.56 24.16
N ASP E 411 -11.51 2.99 23.40
CA ASP E 411 -12.92 3.08 23.77
C ASP E 411 -13.27 2.18 24.95
N ALA E 412 -12.53 1.10 25.17
CA ALA E 412 -12.83 0.20 26.26
C ALA E 412 -12.54 0.87 27.60
N ASP E 413 -13.57 0.97 28.45
CA ASP E 413 -13.38 1.54 29.77
C ASP E 413 -12.90 0.48 30.75
N LEU E 414 -13.37 -0.75 30.59
CA LEU E 414 -12.89 -1.89 31.38
C LEU E 414 -12.49 -2.99 30.40
N ILE E 415 -11.37 -3.64 30.69
CA ILE E 415 -10.85 -4.71 29.84
C ILE E 415 -10.52 -5.89 30.73
N MET E 416 -11.09 -7.05 30.40
CA MET E 416 -10.84 -8.29 31.11
C MET E 416 -10.40 -9.35 30.11
N PHE E 417 -9.28 -9.99 30.39
CA PHE E 417 -8.79 -11.10 29.59
C PHE E 417 -9.02 -12.41 30.32
N ILE E 418 -9.33 -13.46 29.55
CA ILE E 418 -9.55 -14.79 30.09
C ILE E 418 -8.37 -15.66 29.70
N TYR E 419 -7.74 -16.29 30.68
CA TYR E 419 -6.57 -17.13 30.45
C TYR E 419 -6.78 -18.47 31.15
N ARG E 420 -6.22 -19.53 30.57
CA ARG E 420 -6.30 -20.87 31.14
C ARG E 420 -4.98 -21.58 30.87
N ASP E 421 -4.13 -21.66 31.89
CA ASP E 421 -2.84 -22.33 31.71
C ASP E 421 -3.02 -23.79 31.31
N GLU E 422 -4.11 -24.41 31.77
CA GLU E 422 -4.38 -25.79 31.40
C GLU E 422 -4.52 -25.97 29.90
N VAL E 423 -4.97 -24.93 29.20
CA VAL E 423 -5.18 -25.04 27.76
C VAL E 423 -3.85 -25.26 27.04
N TYR E 424 -2.84 -24.47 27.37
CA TYR E 424 -1.54 -24.55 26.72
C TYR E 424 -0.54 -25.44 27.44
N HIS E 425 -0.94 -26.04 28.57
CA HIS E 425 -0.07 -26.94 29.33
C HIS E 425 -0.93 -28.08 29.87
N GLU E 426 -0.68 -29.29 29.38
CA GLU E 426 -1.44 -30.45 29.85
C GLU E 426 -1.12 -30.79 31.30
N ASN E 427 0.12 -30.58 31.73
CA ASN E 427 0.57 -30.89 33.09
C ASN E 427 0.46 -29.68 34.00
N SER E 428 -0.51 -28.81 33.73
CA SER E 428 -0.71 -27.63 34.56
C SER E 428 -1.34 -28.01 35.88
N ASP E 429 -0.90 -27.35 36.95
CA ASP E 429 -1.53 -27.52 38.25
C ASP E 429 -2.79 -26.68 38.42
N LEU E 430 -3.09 -25.80 37.46
CA LEU E 430 -4.26 -24.93 37.52
C LEU E 430 -5.43 -25.51 36.74
N LYS E 431 -5.55 -26.83 36.68
CA LYS E 431 -6.66 -27.45 35.99
C LYS E 431 -7.97 -27.07 36.66
N GLY E 432 -8.96 -26.70 35.86
CA GLY E 432 -10.23 -26.24 36.38
C GLY E 432 -10.21 -24.80 36.87
N ILE E 433 -9.12 -24.07 36.69
CA ILE E 433 -8.97 -22.70 37.14
C ILE E 433 -8.79 -21.81 35.92
N ALA E 434 -9.47 -20.66 35.93
CA ALA E 434 -9.37 -19.68 34.87
C ALA E 434 -9.00 -18.33 35.48
N GLU E 435 -8.11 -17.61 34.82
CA GLU E 435 -7.61 -16.33 35.28
C GLU E 435 -8.33 -15.21 34.53
N ILE E 436 -9.07 -14.40 35.27
CA ILE E 436 -9.67 -13.17 34.74
C ILE E 436 -8.69 -12.05 35.10
N ILE E 437 -7.96 -11.59 34.10
CA ILE E 437 -6.99 -10.51 34.26
C ILE E 437 -7.68 -9.21 33.90
N ILE E 438 -7.99 -8.40 34.91
CA ILE E 438 -8.49 -7.05 34.69
C ILE E 438 -7.29 -6.21 34.28
N GLY E 439 -7.15 -5.97 32.98
CA GLY E 439 -6.00 -5.22 32.48
C GLY E 439 -6.21 -3.73 32.39
N LYS E 440 -7.46 -3.28 32.32
CA LYS E 440 -7.77 -1.86 32.24
C LYS E 440 -8.95 -1.58 33.15
N GLN E 441 -8.79 -0.59 34.04
CA GLN E 441 -9.86 -0.18 34.94
C GLN E 441 -9.63 1.28 35.29
N ARG E 442 -10.47 2.16 34.73
CA ARG E 442 -10.24 3.60 34.89
C ARG E 442 -10.27 4.00 36.36
N ASN E 443 -11.24 3.49 37.11
CA ASN E 443 -11.46 3.88 38.50
C ASN E 443 -11.17 2.77 39.48
N GLY E 444 -10.24 1.87 39.16
CA GLY E 444 -9.91 0.79 40.06
C GLY E 444 -8.63 0.08 39.69
N PRO E 445 -8.21 -0.86 40.55
CA PRO E 445 -6.93 -1.55 40.32
C PRO E 445 -7.04 -2.61 39.24
N ILE E 446 -5.92 -2.84 38.57
CA ILE E 446 -5.77 -3.93 37.61
C ILE E 446 -5.16 -5.12 38.35
N GLY E 447 -5.34 -6.32 37.82
CA GLY E 447 -4.76 -7.50 38.44
C GLY E 447 -5.53 -8.75 38.08
N THR E 448 -5.12 -9.86 38.67
CA THR E 448 -5.63 -11.19 38.32
C THR E 448 -6.63 -11.67 39.37
N VAL E 449 -7.66 -12.37 38.90
CA VAL E 449 -8.63 -13.05 39.74
C VAL E 449 -8.74 -14.48 39.23
N ARG E 450 -9.12 -15.40 40.10
CA ARG E 450 -9.24 -16.80 39.73
C ARG E 450 -10.67 -17.28 39.91
N LEU E 451 -11.14 -18.11 38.98
CA LEU E 451 -12.47 -18.68 39.01
C LEU E 451 -12.42 -20.16 38.67
N THR E 452 -13.41 -20.90 39.15
CA THR E 452 -13.54 -22.32 38.84
C THR E 452 -14.37 -22.46 37.57
N PHE E 453 -13.83 -23.15 36.57
CA PHE E 453 -14.48 -23.31 35.27
C PHE E 453 -15.00 -24.73 35.15
N ASN E 454 -16.34 -24.86 35.14
CA ASN E 454 -16.99 -26.14 34.91
C ASN E 454 -17.39 -26.19 33.43
N GLY E 455 -16.45 -26.64 32.61
CA GLY E 455 -16.75 -26.87 31.20
C GLY E 455 -17.81 -27.93 31.01
N GLN E 456 -17.96 -28.84 31.98
CA GLN E 456 -19.05 -29.79 31.95
C GLN E 456 -20.39 -29.07 31.90
N TRP E 457 -20.55 -28.02 32.69
CA TRP E 457 -21.75 -27.20 32.70
C TRP E 457 -21.59 -25.90 31.94
N SER E 458 -20.38 -25.62 31.42
CA SER E 458 -20.09 -24.35 30.77
C SER E 458 -20.40 -23.18 31.70
N ARG E 459 -19.83 -23.23 32.91
CA ARG E 459 -20.14 -22.27 33.95
C ARG E 459 -18.86 -21.79 34.61
N PHE E 460 -18.91 -20.59 35.20
CA PHE E 460 -17.85 -20.06 36.03
C PHE E 460 -18.38 -19.83 37.44
N ASP E 461 -17.55 -20.15 38.43
CA ASP E 461 -17.93 -20.06 39.83
C ASP E 461 -16.79 -19.41 40.62
N ASN E 462 -17.15 -18.88 41.79
CA ASN E 462 -16.15 -18.28 42.66
C ASN E 462 -15.09 -19.31 43.04
N TYR E 463 -13.84 -18.87 43.01
CA TYR E 463 -12.72 -19.76 43.37
C TYR E 463 -12.63 -19.89 44.87
N ALA E 464 -12.69 -21.14 45.35
CA ALA E 464 -12.71 -21.44 46.78
C ALA E 464 -11.44 -22.16 47.24
N GLY E 465 -10.40 -22.18 46.43
CA GLY E 465 -9.15 -22.80 46.80
C GLY E 465 -8.26 -21.85 47.58
N PRO E 466 -7.02 -22.27 47.85
CA PRO E 466 -6.07 -21.37 48.52
C PRO E 466 -5.85 -20.10 47.71
N GLN E 467 -5.75 -18.98 48.42
CA GLN E 467 -5.59 -17.68 47.76
C GLN E 467 -4.13 -17.43 47.45
N TYR E 468 -3.83 -17.19 46.16
CA TYR E 468 -2.47 -16.90 45.73
C TYR E 468 -2.25 -15.39 45.73
N ASP E 469 -1.18 -14.94 46.40
CA ASP E 469 -0.86 -13.53 46.41
C ASP E 469 -0.29 -13.12 45.06
N ASP E 470 -0.83 -12.03 44.50
CA ASP E 470 -0.43 -11.56 43.18
C ASP E 470 0.86 -10.76 43.25
N GLU E 471 1.94 -11.32 42.70
CA GLU E 471 3.23 -10.63 42.67
C GLU E 471 3.42 -9.87 41.36
N LEU F 24 -0.88 43.89 -17.32
CA LEU F 24 -0.20 44.80 -16.40
C LEU F 24 -0.44 44.41 -14.95
N LYS F 25 0.24 43.35 -14.50
CA LYS F 25 0.11 42.93 -13.11
C LYS F 25 0.74 43.96 -12.20
N VAL F 26 -0.09 44.72 -11.49
CA VAL F 26 0.42 45.74 -10.58
C VAL F 26 1.13 45.04 -9.42
N PRO F 27 2.24 45.60 -8.90
CA PRO F 27 2.89 44.97 -7.74
C PRO F 27 1.94 44.90 -6.56
N PRO F 28 1.98 43.85 -5.75
CA PRO F 28 1.09 43.78 -4.60
C PRO F 28 1.36 44.92 -3.63
N HIS F 29 0.28 45.49 -3.10
CA HIS F 29 0.36 46.66 -2.25
C HIS F 29 -0.94 46.80 -1.48
N SER F 30 -1.00 47.83 -0.64
CA SER F 30 -2.20 48.11 0.14
C SER F 30 -2.29 49.61 0.36
N ILE F 31 -3.06 50.29 -0.50
CA ILE F 31 -3.30 51.72 -0.29
C ILE F 31 -4.01 51.93 1.04
N GLU F 32 -4.99 51.09 1.34
CA GLU F 32 -5.76 51.24 2.58
C GLU F 32 -4.86 51.12 3.80
N ALA F 33 -3.95 50.15 3.79
CA ALA F 33 -3.08 49.96 4.96
C ALA F 33 -2.17 51.17 5.18
N GLU F 34 -1.56 51.67 4.10
CA GLU F 34 -0.69 52.84 4.23
C GLU F 34 -1.47 54.06 4.69
N GLN F 35 -2.66 54.28 4.13
CA GLN F 35 -3.49 55.40 4.55
C GLN F 35 -3.86 55.27 6.02
N SER F 36 -4.21 54.06 6.45
CA SER F 36 -4.56 53.85 7.86
C SER F 36 -3.38 54.12 8.77
N VAL F 37 -2.19 53.65 8.38
CA VAL F 37 -1.00 53.88 9.21
C VAL F 37 -0.72 55.37 9.33
N LEU F 38 -0.77 56.09 8.20
CA LEU F 38 -0.49 57.52 8.23
C LEU F 38 -1.52 58.26 9.06
N GLY F 39 -2.80 57.91 8.91
CA GLY F 39 -3.83 58.56 9.71
C GLY F 39 -3.67 58.28 11.18
N GLY F 40 -3.31 57.04 11.53
CA GLY F 40 -3.08 56.71 12.93
C GLY F 40 -1.91 57.47 13.51
N LEU F 41 -0.83 57.62 12.74
CA LEU F 41 0.29 58.43 13.19
C LEU F 41 -0.13 59.88 13.38
N MET F 42 -0.93 60.42 12.46
CA MET F 42 -1.47 61.76 12.65
C MET F 42 -2.33 61.84 13.91
N LEU F 43 -3.01 60.76 14.27
CA LEU F 43 -3.92 60.76 15.40
C LEU F 43 -3.20 60.43 16.70
N ASP F 44 -2.42 59.34 16.72
CA ASP F 44 -1.74 58.88 17.93
C ASP F 44 -0.25 58.84 17.63
N ASN F 45 0.49 59.81 18.19
CA ASN F 45 1.94 59.81 18.01
C ASN F 45 2.61 58.78 18.88
N GLU F 46 1.99 58.42 20.02
CA GLU F 46 2.59 57.48 20.96
C GLU F 46 2.88 56.12 20.32
N ARG F 47 2.12 55.74 19.31
CA ARG F 47 2.31 54.46 18.65
C ARG F 47 3.32 54.53 17.50
N TRP F 48 4.09 55.62 17.40
CA TRP F 48 5.11 55.69 16.36
C TRP F 48 6.13 54.57 16.53
N ASP F 49 6.57 54.32 17.76
CA ASP F 49 7.60 53.32 18.01
C ASP F 49 7.14 51.95 17.53
N ASP F 50 5.91 51.56 17.88
CA ASP F 50 5.37 50.28 17.43
C ASP F 50 5.38 50.20 15.91
N VAL F 51 5.22 51.35 15.24
CA VAL F 51 5.26 51.37 13.78
C VAL F 51 6.70 51.49 13.28
N ALA F 52 7.57 52.15 14.06
CA ALA F 52 8.94 52.35 13.60
C ALA F 52 9.67 51.03 13.42
N GLU F 53 9.49 50.10 14.35
CA GLU F 53 10.17 48.82 14.27
C GLU F 53 9.66 47.99 13.09
N ARG F 54 8.35 48.02 12.84
CA ARG F 54 7.76 47.15 11.83
C ARG F 54 8.10 47.58 10.41
N VAL F 55 7.89 48.86 10.08
CA VAL F 55 7.98 49.34 8.70
C VAL F 55 8.97 50.49 8.63
N VAL F 56 9.43 50.77 7.41
CA VAL F 56 10.30 51.88 7.12
C VAL F 56 9.64 52.74 6.04
N ALA F 57 10.31 53.84 5.68
CA ALA F 57 9.77 54.73 4.66
C ALA F 57 9.63 54.02 3.31
N ASP F 58 10.59 53.18 2.95
CA ASP F 58 10.55 52.50 1.67
C ASP F 58 9.40 51.52 1.54
N ASP F 59 8.87 51.02 2.65
CA ASP F 59 7.83 50.00 2.59
C ASP F 59 6.54 50.51 1.99
N PHE F 60 6.30 51.81 1.99
CA PHE F 60 5.09 52.36 1.40
C PHE F 60 5.18 52.27 -0.12
N TYR F 61 4.20 51.61 -0.73
CA TYR F 61 4.23 51.42 -2.18
C TYR F 61 4.16 52.75 -2.91
N THR F 62 3.33 53.67 -2.44
CA THR F 62 3.16 54.95 -3.11
C THR F 62 4.19 55.96 -2.61
N ARG F 63 4.81 56.66 -3.56
CA ARG F 63 5.84 57.63 -3.22
C ARG F 63 5.35 58.75 -2.29
N PRO F 64 4.17 59.34 -2.48
CA PRO F 64 3.72 60.35 -1.51
C PRO F 64 3.66 59.84 -0.07
N HIS F 65 3.25 58.58 0.12
CA HIS F 65 3.25 58.02 1.46
C HIS F 65 4.68 57.88 1.99
N ARG F 66 5.63 57.56 1.12
CA ARG F 66 7.03 57.53 1.54
C ARG F 66 7.48 58.90 2.01
N HIS F 67 7.12 59.94 1.25
CA HIS F 67 7.48 61.30 1.64
C HIS F 67 6.86 61.66 2.98
N ILE F 68 5.59 61.32 3.17
CA ILE F 68 4.89 61.68 4.40
C ILE F 68 5.51 60.96 5.59
N PHE F 69 5.81 59.67 5.44
CA PHE F 69 6.44 58.94 6.54
C PHE F 69 7.82 59.48 6.84
N THR F 70 8.58 59.85 5.81
CA THR F 70 9.89 60.44 6.04
C THR F 70 9.77 61.73 6.83
N GLU F 71 8.80 62.57 6.47
CA GLU F 71 8.59 63.82 7.21
C GLU F 71 8.17 63.54 8.64
N MET F 72 7.31 62.53 8.84
CA MET F 72 6.90 62.17 10.19
C MET F 72 8.10 61.72 11.02
N ALA F 73 8.98 60.91 10.43
CA ALA F 73 10.18 60.47 11.13
C ALA F 73 11.06 61.66 11.47
N ARG F 74 11.22 62.59 10.53
CA ARG F 74 12.05 63.77 10.79
C ARG F 74 11.47 64.59 11.94
N LEU F 75 10.15 64.78 11.95
CA LEU F 75 9.52 65.54 13.02
C LEU F 75 9.68 64.84 14.36
N GLN F 76 9.49 63.52 14.39
CA GLN F 76 9.62 62.78 15.64
C GLN F 76 11.06 62.84 16.15
N GLU F 77 12.04 62.71 15.26
CA GLU F 77 13.43 62.80 15.66
C GLU F 77 13.75 64.18 16.23
N SER F 78 13.22 65.24 15.61
CA SER F 78 13.34 66.58 16.17
C SER F 78 12.46 66.77 17.40
N GLY F 79 11.58 65.83 17.70
CA GLY F 79 10.74 65.89 18.88
C GLY F 79 9.42 66.60 18.70
N SER F 80 9.16 67.16 17.51
CA SER F 80 7.89 67.85 17.33
C SER F 80 6.75 66.85 17.27
N PRO F 81 5.55 67.20 17.74
CA PRO F 81 4.42 66.28 17.62
C PRO F 81 3.99 66.12 16.18
N ILE F 82 3.42 64.96 15.88
CA ILE F 82 2.94 64.62 14.54
C ILE F 82 1.44 64.85 14.52
N ASP F 83 1.01 65.90 13.81
CA ASP F 83 -0.39 66.22 13.63
C ASP F 83 -0.59 66.77 12.23
N LEU F 84 -1.84 67.09 11.89
CA LEU F 84 -2.12 67.61 10.56
C LEU F 84 -1.43 68.95 10.33
N ILE F 85 -1.51 69.86 11.31
CA ILE F 85 -0.97 71.20 11.13
C ILE F 85 0.55 71.17 11.01
N THR F 86 1.22 70.48 11.94
CA THR F 86 2.67 70.44 11.92
C THR F 86 3.19 69.75 10.67
N LEU F 87 2.57 68.62 10.29
CA LEU F 87 3.00 67.91 9.10
C LEU F 87 2.78 68.75 7.85
N ALA F 88 1.64 69.43 7.75
CA ALA F 88 1.39 70.28 6.59
C ALA F 88 2.40 71.41 6.52
N GLU F 89 2.69 72.04 7.66
CA GLU F 89 3.67 73.12 7.66
C GLU F 89 5.05 72.61 7.25
N SER F 90 5.46 71.47 7.78
CA SER F 90 6.78 70.93 7.47
C SER F 90 6.89 70.56 5.99
N LEU F 91 5.85 69.92 5.45
CA LEU F 91 5.87 69.57 4.03
C LEU F 91 5.86 70.80 3.14
N GLU F 92 5.09 71.83 3.51
CA GLU F 92 5.07 73.06 2.73
C GLU F 92 6.43 73.74 2.76
N ARG F 93 7.08 73.75 3.92
CA ARG F 93 8.42 74.34 4.02
C ARG F 93 9.41 73.65 3.09
N GLN F 94 9.26 72.35 2.89
CA GLN F 94 10.10 71.60 1.97
C GLN F 94 9.62 71.69 0.53
N GLY F 95 8.44 72.26 0.28
CA GLY F 95 7.90 72.32 -1.06
C GLY F 95 7.32 71.01 -1.56
N GLN F 96 7.25 69.99 -0.70
CA GLN F 96 6.70 68.69 -1.06
C GLN F 96 5.22 68.56 -0.71
N LEU F 97 4.61 69.61 -0.14
CA LEU F 97 3.20 69.54 0.21
C LEU F 97 2.33 69.33 -1.02
N ASP F 98 2.66 70.01 -2.11
CA ASP F 98 1.89 69.83 -3.34
C ASP F 98 2.02 68.41 -3.87
N SER F 99 3.20 67.80 -3.71
CA SER F 99 3.43 66.45 -4.21
C SER F 99 2.54 65.42 -3.51
N VAL F 100 2.05 65.72 -2.31
CA VAL F 100 1.25 64.76 -1.54
C VAL F 100 -0.24 65.07 -1.59
N GLY F 101 -0.64 66.33 -1.79
CA GLY F 101 -2.03 66.70 -1.95
C GLY F 101 -2.53 67.80 -1.04
N GLY F 102 -1.72 68.30 -0.12
CA GLY F 102 -2.11 69.43 0.70
C GLY F 102 -2.96 69.04 1.91
N CYS F 103 -3.56 70.07 2.51
CA CYS F 103 -4.40 69.86 3.70
C CYS F 103 -5.53 68.88 3.40
N ALA F 104 -6.07 68.91 2.18
CA ALA F 104 -7.14 68.00 1.83
C ALA F 104 -6.70 66.54 1.93
N TYR F 105 -5.59 66.19 1.30
CA TYR F 105 -5.17 64.80 1.26
C TYR F 105 -4.75 64.29 2.64
N LEU F 106 -4.00 65.10 3.39
CA LEU F 106 -3.59 64.69 4.73
C LEU F 106 -4.79 64.57 5.65
N ALA F 107 -5.75 65.49 5.53
CA ALA F 107 -6.99 65.38 6.31
C ALA F 107 -7.73 64.12 5.94
N GLU F 108 -7.76 63.76 4.66
CA GLU F 108 -8.37 62.50 4.24
C GLU F 108 -7.65 61.31 4.84
N LEU F 109 -6.32 61.35 4.87
CA LEU F 109 -5.56 60.26 5.47
C LEU F 109 -5.91 60.09 6.94
N SER F 110 -6.00 61.20 7.68
CA SER F 110 -6.39 61.12 9.08
C SER F 110 -7.84 60.66 9.22
N LYS F 111 -8.70 61.04 8.27
CA LYS F 111 -10.12 60.75 8.35
C LYS F 111 -10.43 59.28 8.10
N ASN F 112 -9.81 58.68 7.09
CA ASN F 112 -10.19 57.35 6.63
C ASN F 112 -9.75 56.24 7.58
N THR F 113 -8.97 56.54 8.61
CA THR F 113 -8.52 55.51 9.54
C THR F 113 -9.62 55.22 10.56
N PRO F 114 -10.14 53.99 10.63
CA PRO F 114 -11.15 53.69 11.67
C PRO F 114 -10.64 53.93 13.07
N SER F 115 -9.38 53.60 13.36
CA SER F 115 -8.83 53.78 14.70
C SER F 115 -7.34 53.47 14.65
N ALA F 116 -6.57 54.20 15.47
CA ALA F 116 -5.14 53.96 15.57
C ALA F 116 -4.80 52.79 16.49
N ALA F 117 -5.79 52.22 17.19
CA ALA F 117 -5.54 51.08 18.05
C ALA F 117 -5.04 49.87 17.27
N ASN F 118 -5.36 49.79 15.97
CA ASN F 118 -4.93 48.70 15.12
C ASN F 118 -3.83 49.12 14.16
N ILE F 119 -3.07 50.16 14.51
CA ILE F 119 -2.00 50.63 13.65
C ILE F 119 -0.90 49.58 13.56
N SER F 120 -0.72 48.79 14.62
CA SER F 120 0.29 47.73 14.59
C SER F 120 -0.03 46.70 13.52
N ALA F 121 -1.29 46.30 13.42
CA ALA F 121 -1.68 45.34 12.39
C ALA F 121 -1.49 45.91 10.99
N TYR F 122 -1.84 47.18 10.81
CA TYR F 122 -1.64 47.81 9.50
C TYR F 122 -0.16 47.86 9.15
N ALA F 123 0.69 48.16 10.13
CA ALA F 123 2.13 48.16 9.91
C ALA F 123 2.64 46.77 9.55
N ASP F 124 2.12 45.74 10.23
CA ASP F 124 2.50 44.37 9.89
C ASP F 124 2.09 44.03 8.46
N ILE F 125 0.90 44.43 8.05
CA ILE F 125 0.44 44.17 6.69
C ILE F 125 1.32 44.91 5.68
N VAL F 126 1.69 46.15 5.99
CA VAL F 126 2.57 46.90 5.10
C VAL F 126 3.92 46.22 4.98
N ARG F 127 4.44 45.70 6.10
CA ARG F 127 5.70 44.96 6.06
C ARG F 127 5.56 43.70 5.21
N GLU F 128 4.42 43.02 5.33
CA GLU F 128 4.15 41.86 4.49
C GLU F 128 4.20 42.23 3.01
N ARG F 129 3.52 43.32 2.65
CA ARG F 129 3.52 43.76 1.26
C ARG F 129 4.92 44.13 0.79
N ALA F 130 5.67 44.82 1.64
CA ALA F 130 7.03 45.23 1.28
C ALA F 130 7.92 44.02 1.05
N VAL F 131 7.82 43.02 1.92
CA VAL F 131 8.62 41.81 1.77
C VAL F 131 8.23 41.08 0.50
N VAL F 132 6.93 41.00 0.21
CA VAL F 132 6.51 40.33 -1.02
C VAL F 132 7.02 41.08 -2.24
N ARG F 133 6.98 42.42 -2.23
CA ARG F 133 7.50 43.18 -3.35
C ARG F 133 9.01 42.99 -3.49
N GLU F 134 9.72 42.91 -2.38
CA GLU F 134 11.15 42.62 -2.43
C GLU F 134 11.42 41.27 -3.06
N MET F 135 10.61 40.28 -2.69
CA MET F 135 10.75 38.94 -3.27
C MET F 135 10.49 38.98 -4.78
N ILE F 136 9.46 39.71 -5.18
CA ILE F 136 9.15 39.82 -6.60
C ILE F 136 10.30 40.49 -7.34
N SER F 137 10.87 41.55 -6.77
CA SER F 137 12.00 42.21 -7.40
C SER F 137 13.21 41.28 -7.50
N VAL F 138 13.44 40.49 -6.45
CA VAL F 138 14.54 39.53 -6.47
C VAL F 138 14.32 38.51 -7.59
N ALA F 139 13.09 38.02 -7.72
CA ALA F 139 12.77 37.08 -8.79
C ALA F 139 12.99 37.72 -10.16
N ASN F 140 12.59 38.98 -10.31
CA ASN F 140 12.79 39.68 -11.58
C ASN F 140 14.28 39.80 -11.90
N GLU F 141 15.09 40.15 -10.90
CA GLU F 141 16.53 40.27 -11.12
C GLU F 141 17.13 38.92 -11.50
N ILE F 142 16.72 37.86 -10.82
CA ILE F 142 17.24 36.52 -11.13
C ILE F 142 16.84 36.12 -12.54
N ALA F 143 15.59 36.39 -12.93
CA ALA F 143 15.14 36.06 -14.27
C ALA F 143 15.92 36.85 -15.32
N GLU F 144 16.17 38.13 -15.06
CA GLU F 144 16.95 38.95 -15.99
C GLU F 144 18.36 38.40 -16.12
N ALA F 145 18.97 37.98 -15.01
CA ALA F 145 20.28 37.38 -15.06
C ALA F 145 20.26 36.08 -15.87
N GLY F 146 19.22 35.28 -15.69
CA GLY F 146 19.12 34.05 -16.46
C GLY F 146 18.99 34.31 -17.96
N PHE F 147 18.15 35.28 -18.33
CA PHE F 147 18.02 35.63 -19.74
C PHE F 147 19.33 36.12 -20.33
N ASP F 148 20.13 36.84 -19.55
CA ASP F 148 21.41 37.39 -20.01
C ASP F 148 22.48 37.00 -19.00
N PRO F 149 23.04 35.79 -19.11
CA PRO F 149 24.12 35.42 -18.19
C PRO F 149 25.33 36.33 -18.27
N GLN F 150 25.56 36.97 -19.41
CA GLN F 150 26.72 37.85 -19.58
C GLN F 150 28.03 37.11 -19.31
N GLY F 151 28.09 35.85 -19.73
CA GLY F 151 29.27 35.04 -19.50
C GLY F 151 29.36 34.44 -18.13
N ARG F 152 28.40 34.71 -17.24
CA ARG F 152 28.42 34.12 -15.92
C ARG F 152 28.06 32.64 -16.00
N THR F 153 28.83 31.81 -15.31
CA THR F 153 28.59 30.38 -15.33
C THR F 153 27.29 30.05 -14.60
N SER F 154 26.81 28.83 -14.82
CA SER F 154 25.62 28.38 -14.10
C SER F 154 25.85 28.43 -12.59
N GLU F 155 27.06 28.11 -12.14
CA GLU F 155 27.39 28.23 -10.73
C GLU F 155 27.27 29.68 -10.28
N ASP F 156 27.74 30.61 -11.11
CA ASP F 156 27.64 32.03 -10.76
C ASP F 156 26.19 32.48 -10.62
N LEU F 157 25.34 32.06 -11.57
CA LEU F 157 23.93 32.44 -11.50
C LEU F 157 23.26 31.82 -10.28
N LEU F 158 23.57 30.56 -9.99
CA LEU F 158 22.99 29.91 -8.82
C LEU F 158 23.43 30.59 -7.53
N ASP F 159 24.71 30.96 -7.44
CA ASP F 159 25.17 31.68 -6.26
C ASP F 159 24.53 33.05 -6.15
N LEU F 160 24.33 33.74 -7.28
CA LEU F 160 23.63 35.01 -7.25
C LEU F 160 22.21 34.84 -6.71
N ALA F 161 21.50 33.83 -7.20
CA ALA F 161 20.14 33.59 -6.74
C ALA F 161 20.12 33.26 -5.26
N GLU F 162 21.04 32.42 -4.81
CA GLU F 162 21.09 32.06 -3.40
C GLU F 162 21.41 33.27 -2.53
N SER F 163 22.35 34.11 -2.95
CA SER F 163 22.66 35.32 -2.18
C SER F 163 21.46 36.25 -2.12
N ARG F 164 20.74 36.40 -3.23
CA ARG F 164 19.55 37.24 -3.24
C ARG F 164 18.49 36.70 -2.30
N VAL F 165 18.31 35.38 -2.28
CA VAL F 165 17.28 34.78 -1.43
C VAL F 165 17.67 34.83 0.04
N PHE F 166 18.97 34.70 0.34
CA PHE F 166 19.39 34.71 1.74
C PHE F 166 19.11 36.04 2.43
N LYS F 167 19.11 37.14 1.67
CA LYS F 167 18.69 38.42 2.22
C LYS F 167 17.26 38.38 2.75
N ILE F 168 16.39 37.59 2.11
CA ILE F 168 15.00 37.44 2.50
C ILE F 168 14.91 36.65 3.80
N ALA F 169 15.75 35.63 3.94
CA ALA F 169 15.68 34.75 5.10
C ALA F 169 16.50 35.25 6.28
N GLU F 170 16.72 36.56 6.39
CA GLU F 170 17.47 37.12 7.51
C GLU F 170 16.69 37.01 8.81
N SER F 171 15.36 36.94 8.72
CA SER F 171 14.48 36.94 9.89
C SER F 171 14.18 35.54 10.38
N ARG F 172 15.05 34.57 10.07
CA ARG F 172 14.87 33.19 10.50
C ARG F 172 15.93 32.78 11.51
N ALA F 173 17.20 32.99 11.16
CA ALA F 173 18.33 32.59 12.01
C ALA F 173 18.30 31.10 12.31
N ASN F 174 19.20 30.64 13.19
CA ASN F 174 19.23 29.24 13.59
C ASN F 174 19.47 29.09 15.10
N LYS F 175 19.91 30.16 15.76
CA LYS F 175 20.24 30.12 17.18
C LYS F 175 21.26 29.01 17.46
N ASP F 176 21.33 28.53 18.70
CA ASP F 176 22.27 27.47 19.05
C ASP F 176 21.63 26.11 18.83
N GLU F 177 22.45 25.15 18.37
CA GLU F 177 22.02 23.80 18.10
C GLU F 177 22.45 22.80 19.15
N GLY F 178 23.23 23.21 20.15
CA GLY F 178 23.71 22.33 21.17
C GLY F 178 25.19 22.44 21.54
N PRO F 179 26.09 22.74 20.58
CA PRO F 179 27.52 22.69 20.94
C PRO F 179 27.96 23.86 21.80
N LYS F 180 28.23 23.58 23.08
CA LYS F 180 28.73 24.57 24.02
C LYS F 180 30.23 24.40 24.19
N ASN F 181 30.97 25.51 24.09
CA ASN F 181 32.42 25.45 24.06
C ASN F 181 32.98 25.07 25.42
N ILE F 182 34.32 24.95 25.47
CA ILE F 182 34.98 24.50 26.69
C ILE F 182 34.81 25.53 27.81
N ALA F 183 34.80 26.81 27.47
CA ALA F 183 34.71 27.84 28.50
C ALA F 183 33.38 27.78 29.24
N ASP F 184 32.28 27.61 28.50
CA ASP F 184 30.97 27.48 29.13
C ASP F 184 30.91 26.24 30.01
N VAL F 185 31.51 25.14 29.55
CA VAL F 185 31.55 23.92 30.34
C VAL F 185 32.28 24.16 31.65
N LEU F 186 33.43 24.85 31.58
CA LEU F 186 34.19 25.15 32.79
C LEU F 186 33.40 26.03 33.74
N ASP F 187 32.73 27.05 33.19
CA ASP F 187 31.94 27.94 34.04
C ASP F 187 30.83 27.18 34.74
N ALA F 188 30.12 26.33 34.00
CA ALA F 188 29.05 25.55 34.60
C ALA F 188 29.59 24.58 35.65
N THR F 189 30.73 23.94 35.36
CA THR F 189 31.32 23.01 36.31
C THR F 189 31.72 23.71 37.60
N VAL F 190 32.36 24.88 37.47
CA VAL F 190 32.75 25.64 38.65
C VAL F 190 31.52 26.07 39.45
N ALA F 191 30.50 26.56 38.74
CA ALA F 191 29.29 27.02 39.42
C ALA F 191 28.64 25.88 40.18
N ARG F 192 28.54 24.70 39.57
CA ARG F 192 27.91 23.57 40.25
C ARG F 192 28.77 23.05 41.41
N ILE F 193 30.09 23.01 41.23
CA ILE F 193 30.95 22.56 42.32
C ILE F 193 30.86 23.52 43.50
N GLU F 194 30.71 24.81 43.24
CA GLU F 194 30.55 25.77 44.33
C GLU F 194 29.16 25.64 44.97
N GLN F 195 28.12 25.47 44.16
CA GLN F 195 26.76 25.43 44.67
C GLN F 195 26.42 24.11 45.35
N LEU F 196 27.21 23.05 45.14
CA LEU F 196 27.00 21.82 45.89
C LEU F 196 27.04 22.07 47.39
N PHE F 197 28.00 22.89 47.83
CA PHE F 197 27.99 23.36 49.21
C PHE F 197 26.76 24.23 49.49
N GLN F 198 26.38 25.07 48.52
CA GLN F 198 25.25 25.97 48.68
C GLN F 198 23.94 25.26 48.39
N GLN F 199 22.87 26.02 48.23
CA GLN F 199 21.53 25.47 48.02
C GLN F 199 21.30 25.25 46.53
N PRO F 200 21.05 24.01 46.06
CA PRO F 200 20.75 23.82 44.64
C PRO F 200 19.32 24.24 44.29
N HIS F 201 19.14 25.54 44.04
CA HIS F 201 17.83 26.06 43.65
C HIS F 201 17.48 25.56 42.26
N ASP F 202 16.17 25.56 41.95
CA ASP F 202 15.70 25.09 40.65
C ASP F 202 15.71 26.22 39.64
N GLY F 203 15.02 27.31 39.95
CA GLY F 203 14.88 28.41 39.02
C GLY F 203 13.55 28.37 38.32
N VAL F 204 12.50 28.02 39.06
CA VAL F 204 11.17 27.86 38.48
C VAL F 204 10.67 29.21 37.98
N THR F 205 10.31 29.26 36.69
CA THR F 205 9.77 30.47 36.08
C THR F 205 8.39 30.20 35.49
N GLY F 206 8.22 29.03 34.86
CA GLY F 206 6.95 28.65 34.30
C GLY F 206 5.99 28.16 35.36
N VAL F 207 4.82 27.72 34.89
CA VAL F 207 3.80 27.17 35.77
C VAL F 207 4.37 25.95 36.47
N ASN F 208 4.33 25.95 37.80
CA ASN F 208 4.96 24.89 38.58
C ASN F 208 4.29 23.56 38.30
N THR F 209 5.11 22.53 38.06
CA THR F 209 4.60 21.19 37.83
C THR F 209 4.34 20.45 39.14
N GLY F 210 4.79 21.00 40.27
CA GLY F 210 4.58 20.37 41.56
C GLY F 210 5.61 19.32 41.93
N TYR F 211 6.60 19.06 41.06
CA TYR F 211 7.62 18.06 41.31
C TYR F 211 8.98 18.69 41.08
N ASP F 212 9.92 18.42 41.99
CA ASP F 212 11.20 19.11 41.97
C ASP F 212 11.98 18.80 40.69
N ASP F 213 12.17 17.52 40.38
CA ASP F 213 12.98 17.17 39.22
C ASP F 213 12.33 17.62 37.91
N LEU F 214 11.02 17.45 37.79
CA LEU F 214 10.33 17.86 36.56
C LEU F 214 10.39 19.37 36.39
N ASN F 215 10.21 20.12 37.48
CA ASN F 215 10.37 21.57 37.41
C ASN F 215 11.79 21.95 37.02
N LYS F 216 12.79 21.28 37.58
CA LYS F 216 14.17 21.58 37.23
C LYS F 216 14.44 21.36 35.74
N LYS F 217 14.00 20.21 35.20
CA LYS F 217 14.26 19.91 33.80
C LYS F 217 13.40 20.74 32.85
N THR F 218 12.24 21.21 33.31
CA THR F 218 11.32 21.96 32.46
C THR F 218 11.20 23.42 32.83
N ALA F 219 11.63 23.82 34.04
CA ALA F 219 11.43 25.17 34.53
C ALA F 219 9.95 25.53 34.52
N GLY F 220 9.09 24.56 34.80
CA GLY F 220 7.66 24.75 34.75
C GLY F 220 7.12 24.64 33.34
N LEU F 221 5.79 24.61 33.25
CA LEU F 221 5.12 24.53 31.95
C LEU F 221 5.25 25.88 31.26
N GLN F 222 6.02 25.91 30.19
CA GLN F 222 6.31 27.18 29.53
C GLN F 222 5.06 27.72 28.84
N PRO F 223 4.71 29.00 29.04
CA PRO F 223 3.60 29.57 28.29
C PRO F 223 3.90 29.59 26.79
N SER F 224 2.83 29.49 26.00
CA SER F 224 2.86 29.49 24.54
C SER F 224 3.48 28.22 23.97
N ASP F 225 3.85 27.25 24.79
CA ASP F 225 4.50 26.03 24.33
C ASP F 225 3.54 24.85 24.46
N LEU F 226 3.50 24.03 23.42
CA LEU F 226 2.60 22.87 23.37
C LEU F 226 3.30 21.68 24.02
N ILE F 227 2.65 21.11 25.03
CA ILE F 227 3.16 19.95 25.76
C ILE F 227 2.26 18.77 25.48
N ILE F 228 2.85 17.66 25.06
CA ILE F 228 2.13 16.43 24.75
C ILE F 228 2.59 15.37 25.73
N VAL F 229 1.68 14.92 26.59
CA VAL F 229 1.92 13.79 27.47
C VAL F 229 1.34 12.55 26.79
N ALA F 230 2.19 11.55 26.59
CA ALA F 230 1.80 10.32 25.93
C ALA F 230 2.16 9.13 26.79
N ALA F 231 1.45 8.02 26.57
CA ALA F 231 1.64 6.79 27.31
C ALA F 231 0.69 5.76 26.71
N ARG F 232 0.98 4.48 26.99
CA ARG F 232 0.01 3.45 26.68
C ARG F 232 -1.18 3.59 27.61
N PRO F 233 -2.36 3.12 27.21
CA PRO F 233 -3.52 3.25 28.09
C PRO F 233 -3.30 2.49 29.39
N SER F 234 -3.89 3.02 30.47
CA SER F 234 -3.81 2.51 31.83
C SER F 234 -2.50 2.92 32.52
N MET F 235 -1.68 3.76 31.88
CA MET F 235 -0.39 4.14 32.46
C MET F 235 -0.49 5.31 33.43
N GLY F 236 -1.68 5.87 33.63
CA GLY F 236 -1.83 7.06 34.44
C GLY F 236 -1.69 8.36 33.69
N LYS F 237 -1.76 8.32 32.36
CA LYS F 237 -1.73 9.54 31.54
C LYS F 237 -2.71 10.58 32.07
N THR F 238 -3.99 10.22 32.11
CA THR F 238 -4.98 11.12 32.66
C THR F 238 -4.68 11.42 34.13
N THR F 239 -4.20 10.43 34.86
CA THR F 239 -3.86 10.64 36.26
C THR F 239 -2.75 11.69 36.40
N PHE F 240 -1.70 11.55 35.61
CA PHE F 240 -0.59 12.50 35.66
C PHE F 240 -1.03 13.89 35.27
N ALA F 241 -1.85 13.98 34.22
CA ALA F 241 -2.36 15.29 33.79
C ALA F 241 -3.19 15.94 34.88
N MET F 242 -4.07 15.16 35.53
CA MET F 242 -4.90 15.71 36.59
C MET F 242 -4.05 16.15 37.78
N ASN F 243 -3.03 15.37 38.13
CA ASN F 243 -2.16 15.77 39.22
C ASN F 243 -1.45 17.08 38.89
N LEU F 244 -0.96 17.22 37.65
CA LEU F 244 -0.33 18.46 37.25
C LEU F 244 -1.30 19.63 37.33
N VAL F 245 -2.53 19.43 36.86
CA VAL F 245 -3.52 20.50 36.87
C VAL F 245 -3.84 20.93 38.29
N GLU F 246 -4.03 19.95 39.17
CA GLU F 246 -4.34 20.26 40.57
C GLU F 246 -3.18 21.00 41.23
N ASN F 247 -1.94 20.57 40.97
CA ASN F 247 -0.80 21.26 41.54
C ASN F 247 -0.71 22.69 41.02
N ALA F 248 -0.95 22.89 39.72
CA ALA F 248 -0.93 24.23 39.16
C ALA F 248 -2.01 25.10 39.81
N ALA F 249 -3.21 24.55 39.98
CA ALA F 249 -4.29 25.31 40.62
C ALA F 249 -3.93 25.69 42.05
N MET F 250 -3.34 24.76 42.80
CA MET F 250 -2.97 25.08 44.17
C MET F 250 -1.77 26.01 44.24
N LEU F 251 -0.99 26.10 43.16
CA LEU F 251 0.20 26.96 43.11
C LEU F 251 0.00 28.18 42.22
N GLN F 252 -1.22 28.49 41.81
CA GLN F 252 -1.49 29.73 41.10
C GLN F 252 -2.94 30.11 41.32
N ASP F 253 -3.24 31.39 41.06
CA ASP F 253 -4.60 31.90 41.15
C ASP F 253 -5.31 31.96 39.81
N LYS F 254 -4.57 31.97 38.71
CA LYS F 254 -5.21 32.00 37.40
C LYS F 254 -5.98 30.70 37.18
N PRO F 255 -7.13 30.75 36.51
CA PRO F 255 -7.89 29.52 36.29
C PRO F 255 -7.17 28.56 35.36
N VAL F 256 -7.48 27.27 35.52
CA VAL F 256 -6.99 26.22 34.64
C VAL F 256 -8.20 25.56 33.99
N LEU F 257 -7.98 24.97 32.82
CA LEU F 257 -9.07 24.44 31.99
C LEU F 257 -8.76 23.02 31.58
N ILE F 258 -9.80 22.19 31.55
CA ILE F 258 -9.69 20.77 31.20
C ILE F 258 -10.82 20.43 30.23
N PHE F 259 -10.49 19.65 29.20
CA PHE F 259 -11.48 19.13 28.25
C PHE F 259 -11.44 17.61 28.33
N SER F 260 -12.31 17.03 29.16
CA SER F 260 -12.33 15.59 29.39
C SER F 260 -13.34 14.96 28.42
N LEU F 261 -12.91 14.76 27.18
CA LEU F 261 -13.74 14.05 26.23
C LEU F 261 -13.77 12.55 26.54
N GLU F 262 -12.66 12.02 27.04
CA GLU F 262 -12.55 10.58 27.28
C GLU F 262 -13.50 10.12 28.38
N MET F 263 -13.64 10.91 29.45
CA MET F 263 -14.39 10.52 30.62
C MET F 263 -15.34 11.63 31.05
N PRO F 264 -16.41 11.31 31.77
CA PRO F 264 -17.28 12.37 32.30
C PRO F 264 -16.59 13.15 33.41
N SER F 265 -17.13 14.33 33.71
CA SER F 265 -16.58 15.17 34.77
C SER F 265 -16.62 14.48 36.12
N GLU F 266 -17.60 13.59 36.33
CA GLU F 266 -17.77 12.93 37.62
C GLU F 266 -16.54 12.09 37.97
N GLN F 267 -16.13 11.24 37.04
CA GLN F 267 -14.97 10.38 37.31
C GLN F 267 -13.71 11.21 37.50
N ILE F 268 -13.55 12.26 36.70
CA ILE F 268 -12.37 13.11 36.84
C ILE F 268 -12.33 13.77 38.21
N MET F 269 -13.48 14.28 38.66
CA MET F 269 -13.53 14.93 39.96
C MET F 269 -13.28 13.92 41.08
N MET F 270 -13.80 12.70 40.93
CA MET F 270 -13.53 11.67 41.93
C MET F 270 -12.04 11.36 41.99
N ARG F 271 -11.39 11.25 40.84
CA ARG F 271 -9.94 11.04 40.83
C ARG F 271 -9.22 12.18 41.52
N SER F 272 -9.64 13.42 41.23
CA SER F 272 -8.98 14.58 41.81
C SER F 272 -9.13 14.57 43.33
N LEU F 273 -10.34 14.29 43.82
CA LEU F 273 -10.56 14.27 45.26
C LEU F 273 -9.77 13.15 45.93
N ALA F 274 -9.74 11.97 45.29
CA ALA F 274 -8.98 10.86 45.87
C ALA F 274 -7.50 11.20 45.96
N SER F 275 -6.96 11.84 44.91
CA SER F 275 -5.55 12.22 44.93
C SER F 275 -5.29 13.27 46.01
N LEU F 276 -6.12 14.32 46.05
CA LEU F 276 -5.88 15.39 47.01
C LEU F 276 -6.00 14.90 48.45
N SER F 277 -7.03 14.12 48.75
CA SER F 277 -7.24 13.64 50.10
C SER F 277 -6.35 12.47 50.47
N ARG F 278 -5.67 11.86 49.50
CA ARG F 278 -4.84 10.69 49.74
C ARG F 278 -5.65 9.59 50.40
N VAL F 279 -6.88 9.42 49.92
CA VAL F 279 -7.80 8.39 50.39
C VAL F 279 -8.01 7.38 49.27
N ASP F 280 -8.33 6.15 49.65
CA ASP F 280 -8.60 5.11 48.66
C ASP F 280 -9.73 5.54 47.73
N GLN F 281 -9.40 5.71 46.45
CA GLN F 281 -10.41 6.11 45.47
C GLN F 281 -11.49 5.04 45.35
N THR F 282 -11.15 3.79 45.64
CA THR F 282 -12.16 2.73 45.62
C THR F 282 -13.23 2.99 46.67
N LYS F 283 -12.82 3.43 47.86
CA LYS F 283 -13.78 3.79 48.89
C LYS F 283 -14.66 4.96 48.43
N ILE F 284 -14.04 5.95 47.80
CA ILE F 284 -14.79 7.12 47.34
C ILE F 284 -15.83 6.71 46.31
N ARG F 285 -15.43 5.89 45.33
CA ARG F 285 -16.35 5.43 44.31
C ARG F 285 -17.46 4.58 44.91
N THR F 286 -17.11 3.70 45.85
CA THR F 286 -18.09 2.81 46.45
C THR F 286 -18.88 3.47 47.57
N GLY F 287 -18.43 4.61 48.07
CA GLY F 287 -19.11 5.25 49.18
C GLY F 287 -18.79 4.65 50.54
N GLN F 288 -17.74 3.83 50.61
CA GLN F 288 -17.29 3.27 51.90
C GLN F 288 -16.30 4.22 52.56
N LEU F 289 -16.83 5.37 52.99
CA LEU F 289 -16.03 6.46 53.54
C LEU F 289 -16.29 6.57 55.04
N ASP F 290 -15.22 6.58 55.82
CA ASP F 290 -15.31 6.72 57.27
C ASP F 290 -15.29 8.19 57.66
N ASP F 291 -15.40 8.44 58.97
CA ASP F 291 -15.46 9.80 59.47
C ASP F 291 -14.17 10.57 59.18
N GLU F 292 -13.02 9.94 59.34
CA GLU F 292 -11.75 10.62 59.06
C GLU F 292 -11.61 10.90 57.56
N ASP F 293 -11.89 9.89 56.73
CA ASP F 293 -11.85 10.09 55.29
C ASP F 293 -12.88 11.13 54.86
N TRP F 294 -14.06 11.09 55.50
CA TRP F 294 -15.08 12.08 55.18
C TRP F 294 -14.62 13.48 55.54
N ALA F 295 -13.93 13.63 56.68
CA ALA F 295 -13.40 14.93 57.07
C ALA F 295 -12.34 15.41 56.08
N ARG F 296 -11.48 14.51 55.62
CA ARG F 296 -10.49 14.86 54.61
C ARG F 296 -11.19 15.32 53.34
N ILE F 297 -12.24 14.61 52.94
CA ILE F 297 -12.99 14.95 51.74
C ILE F 297 -13.65 16.32 51.90
N SER F 298 -14.19 16.58 53.09
CA SER F 298 -14.81 17.88 53.35
C SER F 298 -13.78 19.00 53.27
N GLY F 299 -12.59 18.77 53.82
CA GLY F 299 -11.54 19.77 53.71
C GLY F 299 -11.12 20.02 52.28
N THR F 300 -10.99 18.94 51.50
CA THR F 300 -10.65 19.09 50.08
C THR F 300 -11.75 19.87 49.35
N MET F 301 -13.01 19.56 49.65
CA MET F 301 -14.11 20.30 49.04
C MET F 301 -14.05 21.77 49.40
N GLY F 302 -13.77 22.08 50.67
CA GLY F 302 -13.66 23.45 51.08
C GLY F 302 -12.54 24.18 50.35
N ILE F 303 -11.39 23.53 50.23
CA ILE F 303 -10.27 24.14 49.52
C ILE F 303 -10.64 24.39 48.07
N LEU F 304 -11.27 23.42 47.42
CA LEU F 304 -11.63 23.57 46.01
C LEU F 304 -12.64 24.69 45.82
N LEU F 305 -13.68 24.72 46.66
CA LEU F 305 -14.69 25.76 46.54
C LEU F 305 -14.14 27.13 46.95
N GLU F 306 -13.04 27.15 47.71
CA GLU F 306 -12.34 28.39 47.98
C GLU F 306 -11.59 28.86 46.74
N LYS F 307 -10.92 27.94 46.04
CA LYS F 307 -10.14 28.32 44.87
C LYS F 307 -11.05 28.76 43.72
N ARG F 308 -11.87 27.84 43.22
CA ARG F 308 -12.70 28.09 42.04
C ARG F 308 -11.85 28.58 40.86
N ASN F 309 -10.71 27.91 40.67
CA ASN F 309 -9.80 28.21 39.57
C ASN F 309 -9.62 27.01 38.65
N ILE F 310 -10.58 26.10 38.62
CA ILE F 310 -10.55 24.91 37.77
C ILE F 310 -11.85 24.88 36.98
N TYR F 311 -11.77 24.64 35.69
CA TYR F 311 -12.93 24.52 34.83
C TYR F 311 -12.83 23.25 34.01
N ILE F 312 -13.95 22.56 33.83
CA ILE F 312 -14.00 21.26 33.18
C ILE F 312 -15.09 21.28 32.12
N ASP F 313 -14.81 20.65 30.98
CA ASP F 313 -15.80 20.46 29.93
C ASP F 313 -15.87 18.96 29.63
N ASP F 314 -17.04 18.37 29.82
CA ASP F 314 -17.28 16.96 29.53
C ASP F 314 -17.89 16.77 28.13
N SER F 315 -17.59 17.66 27.20
CA SER F 315 -18.13 17.56 25.86
C SER F 315 -17.54 16.37 25.12
N SER F 316 -18.30 15.82 24.19
CA SER F 316 -17.83 14.73 23.35
C SER F 316 -17.64 15.20 21.91
N GLY F 317 -16.52 14.81 21.31
CA GLY F 317 -16.26 15.14 19.93
C GLY F 317 -16.08 16.62 19.65
N LEU F 318 -15.35 17.34 20.52
CA LEU F 318 -15.13 18.76 20.32
C LEU F 318 -14.26 19.00 19.10
N THR F 319 -14.61 20.00 18.30
CA THR F 319 -13.76 20.48 17.23
C THR F 319 -12.80 21.53 17.76
N PRO F 320 -11.69 21.79 17.06
CA PRO F 320 -10.75 22.81 17.55
C PRO F 320 -11.37 24.19 17.70
N THR F 321 -12.26 24.57 16.80
CA THR F 321 -12.85 25.90 16.86
C THR F 321 -13.68 26.08 18.13
N GLU F 322 -14.43 25.04 18.52
CA GLU F 322 -15.22 25.11 19.73
C GLU F 322 -14.33 25.28 20.95
N VAL F 323 -13.24 24.51 21.01
CA VAL F 323 -12.31 24.62 22.13
C VAL F 323 -11.71 26.00 22.18
N ARG F 324 -11.32 26.53 21.03
CA ARG F 324 -10.73 27.87 20.98
C ARG F 324 -11.72 28.92 21.47
N SER F 325 -12.97 28.84 21.00
CA SER F 325 -13.98 29.81 21.40
C SER F 325 -14.24 29.75 22.90
N ARG F 326 -14.37 28.53 23.44
CA ARG F 326 -14.64 28.40 24.87
C ARG F 326 -13.47 28.88 25.70
N ALA F 327 -12.24 28.59 25.25
CA ALA F 327 -11.05 29.09 25.96
C ALA F 327 -11.02 30.61 25.94
N ARG F 328 -11.34 31.22 24.80
CA ARG F 328 -11.41 32.67 24.73
C ARG F 328 -12.46 33.21 25.68
N ARG F 329 -13.62 32.57 25.74
CA ARG F 329 -14.67 32.99 26.67
C ARG F 329 -14.16 32.98 28.10
N ILE F 330 -13.57 31.87 28.52
CA ILE F 330 -13.12 31.76 29.91
C ILE F 330 -12.01 32.75 30.19
N ALA F 331 -11.07 32.91 29.26
CA ALA F 331 -9.96 33.83 29.46
C ALA F 331 -10.47 35.27 29.60
N ARG F 332 -11.40 35.67 28.72
CA ARG F 332 -11.94 37.01 28.80
C ARG F 332 -12.69 37.22 30.11
N GLU F 333 -13.47 36.22 30.53
CA GLU F 333 -14.22 36.35 31.78
C GLU F 333 -13.29 36.47 32.98
N HIS F 334 -12.20 35.69 33.00
CA HIS F 334 -11.31 35.63 34.15
C HIS F 334 -9.91 36.15 33.83
N GLY F 335 -9.77 36.93 32.77
CA GLY F 335 -8.49 37.56 32.48
C GLY F 335 -7.35 36.60 32.23
N GLY F 336 -7.59 35.54 31.47
CA GLY F 336 -6.58 34.58 31.11
C GLY F 336 -6.79 33.25 31.80
N ILE F 337 -6.03 32.27 31.35
CA ILE F 337 -6.09 30.90 31.87
C ILE F 337 -4.68 30.47 32.23
N GLY F 338 -4.53 29.92 33.44
CA GLY F 338 -3.25 29.41 33.88
C GLY F 338 -2.79 28.17 33.14
N LEU F 339 -3.73 27.28 32.80
CA LEU F 339 -3.37 26.01 32.18
C LEU F 339 -4.56 25.48 31.39
N ILE F 340 -4.29 24.80 30.28
CA ILE F 340 -5.31 24.12 29.50
C ILE F 340 -4.93 22.64 29.43
N MET F 341 -5.94 21.77 29.49
CA MET F 341 -5.74 20.33 29.40
C MET F 341 -6.77 19.75 28.44
N ILE F 342 -6.33 18.83 27.59
CA ILE F 342 -7.17 18.20 26.58
C ILE F 342 -6.99 16.69 26.69
N ASP F 343 -8.11 15.98 26.84
CA ASP F 343 -8.14 14.53 26.99
C ASP F 343 -9.21 13.99 26.02
N TYR F 344 -8.83 13.71 24.76
CA TYR F 344 -7.46 13.79 24.23
C TYR F 344 -7.48 14.04 22.72
N LEU F 345 -6.28 14.14 22.14
CA LEU F 345 -6.14 14.56 20.75
C LEU F 345 -6.92 13.68 19.79
N GLN F 346 -6.76 12.36 19.91
CA GLN F 346 -7.38 11.45 18.97
C GLN F 346 -8.91 11.48 19.05
N LEU F 347 -9.49 12.06 20.10
CA LEU F 347 -10.93 12.21 20.19
C LEU F 347 -11.44 13.42 19.43
N MET F 348 -10.60 14.44 19.22
CA MET F 348 -11.06 15.65 18.56
C MET F 348 -11.47 15.35 17.13
N ARG F 349 -12.47 16.09 16.65
CA ARG F 349 -13.11 15.83 15.37
C ARG F 349 -12.95 17.04 14.45
N VAL F 350 -12.64 16.77 13.19
CA VAL F 350 -12.61 17.78 12.14
C VAL F 350 -13.42 17.24 10.97
N PRO F 351 -14.72 17.52 10.89
CA PRO F 351 -15.53 16.96 9.79
C PRO F 351 -15.00 17.31 8.41
N ALA F 352 -14.34 18.47 8.26
CA ALA F 352 -13.80 18.84 6.96
C ALA F 352 -12.71 17.88 6.50
N LEU F 353 -11.88 17.40 7.43
CA LEU F 353 -10.77 16.50 7.12
C LEU F 353 -11.03 15.07 7.57
N SER F 354 -12.31 14.68 7.71
CA SER F 354 -12.62 13.33 8.15
C SER F 354 -12.15 12.28 7.16
N ASP F 355 -11.95 12.66 5.90
CA ASP F 355 -11.53 11.70 4.88
C ASP F 355 -10.18 11.08 5.20
N ASN F 356 -9.21 11.90 5.60
CA ASN F 356 -7.87 11.45 5.96
C ASN F 356 -7.68 11.70 7.45
N ARG F 357 -7.43 10.63 8.20
CA ARG F 357 -7.24 10.76 9.64
C ARG F 357 -5.97 11.55 9.96
N THR F 358 -4.89 11.29 9.22
CA THR F 358 -3.62 11.94 9.53
C THR F 358 -3.70 13.45 9.32
N LEU F 359 -4.33 13.89 8.24
CA LEU F 359 -4.50 15.32 8.02
C LEU F 359 -5.36 15.94 9.12
N GLU F 360 -6.40 15.23 9.54
CA GLU F 360 -7.25 15.72 10.62
C GLU F 360 -6.43 15.91 11.90
N ILE F 361 -5.61 14.92 12.24
CA ILE F 361 -4.79 15.02 13.45
C ILE F 361 -3.80 16.16 13.32
N ALA F 362 -3.17 16.31 12.16
CA ALA F 362 -2.21 17.38 11.97
C ALA F 362 -2.86 18.75 12.12
N GLU F 363 -4.04 18.91 11.53
CA GLU F 363 -4.74 20.19 11.65
C GLU F 363 -5.16 20.46 13.08
N ILE F 364 -5.59 19.41 13.80
CA ILE F 364 -5.95 19.59 15.20
C ILE F 364 -4.75 20.06 16.00
N SER F 365 -3.59 19.42 15.77
CA SER F 365 -2.39 19.78 16.50
C SER F 365 -1.97 21.22 16.19
N ARG F 366 -2.04 21.59 14.91
CA ARG F 366 -1.68 22.95 14.51
C ARG F 366 -2.62 23.97 15.14
N SER F 367 -3.92 23.69 15.13
CA SER F 367 -4.87 24.61 15.73
C SER F 367 -4.63 24.75 17.22
N LEU F 368 -4.35 23.65 17.92
CA LEU F 368 -4.07 23.73 19.34
C LEU F 368 -2.79 24.51 19.61
N LYS F 369 -1.76 24.31 18.80
CA LYS F 369 -0.53 25.07 18.98
C LYS F 369 -0.78 26.56 18.77
N ALA F 370 -1.55 26.91 17.74
CA ALA F 370 -1.89 28.31 17.51
C ALA F 370 -2.70 28.87 18.67
N LEU F 371 -3.60 28.06 19.22
CA LEU F 371 -4.39 28.47 20.39
C LEU F 371 -3.47 28.76 21.57
N ALA F 372 -2.50 27.88 21.80
CA ALA F 372 -1.57 28.06 22.91
C ALA F 372 -0.75 29.34 22.73
N LYS F 373 -0.27 29.58 21.51
CA LYS F 373 0.48 30.79 21.25
C LYS F 373 -0.37 32.03 21.44
N GLU F 374 -1.61 32.01 20.94
CA GLU F 374 -2.46 33.18 21.04
C GLU F 374 -2.83 33.48 22.49
N LEU F 375 -3.22 32.45 23.24
CA LEU F 375 -3.52 32.60 24.66
C LEU F 375 -2.27 32.63 25.53
N ASN F 376 -1.13 32.17 25.02
CA ASN F 376 0.12 32.17 25.76
C ASN F 376 -0.04 31.45 27.09
N VAL F 377 -0.52 30.21 27.02
CA VAL F 377 -0.77 29.39 28.20
C VAL F 377 -0.25 27.99 27.92
N PRO F 378 0.29 27.27 28.92
CA PRO F 378 0.62 25.85 28.68
C PRO F 378 -0.64 25.05 28.36
N VAL F 379 -0.48 24.10 27.44
CA VAL F 379 -1.57 23.27 26.95
C VAL F 379 -1.09 21.82 26.97
N VAL F 380 -1.62 21.03 27.89
CA VAL F 380 -1.29 19.62 28.00
C VAL F 380 -2.36 18.86 27.22
N ALA F 381 -2.04 18.50 25.98
CA ALA F 381 -2.93 17.72 25.14
C ALA F 381 -2.44 16.28 25.09
N LEU F 382 -3.30 15.34 25.45
CA LEU F 382 -2.88 13.95 25.60
C LEU F 382 -2.95 13.21 24.28
N SER F 383 -2.08 12.21 24.14
CA SER F 383 -1.97 11.41 22.92
C SER F 383 -1.69 9.96 23.28
N GLN F 384 -1.90 9.09 22.30
CA GLN F 384 -1.76 7.65 22.50
C GLN F 384 -0.87 7.05 21.41
N LEU F 385 -0.27 5.92 21.74
CA LEU F 385 0.80 5.32 20.96
C LEU F 385 0.29 4.15 20.12
N ASN F 386 1.02 3.86 19.05
CA ASN F 386 0.75 2.66 18.26
C ASN F 386 1.27 1.43 18.99
N ARG F 387 0.65 0.28 18.69
CA ARG F 387 1.00 -0.95 19.38
C ARG F 387 2.42 -1.40 19.07
N SER F 388 3.03 -0.88 18.00
CA SER F 388 4.37 -1.29 17.61
C SER F 388 5.37 -1.13 18.75
N LEU F 389 5.13 -0.15 19.63
CA LEU F 389 6.01 0.04 20.78
C LEU F 389 6.18 -1.25 21.56
N GLU F 390 5.08 -1.95 21.84
CA GLU F 390 5.17 -3.16 22.64
C GLU F 390 5.80 -4.32 21.89
N GLN F 391 6.02 -4.19 20.58
CA GLN F 391 6.74 -5.19 19.81
C GLN F 391 8.25 -5.11 20.01
N ARG F 392 8.75 -4.01 20.56
CA ARG F 392 10.18 -3.84 20.74
C ARG F 392 10.63 -4.54 22.02
N ALA F 393 11.91 -4.93 22.03
CA ALA F 393 12.47 -5.57 23.22
C ALA F 393 12.35 -4.66 24.44
N ASP F 394 12.75 -3.40 24.28
CA ASP F 394 12.55 -2.40 25.32
C ASP F 394 11.29 -1.62 25.00
N LYS F 395 10.41 -1.49 26.01
CA LYS F 395 9.11 -0.87 25.84
C LYS F 395 9.11 0.60 26.25
N ARG F 396 10.28 1.17 26.55
CA ARG F 396 10.34 2.59 26.87
C ARG F 396 9.93 3.40 25.64
N PRO F 397 8.92 4.28 25.73
CA PRO F 397 8.46 4.96 24.52
C PRO F 397 9.50 5.91 23.96
N VAL F 398 9.34 6.22 22.66
CA VAL F 398 10.13 7.22 21.98
C VAL F 398 9.19 8.10 21.17
N ASN F 399 9.77 9.12 20.53
CA ASN F 399 8.95 10.15 19.87
C ASN F 399 8.13 9.55 18.74
N SER F 400 8.71 8.66 17.95
CA SER F 400 8.00 8.10 16.81
C SER F 400 6.83 7.22 17.24
N ASP F 401 6.79 6.79 18.50
CA ASP F 401 5.73 5.89 18.95
C ASP F 401 4.35 6.53 18.96
N LEU F 402 4.27 7.85 18.81
CA LEU F 402 2.97 8.52 18.79
C LEU F 402 2.16 8.06 17.58
N ARG F 403 0.85 7.96 17.77
CA ARG F 403 -0.06 7.67 16.68
C ARG F 403 -0.23 8.92 15.83
N GLU F 404 -0.02 8.78 14.52
CA GLU F 404 0.15 9.93 13.62
C GLU F 404 1.28 10.83 14.10
N SER F 405 2.45 10.22 14.35
CA SER F 405 3.59 10.97 14.88
C SER F 405 4.08 12.03 13.90
N GLY F 406 3.70 11.92 12.62
CA GLY F 406 4.18 12.84 11.60
C GLY F 406 3.99 14.31 11.95
N SER F 407 2.80 14.66 12.46
CA SER F 407 2.49 16.07 12.72
C SER F 407 2.56 16.38 14.21
N ILE F 408 2.15 15.44 15.06
CA ILE F 408 2.15 15.69 16.50
C ILE F 408 3.57 15.96 16.97
N GLU F 409 4.51 15.16 16.51
CA GLU F 409 5.90 15.33 16.91
C GLU F 409 6.44 16.68 16.46
N GLN F 410 6.09 17.10 15.24
CA GLN F 410 6.56 18.39 14.74
C GLN F 410 5.99 19.54 15.56
N ASP F 411 4.66 19.57 15.74
CA ASP F 411 4.03 20.67 16.44
C ASP F 411 4.40 20.69 17.92
N ALA F 412 4.54 19.52 18.54
CA ALA F 412 4.79 19.47 19.97
C ALA F 412 6.13 20.12 20.32
N ASP F 413 6.09 21.04 21.28
CA ASP F 413 7.30 21.67 21.78
C ASP F 413 7.95 20.85 22.88
N LEU F 414 7.14 20.29 23.78
CA LEU F 414 7.59 19.39 24.83
C LEU F 414 6.83 18.08 24.67
N ILE F 415 7.54 16.96 24.78
CA ILE F 415 6.94 15.64 24.69
C ILE F 415 7.40 14.85 25.89
N MET F 416 6.45 14.36 26.69
CA MET F 416 6.73 13.59 27.90
C MET F 416 6.03 12.25 27.79
N PHE F 417 6.80 11.17 27.91
CA PHE F 417 6.27 9.82 27.85
C PHE F 417 6.24 9.21 29.25
N ILE F 418 5.17 8.48 29.53
CA ILE F 418 4.99 7.82 30.83
C ILE F 418 5.21 6.33 30.63
N TYR F 419 6.09 5.76 31.45
CA TYR F 419 6.44 4.35 31.36
C TYR F 419 6.41 3.73 32.75
N ARG F 420 6.11 2.44 32.83
CA ARG F 420 6.10 1.71 34.10
C ARG F 420 6.61 0.31 33.84
N ASP F 421 7.86 0.04 34.27
CA ASP F 421 8.43 -1.28 34.08
C ASP F 421 7.64 -2.33 34.85
N GLU F 422 7.07 -1.93 36.00
CA GLU F 422 6.25 -2.86 36.77
C GLU F 422 5.08 -3.38 35.96
N VAL F 423 4.52 -2.55 35.07
CA VAL F 423 3.37 -2.99 34.27
C VAL F 423 3.74 -4.16 33.39
N TYR F 424 4.87 -4.07 32.68
CA TYR F 424 5.28 -5.11 31.75
C TYR F 424 6.14 -6.18 32.38
N HIS F 425 6.51 -6.03 33.65
CA HIS F 425 7.29 -7.03 34.37
C HIS F 425 6.82 -7.05 35.83
N GLU F 426 6.06 -8.09 36.18
CA GLU F 426 5.54 -8.19 37.55
C GLU F 426 6.65 -8.40 38.57
N ASN F 427 7.78 -8.97 38.16
CA ASN F 427 8.94 -9.16 39.03
C ASN F 427 9.92 -8.00 38.92
N SER F 428 9.41 -6.83 38.52
CA SER F 428 10.27 -5.66 38.38
C SER F 428 10.70 -5.15 39.75
N ASP F 429 11.92 -4.63 39.81
CA ASP F 429 12.44 -4.04 41.04
C ASP F 429 12.00 -2.59 41.24
N LEU F 430 11.39 -1.97 40.23
CA LEU F 430 10.96 -0.58 40.28
C LEU F 430 9.48 -0.44 40.61
N LYS F 431 8.94 -1.34 41.43
CA LYS F 431 7.51 -1.30 41.76
C LYS F 431 7.17 0.01 42.43
N GLY F 432 6.04 0.61 42.01
CA GLY F 432 5.64 1.91 42.51
C GLY F 432 6.37 3.07 41.89
N ILE F 433 7.17 2.85 40.86
CA ILE F 433 7.98 3.87 40.23
C ILE F 433 7.48 4.07 38.80
N ALA F 434 7.26 5.33 38.42
CA ALA F 434 6.83 5.69 37.08
C ALA F 434 7.89 6.60 36.48
N GLU F 435 8.21 6.35 35.20
CA GLU F 435 9.25 7.10 34.50
C GLU F 435 8.59 8.13 33.59
N ILE F 436 8.90 9.40 33.82
CA ILE F 436 8.49 10.49 32.94
C ILE F 436 9.72 10.86 32.11
N ILE F 437 9.69 10.52 30.83
CA ILE F 437 10.82 10.74 29.94
C ILE F 437 10.50 11.93 29.05
N ILE F 438 11.22 13.03 29.24
CA ILE F 438 11.14 14.17 28.34
C ILE F 438 11.92 13.80 27.09
N GLY F 439 11.21 13.38 26.04
CA GLY F 439 11.85 12.97 24.82
C GLY F 439 12.13 14.08 23.84
N LYS F 440 11.44 15.21 23.98
CA LYS F 440 11.66 16.35 23.11
C LYS F 440 11.47 17.62 23.94
N GLN F 441 12.42 18.54 23.84
CA GLN F 441 12.33 19.83 24.53
C GLN F 441 13.16 20.84 23.75
N ARG F 442 12.50 21.80 23.12
CA ARG F 442 13.21 22.76 22.30
C ARG F 442 14.18 23.60 23.13
N ASN F 443 13.76 24.02 24.32
CA ASN F 443 14.52 24.94 25.15
C ASN F 443 15.07 24.28 26.40
N GLY F 444 15.31 22.98 26.38
CA GLY F 444 15.86 22.29 27.53
C GLY F 444 16.27 20.87 27.21
N PRO F 445 16.83 20.18 28.20
CA PRO F 445 17.37 18.84 27.96
C PRO F 445 16.31 17.75 28.02
N ILE F 446 16.53 16.72 27.20
CA ILE F 446 15.74 15.51 27.25
C ILE F 446 16.30 14.62 28.36
N GLY F 447 15.53 13.62 28.80
CA GLY F 447 16.02 12.68 29.78
C GLY F 447 14.89 12.13 30.63
N THR F 448 15.24 11.21 31.52
CA THR F 448 14.29 10.48 32.33
C THR F 448 14.17 11.11 33.72
N VAL F 449 12.98 11.00 34.30
CA VAL F 449 12.72 11.39 35.68
C VAL F 449 11.90 10.29 36.32
N ARG F 450 12.09 10.09 37.62
CA ARG F 450 11.36 9.06 38.36
C ARG F 450 10.38 9.72 39.33
N LEU F 451 9.21 9.09 39.48
CA LEU F 451 8.22 9.52 40.45
C LEU F 451 7.62 8.31 41.15
N THR F 452 7.13 8.53 42.37
CA THR F 452 6.48 7.47 43.13
C THR F 452 4.99 7.49 42.81
N PHE F 453 4.50 6.38 42.26
CA PHE F 453 3.10 6.27 41.83
C PHE F 453 2.33 5.49 42.89
N ASN F 454 1.37 6.15 43.53
CA ASN F 454 0.47 5.51 44.48
C ASN F 454 -0.85 5.26 43.75
N GLY F 455 -1.00 4.03 43.25
CA GLY F 455 -2.24 3.65 42.60
C GLY F 455 -3.41 3.61 43.57
N GLN F 456 -3.13 3.43 44.85
CA GLN F 456 -4.19 3.46 45.84
C GLN F 456 -4.91 4.81 45.84
N TRP F 457 -4.16 5.90 45.75
CA TRP F 457 -4.71 7.25 45.64
C TRP F 457 -4.69 7.77 44.21
N SER F 458 -4.15 7.00 43.26
CA SER F 458 -4.00 7.46 41.89
C SER F 458 -3.26 8.79 41.84
N ARG F 459 -2.06 8.80 42.43
CA ARG F 459 -1.30 10.03 42.61
C ARG F 459 0.17 9.79 42.28
N PHE F 460 0.85 10.86 41.90
CA PHE F 460 2.29 10.85 41.69
C PHE F 460 2.96 11.77 42.71
N ASP F 461 4.10 11.35 43.23
CA ASP F 461 4.83 12.09 44.24
C ASP F 461 6.30 12.15 43.86
N ASN F 462 6.99 13.15 44.40
CA ASN F 462 8.42 13.29 44.15
C ASN F 462 9.17 12.03 44.58
N TYR F 463 10.04 11.55 43.72
CA TYR F 463 10.77 10.32 43.98
C TYR F 463 11.83 10.57 45.04
N ALA F 464 11.69 9.92 46.19
CA ALA F 464 12.61 10.09 47.31
C ALA F 464 13.57 8.92 47.45
N GLY F 465 13.61 8.01 46.48
CA GLY F 465 14.47 6.86 46.56
C GLY F 465 15.88 7.18 46.11
N PRO F 466 16.75 6.17 46.10
CA PRO F 466 18.14 6.39 45.64
C PRO F 466 18.17 6.87 44.20
N GLN F 467 19.07 7.79 43.91
CA GLN F 467 19.22 8.33 42.56
C GLN F 467 20.04 7.37 41.70
N TYR F 468 19.44 6.95 40.59
CA TYR F 468 20.13 6.10 39.62
C TYR F 468 20.79 6.98 38.56
N ASP F 469 22.04 6.66 38.23
CA ASP F 469 22.76 7.44 37.23
C ASP F 469 22.02 7.37 35.89
N ASP F 470 21.86 8.53 35.25
CA ASP F 470 21.19 8.59 33.95
C ASP F 470 22.18 8.20 32.85
N GLU F 471 22.25 6.92 32.55
CA GLU F 471 23.20 6.41 31.56
C GLU F 471 22.51 6.19 30.21
N THR G 16 23.97 25.78 -44.31
CA THR G 16 24.27 25.36 -42.94
C THR G 16 25.67 24.77 -42.85
N THR G 17 25.93 23.77 -43.68
CA THR G 17 27.26 23.15 -43.70
C THR G 17 28.32 24.15 -44.17
N MET G 18 27.97 25.00 -45.14
CA MET G 18 28.89 26.02 -45.61
C MET G 18 29.28 26.97 -44.49
N ARG G 19 28.31 27.32 -43.64
CA ARG G 19 28.60 28.18 -42.50
C ARG G 19 29.61 27.52 -41.57
N ILE G 20 29.43 26.23 -41.29
CA ILE G 20 30.36 25.51 -40.42
C ILE G 20 31.74 25.45 -41.04
N LEU G 21 31.82 25.19 -42.35
CA LEU G 21 33.11 25.14 -43.03
C LEU G 21 33.82 26.49 -42.94
N ILE G 22 33.10 27.57 -43.20
CA ILE G 22 33.69 28.90 -43.15
C ILE G 22 34.17 29.21 -41.74
N GLY G 23 33.35 28.88 -40.74
CA GLY G 23 33.74 29.15 -39.36
C GLY G 23 34.98 28.38 -38.95
N LEU G 24 35.04 27.10 -39.31
CA LEU G 24 36.23 26.30 -39.00
C LEU G 24 37.45 26.84 -39.71
N LEU G 25 37.32 27.24 -40.98
CA LEU G 25 38.46 27.78 -41.71
C LEU G 25 38.97 29.07 -41.08
N VAL G 26 38.05 29.97 -40.70
CA VAL G 26 38.47 31.25 -40.15
C VAL G 26 39.07 31.07 -38.76
N GLN G 27 38.45 30.24 -37.92
CA GLN G 27 38.89 30.12 -36.54
C GLN G 27 40.28 29.51 -36.45
N ASN G 28 40.57 28.53 -37.30
CA ASN G 28 41.84 27.79 -37.27
C ASN G 28 42.50 27.91 -38.63
N PRO G 29 43.17 29.03 -38.92
CA PRO G 29 43.80 29.18 -40.24
C PRO G 29 44.92 28.19 -40.52
N GLU G 30 45.48 27.56 -39.49
CA GLU G 30 46.53 26.58 -39.72
C GLU G 30 46.04 25.41 -40.54
N LEU G 31 44.75 25.06 -40.41
CA LEU G 31 44.17 23.93 -41.12
C LEU G 31 43.95 24.21 -42.60
N ALA G 32 43.88 25.48 -43.00
CA ALA G 32 43.65 25.82 -44.40
C ALA G 32 44.74 25.27 -45.31
N THR G 33 45.95 25.09 -44.80
CA THR G 33 47.04 24.54 -45.60
C THR G 33 46.87 23.06 -45.86
N LEU G 34 46.03 22.37 -45.10
CA LEU G 34 45.80 20.94 -45.28
C LEU G 34 44.67 20.63 -46.25
N VAL G 35 44.03 21.65 -46.81
CA VAL G 35 42.91 21.45 -47.73
C VAL G 35 43.44 20.92 -49.05
N PRO G 36 42.96 19.79 -49.56
CA PRO G 36 43.38 19.36 -50.91
C PRO G 36 42.92 20.35 -51.95
N PRO G 37 43.62 20.45 -53.08
CA PRO G 37 43.25 21.47 -54.08
C PRO G 37 41.85 21.26 -54.63
N LEU G 38 41.13 22.37 -54.82
CA LEU G 38 39.77 22.35 -55.33
C LEU G 38 39.54 23.49 -56.32
N GLU G 39 40.60 23.97 -56.96
CA GLU G 39 40.46 25.07 -57.92
C GLU G 39 39.63 24.64 -59.11
N ASN G 40 39.83 23.41 -59.60
CA ASN G 40 39.07 22.89 -60.72
C ASN G 40 37.59 22.78 -60.44
N LEU G 41 37.20 22.57 -59.18
CA LEU G 41 35.79 22.42 -58.85
C LEU G 41 35.04 23.72 -59.13
N ASP G 42 33.89 23.59 -59.78
CA ASP G 42 33.05 24.74 -60.05
C ASP G 42 32.33 25.18 -58.78
N GLU G 43 32.13 26.49 -58.67
CA GLU G 43 31.44 27.08 -57.53
C GLU G 43 29.92 26.96 -57.62
N ASN G 44 29.40 26.49 -58.76
CA ASN G 44 27.95 26.45 -58.97
C ASN G 44 27.29 25.26 -58.29
N LYS G 45 28.05 24.27 -57.82
CA LYS G 45 27.46 23.10 -57.21
C LYS G 45 26.80 23.45 -55.88
N LEU G 46 27.59 23.99 -54.94
CA LEU G 46 27.04 24.42 -53.66
C LEU G 46 26.63 25.90 -53.73
N PRO G 47 25.69 26.34 -52.89
CA PRO G 47 25.30 27.76 -52.91
C PRO G 47 26.34 28.65 -52.24
N GLY G 48 26.84 29.65 -52.96
CA GLY G 48 27.80 30.57 -52.38
C GLY G 48 29.11 29.90 -52.07
N LEU G 49 29.52 28.96 -52.93
CA LEU G 49 30.77 28.24 -52.73
C LEU G 49 32.00 29.04 -53.14
N GLY G 50 31.82 30.14 -53.88
CA GLY G 50 32.96 30.89 -54.37
C GLY G 50 33.80 31.50 -53.26
N LEU G 51 33.15 31.94 -52.18
CA LEU G 51 33.89 32.57 -51.08
C LEU G 51 34.85 31.58 -50.43
N PHE G 52 34.39 30.35 -50.17
CA PHE G 52 35.26 29.37 -49.51
C PHE G 52 36.45 28.99 -50.39
N ARG G 53 36.21 28.82 -51.70
CA ARG G 53 37.28 28.45 -52.60
C ARG G 53 38.37 29.50 -52.63
N GLU G 54 37.98 30.78 -52.68
CA GLU G 54 38.97 31.85 -52.67
C GLU G 54 39.63 31.97 -51.31
N LEU G 55 38.88 31.72 -50.23
CA LEU G 55 39.47 31.77 -48.89
C LEU G 55 40.57 30.73 -48.73
N VAL G 56 40.34 29.53 -49.27
CA VAL G 56 41.33 28.46 -49.11
C VAL G 56 42.66 28.86 -49.76
N ASN G 57 42.61 29.33 -51.01
CA ASN G 57 43.85 29.68 -51.71
C ASN G 57 44.44 30.96 -51.16
N THR G 58 43.62 31.85 -50.58
CA THR G 58 44.16 33.05 -49.97
C THR G 58 44.93 32.72 -48.70
N CYS G 59 44.37 31.86 -47.85
CA CYS G 59 45.08 31.45 -46.64
C CYS G 59 46.30 30.63 -47.00
N LEU G 60 46.22 29.82 -48.05
CA LEU G 60 47.38 29.07 -48.51
C LEU G 60 48.49 29.97 -49.00
N SER G 61 48.15 31.17 -49.50
CA SER G 61 49.17 32.06 -50.06
C SER G 61 50.12 32.56 -48.99
N GLN G 62 49.69 32.63 -47.73
CA GLN G 62 50.51 33.12 -46.62
C GLN G 62 50.51 32.09 -45.50
N PRO G 63 51.34 31.06 -45.59
CA PRO G 63 51.42 30.08 -44.50
C PRO G 63 51.97 30.68 -43.22
N GLY G 64 51.61 30.06 -42.10
CA GLY G 64 52.10 30.51 -40.81
C GLY G 64 51.56 31.86 -40.42
N LEU G 65 50.26 31.93 -40.16
CA LEU G 65 49.57 33.19 -39.91
C LEU G 65 48.70 33.06 -38.67
N THR G 66 48.13 34.18 -38.26
CA THR G 66 47.22 34.28 -37.13
C THR G 66 45.83 34.66 -37.61
N THR G 67 44.85 34.58 -36.70
CA THR G 67 43.47 34.85 -37.08
C THR G 67 43.26 36.30 -37.49
N GLY G 68 43.93 37.24 -36.81
CA GLY G 68 43.71 38.64 -37.09
C GLY G 68 44.13 39.05 -38.49
N GLN G 69 45.31 38.59 -38.92
CA GLN G 69 45.80 38.95 -40.24
C GLN G 69 44.95 38.33 -41.35
N LEU G 70 44.31 37.19 -41.07
CA LEU G 70 43.38 36.62 -42.04
C LEU G 70 42.06 37.37 -42.05
N LEU G 71 41.57 37.78 -40.88
CA LEU G 71 40.32 38.52 -40.83
C LEU G 71 40.44 39.87 -41.51
N GLU G 72 41.56 40.56 -41.31
CA GLU G 72 41.72 41.89 -41.90
C GLU G 72 41.86 41.87 -43.41
N HIS G 73 42.05 40.70 -44.02
CA HIS G 73 42.26 40.64 -45.47
C HIS G 73 41.06 41.17 -46.24
N TYR G 74 39.85 40.81 -45.83
CA TYR G 74 38.65 41.11 -46.59
C TYR G 74 37.92 42.33 -46.04
N ARG G 75 38.66 43.26 -45.44
CA ARG G 75 38.05 44.49 -44.94
C ARG G 75 37.53 45.37 -46.06
N GLY G 76 38.11 45.28 -47.26
CA GLY G 76 37.59 46.03 -48.38
C GLY G 76 36.23 45.57 -48.86
N THR G 77 35.85 44.33 -48.54
CA THR G 77 34.55 43.79 -48.88
C THR G 77 33.64 43.86 -47.64
N ASN G 78 32.33 43.73 -47.89
CA ASN G 78 31.33 43.78 -46.84
C ASN G 78 31.07 42.44 -46.19
N ASN G 79 31.67 41.36 -46.70
CA ASN G 79 31.47 40.02 -46.16
C ASN G 79 32.35 39.74 -44.95
N ALA G 80 33.22 40.67 -44.58
CA ALA G 80 34.05 40.48 -43.39
C ALA G 80 33.20 40.36 -42.14
N ALA G 81 32.03 41.01 -42.13
CA ALA G 81 31.13 40.89 -40.99
C ALA G 81 30.67 39.45 -40.81
N THR G 82 30.36 38.78 -41.92
CA THR G 82 29.95 37.38 -41.85
C THR G 82 31.09 36.51 -41.31
N LEU G 83 32.32 36.76 -41.77
CA LEU G 83 33.46 35.98 -41.28
C LEU G 83 33.67 36.20 -39.79
N GLU G 84 33.56 37.45 -39.33
CA GLU G 84 33.66 37.73 -37.91
C GLU G 84 32.56 37.07 -37.10
N LYS G 85 31.33 37.08 -37.60
CA LYS G 85 30.22 36.44 -36.89
C LYS G 85 30.41 34.93 -36.83
N LEU G 86 30.91 34.32 -37.90
CA LEU G 86 31.12 32.89 -37.94
C LEU G 86 32.32 32.43 -37.13
N SER G 87 33.38 33.24 -37.04
CA SER G 87 34.58 32.82 -36.34
C SER G 87 34.31 32.54 -34.87
N MET G 88 33.58 33.45 -34.20
CA MET G 88 33.20 33.21 -32.81
C MET G 88 32.28 32.00 -32.71
N TRP G 89 31.37 31.85 -33.66
CA TRP G 89 30.46 30.71 -33.64
C TRP G 89 31.25 29.41 -33.77
N ASP G 90 30.84 28.39 -33.01
CA ASP G 90 31.53 27.11 -32.99
C ASP G 90 33.01 27.28 -32.61
N ASP G 91 33.26 28.10 -31.60
CA ASP G 91 34.61 28.30 -31.09
C ASP G 91 34.90 27.29 -29.99
N ILE G 92 36.03 26.59 -30.11
CA ILE G 92 36.47 25.61 -29.12
C ILE G 92 37.92 25.90 -28.78
N ALA G 93 38.29 25.56 -27.54
CA ALA G 93 39.64 25.85 -27.07
C ALA G 93 40.67 24.87 -27.61
N ASP G 94 40.38 23.58 -27.55
CA ASP G 94 41.34 22.56 -27.96
C ASP G 94 41.56 22.62 -29.47
N LYS G 95 42.81 22.38 -29.88
CA LYS G 95 43.17 22.47 -31.29
C LYS G 95 43.03 21.12 -31.99
N ASN G 96 43.59 20.07 -31.42
CA ASN G 96 43.59 18.77 -32.08
C ASN G 96 42.18 18.22 -32.26
N ILE G 97 41.22 18.68 -31.46
CA ILE G 97 39.85 18.22 -31.63
C ILE G 97 39.25 18.74 -32.93
N ALA G 98 39.59 19.97 -33.32
CA ALA G 98 38.95 20.61 -34.47
C ALA G 98 39.49 20.10 -35.80
N GLU G 99 40.68 19.51 -35.83
CA GLU G 99 41.23 19.03 -37.09
C GLU G 99 40.38 17.90 -37.67
N GLN G 100 39.93 16.97 -36.81
CA GLN G 100 39.08 15.90 -37.28
C GLN G 100 37.76 16.44 -37.81
N THR G 101 37.18 17.42 -37.10
CA THR G 101 35.93 18.01 -37.55
C THR G 101 36.10 18.68 -38.91
N PHE G 102 37.21 19.41 -39.08
CA PHE G 102 37.43 20.10 -40.36
C PHE G 102 37.66 19.11 -41.48
N THR G 103 38.43 18.05 -41.22
CA THR G 103 38.66 17.04 -42.25
C THR G 103 37.35 16.37 -42.63
N ASP G 104 36.52 16.04 -41.64
CA ASP G 104 35.23 15.44 -41.93
C ASP G 104 34.35 16.41 -42.70
N SER G 105 34.45 17.70 -42.41
CA SER G 105 33.67 18.70 -43.15
C SER G 105 34.11 18.76 -44.61
N LEU G 106 35.43 18.70 -44.84
CA LEU G 106 35.91 18.68 -46.22
C LEU G 106 35.44 17.43 -46.95
N ASN G 107 35.51 16.27 -46.28
CA ASN G 107 34.99 15.05 -46.87
C ASN G 107 33.51 15.16 -47.16
N HIS G 108 32.76 15.82 -46.27
CA HIS G 108 31.34 16.02 -46.47
C HIS G 108 31.07 16.90 -47.68
N MET G 109 31.87 17.94 -47.86
CA MET G 109 31.72 18.80 -49.03
C MET G 109 32.02 18.03 -50.31
N PHE G 110 33.09 17.22 -50.30
CA PHE G 110 33.41 16.42 -51.48
C PHE G 110 32.31 15.43 -51.80
N ASP G 111 31.75 14.77 -50.77
CA ASP G 111 30.65 13.84 -50.98
C ASP G 111 29.41 14.58 -51.49
N SER G 112 29.18 15.79 -51.00
CA SER G 112 28.06 16.59 -51.49
C SER G 112 28.23 16.89 -52.97
N LEU G 113 29.43 17.25 -53.38
CA LEU G 113 29.70 17.43 -54.81
C LEU G 113 29.46 16.14 -55.59
N LEU G 114 29.91 15.02 -55.02
CA LEU G 114 29.73 13.74 -55.70
C LEU G 114 28.25 13.42 -55.91
N GLU G 115 27.43 13.68 -54.89
CA GLU G 115 26.00 13.39 -55.01
C GLU G 115 25.30 14.42 -55.90
N LEU G 116 25.77 15.67 -55.89
CA LEU G 116 25.25 16.69 -56.78
C LEU G 116 25.61 16.45 -58.23
N ARG G 117 26.61 15.59 -58.49
CA ARG G 117 26.84 15.04 -59.81
C ARG G 117 26.04 13.76 -60.08
N GLN G 118 25.93 12.90 -59.08
CA GLN G 118 25.14 11.68 -59.25
C GLN G 118 23.67 12.00 -59.51
N GLU G 119 23.19 13.17 -59.08
CA GLU G 119 21.81 13.53 -59.35
C GLU G 119 21.55 13.67 -60.85
N GLU G 120 22.40 14.40 -61.57
CA GLU G 120 22.22 14.50 -63.01
C GLU G 120 22.63 13.22 -63.74
N LEU G 121 23.53 12.42 -63.15
CA LEU G 121 23.78 11.09 -63.72
C LEU G 121 22.55 10.21 -63.65
N ILE G 122 21.78 10.30 -62.56
CA ILE G 122 20.51 9.60 -62.47
C ILE G 122 19.48 10.23 -63.40
N ALA G 123 19.59 11.54 -63.62
CA ALA G 123 18.67 12.20 -64.54
C ALA G 123 18.86 11.72 -65.98
N ARG G 124 20.11 11.53 -66.42
CA ARG G 124 20.36 11.20 -67.82
C ARG G 124 19.87 9.81 -68.18
N GLU G 125 19.97 8.84 -67.25
CA GLU G 125 19.52 7.49 -67.52
C GLU G 125 18.01 7.40 -67.76
N ARG G 126 17.25 8.37 -67.29
CA ARG G 126 15.80 8.40 -67.47
C ARG G 126 15.39 9.12 -68.74
N THR G 127 16.33 9.62 -69.53
CA THR G 127 16.04 10.31 -70.78
C THR G 127 16.40 9.47 -71.99
N HIS G 128 17.64 8.98 -72.06
CA HIS G 128 18.11 8.16 -73.17
C HIS G 128 18.64 6.80 -72.73
N GLY G 129 18.53 6.46 -71.45
CA GLY G 129 19.04 5.19 -70.97
C GLY G 129 20.55 5.23 -70.77
N LEU G 130 21.10 4.08 -70.39
CA LEU G 130 22.53 3.92 -70.19
C LEU G 130 23.00 2.60 -70.76
N SER G 131 24.22 2.59 -71.28
CA SER G 131 24.87 1.36 -71.70
C SER G 131 25.38 0.60 -70.48
N ASN G 132 26.00 -0.56 -70.73
CA ASN G 132 26.55 -1.36 -69.64
C ASN G 132 27.64 -0.61 -68.89
N GLU G 133 28.54 0.03 -69.63
CA GLU G 133 29.64 0.74 -68.98
C GLU G 133 29.15 1.93 -68.18
N GLU G 134 28.11 2.61 -68.65
CA GLU G 134 27.61 3.79 -67.95
C GLU G 134 27.00 3.41 -66.60
N CYS G 135 26.16 2.38 -66.57
CA CYS G 135 25.62 1.90 -65.30
C CYS G 135 26.74 1.34 -64.42
N LEU G 136 27.74 0.71 -65.03
CA LEU G 136 28.89 0.24 -64.26
C LEU G 136 29.60 1.39 -63.56
N GLU G 137 29.86 2.48 -64.29
CA GLU G 137 30.50 3.64 -63.70
C GLU G 137 29.62 4.27 -62.63
N LEU G 138 28.32 4.35 -62.88
CA LEU G 138 27.41 4.89 -61.86
C LEU G 138 27.44 4.05 -60.59
N TRP G 139 27.60 2.73 -60.73
CA TRP G 139 27.70 1.87 -59.55
C TRP G 139 28.91 2.21 -58.70
N THR G 140 30.04 2.55 -59.32
CA THR G 140 31.26 2.87 -58.58
C THR G 140 31.10 4.09 -57.68
N LEU G 141 30.18 5.00 -58.01
CA LEU G 141 30.02 6.22 -57.24
C LEU G 141 29.44 5.98 -55.86
N ASN G 142 28.43 5.11 -55.76
CA ASN G 142 27.82 4.83 -54.47
C ASN G 142 28.74 4.04 -53.55
N GLN G 143 29.83 3.47 -54.09
CA GLN G 143 30.75 2.70 -53.26
C GLN G 143 31.37 3.59 -52.19
N GLU G 144 31.89 4.75 -52.59
CA GLU G 144 32.46 5.69 -51.63
C GLU G 144 31.40 6.41 -50.83
N LEU G 145 30.14 6.40 -51.28
CA LEU G 145 29.07 7.01 -50.50
C LEU G 145 28.95 6.36 -49.13
N ALA G 146 28.84 5.03 -49.10
CA ALA G 146 28.77 4.32 -47.83
C ALA G 146 30.06 4.45 -47.05
N LYS G 147 31.20 4.34 -47.72
CA LYS G 147 32.50 4.45 -47.09
C LYS G 147 33.03 5.87 -47.19
N THR H 16 -46.32 -15.97 -34.46
CA THR H 16 -45.12 -16.47 -33.78
C THR H 16 -45.35 -17.90 -33.31
N THR H 17 -46.26 -18.07 -32.35
CA THR H 17 -46.56 -19.42 -31.85
C THR H 17 -47.15 -20.29 -32.95
N MET H 18 -47.87 -19.68 -33.90
CA MET H 18 -48.36 -20.43 -35.06
C MET H 18 -47.20 -20.97 -35.88
N ARG H 19 -46.17 -20.15 -36.08
CA ARG H 19 -44.99 -20.62 -36.80
C ARG H 19 -44.32 -21.77 -36.06
N ILE H 20 -44.22 -21.68 -34.74
CA ILE H 20 -43.62 -22.76 -33.95
C ILE H 20 -44.45 -24.03 -34.08
N LEU H 21 -45.78 -23.90 -34.01
CA LEU H 21 -46.65 -25.06 -34.15
C LEU H 21 -46.45 -25.73 -35.51
N ILE H 22 -46.42 -24.93 -36.57
CA ILE H 22 -46.28 -25.48 -37.91
C ILE H 22 -44.92 -26.16 -38.06
N GLY H 23 -43.86 -25.51 -37.56
CA GLY H 23 -42.54 -26.10 -37.66
C GLY H 23 -42.43 -27.41 -36.90
N LEU H 24 -42.99 -27.46 -35.69
CA LEU H 24 -42.98 -28.70 -34.93
C LEU H 24 -43.77 -29.79 -35.63
N LEU H 25 -44.94 -29.45 -36.18
CA LEU H 25 -45.75 -30.46 -36.86
C LEU H 25 -45.03 -31.01 -38.09
N VAL H 26 -44.40 -30.12 -38.87
CA VAL H 26 -43.73 -30.57 -40.09
C VAL H 26 -42.48 -31.38 -39.75
N GLN H 27 -41.69 -30.91 -38.79
CA GLN H 27 -40.45 -31.61 -38.44
C GLN H 27 -40.75 -33.00 -37.88
N ASN H 28 -41.81 -33.12 -37.08
CA ASN H 28 -42.15 -34.37 -36.39
C ASN H 28 -43.54 -34.78 -36.83
N PRO H 29 -43.67 -35.46 -37.97
CA PRO H 29 -45.00 -35.94 -38.39
C PRO H 29 -45.55 -37.06 -37.52
N GLU H 30 -44.72 -37.67 -36.68
CA GLU H 30 -45.19 -38.79 -35.86
C GLU H 30 -46.17 -38.33 -34.79
N LEU H 31 -46.02 -37.10 -34.31
CA LEU H 31 -46.85 -36.58 -33.22
C LEU H 31 -48.24 -36.15 -33.67
N ALA H 32 -48.48 -36.01 -34.97
CA ALA H 32 -49.77 -35.54 -35.46
C ALA H 32 -50.91 -36.47 -35.04
N THR H 33 -50.62 -37.75 -34.82
CA THR H 33 -51.67 -38.68 -34.40
C THR H 33 -52.08 -38.48 -32.95
N LEU H 34 -51.28 -37.78 -32.16
CA LEU H 34 -51.60 -37.51 -30.76
C LEU H 34 -52.33 -36.20 -30.55
N VAL H 35 -52.65 -35.47 -31.62
CA VAL H 35 -53.34 -34.19 -31.53
C VAL H 35 -54.82 -34.46 -31.23
N PRO H 36 -55.39 -33.88 -30.17
CA PRO H 36 -56.84 -34.01 -29.96
C PRO H 36 -57.60 -33.36 -31.09
N PRO H 37 -58.83 -33.83 -31.39
CA PRO H 37 -59.56 -33.28 -32.53
C PRO H 37 -59.88 -31.80 -32.34
N LEU H 38 -59.83 -31.06 -33.44
CA LEU H 38 -60.12 -29.63 -33.45
C LEU H 38 -60.91 -29.23 -34.69
N GLU H 39 -61.68 -30.16 -35.25
CA GLU H 39 -62.48 -29.84 -36.43
C GLU H 39 -63.53 -28.79 -36.12
N ASN H 40 -64.17 -28.89 -34.95
CA ASN H 40 -65.15 -27.89 -34.54
C ASN H 40 -64.51 -26.53 -34.28
N LEU H 41 -63.21 -26.48 -34.03
CA LEU H 41 -62.54 -25.21 -33.77
C LEU H 41 -62.53 -24.36 -35.02
N ASP H 42 -63.00 -23.12 -34.91
CA ASP H 42 -63.01 -22.21 -36.04
C ASP H 42 -61.61 -21.70 -36.34
N GLU H 43 -61.29 -21.59 -37.63
CA GLU H 43 -59.99 -21.15 -38.09
C GLU H 43 -59.84 -19.63 -38.07
N ASN H 44 -60.92 -18.89 -37.81
CA ASN H 44 -60.85 -17.44 -37.76
C ASN H 44 -60.35 -16.90 -36.43
N LYS H 45 -60.30 -17.75 -35.39
CA LYS H 45 -59.79 -17.32 -34.09
C LYS H 45 -58.34 -16.85 -34.19
N LEU H 46 -57.45 -17.76 -34.55
CA LEU H 46 -56.04 -17.44 -34.70
C LEU H 46 -55.73 -17.04 -36.14
N PRO H 47 -54.65 -16.30 -36.39
CA PRO H 47 -54.34 -15.89 -37.76
C PRO H 47 -53.77 -17.03 -38.60
N GLY H 48 -54.45 -17.35 -39.70
CA GLY H 48 -53.99 -18.41 -40.58
C GLY H 48 -54.03 -19.78 -39.91
N LEU H 49 -55.05 -20.03 -39.10
CA LEU H 49 -55.19 -21.30 -38.41
C LEU H 49 -55.73 -22.41 -39.31
N GLY H 50 -56.34 -22.06 -40.45
CA GLY H 50 -56.85 -23.07 -41.35
C GLY H 50 -55.76 -24.00 -41.88
N LEU H 51 -54.57 -23.45 -42.12
CA LEU H 51 -53.46 -24.28 -42.59
C LEU H 51 -53.09 -25.35 -41.57
N PHE H 52 -53.02 -24.98 -40.29
CA PHE H 52 -52.68 -25.94 -39.26
C PHE H 52 -53.74 -27.04 -39.15
N ARG H 53 -55.01 -26.67 -39.20
CA ARG H 53 -56.09 -27.65 -39.10
C ARG H 53 -56.04 -28.61 -40.28
N GLU H 54 -55.83 -28.07 -41.49
CA GLU H 54 -55.70 -28.93 -42.66
C GLU H 54 -54.49 -29.84 -42.55
N LEU H 55 -53.36 -29.33 -42.07
CA LEU H 55 -52.20 -30.17 -41.87
C LEU H 55 -52.50 -31.31 -40.90
N VAL H 56 -53.19 -31.01 -39.80
CA VAL H 56 -53.49 -32.04 -38.81
C VAL H 56 -54.38 -33.11 -39.43
N ASN H 57 -55.47 -32.69 -40.09
CA ASN H 57 -56.44 -33.67 -40.58
C ASN H 57 -55.91 -34.41 -41.80
N THR H 58 -54.90 -33.87 -42.48
CA THR H 58 -54.29 -34.60 -43.57
C THR H 58 -53.23 -35.59 -43.07
N CYS H 59 -52.42 -35.16 -42.10
CA CYS H 59 -51.40 -36.05 -41.57
C CYS H 59 -52.02 -37.21 -40.81
N LEU H 60 -53.13 -36.95 -40.11
CA LEU H 60 -53.82 -38.03 -39.41
C LEU H 60 -54.35 -39.09 -40.38
N SER H 61 -54.59 -38.71 -41.64
CA SER H 61 -55.16 -39.64 -42.59
C SER H 61 -54.19 -40.76 -42.97
N GLN H 62 -52.89 -40.55 -42.77
CA GLN H 62 -51.86 -41.50 -43.19
C GLN H 62 -50.96 -41.83 -42.01
N PRO H 63 -51.38 -42.75 -41.14
CA PRO H 63 -50.49 -43.19 -40.05
C PRO H 63 -49.24 -43.87 -40.57
N GLY H 64 -48.18 -43.76 -39.79
CA GLY H 64 -46.92 -44.39 -40.15
C GLY H 64 -46.31 -43.79 -41.40
N LEU H 65 -45.90 -42.52 -41.30
CA LEU H 65 -45.40 -41.76 -42.44
C LEU H 65 -44.07 -41.12 -42.08
N THR H 66 -43.46 -40.49 -43.08
CA THR H 66 -42.20 -39.77 -42.93
C THR H 66 -42.42 -38.29 -43.23
N THR H 67 -41.40 -37.49 -42.92
CA THR H 67 -41.50 -36.05 -43.20
C THR H 67 -41.52 -35.77 -44.70
N GLY H 68 -40.77 -36.53 -45.49
CA GLY H 68 -40.74 -36.27 -46.92
C GLY H 68 -42.07 -36.50 -47.61
N GLN H 69 -42.75 -37.61 -47.26
CA GLN H 69 -44.05 -37.87 -47.88
C GLN H 69 -45.08 -36.84 -47.44
N LEU H 70 -44.94 -36.30 -46.23
CA LEU H 70 -45.82 -35.23 -45.78
C LEU H 70 -45.47 -33.91 -46.46
N LEU H 71 -44.18 -33.62 -46.62
CA LEU H 71 -43.76 -32.39 -47.27
C LEU H 71 -44.22 -32.35 -48.73
N GLU H 72 -44.09 -33.46 -49.45
CA GLU H 72 -44.45 -33.48 -50.86
C GLU H 72 -45.95 -33.40 -51.10
N HIS H 73 -46.77 -33.53 -50.06
CA HIS H 73 -48.22 -33.53 -50.26
C HIS H 73 -48.71 -32.22 -50.86
N TYR H 74 -48.21 -31.08 -50.37
CA TYR H 74 -48.72 -29.77 -50.76
C TYR H 74 -47.84 -29.12 -51.82
N ARG H 75 -47.25 -29.93 -52.70
CA ARG H 75 -46.46 -29.39 -53.79
C ARG H 75 -47.31 -28.61 -54.79
N GLY H 76 -48.62 -28.88 -54.85
CA GLY H 76 -49.49 -28.13 -55.74
C GLY H 76 -49.75 -26.72 -55.28
N THR H 77 -49.61 -26.44 -53.99
CA THR H 77 -49.82 -25.12 -53.42
C THR H 77 -48.48 -24.41 -53.24
N ASN H 78 -48.55 -23.09 -53.09
CA ASN H 78 -47.35 -22.27 -52.93
C ASN H 78 -46.91 -22.13 -51.48
N ASN H 79 -47.67 -22.67 -50.53
CA ASN H 79 -47.35 -22.57 -49.11
C ASN H 79 -46.36 -23.65 -48.67
N ALA H 80 -45.97 -24.55 -49.58
CA ALA H 80 -45.01 -25.58 -49.22
C ALA H 80 -43.67 -24.96 -48.83
N ALA H 81 -43.34 -23.80 -49.38
CA ALA H 81 -42.10 -23.13 -49.02
C ALA H 81 -42.10 -22.77 -47.54
N THR H 82 -43.25 -22.34 -47.02
CA THR H 82 -43.36 -22.02 -45.60
C THR H 82 -43.09 -23.24 -44.73
N LEU H 83 -43.68 -24.38 -45.08
CA LEU H 83 -43.47 -25.60 -44.32
C LEU H 83 -42.01 -26.03 -44.38
N GLU H 84 -41.40 -25.96 -45.57
CA GLU H 84 -40.00 -26.30 -45.73
C GLU H 84 -39.09 -25.40 -44.90
N LYS H 85 -39.35 -24.09 -44.88
CA LYS H 85 -38.50 -23.18 -44.13
C LYS H 85 -38.68 -23.35 -42.63
N LEU H 86 -39.91 -23.64 -42.18
CA LEU H 86 -40.17 -23.83 -40.76
C LEU H 86 -39.70 -25.19 -40.26
N SER H 87 -39.56 -26.19 -41.14
CA SER H 87 -39.12 -27.50 -40.69
C SER H 87 -37.70 -27.45 -40.15
N MET H 88 -36.77 -26.87 -40.91
CA MET H 88 -35.39 -26.77 -40.45
C MET H 88 -35.29 -25.88 -39.21
N TRP H 89 -36.04 -24.78 -39.19
CA TRP H 89 -35.99 -23.86 -38.06
C TRP H 89 -36.44 -24.56 -36.79
N ASP H 90 -35.71 -24.33 -35.70
CA ASP H 90 -36.00 -24.95 -34.40
C ASP H 90 -36.00 -26.47 -34.51
N ASP H 91 -35.04 -26.99 -35.28
CA ASP H 91 -34.88 -28.44 -35.40
C ASP H 91 -34.03 -28.96 -34.25
N ILE H 92 -34.55 -29.97 -33.55
CA ILE H 92 -33.86 -30.57 -32.42
C ILE H 92 -33.73 -32.07 -32.68
N ALA H 93 -32.55 -32.60 -32.36
CA ALA H 93 -32.26 -34.00 -32.65
C ALA H 93 -33.15 -34.93 -31.85
N ASP H 94 -33.40 -34.61 -30.59
CA ASP H 94 -34.13 -35.51 -29.71
C ASP H 94 -35.62 -35.49 -30.01
N LYS H 95 -36.26 -36.65 -29.88
CA LYS H 95 -37.68 -36.81 -30.16
C LYS H 95 -38.55 -36.62 -28.93
N ASN H 96 -38.19 -37.28 -27.82
CA ASN H 96 -39.06 -37.28 -26.64
C ASN H 96 -39.13 -35.91 -25.99
N ILE H 97 -38.24 -34.99 -26.35
CA ILE H 97 -38.30 -33.64 -25.78
C ILE H 97 -39.30 -32.77 -26.53
N ALA H 98 -39.47 -32.99 -27.84
CA ALA H 98 -40.38 -32.16 -28.62
C ALA H 98 -41.84 -32.44 -28.33
N GLU H 99 -42.16 -33.62 -27.80
CA GLU H 99 -43.55 -33.96 -27.53
C GLU H 99 -44.16 -33.05 -26.47
N GLN H 100 -43.41 -32.75 -25.42
CA GLN H 100 -43.93 -31.86 -24.38
C GLN H 100 -44.16 -30.46 -24.92
N THR H 101 -43.22 -29.95 -25.74
CA THR H 101 -43.39 -28.64 -26.32
C THR H 101 -44.60 -28.59 -27.23
N PHE H 102 -44.80 -29.63 -28.04
CA PHE H 102 -45.95 -29.69 -28.92
C PHE H 102 -47.25 -29.74 -28.13
N THR H 103 -47.27 -30.54 -27.06
CA THR H 103 -48.46 -30.64 -26.23
C THR H 103 -48.78 -29.29 -25.59
N ASP H 104 -47.76 -28.61 -25.07
CA ASP H 104 -47.99 -27.31 -24.46
C ASP H 104 -48.46 -26.29 -25.49
N SER H 105 -47.91 -26.33 -26.71
CA SER H 105 -48.37 -25.43 -27.76
C SER H 105 -49.83 -25.69 -28.10
N LEU H 106 -50.23 -26.96 -28.17
CA LEU H 106 -51.63 -27.28 -28.40
C LEU H 106 -52.50 -26.78 -27.25
N ASN H 107 -52.01 -26.91 -26.02
CA ASN H 107 -52.75 -26.39 -24.87
C ASN H 107 -52.94 -24.89 -24.99
N HIS H 108 -51.89 -24.17 -25.38
CA HIS H 108 -52.00 -22.73 -25.55
C HIS H 108 -52.98 -22.38 -26.66
N MET H 109 -52.94 -23.14 -27.76
CA MET H 109 -53.86 -22.88 -28.86
C MET H 109 -55.30 -23.07 -28.43
N PHE H 110 -55.57 -24.13 -27.66
CA PHE H 110 -56.93 -24.34 -27.14
C PHE H 110 -57.32 -23.22 -26.17
N ASP H 111 -56.42 -22.87 -25.26
CA ASP H 111 -56.73 -21.84 -24.28
C ASP H 111 -56.92 -20.48 -24.91
N SER H 112 -56.40 -20.29 -26.13
CA SER H 112 -56.64 -19.03 -26.84
C SER H 112 -58.12 -18.83 -27.10
N LEU H 113 -58.81 -19.91 -27.50
CA LEU H 113 -60.25 -19.82 -27.71
C LEU H 113 -60.97 -19.43 -26.43
N LEU H 114 -60.58 -20.04 -25.30
CA LEU H 114 -61.18 -19.69 -24.03
C LEU H 114 -60.91 -18.24 -23.66
N GLU H 115 -59.69 -17.77 -23.90
CA GLU H 115 -59.33 -16.39 -23.61
C GLU H 115 -60.20 -15.43 -24.42
N LEU H 116 -60.35 -15.69 -25.71
CA LEU H 116 -61.16 -14.80 -26.54
C LEU H 116 -62.64 -14.89 -26.16
N ARG H 117 -63.10 -16.08 -25.81
CA ARG H 117 -64.50 -16.24 -25.39
C ARG H 117 -64.77 -15.44 -24.12
N GLN H 118 -63.88 -15.52 -23.14
CA GLN H 118 -64.11 -14.79 -21.90
C GLN H 118 -63.91 -13.29 -22.08
N GLU H 119 -63.02 -12.87 -22.99
CA GLU H 119 -62.96 -11.46 -23.34
C GLU H 119 -64.28 -10.98 -23.95
N GLU H 120 -64.86 -11.79 -24.83
CA GLU H 120 -66.16 -11.44 -25.40
C GLU H 120 -67.24 -11.40 -24.31
N LEU H 121 -67.17 -12.32 -23.36
CA LEU H 121 -68.13 -12.32 -22.25
C LEU H 121 -68.02 -11.04 -21.44
N ILE H 122 -66.78 -10.61 -21.14
CA ILE H 122 -66.59 -9.37 -20.40
C ILE H 122 -67.09 -8.18 -21.23
N ALA H 123 -66.85 -8.20 -22.53
CA ALA H 123 -67.33 -7.12 -23.38
C ALA H 123 -68.85 -7.05 -23.37
N ARG H 124 -69.51 -8.20 -23.44
CA ARG H 124 -70.98 -8.21 -23.42
C ARG H 124 -71.51 -7.76 -22.07
N GLU H 125 -70.83 -8.14 -20.98
CA GLU H 125 -71.15 -7.60 -19.67
C GLU H 125 -71.08 -6.08 -19.68
N ARG H 126 -70.03 -5.53 -20.29
CA ARG H 126 -69.86 -4.08 -20.34
C ARG H 126 -70.81 -3.41 -21.31
N THR H 127 -71.54 -4.17 -22.14
CA THR H 127 -72.50 -3.59 -23.07
C THR H 127 -73.92 -3.62 -22.50
N HIS H 128 -74.39 -4.80 -22.07
CA HIS H 128 -75.74 -4.95 -21.54
C HIS H 128 -75.81 -5.71 -20.22
N GLY H 129 -74.68 -6.03 -19.62
CA GLY H 129 -74.67 -6.73 -18.35
C GLY H 129 -74.81 -8.24 -18.51
N LEU H 130 -74.53 -8.94 -17.42
CA LEU H 130 -74.66 -10.39 -17.36
C LEU H 130 -75.31 -10.80 -16.05
N SER H 131 -76.19 -11.79 -16.12
CA SER H 131 -76.85 -12.30 -14.94
C SER H 131 -75.88 -13.15 -14.12
N ASN H 132 -76.36 -13.68 -12.99
CA ASN H 132 -75.51 -14.45 -12.11
C ASN H 132 -74.98 -15.71 -12.80
N GLU H 133 -75.84 -16.39 -13.58
CA GLU H 133 -75.42 -17.62 -14.23
C GLU H 133 -74.27 -17.37 -15.20
N GLU H 134 -74.34 -16.30 -15.99
CA GLU H 134 -73.30 -16.07 -16.97
C GLU H 134 -72.01 -15.60 -16.31
N CYS H 135 -72.09 -14.84 -15.22
CA CYS H 135 -70.88 -14.42 -14.53
C CYS H 135 -70.20 -15.59 -13.81
N LEU H 136 -70.98 -16.51 -13.22
CA LEU H 136 -70.35 -17.69 -12.63
C LEU H 136 -69.80 -18.61 -13.71
N GLU H 137 -70.46 -18.66 -14.88
CA GLU H 137 -69.88 -19.38 -16.01
C GLU H 137 -68.55 -18.75 -16.40
N LEU H 138 -68.49 -17.43 -16.45
CA LEU H 138 -67.24 -16.73 -16.76
C LEU H 138 -66.16 -17.06 -15.74
N TRP H 139 -66.53 -17.11 -14.46
CA TRP H 139 -65.57 -17.48 -13.43
C TRP H 139 -65.06 -18.90 -13.64
N THR H 140 -65.96 -19.83 -13.98
CA THR H 140 -65.53 -21.19 -14.25
C THR H 140 -64.57 -21.24 -15.43
N LEU H 141 -64.85 -20.48 -16.48
CA LEU H 141 -63.93 -20.43 -17.62
C LEU H 141 -62.58 -19.87 -17.20
N ASN H 142 -62.59 -18.82 -16.37
CA ASN H 142 -61.33 -18.25 -15.90
C ASN H 142 -60.55 -19.24 -15.05
N GLN H 143 -61.25 -20.12 -14.33
CA GLN H 143 -60.56 -21.09 -13.48
C GLN H 143 -59.64 -21.98 -14.31
N GLU H 144 -60.12 -22.46 -15.47
CA GLU H 144 -59.32 -23.36 -16.27
C GLU H 144 -58.05 -22.70 -16.78
N LEU H 145 -58.12 -21.44 -17.21
CA LEU H 145 -56.96 -20.79 -17.79
C LEU H 145 -55.83 -20.67 -16.77
N ALA H 146 -56.16 -20.41 -15.51
CA ALA H 146 -55.14 -20.33 -14.48
C ALA H 146 -54.41 -21.66 -14.30
N LYS H 147 -55.06 -22.76 -14.63
CA LYS H 147 -54.45 -24.08 -14.50
C LYS H 147 -53.41 -24.31 -15.58
N THR I 16 -32.03 52.70 5.34
CA THR I 16 -31.92 51.47 6.12
C THR I 16 -31.79 51.80 7.60
N THR I 17 -30.81 52.64 7.94
CA THR I 17 -30.62 53.04 9.33
C THR I 17 -31.85 53.80 9.85
N MET I 18 -32.51 54.56 8.98
CA MET I 18 -33.72 55.27 9.37
C MET I 18 -34.81 54.29 9.77
N ARG I 19 -34.95 53.20 9.03
CA ARG I 19 -35.95 52.20 9.38
C ARG I 19 -35.66 51.60 10.75
N ILE I 20 -34.39 51.28 11.04
CA ILE I 20 -34.04 50.74 12.34
C ILE I 20 -34.32 51.75 13.44
N LEU I 21 -33.97 53.02 13.21
CA LEU I 21 -34.21 54.05 14.21
C LEU I 21 -35.70 54.18 14.50
N ILE I 22 -36.53 54.20 13.46
CA ILE I 22 -37.96 54.35 13.64
C ILE I 22 -38.53 53.13 14.36
N GLY I 23 -38.09 51.93 13.98
CA GLY I 23 -38.57 50.74 14.64
C GLY I 23 -38.22 50.71 16.11
N LEU I 24 -36.97 51.07 16.45
CA LEU I 24 -36.58 51.14 17.85
C LEU I 24 -37.38 52.19 18.60
N LEU I 25 -37.61 53.35 18.00
CA LEU I 25 -38.37 54.41 18.66
C LEU I 25 -39.80 53.96 18.94
N VAL I 26 -40.44 53.32 17.96
CA VAL I 26 -41.83 52.90 18.15
C VAL I 26 -41.92 51.74 19.14
N GLN I 27 -40.96 50.81 19.08
CA GLN I 27 -41.05 49.62 19.91
C GLN I 27 -41.02 49.96 21.39
N ASN I 28 -40.14 50.88 21.80
CA ASN I 28 -39.93 51.25 23.19
C ASN I 28 -40.11 52.75 23.33
N PRO I 29 -41.34 53.25 23.51
CA PRO I 29 -41.54 54.69 23.66
C PRO I 29 -40.90 55.28 24.92
N GLU I 30 -40.58 54.44 25.91
CA GLU I 30 -40.01 54.97 27.15
C GLU I 30 -38.63 55.57 26.92
N LEU I 31 -37.81 54.95 26.07
CA LEU I 31 -36.46 55.41 25.81
C LEU I 31 -36.41 56.75 25.08
N ALA I 32 -37.52 57.17 24.45
CA ALA I 32 -37.52 58.44 23.73
C ALA I 32 -37.24 59.63 24.63
N THR I 33 -37.47 59.50 25.94
CA THR I 33 -37.17 60.58 26.87
C THR I 33 -35.67 60.76 27.07
N LEU I 34 -34.85 59.78 26.70
CA LEU I 34 -33.40 59.85 26.87
C LEU I 34 -32.69 60.42 25.65
N VAL I 35 -33.43 60.80 24.60
CA VAL I 35 -32.84 61.29 23.37
C VAL I 35 -32.25 62.68 23.61
N PRO I 36 -30.98 62.94 23.35
CA PRO I 36 -30.47 64.29 23.44
C PRO I 36 -31.14 65.18 22.41
N PRO I 37 -31.19 66.49 22.64
CA PRO I 37 -31.90 67.37 21.72
C PRO I 37 -31.32 67.32 20.32
N LEU I 38 -32.21 67.35 19.32
CA LEU I 38 -31.84 67.35 17.91
C LEU I 38 -32.71 68.31 17.11
N GLU I 39 -33.33 69.27 17.79
CA GLU I 39 -34.25 70.18 17.12
C GLU I 39 -33.51 71.06 16.11
N ASN I 40 -32.32 71.54 16.48
CA ASN I 40 -31.56 72.42 15.62
C ASN I 40 -31.10 71.74 14.33
N LEU I 41 -30.96 70.42 14.33
CA LEU I 41 -30.50 69.73 13.14
C LEU I 41 -31.53 69.84 12.02
N ASP I 42 -31.05 70.09 10.81
CA ASP I 42 -31.92 70.10 9.64
C ASP I 42 -32.37 68.68 9.31
N GLU I 43 -33.59 68.58 8.79
CA GLU I 43 -34.17 67.30 8.40
C GLU I 43 -33.84 66.92 6.96
N ASN I 44 -33.15 67.80 6.22
CA ASN I 44 -32.83 67.52 4.82
C ASN I 44 -31.59 66.64 4.66
N LYS I 45 -30.77 66.47 5.70
CA LYS I 45 -29.53 65.71 5.59
C LYS I 45 -29.82 64.24 5.36
N LEU I 46 -30.55 63.62 6.28
CA LEU I 46 -30.93 62.23 6.12
C LEU I 46 -32.24 62.13 5.33
N PRO I 47 -32.50 61.01 4.65
CA PRO I 47 -33.72 60.91 3.86
C PRO I 47 -34.97 60.78 4.72
N GLY I 48 -35.87 61.76 4.64
CA GLY I 48 -37.12 61.70 5.36
C GLY I 48 -36.92 61.74 6.87
N LEU I 49 -35.94 62.52 7.33
CA LEU I 49 -35.66 62.63 8.74
C LEU I 49 -36.74 63.39 9.51
N GLY I 50 -37.63 64.10 8.82
CA GLY I 50 -38.67 64.85 9.50
C GLY I 50 -39.60 63.99 10.31
N LEU I 51 -39.89 62.78 9.81
CA LEU I 51 -40.76 61.86 10.55
C LEU I 51 -40.11 61.45 11.87
N PHE I 52 -38.81 61.16 11.85
CA PHE I 52 -38.13 60.76 13.08
C PHE I 52 -38.10 61.89 14.10
N ARG I 53 -37.78 63.10 13.67
CA ARG I 53 -37.75 64.23 14.58
C ARG I 53 -39.13 64.51 15.15
N GLU I 54 -40.16 64.44 14.31
CA GLU I 54 -41.52 64.67 14.79
C GLU I 54 -41.93 63.61 15.80
N LEU I 55 -41.57 62.34 15.54
CA LEU I 55 -41.88 61.28 16.48
C LEU I 55 -41.17 61.50 17.80
N VAL I 56 -39.90 61.89 17.77
CA VAL I 56 -39.16 62.11 19.01
C VAL I 56 -39.79 63.25 19.79
N ASN I 57 -40.14 64.36 19.12
CA ASN I 57 -40.75 65.47 19.82
C ASN I 57 -42.10 65.09 20.41
N THR I 58 -42.90 64.32 19.67
CA THR I 58 -44.21 63.93 20.17
C THR I 58 -44.10 62.99 21.35
N CYS I 59 -43.17 62.03 21.29
CA CYS I 59 -43.02 61.08 22.39
C CYS I 59 -42.43 61.77 23.62
N LEU I 60 -41.58 62.79 23.42
CA LEU I 60 -41.04 63.54 24.55
C LEU I 60 -42.12 64.35 25.24
N SER I 61 -43.16 64.77 24.50
CA SER I 61 -44.18 65.63 25.08
C SER I 61 -45.00 64.92 26.15
N GLN I 62 -45.14 63.59 26.07
CA GLN I 62 -45.95 62.82 26.99
C GLN I 62 -45.12 61.68 27.58
N PRO I 63 -44.30 61.96 28.60
CA PRO I 63 -43.60 60.88 29.30
C PRO I 63 -44.58 59.96 30.00
N GLY I 64 -44.16 58.70 30.17
CA GLY I 64 -45.00 57.71 30.81
C GLY I 64 -46.18 57.33 29.94
N LEU I 65 -45.89 56.67 28.82
CA LEU I 65 -46.90 56.31 27.83
C LEU I 65 -46.69 54.86 27.43
N THR I 66 -47.69 54.31 26.73
CA THR I 66 -47.65 52.97 26.19
C THR I 66 -47.40 53.03 24.69
N THR I 67 -47.06 51.86 24.11
CA THR I 67 -46.80 51.80 22.68
C THR I 67 -48.05 52.04 21.86
N GLY I 68 -49.21 51.55 22.32
CA GLY I 68 -50.44 51.75 21.57
C GLY I 68 -50.87 53.20 21.48
N GLN I 69 -50.72 53.95 22.58
CA GLN I 69 -51.14 55.35 22.57
C GLN I 69 -50.20 56.20 21.72
N LEU I 70 -48.94 55.79 21.57
CA LEU I 70 -48.06 56.46 20.63
C LEU I 70 -48.40 56.10 19.19
N LEU I 71 -48.73 54.83 18.95
CA LEU I 71 -49.09 54.40 17.59
C LEU I 71 -50.36 55.09 17.11
N GLU I 72 -51.37 55.22 17.98
CA GLU I 72 -52.64 55.79 17.56
C GLU I 72 -52.55 57.29 17.26
N HIS I 73 -51.46 57.95 17.62
CA HIS I 73 -51.36 59.39 17.40
C HIS I 73 -51.42 59.74 15.91
N TYR I 74 -50.73 59.00 15.07
CA TYR I 74 -50.61 59.32 13.65
C TYR I 74 -51.60 58.52 12.80
N ARG I 75 -52.76 58.20 13.35
CA ARG I 75 -53.77 57.49 12.58
C ARG I 75 -54.44 58.37 11.53
N GLY I 76 -54.34 59.70 11.67
CA GLY I 76 -54.89 60.59 10.65
C GLY I 76 -54.07 60.64 9.38
N THR I 77 -52.79 60.25 9.45
CA THR I 77 -51.90 60.23 8.30
C THR I 77 -51.76 58.78 7.80
N ASN I 78 -51.16 58.65 6.62
CA ASN I 78 -50.98 57.36 5.97
C ASN I 78 -49.66 56.69 6.30
N ASN I 79 -48.82 57.31 7.13
CA ASN I 79 -47.52 56.77 7.50
C ASN I 79 -47.58 55.89 8.74
N ALA I 80 -48.76 55.71 9.34
CA ALA I 80 -48.89 54.86 10.52
C ALA I 80 -48.59 53.41 10.17
N ALA I 81 -48.88 53.01 8.92
CA ALA I 81 -48.63 51.64 8.50
C ALA I 81 -47.14 51.33 8.57
N THR I 82 -46.30 52.26 8.14
CA THR I 82 -44.86 52.07 8.22
C THR I 82 -44.42 51.93 9.68
N LEU I 83 -44.95 52.77 10.57
CA LEU I 83 -44.59 52.68 11.98
C LEU I 83 -44.99 51.33 12.57
N GLU I 84 -46.20 50.87 12.27
CA GLU I 84 -46.66 49.58 12.75
C GLU I 84 -45.84 48.43 12.20
N LYS I 85 -45.46 48.47 10.92
CA LYS I 85 -44.68 47.38 10.35
C LYS I 85 -43.25 47.39 10.85
N LEU I 86 -42.70 48.55 11.18
CA LEU I 86 -41.37 48.64 11.74
C LEU I 86 -41.32 48.30 13.22
N SER I 87 -42.41 48.52 13.96
CA SER I 87 -42.41 48.23 15.39
C SER I 87 -42.21 46.74 15.64
N MET I 88 -42.95 45.89 14.93
CA MET I 88 -42.76 44.45 15.08
C MET I 88 -41.35 44.04 14.65
N TRP I 89 -40.86 44.62 13.55
CA TRP I 89 -39.51 44.31 13.09
C TRP I 89 -38.48 44.75 14.11
N ASP I 90 -37.41 43.97 14.24
CA ASP I 90 -36.34 44.23 15.20
C ASP I 90 -36.89 44.31 16.62
N ASP I 91 -37.84 43.42 16.92
CA ASP I 91 -38.39 43.32 18.26
C ASP I 91 -37.61 42.29 19.07
N ILE I 92 -37.26 42.65 20.31
CA ILE I 92 -36.52 41.78 21.21
C ILE I 92 -37.16 41.84 22.59
N ALA I 93 -37.12 40.70 23.29
CA ALA I 93 -37.78 40.59 24.58
C ALA I 93 -37.10 41.44 25.64
N ASP I 94 -35.77 41.41 25.68
CA ASP I 94 -35.03 42.15 26.71
C ASP I 94 -35.12 43.65 26.43
N LYS I 95 -35.33 44.42 27.50
CA LYS I 95 -35.49 45.87 27.36
C LYS I 95 -34.14 46.58 27.46
N ASN I 96 -33.35 46.27 28.48
CA ASN I 96 -32.10 47.00 28.71
C ASN I 96 -31.11 46.78 27.57
N ILE I 97 -31.26 45.73 26.79
CA ILE I 97 -30.34 45.49 25.69
C ILE I 97 -30.53 46.53 24.59
N ALA I 98 -31.76 47.00 24.39
CA ALA I 98 -32.06 47.90 23.28
C ALA I 98 -31.54 49.31 23.51
N GLU I 99 -31.31 49.70 24.77
CA GLU I 99 -30.89 51.06 25.05
C GLU I 99 -29.51 51.34 24.45
N GLN I 100 -28.59 50.39 24.54
CA GLN I 100 -27.26 50.60 23.97
C GLN I 100 -27.32 50.72 22.46
N THR I 101 -28.14 49.89 21.81
CA THR I 101 -28.28 49.97 20.36
C THR I 101 -28.87 51.31 19.94
N PHE I 102 -29.88 51.77 20.68
CA PHE I 102 -30.49 53.06 20.37
C PHE I 102 -29.49 54.19 20.57
N THR I 103 -28.69 54.12 21.64
CA THR I 103 -27.69 55.15 21.89
C THR I 103 -26.65 55.17 20.78
N ASP I 104 -26.21 53.99 20.34
CA ASP I 104 -25.24 53.92 19.24
C ASP I 104 -25.83 54.49 17.96
N SER I 105 -27.09 54.19 17.67
CA SER I 105 -27.73 54.75 16.49
C SER I 105 -27.82 56.26 16.58
N LEU I 106 -28.16 56.79 17.76
CA LEU I 106 -28.22 58.23 17.94
C LEU I 106 -26.84 58.87 17.74
N ASN I 107 -25.79 58.23 18.27
CA ASN I 107 -24.44 58.74 18.06
C ASN I 107 -24.07 58.74 16.58
N HIS I 108 -24.42 57.67 15.87
CA HIS I 108 -24.15 57.61 14.44
C HIS I 108 -24.87 58.73 13.71
N MET I 109 -26.13 58.97 14.07
CA MET I 109 -26.89 60.05 13.44
C MET I 109 -26.27 61.41 13.75
N PHE I 110 -25.84 61.63 15.00
CA PHE I 110 -25.22 62.90 15.36
C PHE I 110 -23.89 63.10 14.65
N ASP I 111 -23.19 62.01 14.32
CA ASP I 111 -21.94 62.14 13.59
C ASP I 111 -22.12 62.74 12.19
N SER I 112 -23.35 62.78 11.68
CA SER I 112 -23.60 63.40 10.39
C SER I 112 -23.24 64.88 10.41
N LEU I 113 -23.38 65.53 11.57
CA LEU I 113 -23.01 66.94 11.66
C LEU I 113 -21.51 67.13 11.45
N LEU I 114 -20.69 66.32 12.11
CA LEU I 114 -19.24 66.39 11.90
C LEU I 114 -18.90 66.01 10.47
N GLU I 115 -19.62 65.04 9.91
CA GLU I 115 -19.40 64.66 8.52
C GLU I 115 -19.64 65.84 7.59
N LEU I 116 -20.74 66.56 7.81
CA LEU I 116 -21.07 67.76 7.04
C LEU I 116 -19.95 68.79 7.18
N ARG I 117 -19.52 69.04 8.42
CA ARG I 117 -18.55 70.10 8.66
C ARG I 117 -17.21 69.80 8.01
N GLN I 118 -16.77 68.54 8.03
CA GLN I 118 -15.50 68.20 7.38
C GLN I 118 -15.65 68.15 5.87
N GLU I 119 -16.81 67.71 5.36
CA GLU I 119 -17.04 67.69 3.92
C GLU I 119 -17.00 69.10 3.35
N GLU I 120 -17.65 70.05 4.02
CA GLU I 120 -17.65 71.43 3.54
C GLU I 120 -16.25 72.04 3.58
N LEU I 121 -15.49 71.76 4.64
CA LEU I 121 -14.12 72.26 4.70
C LEU I 121 -13.26 71.67 3.58
N ILE I 122 -13.42 70.37 3.31
CA ILE I 122 -12.66 69.75 2.22
C ILE I 122 -13.07 70.35 0.88
N ALA I 123 -14.38 70.58 0.70
CA ALA I 123 -14.85 71.20 -0.55
C ALA I 123 -14.26 72.59 -0.72
N ARG I 124 -14.22 73.38 0.36
CA ARG I 124 -13.62 74.71 0.27
C ARG I 124 -12.12 74.63 0.01
N GLU I 125 -11.44 73.63 0.58
CA GLU I 125 -10.03 73.43 0.29
C GLU I 125 -9.82 73.16 -1.20
N ARG I 126 -10.65 72.29 -1.78
CA ARG I 126 -10.54 71.99 -3.20
C ARG I 126 -10.96 73.18 -4.06
N THR I 127 -11.84 74.04 -3.55
CA THR I 127 -12.33 75.18 -4.33
C THR I 127 -11.29 76.29 -4.38
N HIS I 128 -10.88 76.80 -3.21
CA HIS I 128 -9.91 77.89 -3.17
C HIS I 128 -8.92 77.75 -2.02
N GLY I 129 -8.62 76.53 -1.59
CA GLY I 129 -7.64 76.31 -0.55
C GLY I 129 -8.16 76.65 0.83
N LEU I 130 -7.27 76.54 1.81
CA LEU I 130 -7.58 76.82 3.20
C LEU I 130 -6.38 77.49 3.87
N SER I 131 -6.67 78.32 4.87
CA SER I 131 -5.64 79.01 5.63
C SER I 131 -5.20 78.11 6.79
N ASN I 132 -4.36 78.65 7.68
CA ASN I 132 -3.90 77.88 8.82
C ASN I 132 -5.04 77.55 9.77
N GLU I 133 -5.85 78.55 10.12
CA GLU I 133 -6.94 78.32 11.04
C GLU I 133 -7.99 77.38 10.46
N GLU I 134 -8.23 77.45 9.15
CA GLU I 134 -9.25 76.62 8.54
C GLU I 134 -8.84 75.15 8.56
N CYS I 135 -7.61 74.85 8.17
CA CYS I 135 -7.13 73.47 8.27
C CYS I 135 -7.02 73.04 9.73
N LEU I 136 -6.74 73.97 10.63
CA LEU I 136 -6.71 73.66 12.05
C LEU I 136 -8.08 73.19 12.54
N GLU I 137 -9.13 73.93 12.22
CA GLU I 137 -10.47 73.52 12.64
C GLU I 137 -10.91 72.25 11.93
N LEU I 138 -10.50 72.06 10.67
CA LEU I 138 -10.75 70.79 10.01
C LEU I 138 -10.13 69.63 10.78
N TRP I 139 -8.88 69.82 11.22
CA TRP I 139 -8.21 68.79 12.00
C TRP I 139 -8.92 68.54 13.31
N THR I 140 -9.37 69.61 13.98
CA THR I 140 -10.05 69.45 15.25
C THR I 140 -11.35 68.67 15.07
N LEU I 141 -12.12 68.99 14.03
CA LEU I 141 -13.34 68.24 13.77
C LEU I 141 -13.05 66.79 13.42
N ASN I 142 -11.99 66.55 12.63
CA ASN I 142 -11.68 65.20 12.20
C ASN I 142 -11.18 64.33 13.34
N GLN I 143 -10.49 64.92 14.32
CA GLN I 143 -10.02 64.15 15.47
C GLN I 143 -11.19 63.52 16.21
N GLU I 144 -12.33 64.21 16.26
CA GLU I 144 -13.50 63.69 16.96
C GLU I 144 -14.12 62.52 16.20
N LEU I 145 -13.95 62.47 14.87
CA LEU I 145 -14.56 61.40 14.09
C LEU I 145 -14.02 60.04 14.48
N ALA I 146 -12.70 59.92 14.64
CA ALA I 146 -12.10 58.64 14.98
C ALA I 146 -12.60 58.13 16.33
N LYS I 147 -12.65 59.02 17.31
CA LYS I 147 -13.12 58.66 18.64
C LYS I 147 -14.63 58.78 18.75
PB ADP K . 39.69 -8.14 5.41
O1B ADP K . 39.67 -9.62 5.18
O2B ADP K . 38.55 -7.65 6.26
O3B ADP K . 39.97 -7.31 4.17
PA ADP K . 41.66 -6.46 6.47
O1A ADP K . 40.74 -5.65 7.35
O2A ADP K . 42.01 -5.94 5.10
O3A ADP K . 40.99 -7.92 6.32
O5' ADP K . 43.01 -6.76 7.29
C5' ADP K . 44.26 -6.92 6.64
C4' ADP K . 45.16 -7.85 7.46
O4' ADP K . 46.54 -7.58 7.17
C3' ADP K . 44.99 -7.71 8.96
O3' ADP K . 44.20 -8.78 9.48
C2' ADP K . 46.39 -7.72 9.54
O2' ADP K . 46.60 -8.85 10.40
C1' ADP K . 47.33 -7.79 8.35
N9 ADP K . 48.39 -6.76 8.46
C8 ADP K . 48.30 -5.48 8.04
N7 ADP K . 49.45 -4.81 8.30
C5 ADP K . 50.30 -5.68 8.89
C6 ADP K . 51.68 -5.62 9.42
N6 ADP K . 52.41 -4.48 9.37
N1 ADP K . 52.19 -6.75 9.97
C2 ADP K . 51.48 -7.90 10.03
N3 ADP K . 50.23 -8.00 9.56
C4 ADP K . 49.59 -6.95 8.99
AL ALF L . 37.50 -5.93 5.97
F1 ALF L . 39.05 -5.06 5.69
F2 ALF L . 35.96 -6.81 6.28
F3 ALF L . 37.66 -5.56 7.73
F4 ALF L . 37.31 -6.32 4.22
MG MG M . 39.07 -5.51 3.74
PB ADP N . 23.20 -27.68 -7.13
O1B ADP N . 22.58 -28.71 -6.23
O2B ADP N . 23.18 -26.28 -6.56
O3B ADP N . 22.82 -27.75 -8.59
PA ADP N . 25.73 -27.53 -8.23
O1A ADP N . 25.24 -27.92 -9.61
O2A ADP N . 25.95 -26.07 -7.92
O3A ADP N . 24.75 -28.10 -7.11
O5' ADP N . 27.10 -28.32 -7.92
C5' ADP N . 27.48 -29.47 -8.67
C4' ADP N . 28.42 -30.33 -7.83
O4' ADP N . 29.27 -31.12 -8.66
C3' ADP N . 29.34 -29.50 -6.94
O3' ADP N . 28.86 -29.48 -5.60
C2' ADP N . 30.68 -30.20 -7.00
O2' ADP N . 31.03 -30.70 -5.71
C1' ADP N . 30.51 -31.34 -7.98
N9 ADP N . 31.64 -31.37 -8.91
C8 ADP N . 31.77 -30.63 -10.03
N7 ADP N . 32.94 -30.91 -10.66
C5 ADP N . 33.58 -31.84 -9.93
C6 ADP N . 34.87 -32.57 -10.02
N6 ADP N . 35.71 -32.35 -11.06
N1 ADP N . 35.16 -33.45 -9.05
C2 ADP N . 34.32 -33.68 -8.02
N3 ADP N . 33.15 -33.06 -7.87
C4 ADP N . 32.73 -32.14 -8.78
AL ALF O . 22.83 -24.55 -7.60
F1 ALF O . 23.95 -25.11 -8.88
F2 ALF O . 21.72 -24.00 -6.29
F3 ALF O . 24.22 -23.80 -6.74
F4 ALF O . 21.42 -25.31 -8.44
MG MG P . 22.56 -26.15 -9.85
PB ADP Q . -2.54 -34.27 2.92
O1B ADP Q . -2.75 -34.26 4.41
O2B ADP Q . -1.77 -33.08 2.41
O3B ADP Q . -3.77 -34.63 2.11
PA ADP Q . -1.23 -36.06 1.21
O1A ADP Q . -2.53 -36.31 0.48
O2A ADP Q . -0.23 -35.11 0.59
O3A ADP Q . -1.54 -35.51 2.70
O5' ADP Q . -0.48 -37.46 1.48
C5' ADP Q . -1.21 -38.66 1.65
C4' ADP Q . -0.45 -39.61 2.57
O4' ADP Q . -0.81 -40.96 2.30
C3' ADP Q . 1.07 -39.52 2.42
O3' ADP Q . 1.63 -38.72 3.46
C2' ADP Q . 1.56 -40.96 2.47
O2' ADP Q . 2.40 -41.20 3.62
C1' ADP Q . 0.31 -41.82 2.54
N9 ADP Q . 0.42 -42.89 1.52
C8 ADP Q . -0.08 -42.86 0.27
N7 ADP Q . 0.21 -44.00 -0.39
C5 ADP Q . 0.90 -44.80 0.45
C6 ADP Q . 1.50 -46.15 0.40
N6 ADP Q . 1.43 -46.90 -0.72
N1 ADP Q . 2.13 -46.60 1.51
C2 ADP Q . 2.22 -45.86 2.63
N3 ADP Q . 1.69 -44.62 2.74
C4 ADP Q . 1.02 -44.06 1.71
AL ALF R . -2.18 -32.01 0.73
F1 ALF R . -2.39 -33.55 -0.18
F2 ALF R . -1.92 -30.48 1.64
F3 ALF R . -0.42 -32.04 0.31
F4 ALF R . -3.92 -31.95 1.16
MG MG S . -4.31 -33.73 0.34
PB ADP T . -15.02 -18.75 23.16
O1B ADP T . -16.48 -18.45 23.36
O2B ADP T . -14.54 -18.64 21.74
O3B ADP T . -14.10 -18.10 24.15
PA ADP T . -15.97 -21.38 22.96
O1A ADP T . -17.36 -20.91 23.32
O2A ADP T . -15.64 -21.65 21.52
O3A ADP T . -14.89 -20.32 23.50
O5' ADP T . -15.64 -22.71 23.80
C5' ADP T . -16.32 -23.04 25.02
C4' ADP T . -15.40 -23.88 25.88
O4' ADP T . -16.15 -24.71 26.78
C3' ADP T . -14.53 -24.84 25.08
O3' ADP T . -13.23 -24.28 24.86
C2' ADP T . -14.47 -26.12 25.88
O2' ADP T . -13.15 -26.38 26.39
C1' ADP T . -15.45 -25.93 27.02
N9 ADP T . -16.38 -27.09 27.04
C8 ADP T . -17.52 -27.21 26.34
N7 ADP T . -18.11 -28.41 26.59
C5 ADP T . -17.33 -29.07 27.47
C6 ADP T . -17.38 -30.38 28.16
N6 ADP T . -18.40 -31.24 27.95
N1 ADP T . -16.36 -30.67 29.01
C2 ADP T . -15.34 -29.82 29.23
N3 ADP T . -15.25 -28.62 28.63
C4 ADP T . -16.20 -28.20 27.76
AL ALF U . -15.71 -18.27 20.09
F1 ALF U . -16.89 -19.49 20.69
F2 ALF U . -14.50 -17.08 19.50
F3 ALF U . -14.85 -19.59 19.21
F4 ALF U . -16.56 -16.94 20.96
MG MG V . -17.85 -18.17 21.85
PB ADP W . -4.43 6.49 31.14
O1B ADP W . -4.89 5.93 29.82
O2B ADP W . -5.21 7.68 31.63
O3B ADP W . -2.93 6.63 31.23
PA ADP W . -6.07 5.15 33.02
O1A ADP W . -7.01 4.32 32.17
O2A ADP W . -6.54 6.49 33.54
O3A ADP W . -4.70 5.31 32.20
O5' ADP W . -5.62 4.23 34.27
C5' ADP W . -5.32 4.81 35.54
C4' ADP W . -4.40 3.90 36.35
O4' ADP W . -4.66 4.06 37.74
C3' ADP W . -4.56 2.41 36.06
O3' ADP W . -3.51 1.93 35.22
C2' ADP W . -4.52 1.72 37.42
O2' ADP W . -3.39 0.84 37.54
C1' ADP W . -4.42 2.84 38.44
N9 ADP W . -5.41 2.62 39.52
C8 ADP W . -6.68 3.06 39.53
N7 ADP W . -7.30 2.67 40.68
C5 ADP W . -6.41 1.97 41.42
C6 ADP W . -6.41 1.29 42.73
N6 ADP W . -7.51 1.27 43.51
N1 ADP W . -5.26 0.68 43.12
C2 ADP W . -4.16 0.68 42.35
N3 ADP W . -4.10 1.30 41.15
C4 ADP W . -5.18 1.94 40.64
AL ALF X . -6.66 6.38 28.90
F1 ALF X . -7.48 6.32 30.52
F2 ALF X . -5.84 6.40 27.30
F3 ALF X . -7.00 4.62 28.72
F4 ALF X . -6.32 8.14 29.06
MG MG Y . -7.06 8.23 30.91
#